data_8P02
#
_entry.id   8P02
#
_cell.length_a   1.00
_cell.length_b   1.00
_cell.length_c   1.00
_cell.angle_alpha   90.00
_cell.angle_beta   90.00
_cell.angle_gamma   90.00
#
_symmetry.space_group_name_H-M   'P 1'
#
loop_
_entity.id
_entity.type
_entity.pdbx_description
1 polymer 'Phthaloyl-CoA decarboxylase (Pcd)'
2 non-polymer 'benzoyl coenzyme A'
3 non-polymer 'hydroxylated prenyl-FMN'
4 non-polymer 'FE (III) ION'
5 non-polymer 'CALCIUM ION'
6 non-polymer 'POTASSIUM ION'
7 water water
#
_entity_poly.entity_id   1
_entity_poly.type   'polypeptide(L)'
_entity_poly.pdbx_seq_one_letter_code
;ERVGEKDLRAALEWFRSKGYLVETNKEVNPDLEITGLQKIFDGSLPMLFNNVKDMPHARAITNLFGDIRVVEELFGWENS
LDRVKKVARAIDHPLKPVIIGQDEAPVQEEVLTTDLDVNKWLTAIRHTPLETEMTIGSGISCVVGPYFDGGSHIGYNRMN
FRWGNVGTFQISPGSHMWQVMTEHYKDDEPIPLTMCFGVPPSCTYVAGAGFDYAILPKGCDEIGIAGAIQGSPVRLVKCR
TIDAYTLADAEYVLEGYLHPRDKRYETAESEAADIQGRFHFHPEWAGYMGKAYKAPTFHVTAITMRRRESKPIIFPLGVH
TADDANIDTSVRESAIFALCERLQPGIVQNVHIPYCMTDWGGCIIQVKKRNQIEEGWQRNFLAAILACSQGMRLAIAVSE
DVDIYSMDDIMWCLTTRVNPQTDILNPLPGGRGQTFMPAERMTSGDKQWTASNTQFEGGMGIDATVPYGYESDFHRPVYG
VDLVKPENFFDAKDIDKMKSRMAGWVLSLARTGR
;
_entity_poly.pdbx_strand_id   A,B,C,D,E,F
#
loop_
_chem_comp.id
_chem_comp.type
_chem_comp.name
_chem_comp.formula
BYC non-polymer 'benzoyl coenzyme A' 'C28 H40 N7 O17 P3 S'
BYN non-polymer 'hydroxylated prenyl-FMN' 'C22 H31 N4 O10 P'
CA non-polymer 'CALCIUM ION' 'Ca 2'
FE non-polymer 'FE (III) ION' 'Fe 3'
K non-polymer 'POTASSIUM ION' 'K 1'
#
# COMPACT_ATOMS: atom_id res chain seq x y z
N GLU A 1 55.76 28.38 -25.18
CA GLU A 1 54.41 27.85 -25.10
C GLU A 1 54.26 26.56 -25.90
N ARG A 2 55.08 25.54 -25.59
CA ARG A 2 55.00 24.30 -26.35
C ARG A 2 55.09 23.08 -25.42
N VAL A 3 54.99 23.29 -24.11
CA VAL A 3 54.98 22.17 -23.17
C VAL A 3 53.77 22.26 -22.25
N GLY A 4 53.17 21.10 -21.95
CA GLY A 4 51.92 21.01 -21.22
C GLY A 4 51.90 20.02 -20.08
N GLU A 5 52.94 19.96 -19.26
CA GLU A 5 53.65 18.76 -18.73
C GLU A 5 52.75 17.53 -18.62
N LYS A 6 51.58 17.61 -18.01
CA LYS A 6 50.66 16.48 -18.06
C LYS A 6 49.41 16.85 -18.85
N ASP A 7 49.35 16.39 -20.09
CA ASP A 7 48.26 16.77 -20.99
C ASP A 7 47.99 15.60 -21.92
N LEU A 8 47.25 15.88 -22.99
CA LEU A 8 46.80 14.82 -23.89
C LEU A 8 47.95 14.26 -24.71
N ARG A 9 48.91 15.10 -25.07
CA ARG A 9 50.03 14.63 -25.89
C ARG A 9 50.97 13.74 -25.10
N ALA A 10 51.22 14.09 -23.83
CA ALA A 10 52.04 13.24 -22.98
C ALA A 10 51.33 11.92 -22.68
N ALA A 11 50.00 11.96 -22.57
CA ALA A 11 49.24 10.73 -22.39
C ALA A 11 49.30 9.86 -23.63
N LEU A 12 49.31 10.48 -24.81
CA LEU A 12 49.45 9.72 -26.05
C LEU A 12 50.84 9.11 -26.15
N GLU A 13 51.86 9.82 -25.67
CA GLU A 13 53.21 9.27 -25.68
C GLU A 13 53.33 8.10 -24.72
N TRP A 14 52.68 8.19 -23.56
CA TRP A 14 52.69 7.08 -22.61
C TRP A 14 51.91 5.89 -23.14
N PHE A 15 50.81 6.14 -23.85
CA PHE A 15 50.03 5.07 -24.46
C PHE A 15 50.82 4.39 -25.56
N ARG A 16 51.60 5.16 -26.32
CA ARG A 16 52.42 4.57 -27.37
C ARG A 16 53.58 3.80 -26.78
N SER A 17 54.10 4.25 -25.63
CA SER A 17 55.19 3.53 -24.97
C SER A 17 54.70 2.22 -24.37
N LYS A 18 53.47 2.21 -23.85
CA LYS A 18 52.94 0.98 -23.27
C LYS A 18 52.42 0.02 -24.32
N GLY A 19 52.28 0.47 -25.56
CA GLY A 19 51.74 -0.34 -26.62
C GLY A 19 50.24 -0.34 -26.72
N TYR A 20 49.56 0.59 -26.05
CA TYR A 20 48.11 0.64 -26.03
C TYR A 20 47.53 1.51 -27.13
N LEU A 21 48.37 2.18 -27.91
CA LEU A 21 47.90 3.16 -28.86
C LEU A 21 47.71 2.51 -30.22
N VAL A 22 46.54 2.69 -30.80
CA VAL A 22 46.22 2.21 -32.14
C VAL A 22 46.06 3.43 -33.02
N GLU A 23 46.95 3.58 -34.00
CA GLU A 23 47.00 4.79 -34.79
C GLU A 23 46.94 4.42 -36.27
N THR A 24 46.15 5.17 -37.02
CA THR A 24 46.02 4.97 -38.44
C THR A 24 46.28 6.29 -39.15
N ASN A 25 46.43 6.20 -40.47
CA ASN A 25 46.72 7.37 -41.29
C ASN A 25 45.69 7.57 -42.39
N LYS A 26 44.62 6.78 -42.39
CA LYS A 26 43.62 6.87 -43.43
C LYS A 26 42.53 7.86 -43.04
N GLU A 27 41.98 8.51 -44.05
CA GLU A 27 41.10 9.65 -43.89
C GLU A 27 39.71 9.22 -43.44
N VAL A 28 39.32 9.61 -42.23
CA VAL A 28 38.09 9.14 -41.63
C VAL A 28 37.04 10.24 -41.67
N ASN A 29 35.81 9.86 -41.97
CA ASN A 29 34.71 10.81 -41.97
C ASN A 29 34.25 11.07 -40.53
N PRO A 30 34.02 12.33 -40.15
CA PRO A 30 33.27 12.58 -38.92
C PRO A 30 31.82 12.16 -39.01
N ASP A 31 31.30 11.99 -40.22
CA ASP A 31 29.94 11.52 -40.46
C ASP A 31 29.95 10.00 -40.45
N LEU A 32 29.49 9.42 -39.34
CA LEU A 32 29.11 8.00 -39.20
C LEU A 32 30.30 7.06 -39.39
N GLU A 33 31.50 7.52 -39.04
CA GLU A 33 32.63 6.60 -39.12
C GLU A 33 33.41 6.58 -37.82
N ILE A 34 33.53 7.72 -37.16
CA ILE A 34 34.26 7.77 -35.90
C ILE A 34 33.47 7.07 -34.80
N THR A 35 32.18 7.40 -34.68
CA THR A 35 31.37 6.74 -33.67
C THR A 35 31.08 5.30 -34.03
N GLY A 36 31.02 4.99 -35.33
CA GLY A 36 30.86 3.61 -35.74
C GLY A 36 32.07 2.76 -35.39
N LEU A 37 33.27 3.29 -35.64
CA LEU A 37 34.49 2.58 -35.28
C LEU A 37 34.68 2.53 -33.78
N GLN A 38 34.12 3.49 -33.06
CA GLN A 38 34.19 3.46 -31.61
C GLN A 38 33.25 2.40 -31.05
N LYS A 39 32.09 2.21 -31.67
CA LYS A 39 31.16 1.21 -31.17
C LYS A 39 31.56 -0.20 -31.60
N ILE A 40 32.25 -0.33 -32.74
CA ILE A 40 32.78 -1.63 -33.16
C ILE A 40 33.81 -2.13 -32.15
N PHE A 41 34.62 -1.24 -31.59
CA PHE A 41 35.63 -1.58 -30.63
C PHE A 41 35.32 -0.97 -29.27
N ASP A 42 34.08 -1.09 -28.83
CA ASP A 42 33.62 -0.47 -27.59
C ASP A 42 34.31 -1.06 -26.39
N GLY A 43 34.81 -0.19 -25.52
CA GLY A 43 35.52 -0.64 -24.33
C GLY A 43 36.89 -1.22 -24.62
N SER A 44 37.68 -0.55 -25.44
CA SER A 44 38.98 -1.06 -25.84
C SER A 44 40.01 0.05 -25.92
N LEU A 45 41.11 -0.21 -26.62
CA LEU A 45 42.27 0.66 -26.68
C LEU A 45 41.94 2.02 -27.33
N PRO A 46 42.72 3.05 -27.04
CA PRO A 46 42.53 4.33 -27.73
C PRO A 46 42.86 4.26 -29.20
N MET A 47 42.07 4.96 -30.01
CA MET A 47 42.26 5.05 -31.45
C MET A 47 42.61 6.48 -31.83
N LEU A 48 43.71 6.65 -32.55
CA LEU A 48 44.15 7.97 -32.99
C LEU A 48 44.05 8.05 -34.51
N PHE A 49 43.26 9.01 -34.98
CA PHE A 49 43.07 9.25 -36.40
C PHE A 49 43.87 10.49 -36.80
N ASN A 50 44.87 10.29 -37.65
CA ASN A 50 45.72 11.41 -38.03
C ASN A 50 45.06 12.30 -39.06
N ASN A 51 44.28 11.72 -39.98
CA ASN A 51 43.64 12.48 -41.04
C ASN A 51 42.13 12.43 -40.86
N VAL A 52 41.52 13.61 -40.73
CA VAL A 52 40.09 13.73 -40.55
C VAL A 52 39.54 14.42 -41.80
N LYS A 53 38.37 13.95 -42.26
CA LYS A 53 37.74 14.49 -43.45
C LYS A 53 37.31 15.94 -43.24
N ASP A 54 37.75 16.80 -44.16
CA ASP A 54 37.52 18.24 -44.20
C ASP A 54 38.10 18.99 -43.00
N MET A 55 38.98 18.35 -42.23
CA MET A 55 39.69 18.97 -41.13
C MET A 55 41.17 18.71 -41.33
N PRO A 56 41.82 19.48 -42.20
CA PRO A 56 43.23 19.18 -42.53
C PRO A 56 44.20 19.55 -41.44
N HIS A 57 43.75 20.26 -40.41
CA HIS A 57 44.61 20.71 -39.33
C HIS A 57 44.36 19.97 -38.03
N ALA A 58 43.49 18.97 -38.03
CA ALA A 58 43.03 18.36 -36.79
C ALA A 58 43.29 16.85 -36.81
N ARG A 59 43.70 16.33 -35.68
CA ARG A 59 43.71 14.90 -35.41
C ARG A 59 42.54 14.59 -34.48
N ALA A 60 42.22 13.31 -34.37
CA ALA A 60 41.10 12.90 -33.55
C ALA A 60 41.45 11.63 -32.79
N ILE A 61 41.20 11.68 -31.48
CA ILE A 61 41.41 10.55 -30.60
C ILE A 61 40.03 10.07 -30.14
N THR A 62 39.89 8.76 -29.93
CA THR A 62 38.64 8.21 -29.41
C THR A 62 38.96 6.92 -28.67
N ASN A 63 37.98 6.50 -27.86
CA ASN A 63 38.10 5.38 -26.91
C ASN A 63 39.28 5.58 -25.96
N LEU A 64 39.48 6.84 -25.54
CA LEU A 64 40.59 7.15 -24.65
C LEU A 64 40.36 6.59 -23.25
N PHE A 65 39.14 6.69 -22.75
CA PHE A 65 38.76 6.12 -21.47
C PHE A 65 37.93 4.87 -21.63
N GLY A 66 38.06 4.19 -22.77
CA GLY A 66 37.20 3.06 -23.06
C GLY A 66 37.53 1.85 -22.21
N ASP A 67 38.80 1.51 -22.10
CA ASP A 67 39.25 0.46 -21.20
C ASP A 67 39.62 1.11 -19.87
N ILE A 68 38.96 0.69 -18.79
CA ILE A 68 39.22 1.31 -17.51
C ILE A 68 40.56 0.83 -16.94
N ARG A 69 41.07 -0.28 -17.45
CA ARG A 69 42.35 -0.80 -16.97
C ARG A 69 43.50 0.08 -17.43
N VAL A 70 43.43 0.57 -18.67
CA VAL A 70 44.52 1.44 -19.12
C VAL A 70 44.40 2.83 -18.50
N VAL A 71 43.19 3.22 -18.09
CA VAL A 71 43.04 4.49 -17.37
C VAL A 71 43.62 4.38 -15.98
N GLU A 72 43.38 3.24 -15.30
CA GLU A 72 43.94 3.02 -13.99
C GLU A 72 45.45 2.84 -14.06
N GLU A 73 45.95 2.33 -15.18
CA GLU A 73 47.39 2.26 -15.35
C GLU A 73 47.98 3.64 -15.64
N LEU A 74 47.20 4.51 -16.30
CA LEU A 74 47.66 5.86 -16.59
C LEU A 74 47.77 6.69 -15.32
N PHE A 75 46.75 6.63 -14.46
CA PHE A 75 46.78 7.42 -13.25
C PHE A 75 47.43 6.71 -12.08
N GLY A 76 47.94 5.51 -12.26
CA GLY A 76 48.70 4.86 -11.21
C GLY A 76 47.87 4.18 -10.15
N TRP A 77 46.79 3.51 -10.54
CA TRP A 77 45.96 2.76 -9.63
C TRP A 77 46.00 1.28 -9.99
N GLU A 78 45.96 0.43 -8.96
CA GLU A 78 46.05 -1.01 -9.22
C GLU A 78 44.72 -1.57 -9.70
N ASN A 79 43.64 -1.33 -8.96
CA ASN A 79 42.33 -1.84 -9.35
C ASN A 79 41.29 -0.75 -9.15
N SER A 80 40.03 -1.09 -9.37
CA SER A 80 38.97 -0.10 -9.33
C SER A 80 38.68 0.35 -7.91
N LEU A 81 38.89 -0.54 -6.94
CA LEU A 81 38.65 -0.19 -5.55
C LEU A 81 39.68 0.82 -5.07
N ASP A 82 40.95 0.63 -5.44
CA ASP A 82 41.98 1.60 -5.13
C ASP A 82 41.71 2.92 -5.83
N ARG A 83 41.16 2.87 -7.04
CA ARG A 83 40.79 4.08 -7.76
C ARG A 83 39.71 4.84 -7.03
N VAL A 84 38.69 4.13 -6.53
CA VAL A 84 37.57 4.76 -5.86
C VAL A 84 38.03 5.42 -4.56
N LYS A 85 38.88 4.72 -3.81
CA LYS A 85 39.37 5.27 -2.54
C LYS A 85 40.34 6.43 -2.76
N LYS A 86 41.21 6.34 -3.76
CA LYS A 86 42.16 7.41 -4.03
C LYS A 86 41.47 8.66 -4.56
N VAL A 87 40.43 8.48 -5.39
CA VAL A 87 39.74 9.65 -5.90
C VAL A 87 38.85 10.27 -4.83
N ALA A 88 38.34 9.46 -3.89
CA ALA A 88 37.65 10.05 -2.74
C ALA A 88 38.59 10.88 -1.88
N ARG A 89 39.81 10.37 -1.65
CA ARG A 89 40.82 11.14 -0.93
C ARG A 89 41.21 12.40 -1.70
N ALA A 90 41.27 12.32 -3.02
CA ALA A 90 41.60 13.48 -3.83
C ALA A 90 40.48 14.50 -3.84
N ILE A 91 39.24 14.04 -3.68
CA ILE A 91 38.11 14.94 -3.53
C ILE A 91 38.23 15.71 -2.23
N ASP A 92 38.62 15.03 -1.15
CA ASP A 92 38.75 15.75 0.11
C ASP A 92 40.05 16.54 0.22
N HIS A 93 40.94 16.50 -0.77
CA HIS A 93 42.19 17.26 -0.72
C HIS A 93 42.55 17.77 -2.10
N PRO A 94 41.98 18.91 -2.50
CA PRO A 94 42.30 19.44 -3.83
C PRO A 94 43.63 20.19 -3.83
N LEU A 95 44.23 20.25 -5.01
CA LEU A 95 45.45 21.03 -5.25
C LEU A 95 45.05 22.28 -6.01
N LYS A 96 45.34 23.45 -5.42
CA LYS A 96 44.89 24.72 -6.00
C LYS A 96 45.59 24.98 -7.34
N PRO A 97 44.84 25.30 -8.39
CA PRO A 97 45.45 25.45 -9.72
C PRO A 97 46.32 26.68 -9.82
N VAL A 98 47.36 26.57 -10.63
CA VAL A 98 48.33 27.65 -10.83
C VAL A 98 47.95 28.45 -12.06
N ILE A 99 48.27 29.73 -12.04
CA ILE A 99 47.99 30.63 -13.16
C ILE A 99 49.32 31.01 -13.79
N ILE A 100 49.47 30.72 -15.09
CA ILE A 100 50.69 31.02 -15.81
C ILE A 100 50.40 32.16 -16.78
N GLY A 101 51.47 32.71 -17.34
CA GLY A 101 51.34 33.86 -18.21
C GLY A 101 50.75 33.51 -19.56
N GLN A 102 50.40 34.53 -20.32
CA GLN A 102 49.72 34.35 -21.60
C GLN A 102 50.67 33.97 -22.73
N ASP A 103 51.96 33.83 -22.42
CA ASP A 103 52.94 33.48 -23.42
C ASP A 103 53.59 32.11 -23.22
N GLU A 104 53.27 31.41 -22.14
CA GLU A 104 53.68 30.02 -22.01
C GLU A 104 52.53 29.04 -22.13
N ALA A 105 51.31 29.52 -22.29
CA ALA A 105 50.19 28.62 -22.48
C ALA A 105 50.18 28.10 -23.91
N PRO A 106 50.27 26.78 -24.11
CA PRO A 106 50.29 26.24 -25.47
C PRO A 106 48.98 26.38 -26.21
N VAL A 107 47.87 26.64 -25.52
CA VAL A 107 46.59 26.78 -26.19
C VAL A 107 46.40 28.17 -26.76
N GLN A 108 47.33 29.08 -26.50
CA GLN A 108 47.24 30.44 -26.99
C GLN A 108 48.35 30.75 -27.99
N GLU A 109 48.77 29.74 -28.76
CA GLU A 109 49.72 30.01 -29.84
C GLU A 109 49.03 30.75 -30.98
N GLU A 110 47.86 30.29 -31.38
CA GLU A 110 47.06 30.97 -32.40
C GLU A 110 45.80 31.50 -31.76
N VAL A 111 45.58 32.82 -31.88
CA VAL A 111 44.41 33.45 -31.30
C VAL A 111 43.58 34.07 -32.42
N LEU A 112 42.48 33.41 -32.77
CA LEU A 112 41.58 33.94 -33.78
C LEU A 112 40.50 34.79 -33.14
N THR A 113 40.48 36.08 -33.50
CA THR A 113 39.48 37.00 -32.99
C THR A 113 38.48 37.44 -34.04
N THR A 114 38.76 37.24 -35.31
CA THR A 114 37.80 37.40 -36.37
C THR A 114 37.55 36.05 -37.00
N ASP A 115 36.77 36.06 -38.09
CA ASP A 115 36.36 34.90 -38.92
C ASP A 115 35.96 33.67 -38.08
N LEU A 116 35.18 33.94 -37.04
CA LEU A 116 34.84 32.89 -36.09
C LEU A 116 33.79 31.98 -36.68
N ASP A 117 34.24 30.94 -37.39
CA ASP A 117 33.37 29.85 -37.81
C ASP A 117 33.87 28.64 -37.03
N VAL A 118 33.09 28.22 -36.03
CA VAL A 118 33.50 27.15 -35.14
C VAL A 118 33.50 25.82 -35.87
N ASN A 119 32.59 25.63 -36.82
CA ASN A 119 32.51 24.36 -37.52
C ASN A 119 33.64 24.19 -38.52
N LYS A 120 34.34 25.27 -38.86
CA LYS A 120 35.50 25.17 -39.72
C LYS A 120 36.71 24.59 -39.00
N TRP A 121 36.91 24.92 -37.73
CA TRP A 121 38.06 24.47 -36.96
C TRP A 121 37.76 23.26 -36.11
N LEU A 122 36.64 23.26 -35.39
CA LEU A 122 36.31 22.14 -34.53
C LEU A 122 35.51 21.08 -35.27
N THR A 123 35.82 19.83 -34.99
CA THR A 123 35.21 18.71 -35.69
C THR A 123 33.86 18.38 -35.07
N ALA A 124 32.80 18.61 -35.82
CA ALA A 124 31.46 18.17 -35.44
C ALA A 124 31.22 16.80 -36.06
N ILE A 125 30.55 15.93 -35.31
CA ILE A 125 30.32 14.57 -35.74
C ILE A 125 28.83 14.29 -35.80
N ARG A 126 28.48 13.23 -36.52
CA ARG A 126 27.15 12.64 -36.45
C ARG A 126 27.30 11.21 -35.97
N HIS A 127 26.41 10.81 -35.06
CA HIS A 127 26.57 9.51 -34.43
C HIS A 127 25.84 8.42 -35.20
N THR A 128 24.55 8.61 -35.44
CA THR A 128 23.69 7.65 -36.11
C THR A 128 23.15 8.24 -37.39
N PRO A 129 22.76 7.41 -38.37
CA PRO A 129 22.16 7.94 -39.60
C PRO A 129 20.78 8.56 -39.42
N LEU A 130 20.15 8.41 -38.27
CA LEU A 130 18.84 9.01 -38.01
C LEU A 130 18.91 10.51 -37.76
N GLU A 131 20.10 11.07 -37.58
CA GLU A 131 20.23 12.47 -37.24
C GLU A 131 20.30 13.33 -38.49
N THR A 132 20.17 14.64 -38.28
CA THR A 132 20.27 15.63 -39.34
C THR A 132 21.37 16.65 -39.10
N GLU A 133 21.74 16.90 -37.85
CA GLU A 133 22.71 17.92 -37.50
C GLU A 133 24.02 17.28 -37.06
N MET A 134 25.12 17.89 -37.48
CA MET A 134 26.44 17.53 -36.99
C MET A 134 26.79 18.46 -35.84
N THR A 135 26.97 17.89 -34.65
CA THR A 135 27.10 18.66 -33.43
C THR A 135 28.49 18.50 -32.84
N ILE A 136 28.87 19.45 -32.01
CA ILE A 136 30.15 19.46 -31.33
C ILE A 136 29.92 18.93 -29.92
N GLY A 137 30.46 17.76 -29.65
CA GLY A 137 30.31 17.15 -28.35
C GLY A 137 31.62 16.79 -27.70
N SER A 138 32.63 17.65 -27.86
CA SER A 138 33.97 17.33 -27.44
C SER A 138 34.48 18.24 -26.33
N GLY A 139 33.81 19.36 -26.07
CA GLY A 139 34.34 20.37 -25.20
C GLY A 139 33.77 20.31 -23.80
N ILE A 140 34.57 20.75 -22.84
CA ILE A 140 34.14 20.88 -21.46
C ILE A 140 34.04 22.36 -21.14
N SER A 141 33.03 22.73 -20.36
CA SER A 141 32.92 24.09 -19.90
C SER A 141 33.93 24.34 -18.80
N CYS A 142 34.24 25.62 -18.58
CA CYS A 142 35.24 25.97 -17.59
C CYS A 142 34.86 27.31 -16.98
N VAL A 143 34.23 27.27 -15.82
CA VAL A 143 33.83 28.45 -15.07
C VAL A 143 34.68 28.54 -13.82
N VAL A 144 35.55 29.54 -13.77
CA VAL A 144 36.48 29.71 -12.67
C VAL A 144 36.31 31.11 -12.09
N GLY A 145 36.08 31.18 -10.78
CA GLY A 145 36.13 32.44 -10.10
C GLY A 145 34.80 32.92 -9.56
N PRO A 146 34.45 34.17 -9.89
CA PRO A 146 33.30 34.81 -9.22
C PRO A 146 31.95 34.21 -9.60
N TYR A 147 31.86 33.60 -10.79
CA TYR A 147 30.59 33.02 -11.19
C TYR A 147 30.39 31.65 -10.58
N PHE A 148 31.44 31.07 -10.00
CA PHE A 148 31.34 29.80 -9.30
C PHE A 148 31.82 29.93 -7.85
N ASP A 149 31.55 31.09 -7.24
CA ASP A 149 31.75 31.34 -5.81
C ASP A 149 33.21 31.16 -5.39
N GLY A 150 34.12 31.55 -6.26
CA GLY A 150 35.53 31.39 -5.98
C GLY A 150 36.05 29.99 -6.17
N GLY A 151 35.25 29.07 -6.69
CA GLY A 151 35.72 27.73 -6.97
C GLY A 151 35.97 27.54 -8.44
N SER A 152 35.75 26.32 -8.94
CA SER A 152 35.93 26.05 -10.35
C SER A 152 35.05 24.88 -10.75
N HIS A 153 34.59 24.92 -12.00
CA HIS A 153 33.73 23.88 -12.54
C HIS A 153 34.25 23.47 -13.90
N ILE A 154 34.32 22.16 -14.13
CA ILE A 154 34.55 21.61 -15.45
C ILE A 154 33.50 20.56 -15.72
N GLY A 155 32.96 20.57 -16.94
CA GLY A 155 31.92 19.62 -17.29
C GLY A 155 31.53 19.78 -18.75
N TYR A 156 31.08 18.69 -19.32
CA TYR A 156 30.75 18.62 -20.73
C TYR A 156 29.43 19.31 -21.02
N ASN A 157 29.36 19.96 -22.18
CA ASN A 157 28.12 20.52 -22.68
C ASN A 157 28.12 20.37 -24.19
N ARG A 158 27.05 19.80 -24.74
CA ARG A 158 26.97 19.65 -26.18
C ARG A 158 26.55 20.97 -26.80
N MET A 159 27.07 21.24 -27.99
CA MET A 159 26.86 22.50 -28.68
C MET A 159 26.60 22.24 -30.15
N ASN A 160 25.67 22.99 -30.73
CA ASN A 160 25.36 22.90 -32.15
C ASN A 160 25.46 24.30 -32.71
N PHE A 161 26.56 24.59 -33.41
CA PHE A 161 26.79 25.93 -33.95
C PHE A 161 26.18 26.01 -35.33
N ARG A 162 24.91 26.40 -35.36
CA ARG A 162 24.19 26.59 -36.61
C ARG A 162 23.93 28.06 -36.92
N TRP A 163 24.70 28.97 -36.34
CA TRP A 163 24.64 30.38 -36.67
C TRP A 163 26.04 30.98 -36.78
N GLY A 164 27.01 30.19 -37.21
CA GLY A 164 28.34 30.68 -37.41
C GLY A 164 29.18 30.72 -36.16
N ASN A 165 28.95 31.68 -35.28
CA ASN A 165 29.70 31.82 -34.05
C ASN A 165 28.78 31.80 -32.85
N VAL A 166 27.51 31.50 -33.10
CA VAL A 166 26.51 31.35 -32.05
C VAL A 166 26.00 29.92 -32.12
N GLY A 167 26.02 29.21 -31.00
CA GLY A 167 25.51 27.87 -30.96
C GLY A 167 24.73 27.63 -29.68
N THR A 168 23.94 26.56 -29.70
CA THR A 168 23.21 26.19 -28.51
C THR A 168 24.15 25.61 -27.47
N PHE A 169 23.65 25.47 -26.26
CA PHE A 169 24.47 25.11 -25.11
C PHE A 169 23.59 24.32 -24.16
N GLN A 170 23.65 23.01 -24.22
CA GLN A 170 22.70 22.17 -23.50
C GLN A 170 23.13 22.05 -22.04
N ILE A 171 22.24 22.42 -21.13
CA ILE A 171 22.50 22.40 -19.71
C ILE A 171 21.52 21.44 -19.05
N SER A 172 22.03 20.46 -18.32
CA SER A 172 21.16 19.63 -17.50
C SER A 172 20.59 20.46 -16.37
N PRO A 173 19.28 20.41 -16.15
CA PRO A 173 18.71 21.10 -14.99
C PRO A 173 19.18 20.46 -13.69
N GLY A 174 19.67 21.29 -12.78
CA GLY A 174 20.21 20.85 -11.52
C GLY A 174 21.72 20.88 -11.45
N SER A 175 22.39 20.96 -12.60
CA SER A 175 23.83 20.86 -12.66
C SER A 175 24.48 22.16 -12.17
N HIS A 176 25.81 22.18 -12.20
CA HIS A 176 26.54 23.38 -11.78
C HIS A 176 26.30 24.53 -12.75
N MET A 177 26.23 24.22 -14.04
CA MET A 177 25.92 25.26 -15.01
C MET A 177 24.49 25.73 -14.86
N TRP A 178 23.59 24.83 -14.44
CA TRP A 178 22.22 25.25 -14.16
C TRP A 178 22.15 26.14 -12.95
N GLN A 179 22.98 25.87 -11.94
CA GLN A 179 22.97 26.71 -10.74
C GLN A 179 23.56 28.07 -11.02
N VAL A 180 24.62 28.13 -11.85
CA VAL A 180 25.21 29.40 -12.27
C VAL A 180 24.21 30.18 -13.10
N MET A 181 23.52 29.49 -14.02
CA MET A 181 22.54 30.14 -14.88
C MET A 181 21.33 30.60 -14.11
N THR A 182 20.93 29.85 -13.09
CA THR A 182 19.78 30.22 -12.28
C THR A 182 20.08 31.42 -11.41
N GLU A 183 21.32 31.50 -10.91
CA GLU A 183 21.68 32.66 -10.10
C GLU A 183 21.77 33.93 -10.94
N HIS A 184 22.33 33.83 -12.13
CA HIS A 184 22.51 34.99 -13.00
C HIS A 184 21.54 35.01 -14.17
N TYR A 185 20.31 34.54 -13.96
CA TYR A 185 19.33 34.52 -15.03
C TYR A 185 18.84 35.93 -15.34
N LYS A 186 18.54 36.69 -14.29
CA LYS A 186 17.93 38.01 -14.40
C LYS A 186 19.00 39.09 -14.44
N ASP A 187 20.05 38.87 -15.22
CA ASP A 187 21.16 39.81 -15.29
C ASP A 187 21.28 40.34 -16.71
N ASP A 188 21.93 41.50 -16.84
CA ASP A 188 22.10 42.09 -18.15
C ASP A 188 23.38 41.62 -18.81
N GLU A 189 24.46 41.55 -18.05
CA GLU A 189 25.70 41.02 -18.57
C GLU A 189 25.61 39.50 -18.70
N PRO A 190 26.04 38.94 -19.82
CA PRO A 190 26.02 37.49 -19.98
C PRO A 190 27.15 36.84 -19.20
N ILE A 191 26.99 35.55 -18.96
CA ILE A 191 27.99 34.80 -18.19
C ILE A 191 29.19 34.49 -19.08
N PRO A 192 30.39 34.90 -18.71
CA PRO A 192 31.56 34.54 -19.52
C PRO A 192 32.11 33.18 -19.16
N LEU A 193 32.27 32.30 -20.13
CA LEU A 193 32.87 31.00 -19.89
C LEU A 193 33.59 30.56 -21.14
N THR A 194 34.48 29.59 -20.97
CA THR A 194 35.27 29.06 -22.06
C THR A 194 35.02 27.57 -22.22
N MET A 195 34.95 27.12 -23.46
CA MET A 195 34.88 25.71 -23.80
C MET A 195 36.26 25.23 -24.20
N CYS A 196 36.79 24.26 -23.47
CA CYS A 196 38.15 23.78 -23.69
C CYS A 196 38.09 22.40 -24.33
N PHE A 197 39.01 22.17 -25.27
CA PHE A 197 39.01 20.97 -26.10
C PHE A 197 40.38 20.32 -26.05
N GLY A 198 40.40 18.99 -26.03
CA GLY A 198 41.65 18.26 -25.94
C GLY A 198 42.37 18.47 -24.63
N VAL A 199 41.63 18.43 -23.53
CA VAL A 199 42.12 18.82 -22.21
C VAL A 199 42.98 17.68 -21.65
N PRO A 200 43.72 17.89 -20.56
CA PRO A 200 44.38 16.76 -19.91
C PRO A 200 43.38 15.74 -19.44
N PRO A 201 43.79 14.46 -19.37
CA PRO A 201 42.82 13.39 -19.04
C PRO A 201 42.25 13.47 -17.64
N SER A 202 42.96 14.10 -16.71
CA SER A 202 42.41 14.34 -15.38
C SER A 202 41.23 15.30 -15.44
N CYS A 203 41.31 16.30 -16.31
CA CYS A 203 40.22 17.24 -16.46
C CYS A 203 39.02 16.59 -17.13
N THR A 204 39.24 15.67 -18.07
CA THR A 204 38.15 14.88 -18.63
C THR A 204 37.50 14.01 -17.56
N TYR A 205 38.34 13.38 -16.73
CA TYR A 205 37.89 12.51 -15.67
C TYR A 205 37.01 13.24 -14.68
N VAL A 206 37.41 14.45 -14.26
CA VAL A 206 36.60 15.20 -13.31
C VAL A 206 35.43 15.89 -14.00
N ALA A 207 35.55 16.16 -15.31
CA ALA A 207 34.45 16.75 -16.04
C ALA A 207 33.31 15.77 -16.22
N GLY A 208 33.60 14.47 -16.10
CA GLY A 208 32.53 13.49 -16.12
C GLY A 208 31.58 13.55 -14.93
N ALA A 209 32.03 14.12 -13.80
CA ALA A 209 31.24 14.15 -12.58
C ALA A 209 29.94 14.93 -12.75
N GLY A 210 28.94 14.58 -11.97
CA GLY A 210 27.68 15.27 -12.07
C GLY A 210 26.68 14.69 -11.10
N PHE A 211 25.86 15.58 -10.54
CA PHE A 211 24.78 15.24 -9.61
C PHE A 211 25.30 14.50 -8.40
N ASP A 212 26.32 15.11 -7.79
CA ASP A 212 26.95 14.59 -6.59
C ASP A 212 27.25 15.77 -5.67
N TYR A 213 26.26 16.64 -5.50
CA TYR A 213 26.53 17.97 -4.97
C TYR A 213 26.48 18.01 -3.45
N ALA A 214 26.21 16.90 -2.79
CA ALA A 214 26.46 16.84 -1.36
C ALA A 214 27.94 16.73 -1.08
N ILE A 215 28.71 16.23 -2.04
CA ILE A 215 30.15 16.05 -1.91
C ILE A 215 30.86 17.15 -2.69
N LEU A 216 30.35 17.49 -3.86
CA LEU A 216 30.92 18.53 -4.72
C LEU A 216 29.89 19.62 -4.95
N PRO A 217 29.64 20.48 -3.98
CA PRO A 217 28.62 21.51 -4.14
C PRO A 217 29.12 22.65 -5.01
N LYS A 218 28.23 23.62 -5.21
CA LYS A 218 28.61 24.84 -5.92
C LYS A 218 29.61 25.63 -5.10
N GLY A 219 30.72 25.99 -5.71
CA GLY A 219 31.83 26.61 -5.01
C GLY A 219 32.97 25.69 -4.72
N CYS A 220 32.88 24.42 -5.10
CA CYS A 220 33.99 23.51 -4.95
C CYS A 220 35.01 23.74 -6.06
N ASP A 221 36.12 22.99 -5.98
CA ASP A 221 37.23 23.18 -6.90
C ASP A 221 37.43 21.89 -7.70
N GLU A 222 36.70 21.81 -8.82
CA GLU A 222 36.79 20.60 -9.64
C GLU A 222 38.12 20.51 -10.36
N ILE A 223 38.67 21.64 -10.77
CA ILE A 223 40.02 21.64 -11.33
C ILE A 223 41.04 21.33 -10.24
N GLY A 224 40.74 21.67 -8.99
CA GLY A 224 41.56 21.21 -7.89
C GLY A 224 41.54 19.71 -7.72
N ILE A 225 40.38 19.09 -7.96
CA ILE A 225 40.28 17.64 -7.88
C ILE A 225 41.03 16.99 -9.03
N ALA A 226 41.00 17.63 -10.21
CA ALA A 226 41.79 17.12 -11.33
C ALA A 226 43.28 17.21 -11.06
N GLY A 227 43.71 18.30 -10.43
CA GLY A 227 45.11 18.42 -10.06
C GLY A 227 45.52 17.43 -9.00
N ALA A 228 44.61 17.13 -8.07
CA ALA A 228 44.91 16.13 -7.05
C ALA A 228 44.94 14.72 -7.64
N ILE A 229 44.16 14.48 -8.69
CA ILE A 229 44.14 13.18 -9.33
C ILE A 229 45.41 12.95 -10.12
N GLN A 230 45.83 13.95 -10.91
CA GLN A 230 47.08 13.77 -11.64
C GLN A 230 48.32 13.99 -10.79
N GLY A 231 48.17 14.54 -9.59
CA GLY A 231 49.32 14.69 -8.70
C GLY A 231 50.13 15.95 -8.88
N SER A 232 49.62 16.92 -9.62
CA SER A 232 50.30 18.18 -9.86
C SER A 232 49.25 19.20 -10.29
N PRO A 233 49.42 20.49 -9.99
CA PRO A 233 48.35 21.45 -10.25
C PRO A 233 48.13 21.70 -11.74
N VAL A 234 46.87 21.89 -12.09
CA VAL A 234 46.48 22.14 -13.47
C VAL A 234 46.68 23.62 -13.77
N ARG A 235 47.37 23.92 -14.86
CA ARG A 235 47.75 25.30 -15.15
C ARG A 235 46.60 26.04 -15.81
N LEU A 236 46.39 27.28 -15.37
CA LEU A 236 45.36 28.15 -15.93
C LEU A 236 46.03 29.34 -16.60
N VAL A 237 45.25 30.03 -17.43
CA VAL A 237 45.73 31.21 -18.13
C VAL A 237 44.56 32.15 -18.35
N LYS A 238 44.82 33.44 -18.22
CA LYS A 238 43.81 34.46 -18.47
C LYS A 238 43.46 34.48 -19.95
N CYS A 239 42.18 34.66 -20.26
CA CYS A 239 41.72 34.70 -21.63
C CYS A 239 42.20 35.96 -22.34
N ARG A 240 42.09 35.93 -23.67
CA ARG A 240 42.52 37.09 -24.45
C ARG A 240 41.44 38.16 -24.48
N THR A 241 40.17 37.77 -24.61
CA THR A 241 39.09 38.72 -24.73
C THR A 241 38.22 38.82 -23.48
N ILE A 242 37.64 37.70 -23.03
CA ILE A 242 36.72 37.73 -21.91
C ILE A 242 37.48 37.70 -20.59
N ASP A 243 36.77 37.96 -19.49
CA ASP A 243 37.37 37.99 -18.17
C ASP A 243 37.13 36.61 -17.53
N ALA A 244 38.01 35.67 -17.85
CA ALA A 244 37.88 34.32 -17.34
C ALA A 244 39.24 33.65 -17.37
N TYR A 245 39.23 32.34 -17.13
CA TYR A 245 40.44 31.52 -17.17
C TYR A 245 40.15 30.22 -17.88
N THR A 246 41.14 29.74 -18.63
CA THR A 246 41.01 28.50 -19.38
C THR A 246 42.03 27.50 -18.87
N LEU A 247 41.88 26.26 -19.30
CA LEU A 247 42.95 25.29 -19.12
C LEU A 247 44.06 25.62 -20.11
N ALA A 248 45.27 25.82 -19.60
CA ALA A 248 46.35 26.30 -20.46
C ALA A 248 46.84 25.21 -21.38
N ASP A 249 46.80 23.96 -20.93
CA ASP A 249 47.35 22.85 -21.68
C ASP A 249 46.33 22.15 -22.57
N ALA A 250 45.27 22.85 -22.97
CA ALA A 250 44.29 22.28 -23.86
C ALA A 250 44.77 22.37 -25.31
N GLU A 251 43.91 21.93 -26.23
CA GLU A 251 44.25 22.01 -27.64
C GLU A 251 43.46 23.09 -28.35
N TYR A 252 42.19 23.26 -28.01
CA TYR A 252 41.37 24.35 -28.50
C TYR A 252 40.63 24.96 -27.34
N VAL A 253 40.42 26.28 -27.40
CA VAL A 253 39.58 27.00 -26.45
C VAL A 253 38.69 27.96 -27.22
N LEU A 254 37.38 27.87 -26.99
CA LEU A 254 36.42 28.86 -27.44
C LEU A 254 36.12 29.81 -26.30
N GLU A 255 36.38 31.09 -26.50
CA GLU A 255 36.03 32.10 -25.52
C GLU A 255 34.75 32.79 -25.94
N GLY A 256 33.87 33.07 -24.98
CA GLY A 256 32.64 33.74 -25.30
C GLY A 256 31.75 33.91 -24.11
N TYR A 257 30.48 34.21 -24.39
CA TYR A 257 29.50 34.53 -23.38
C TYR A 257 28.30 33.61 -23.52
N LEU A 258 27.72 33.24 -22.39
CA LEU A 258 26.48 32.48 -22.37
C LEU A 258 25.32 33.42 -22.11
N HIS A 259 24.35 33.43 -23.00
CA HIS A 259 23.15 34.23 -22.84
C HIS A 259 22.03 33.33 -22.36
N PRO A 260 21.62 33.41 -21.10
CA PRO A 260 20.61 32.47 -20.60
C PRO A 260 19.22 32.72 -21.15
N ARG A 261 18.84 33.98 -21.31
CA ARG A 261 17.49 34.30 -21.76
C ARG A 261 17.35 34.27 -23.27
N ASP A 262 18.43 34.03 -24.00
CA ASP A 262 18.38 33.88 -25.45
C ASP A 262 18.40 32.38 -25.73
N LYS A 263 17.22 31.78 -25.77
CA LYS A 263 17.09 30.35 -25.99
C LYS A 263 16.67 30.07 -27.44
N ARG A 264 17.37 29.14 -28.07
CA ARG A 264 17.10 28.78 -29.45
C ARG A 264 17.03 27.26 -29.56
N TYR A 265 16.42 26.80 -30.65
CA TYR A 265 16.23 25.37 -30.84
C TYR A 265 17.50 24.71 -31.33
N GLU A 266 17.64 23.42 -31.05
CA GLU A 266 18.90 22.75 -31.35
C GLU A 266 18.94 22.22 -32.78
N THR A 267 17.82 21.76 -33.30
CA THR A 267 17.76 21.26 -34.67
C THR A 267 16.98 22.22 -35.55
N ALA A 268 16.91 21.85 -36.84
CA ALA A 268 16.14 22.64 -37.78
C ALA A 268 14.68 22.20 -37.82
N GLU A 269 14.42 20.93 -37.54
CA GLU A 269 13.05 20.44 -37.61
C GLU A 269 12.25 20.85 -36.37
N SER A 270 12.88 20.81 -35.20
CA SER A 270 12.20 21.25 -33.99
C SER A 270 12.03 22.76 -33.98
N GLU A 271 12.94 23.48 -34.64
CA GLU A 271 12.70 24.90 -34.86
C GLU A 271 11.60 25.11 -35.89
N ALA A 272 11.49 24.18 -36.85
CA ALA A 272 10.51 24.32 -37.91
C ALA A 272 9.10 24.16 -37.39
N ALA A 273 8.87 23.20 -36.50
CA ALA A 273 7.63 23.19 -35.72
C ALA A 273 7.95 22.99 -34.25
N ASP A 274 8.45 24.05 -33.61
CA ASP A 274 8.21 24.48 -32.23
C ASP A 274 7.86 23.42 -31.20
N ILE A 275 8.58 22.29 -31.17
CA ILE A 275 8.28 21.21 -30.25
C ILE A 275 9.57 20.72 -29.64
N GLN A 276 9.67 20.77 -28.32
CA GLN A 276 10.80 20.18 -27.64
C GLN A 276 10.52 18.72 -27.32
N GLY A 277 11.58 17.92 -27.32
CA GLY A 277 11.46 16.58 -26.82
C GLY A 277 10.84 15.59 -27.79
N ARG A 278 10.88 15.88 -29.07
CA ARG A 278 10.29 14.94 -30.00
C ARG A 278 11.24 14.45 -31.09
N PHE A 279 12.05 15.34 -31.65
CA PHE A 279 12.84 15.03 -32.83
C PHE A 279 14.25 14.57 -32.44
N HIS A 280 14.82 13.71 -33.28
CA HIS A 280 16.04 12.99 -32.91
C HIS A 280 17.25 13.90 -32.89
N PHE A 281 18.01 13.83 -31.80
CA PHE A 281 19.18 14.67 -31.58
C PHE A 281 20.33 13.89 -30.93
N HIS A 282 20.80 12.80 -31.57
CA HIS A 282 22.03 12.07 -31.20
C HIS A 282 22.01 11.38 -29.82
N PRO A 283 21.94 10.03 -29.84
CA PRO A 283 21.69 9.20 -28.63
C PRO A 283 22.27 9.65 -27.30
N GLU A 284 21.53 9.39 -26.24
CA GLU A 284 21.83 9.98 -24.95
C GLU A 284 22.35 8.97 -23.96
N TRP A 285 22.55 9.44 -22.72
CA TRP A 285 23.20 8.65 -21.69
C TRP A 285 22.33 7.51 -21.22
N ALA A 286 21.02 7.64 -21.37
CA ALA A 286 20.11 6.60 -20.91
C ALA A 286 20.20 5.35 -21.77
N GLY A 287 20.71 5.49 -22.99
CA GLY A 287 20.80 4.35 -23.88
C GLY A 287 19.69 4.39 -24.88
N TYR A 288 19.09 5.56 -25.08
CA TYR A 288 18.07 5.76 -26.07
C TYR A 288 18.48 6.88 -27.00
N MET A 289 17.75 7.00 -28.11
CA MET A 289 17.95 8.13 -29.00
C MET A 289 17.46 9.40 -28.34
N GLY A 290 18.30 10.43 -28.36
CA GLY A 290 17.99 11.67 -27.69
C GLY A 290 16.99 12.51 -28.44
N LYS A 291 16.62 13.62 -27.79
CA LYS A 291 15.62 14.52 -28.33
C LYS A 291 16.17 15.93 -28.38
N ALA A 292 15.58 16.75 -29.24
CA ALA A 292 16.04 18.12 -29.43
C ALA A 292 15.20 19.07 -28.59
N TYR A 293 15.87 20.07 -28.01
CA TYR A 293 15.24 20.99 -27.08
C TYR A 293 15.64 22.42 -27.43
N LYS A 294 15.08 23.36 -26.68
CA LYS A 294 15.61 24.70 -26.65
C LYS A 294 16.73 24.78 -25.63
N ALA A 295 17.70 25.64 -25.90
CA ALA A 295 18.88 25.72 -25.06
C ALA A 295 19.41 27.14 -25.14
N PRO A 296 20.06 27.63 -24.09
CA PRO A 296 20.67 28.96 -24.16
C PRO A 296 21.81 28.98 -25.16
N THR A 297 22.16 30.19 -25.60
CA THR A 297 23.12 30.33 -26.67
C THR A 297 24.47 30.77 -26.16
N PHE A 298 25.52 30.23 -26.78
CA PHE A 298 26.90 30.54 -26.46
C PHE A 298 27.47 31.36 -27.59
N HIS A 299 27.80 32.62 -27.31
CA HIS A 299 28.23 33.56 -28.32
C HIS A 299 29.74 33.64 -28.31
N VAL A 300 30.38 32.93 -29.24
CA VAL A 300 31.83 32.80 -29.26
C VAL A 300 32.45 34.11 -29.71
N THR A 301 33.39 34.63 -28.91
CA THR A 301 34.11 35.84 -29.24
C THR A 301 35.53 35.61 -29.74
N ALA A 302 36.15 34.49 -29.37
CA ALA A 302 37.50 34.21 -29.80
C ALA A 302 37.74 32.71 -29.80
N ILE A 303 38.47 32.24 -30.81
CA ILE A 303 38.92 30.87 -30.90
C ILE A 303 40.43 30.86 -30.72
N THR A 304 40.90 30.26 -29.64
CA THR A 304 42.33 30.10 -29.43
C THR A 304 42.66 28.62 -29.50
N MET A 305 43.83 28.30 -30.03
CA MET A 305 44.22 26.92 -30.21
C MET A 305 45.73 26.83 -30.26
N ARG A 306 46.23 25.61 -30.41
CA ARG A 306 47.65 25.41 -30.66
C ARG A 306 48.00 25.75 -32.09
N ARG A 307 49.25 25.52 -32.47
CA ARG A 307 49.65 25.73 -33.85
C ARG A 307 49.01 24.68 -34.74
N ARG A 308 48.45 25.13 -35.88
CA ARG A 308 47.78 24.21 -36.78
C ARG A 308 48.78 23.29 -37.49
N GLU A 309 50.05 23.67 -37.50
CA GLU A 309 51.08 22.79 -38.02
C GLU A 309 51.36 21.66 -37.06
N SER A 310 51.08 21.88 -35.77
CA SER A 310 51.25 20.82 -34.78
C SER A 310 50.08 19.85 -34.76
N LYS A 311 48.99 20.17 -35.47
CA LYS A 311 47.78 19.36 -35.62
C LYS A 311 47.15 19.05 -34.27
N PRO A 312 46.48 20.02 -33.64
CA PRO A 312 45.92 19.80 -32.31
C PRO A 312 44.82 18.75 -32.31
N ILE A 313 44.77 17.97 -31.22
CA ILE A 313 43.94 16.79 -31.12
C ILE A 313 42.60 17.16 -30.50
N ILE A 314 41.52 16.63 -31.06
CA ILE A 314 40.19 16.75 -30.48
C ILE A 314 39.74 15.35 -30.07
N PHE A 315 38.81 15.28 -29.13
CA PHE A 315 38.36 14.02 -28.58
C PHE A 315 36.86 13.87 -28.80
N PRO A 316 36.41 13.44 -29.98
CA PRO A 316 34.99 13.17 -30.15
C PRO A 316 34.63 11.77 -29.70
N LEU A 317 33.51 11.63 -29.01
CA LEU A 317 33.12 10.32 -28.49
C LEU A 317 31.62 10.16 -28.57
N GLY A 318 31.20 8.93 -28.89
CA GLY A 318 29.80 8.60 -28.82
C GLY A 318 29.32 8.53 -27.40
N VAL A 319 28.01 8.69 -27.23
CA VAL A 319 27.46 8.82 -25.88
C VAL A 319 27.21 7.45 -25.27
N HIS A 320 26.67 6.53 -26.04
CA HIS A 320 26.44 5.20 -25.50
C HIS A 320 27.65 4.33 -25.79
N THR A 321 28.79 4.71 -25.20
CA THR A 321 30.01 3.93 -25.28
C THR A 321 30.52 3.73 -23.87
N ALA A 322 31.41 2.74 -23.71
CA ALA A 322 32.04 2.52 -22.41
C ALA A 322 33.00 3.64 -22.07
N ASP A 323 33.51 4.32 -23.09
CA ASP A 323 34.26 5.57 -22.96
C ASP A 323 33.50 6.59 -22.12
N ASP A 324 32.34 7.01 -22.61
CA ASP A 324 31.49 7.97 -21.95
C ASP A 324 31.03 7.48 -20.59
N ALA A 325 30.80 6.18 -20.45
CA ALA A 325 30.33 5.64 -19.18
C ALA A 325 31.42 5.70 -18.12
N ASN A 326 32.65 5.37 -18.49
CA ASN A 326 33.77 5.45 -17.54
C ASN A 326 33.99 6.88 -17.10
N ILE A 327 33.88 7.82 -18.06
CA ILE A 327 34.18 9.23 -17.82
C ILE A 327 33.27 9.81 -16.74
N ASP A 328 31.97 9.52 -16.81
CA ASP A 328 31.06 10.00 -15.77
C ASP A 328 31.18 9.18 -14.48
N THR A 329 31.04 7.87 -14.62
CA THR A 329 30.70 7.08 -13.46
C THR A 329 31.89 6.81 -12.56
N SER A 330 33.12 7.10 -13.01
CA SER A 330 34.27 6.85 -12.14
C SER A 330 34.30 7.81 -10.95
N VAL A 331 34.33 9.11 -11.23
CA VAL A 331 34.29 10.10 -10.19
C VAL A 331 32.93 10.12 -9.50
N ARG A 332 31.85 9.73 -10.18
CA ARG A 332 30.59 9.66 -9.45
C ARG A 332 30.56 8.50 -8.46
N GLU A 333 31.27 7.39 -8.78
CA GLU A 333 31.44 6.29 -7.84
C GLU A 333 32.16 6.74 -6.59
N SER A 334 33.26 7.47 -6.77
CA SER A 334 34.01 7.89 -5.59
C SER A 334 33.24 8.93 -4.78
N ALA A 335 32.38 9.71 -5.43
CA ALA A 335 31.55 10.66 -4.68
C ALA A 335 30.49 9.95 -3.85
N ILE A 336 29.88 8.91 -4.40
CA ILE A 336 28.91 8.12 -3.64
C ILE A 336 29.59 7.42 -2.46
N PHE A 337 30.81 6.91 -2.69
CA PHE A 337 31.60 6.33 -1.62
C PHE A 337 31.91 7.33 -0.53
N ALA A 338 32.24 8.57 -0.92
CA ALA A 338 32.55 9.60 0.05
C ALA A 338 31.34 9.96 0.88
N LEU A 339 30.16 10.02 0.26
CA LEU A 339 28.94 10.32 1.02
C LEU A 339 28.60 9.23 2.01
N CYS A 340 28.72 7.97 1.59
CA CYS A 340 28.43 6.86 2.51
C CYS A 340 29.47 6.76 3.61
N GLU A 341 30.71 7.17 3.34
CA GLU A 341 31.71 7.19 4.40
C GLU A 341 31.48 8.35 5.35
N ARG A 342 30.90 9.43 4.85
CA ARG A 342 30.59 10.55 5.73
C ARG A 342 29.45 10.22 6.68
N LEU A 343 28.43 9.53 6.18
CA LEU A 343 27.28 9.22 7.02
C LEU A 343 27.64 8.24 8.14
N GLN A 344 28.33 7.16 7.80
CA GLN A 344 28.79 6.21 8.80
C GLN A 344 30.02 5.48 8.26
N PRO A 345 31.20 5.75 8.79
CA PRO A 345 32.41 5.20 8.20
C PRO A 345 32.57 3.72 8.50
N GLY A 346 33.27 3.03 7.61
CA GLY A 346 33.64 1.66 7.83
C GLY A 346 32.63 0.62 7.40
N ILE A 347 31.48 1.03 6.88
CA ILE A 347 30.45 0.08 6.49
C ILE A 347 30.49 -0.22 5.00
N VAL A 348 30.49 0.81 4.17
CA VAL A 348 30.55 0.61 2.72
C VAL A 348 31.95 0.18 2.32
N GLN A 349 32.04 -0.95 1.64
CA GLN A 349 33.34 -1.47 1.23
C GLN A 349 33.71 -1.04 -0.17
N ASN A 350 32.72 -0.95 -1.06
CA ASN A 350 33.00 -0.72 -2.46
C ASN A 350 31.75 -0.17 -3.11
N VAL A 351 31.94 0.75 -4.05
CA VAL A 351 30.86 1.33 -4.83
C VAL A 351 31.20 1.12 -6.30
N HIS A 352 30.23 0.65 -7.06
CA HIS A 352 30.44 0.42 -8.48
C HIS A 352 29.22 0.87 -9.26
N ILE A 353 29.46 1.65 -10.29
CA ILE A 353 28.41 1.98 -11.26
C ILE A 353 28.79 1.31 -12.57
N PRO A 354 28.15 0.21 -12.95
CA PRO A 354 28.53 -0.47 -14.18
C PRO A 354 28.03 0.28 -15.40
N TYR A 355 28.59 -0.13 -16.55
CA TYR A 355 28.17 0.39 -17.84
C TYR A 355 26.70 0.09 -18.10
N CYS A 356 26.24 -1.06 -17.62
CA CYS A 356 24.88 -1.50 -17.88
C CYS A 356 23.82 -0.65 -17.19
N MET A 357 24.15 0.01 -16.09
CA MET A 357 23.05 0.62 -15.34
C MET A 357 22.61 1.91 -16.00
N THR A 358 23.44 2.96 -15.93
CA THR A 358 23.61 4.09 -16.85
C THR A 358 24.62 5.06 -16.26
N ASP A 359 24.79 6.21 -16.92
CA ASP A 359 25.57 7.30 -16.32
C ASP A 359 24.98 7.76 -15.01
N TRP A 360 23.71 8.15 -15.02
CA TRP A 360 23.08 8.79 -13.87
C TRP A 360 21.92 8.00 -13.29
N GLY A 361 21.73 6.75 -13.68
CA GLY A 361 20.50 6.06 -13.31
C GLY A 361 20.67 5.05 -12.21
N GLY A 362 21.88 4.54 -12.04
CA GLY A 362 22.04 3.45 -11.09
C GLY A 362 23.38 3.45 -10.40
N CYS A 363 23.45 2.67 -9.32
CA CYS A 363 24.71 2.41 -8.63
C CYS A 363 24.54 1.14 -7.82
N ILE A 364 25.66 0.53 -7.48
CA ILE A 364 25.70 -0.64 -6.61
C ILE A 364 26.69 -0.37 -5.49
N ILE A 365 26.24 -0.44 -4.26
CA ILE A 365 27.12 -0.30 -3.10
C ILE A 365 27.23 -1.65 -2.43
N GLN A 366 28.32 -1.86 -1.73
CA GLN A 366 28.60 -3.12 -1.07
C GLN A 366 28.92 -2.84 0.39
N VAL A 367 28.07 -3.31 1.29
CA VAL A 367 28.20 -3.00 2.69
C VAL A 367 28.66 -4.23 3.46
N LYS A 368 29.20 -4.00 4.63
CA LYS A 368 29.62 -5.07 5.53
C LYS A 368 29.25 -4.69 6.95
N LYS A 369 28.33 -5.43 7.54
CA LYS A 369 27.82 -5.16 8.87
C LYS A 369 28.74 -5.81 9.88
N ARG A 370 29.31 -5.00 10.77
CA ARG A 370 30.27 -5.55 11.73
C ARG A 370 29.58 -6.02 13.00
N ASN A 371 28.46 -5.42 13.36
CA ASN A 371 27.72 -5.86 14.53
C ASN A 371 26.25 -5.56 14.32
N GLN A 372 25.46 -5.87 15.34
CA GLN A 372 24.00 -5.76 15.24
C GLN A 372 23.55 -4.32 15.16
N ILE A 373 24.34 -3.40 15.72
CA ILE A 373 23.99 -1.98 15.72
C ILE A 373 24.12 -1.36 14.34
N GLU A 374 24.89 -1.96 13.45
CA GLU A 374 25.02 -1.47 12.10
C GLU A 374 23.98 -2.06 11.16
N GLU A 375 23.08 -2.87 11.67
CA GLU A 375 22.03 -3.41 10.82
C GLU A 375 21.00 -2.33 10.55
N GLY A 376 20.76 -2.06 9.28
CA GLY A 376 19.86 -1.02 8.86
C GLY A 376 20.53 0.16 8.23
N TRP A 377 21.86 0.23 8.29
CA TRP A 377 22.56 1.38 7.72
C TRP A 377 22.53 1.37 6.21
N GLN A 378 22.34 0.20 5.60
CA GLN A 378 22.26 0.14 4.17
C GLN A 378 20.99 0.80 3.64
N ARG A 379 19.94 0.87 4.46
CA ARG A 379 18.74 1.54 4.01
C ARG A 379 18.90 3.06 4.08
N ASN A 380 19.59 3.54 5.11
CA ASN A 380 19.98 4.95 5.16
C ASN A 380 20.85 5.30 3.98
N PHE A 381 21.79 4.41 3.63
CA PHE A 381 22.68 4.67 2.51
C PHE A 381 21.90 4.71 1.19
N LEU A 382 20.96 3.79 1.00
CA LEU A 382 20.18 3.78 -0.23
C LEU A 382 19.29 5.00 -0.36
N ALA A 383 18.65 5.39 0.75
CA ALA A 383 17.80 6.58 0.71
C ALA A 383 18.60 7.85 0.49
N ALA A 384 19.78 7.94 1.11
CA ALA A 384 20.62 9.12 0.95
C ALA A 384 21.20 9.20 -0.46
N ILE A 385 21.55 8.06 -1.04
CA ILE A 385 22.07 8.03 -2.40
C ILE A 385 20.99 8.42 -3.38
N LEU A 386 19.78 7.90 -3.21
CA LEU A 386 18.70 8.21 -4.14
C LEU A 386 18.23 9.64 -3.99
N ALA A 387 18.34 10.21 -2.79
CA ALA A 387 17.92 11.59 -2.61
C ALA A 387 18.98 12.57 -3.10
N CYS A 388 20.24 12.24 -2.91
CA CYS A 388 21.30 13.18 -3.24
C CYS A 388 21.87 12.98 -4.64
N SER A 389 21.12 12.42 -5.58
CA SER A 389 21.66 12.18 -6.91
C SER A 389 20.77 12.69 -8.04
N GLN A 390 19.58 13.19 -7.72
CA GLN A 390 18.63 13.77 -8.68
C GLN A 390 18.28 12.83 -9.82
N GLY A 391 17.50 11.81 -9.53
CA GLY A 391 16.99 10.99 -10.60
C GLY A 391 17.76 9.71 -10.82
N MET A 392 18.55 9.29 -9.85
CA MET A 392 19.02 7.91 -9.86
C MET A 392 17.81 7.01 -9.69
N ARG A 393 17.65 6.06 -10.59
CA ARG A 393 16.44 5.25 -10.61
C ARG A 393 16.58 3.95 -9.84
N LEU A 394 17.79 3.45 -9.64
CA LEU A 394 17.95 2.12 -9.08
C LEU A 394 19.24 2.02 -8.28
N ALA A 395 19.14 1.96 -6.98
CA ALA A 395 20.31 1.74 -6.14
C ALA A 395 20.19 0.39 -5.47
N ILE A 396 21.27 -0.38 -5.49
CA ILE A 396 21.28 -1.75 -5.00
C ILE A 396 22.38 -1.88 -3.96
N ALA A 397 22.03 -2.36 -2.78
CA ALA A 397 23.00 -2.65 -1.73
C ALA A 397 23.17 -4.15 -1.62
N VAL A 398 24.41 -4.62 -1.68
CA VAL A 398 24.71 -6.05 -1.60
C VAL A 398 25.70 -6.27 -0.48
N SER A 399 25.83 -7.52 -0.08
CA SER A 399 26.75 -7.86 0.99
C SER A 399 28.16 -8.08 0.44
N GLU A 400 29.07 -8.46 1.31
CA GLU A 400 30.48 -8.46 0.97
C GLU A 400 30.96 -9.77 0.35
N ASP A 401 30.12 -10.80 0.26
CA ASP A 401 30.49 -12.03 -0.41
C ASP A 401 30.04 -12.06 -1.86
N VAL A 402 29.83 -10.88 -2.45
CA VAL A 402 29.33 -10.74 -3.81
C VAL A 402 30.43 -10.11 -4.65
N ASP A 403 30.55 -10.55 -5.89
CA ASP A 403 31.39 -9.90 -6.87
C ASP A 403 30.60 -8.71 -7.41
N ILE A 404 31.05 -7.50 -7.07
CA ILE A 404 30.29 -6.31 -7.40
C ILE A 404 30.41 -5.95 -8.88
N TYR A 405 31.39 -6.50 -9.58
CA TYR A 405 31.61 -6.17 -10.97
C TYR A 405 30.90 -7.11 -11.93
N SER A 406 30.24 -8.13 -11.44
CA SER A 406 29.53 -9.10 -12.26
C SER A 406 28.04 -8.85 -12.09
N MET A 407 27.36 -8.58 -13.20
CA MET A 407 25.92 -8.33 -13.11
C MET A 407 25.14 -9.61 -12.94
N ASP A 408 25.76 -10.75 -13.26
CA ASP A 408 25.16 -12.03 -12.95
C ASP A 408 25.08 -12.26 -11.45
N ASP A 409 26.11 -11.84 -10.73
CA ASP A 409 26.12 -12.01 -9.29
C ASP A 409 25.12 -11.07 -8.62
N ILE A 410 24.93 -9.89 -9.21
CA ILE A 410 23.92 -8.95 -8.73
C ILE A 410 22.54 -9.51 -8.99
N MET A 411 22.33 -10.15 -10.14
CA MET A 411 21.03 -10.74 -10.43
C MET A 411 20.76 -11.92 -9.53
N TRP A 412 21.81 -12.64 -9.13
CA TRP A 412 21.67 -13.71 -8.16
C TRP A 412 21.24 -13.17 -6.80
N CYS A 413 21.80 -12.03 -6.40
CA CYS A 413 21.39 -11.41 -5.15
C CYS A 413 19.98 -10.88 -5.23
N LEU A 414 19.56 -10.42 -6.42
CA LEU A 414 18.18 -9.98 -6.59
C LEU A 414 17.22 -11.15 -6.52
N THR A 415 17.63 -12.32 -6.99
CA THR A 415 16.75 -13.48 -6.94
C THR A 415 16.65 -14.04 -5.54
N THR A 416 17.77 -14.14 -4.82
CA THR A 416 17.78 -14.93 -3.61
C THR A 416 17.74 -14.11 -2.32
N ARG A 417 18.04 -12.82 -2.36
CA ARG A 417 18.23 -12.08 -1.12
C ARG A 417 17.29 -10.89 -0.96
N VAL A 418 16.27 -10.77 -1.78
CA VAL A 418 15.36 -9.63 -1.72
C VAL A 418 13.99 -10.09 -1.29
N ASN A 419 13.52 -9.59 -0.17
CA ASN A 419 12.12 -9.68 0.20
C ASN A 419 11.35 -8.64 -0.58
N PRO A 420 10.42 -9.01 -1.46
CA PRO A 420 9.74 -8.01 -2.27
C PRO A 420 8.76 -7.14 -1.50
N GLN A 421 8.46 -7.50 -0.25
CA GLN A 421 7.52 -6.70 0.53
C GLN A 421 8.24 -5.65 1.35
N THR A 422 9.47 -5.94 1.80
CA THR A 422 10.18 -5.04 2.68
C THR A 422 11.44 -4.43 2.09
N ASP A 423 12.09 -5.09 1.13
CA ASP A 423 13.42 -4.68 0.71
C ASP A 423 13.43 -3.84 -0.56
N ILE A 424 12.28 -3.33 -0.98
CA ILE A 424 12.21 -2.42 -2.11
C ILE A 424 11.84 -1.05 -1.56
N LEU A 425 12.74 -0.10 -1.70
CA LEU A 425 12.53 1.24 -1.19
C LEU A 425 12.10 2.16 -2.33
N ASN A 426 11.08 2.96 -2.07
CA ASN A 426 10.62 3.98 -3.02
C ASN A 426 10.60 5.29 -2.25
N PRO A 427 11.75 5.93 -2.09
CA PRO A 427 11.87 6.97 -1.06
C PRO A 427 11.20 8.29 -1.41
N LEU A 428 11.34 8.77 -2.63
CA LEU A 428 10.95 10.13 -2.98
C LEU A 428 10.05 10.17 -4.23
N PRO A 429 8.81 9.68 -4.11
CA PRO A 429 7.89 9.78 -5.25
C PRO A 429 7.44 11.22 -5.44
N GLY A 430 7.62 11.72 -6.65
CA GLY A 430 7.30 13.10 -6.94
C GLY A 430 8.45 14.06 -6.79
N GLY A 431 9.67 13.57 -6.62
CA GLY A 431 10.85 14.41 -6.56
C GLY A 431 11.31 14.81 -7.94
N ARG A 432 12.57 15.21 -8.00
CA ARG A 432 13.19 15.58 -9.26
C ARG A 432 13.86 14.37 -9.89
N GLY A 433 13.64 14.22 -11.19
CA GLY A 433 14.26 13.15 -11.93
C GLY A 433 15.07 13.66 -13.09
N GLN A 434 15.49 12.78 -13.98
CA GLN A 434 16.21 13.15 -15.19
C GLN A 434 15.28 12.97 -16.38
N THR A 435 15.08 14.04 -17.14
CA THR A 435 14.07 14.03 -18.19
C THR A 435 14.47 13.15 -19.38
N PHE A 436 15.75 12.78 -19.46
CA PHE A 436 16.19 11.98 -20.59
C PHE A 436 15.87 10.50 -20.44
N MET A 437 15.28 10.09 -19.33
CA MET A 437 14.75 8.74 -19.21
C MET A 437 13.32 8.72 -19.74
N PRO A 438 13.01 7.87 -20.73
CA PRO A 438 11.66 7.87 -21.30
C PRO A 438 10.60 7.27 -20.37
N ALA A 439 11.03 6.65 -19.28
CA ALA A 439 10.10 6.27 -18.23
C ALA A 439 9.50 7.51 -17.56
N GLU A 440 10.18 8.66 -17.66
CA GLU A 440 9.58 9.91 -17.22
C GLU A 440 8.80 10.59 -18.34
N ARG A 441 9.05 10.21 -19.60
CA ARG A 441 8.15 10.59 -20.67
C ARG A 441 6.79 9.94 -20.51
N MET A 442 6.78 8.72 -19.96
CA MET A 442 5.50 8.05 -19.70
C MET A 442 4.67 8.77 -18.63
N THR A 443 5.32 9.60 -17.81
CA THR A 443 4.60 10.36 -16.80
C THR A 443 4.26 11.77 -17.24
N SER A 444 4.83 12.26 -18.34
CA SER A 444 4.49 13.59 -18.84
C SER A 444 3.13 13.59 -19.52
N GLY A 445 2.73 12.45 -20.08
CA GLY A 445 1.44 12.34 -20.73
C GLY A 445 1.46 13.00 -22.10
N ASP A 446 0.38 13.71 -22.43
CA ASP A 446 0.31 14.41 -23.71
C ASP A 446 0.77 15.85 -23.60
N LYS A 447 1.35 16.23 -22.46
CA LYS A 447 2.10 17.48 -22.41
C LYS A 447 3.47 17.30 -23.06
N GLN A 448 4.25 18.38 -23.05
CA GLN A 448 5.56 18.36 -23.69
C GLN A 448 6.55 17.55 -22.86
N TRP A 449 7.35 16.73 -23.53
CA TRP A 449 8.39 15.98 -22.81
C TRP A 449 9.54 16.92 -22.47
N THR A 450 9.35 17.72 -21.43
CA THR A 450 10.40 18.59 -20.90
C THR A 450 10.56 18.27 -19.43
N ALA A 451 11.50 18.95 -18.76
CA ALA A 451 11.70 18.74 -17.33
C ALA A 451 10.62 19.42 -16.51
N SER A 452 9.84 20.31 -17.13
CA SER A 452 8.77 20.98 -16.40
C SER A 452 7.52 20.11 -16.29
N ASN A 453 7.41 19.05 -17.08
CA ASN A 453 6.19 18.27 -17.13
C ASN A 453 6.36 16.84 -16.64
N THR A 454 7.59 16.35 -16.48
CA THR A 454 7.79 14.98 -16.05
C THR A 454 7.47 14.83 -14.56
N GLN A 455 7.12 13.61 -14.17
CA GLN A 455 6.83 13.29 -12.78
C GLN A 455 7.67 12.08 -12.39
N PHE A 456 8.56 12.26 -11.44
CA PHE A 456 9.45 11.17 -11.03
C PHE A 456 8.69 10.13 -10.24
N GLU A 457 8.94 8.86 -10.54
CA GLU A 457 8.27 7.77 -9.87
C GLU A 457 8.88 7.45 -8.51
N GLY A 458 10.07 7.95 -8.23
CA GLY A 458 10.60 7.91 -6.89
C GLY A 458 11.88 7.15 -6.70
N GLY A 459 12.35 6.45 -7.71
CA GLY A 459 13.53 5.65 -7.55
C GLY A 459 13.24 4.32 -6.86
N MET A 460 14.21 3.43 -6.92
CA MET A 460 14.03 2.07 -6.46
C MET A 460 15.28 1.66 -5.69
N GLY A 461 15.17 1.63 -4.37
CA GLY A 461 16.30 1.18 -3.57
C GLY A 461 16.10 -0.25 -3.16
N ILE A 462 17.00 -1.14 -3.60
CA ILE A 462 16.85 -2.56 -3.37
C ILE A 462 17.89 -3.00 -2.36
N ASP A 463 17.42 -3.47 -1.21
CA ASP A 463 18.29 -3.96 -0.14
C ASP A 463 18.44 -5.46 -0.34
N ALA A 464 19.49 -5.86 -1.05
CA ALA A 464 19.79 -7.26 -1.25
C ALA A 464 20.86 -7.77 -0.31
N THR A 465 20.95 -7.21 0.88
CA THR A 465 21.98 -7.62 1.81
C THR A 465 21.51 -8.75 2.70
N VAL A 466 22.46 -9.46 3.27
CA VAL A 466 22.21 -10.50 4.25
C VAL A 466 21.90 -9.83 5.57
N PRO A 467 20.84 -10.22 6.28
CA PRO A 467 20.62 -9.70 7.63
C PRO A 467 21.72 -10.15 8.57
N TYR A 468 22.05 -9.29 9.53
CA TYR A 468 23.12 -9.62 10.47
C TYR A 468 22.70 -10.76 11.37
N GLY A 469 23.63 -11.67 11.63
CA GLY A 469 23.35 -12.84 12.42
C GLY A 469 22.77 -14.00 11.65
N TYR A 470 22.55 -13.83 10.35
CA TYR A 470 22.10 -14.91 9.48
C TYR A 470 23.12 -15.17 8.40
N GLU A 471 24.40 -15.00 8.73
CA GLU A 471 25.45 -15.24 7.76
C GLU A 471 25.68 -16.73 7.56
N SER A 472 25.27 -17.55 8.53
CA SER A 472 25.42 -18.99 8.38
C SER A 472 24.36 -19.54 7.44
N ASP A 473 23.15 -18.97 7.47
CA ASP A 473 22.09 -19.45 6.61
C ASP A 473 22.24 -18.94 5.19
N PHE A 474 22.83 -17.76 5.04
CA PHE A 474 23.08 -17.18 3.74
C PHE A 474 24.52 -17.37 3.30
N HIS A 475 25.14 -18.46 3.71
CA HIS A 475 26.56 -18.67 3.45
C HIS A 475 26.76 -19.18 2.02
N ARG A 476 27.77 -18.64 1.36
CA ARG A 476 27.99 -18.97 -0.03
C ARG A 476 28.91 -20.19 -0.16
N PRO A 477 28.68 -21.05 -1.15
CA PRO A 477 29.01 -22.47 -0.98
C PRO A 477 30.40 -22.88 -1.44
N VAL A 478 31.46 -22.25 -0.94
CA VAL A 478 32.83 -22.39 -1.46
C VAL A 478 33.33 -23.81 -1.65
N TYR A 479 33.72 -24.12 -2.89
CA TYR A 479 34.21 -25.44 -3.28
C TYR A 479 35.72 -25.50 -3.10
N GLY A 480 36.28 -26.66 -3.43
CA GLY A 480 37.71 -26.84 -3.28
C GLY A 480 38.50 -26.55 -4.54
N VAL A 481 38.45 -25.30 -5.02
CA VAL A 481 39.15 -24.95 -6.26
C VAL A 481 40.64 -24.73 -6.07
N ASP A 482 41.12 -24.69 -4.84
CA ASP A 482 42.55 -24.58 -4.56
C ASP A 482 43.09 -25.79 -3.83
N LEU A 483 42.25 -26.79 -3.57
CA LEU A 483 42.69 -28.05 -3.00
C LEU A 483 43.16 -29.03 -4.05
N VAL A 484 42.83 -28.80 -5.31
CA VAL A 484 43.16 -29.70 -6.41
C VAL A 484 43.86 -28.90 -7.50
N LYS A 485 44.87 -29.48 -8.12
CA LYS A 485 45.59 -28.84 -9.19
C LYS A 485 45.28 -29.52 -10.51
N PRO A 486 44.76 -28.80 -11.50
CA PRO A 486 44.45 -29.44 -12.78
C PRO A 486 45.66 -29.82 -13.58
N GLU A 487 46.85 -29.32 -13.22
CA GLU A 487 48.05 -29.64 -13.97
C GLU A 487 48.49 -31.08 -13.74
N ASN A 488 48.04 -31.68 -12.64
CA ASN A 488 48.28 -33.10 -12.43
C ASN A 488 47.44 -33.94 -13.38
N PHE A 489 46.16 -33.61 -13.52
CA PHE A 489 45.24 -34.51 -14.21
C PHE A 489 45.33 -34.36 -15.71
N PHE A 490 45.46 -33.14 -16.21
CA PHE A 490 45.45 -32.89 -17.64
C PHE A 490 46.76 -32.23 -18.06
N ASP A 491 46.99 -32.21 -19.37
CA ASP A 491 48.13 -31.49 -19.92
C ASP A 491 47.78 -30.02 -20.12
N ALA A 492 48.67 -29.30 -20.81
CA ALA A 492 48.41 -27.89 -21.08
C ALA A 492 47.32 -27.73 -22.12
N LYS A 493 47.26 -28.64 -23.10
CA LYS A 493 46.34 -28.47 -24.22
C LYS A 493 44.89 -28.67 -23.80
N ASP A 494 44.63 -29.69 -22.98
CA ASP A 494 43.27 -29.88 -22.46
C ASP A 494 42.88 -28.74 -21.55
N ILE A 495 43.83 -28.22 -20.77
CA ILE A 495 43.53 -27.16 -19.81
C ILE A 495 43.14 -25.87 -20.52
N ASP A 496 43.93 -25.44 -21.52
CA ASP A 496 43.57 -24.18 -22.15
C ASP A 496 42.42 -24.37 -23.14
N LYS A 497 42.22 -25.60 -23.64
CA LYS A 497 41.03 -25.88 -24.43
C LYS A 497 39.76 -25.76 -23.59
N MET A 498 39.81 -26.20 -22.33
CA MET A 498 38.64 -26.04 -21.47
C MET A 498 38.52 -24.62 -20.97
N LYS A 499 39.64 -23.91 -20.82
CA LYS A 499 39.60 -22.56 -20.30
C LYS A 499 39.12 -21.57 -21.36
N SER A 500 39.26 -21.93 -22.64
CA SER A 500 38.87 -21.01 -23.70
C SER A 500 37.36 -20.94 -23.86
N ARG A 501 36.64 -21.90 -23.29
CA ARG A 501 35.19 -21.94 -23.49
C ARG A 501 34.44 -21.22 -22.37
N MET A 502 35.13 -20.92 -21.28
CA MET A 502 34.46 -20.28 -20.15
C MET A 502 34.37 -18.78 -20.35
N ALA A 503 33.24 -18.20 -19.96
CA ALA A 503 33.00 -16.77 -20.12
C ALA A 503 31.94 -16.26 -19.17
N GLY A 504 32.23 -15.19 -18.44
CA GLY A 504 31.23 -14.53 -17.63
C GLY A 504 31.17 -14.95 -16.18
N TRP A 505 29.99 -15.42 -15.77
CA TRP A 505 29.78 -15.73 -14.37
C TRP A 505 30.53 -16.97 -13.97
N VAL A 506 30.80 -17.87 -14.93
CA VAL A 506 31.64 -19.02 -14.63
C VAL A 506 33.09 -18.57 -14.43
N LEU A 507 33.50 -17.50 -15.08
CA LEU A 507 34.84 -16.95 -14.86
C LEU A 507 34.92 -16.30 -13.49
N SER A 508 33.82 -15.68 -13.05
CA SER A 508 33.80 -15.13 -11.70
C SER A 508 33.75 -16.22 -10.64
N LEU A 509 33.04 -17.31 -10.92
CA LEU A 509 32.82 -18.33 -9.90
C LEU A 509 33.98 -19.29 -9.80
N ALA A 510 34.69 -19.53 -10.90
CA ALA A 510 35.78 -20.51 -10.89
C ALA A 510 36.98 -19.99 -10.08
N ARG A 511 37.30 -18.33 -10.02
CA ARG A 511 38.32 -17.66 -9.17
C ARG A 511 37.97 -17.82 -7.70
N THR A 512 36.70 -17.57 -7.36
CA THR A 512 36.29 -17.56 -5.97
C THR A 512 35.90 -18.93 -5.44
N GLY A 513 35.52 -19.85 -6.29
CA GLY A 513 35.14 -21.18 -5.84
C GLY A 513 33.73 -21.30 -5.34
N ARG A 514 32.91 -20.26 -5.47
CA ARG A 514 31.57 -20.28 -4.91
C ARG A 514 30.51 -20.43 -5.99
N GLU B 1 23.05 -58.20 -25.12
CA GLU B 1 22.86 -57.07 -24.22
C GLU B 1 24.10 -56.20 -24.10
N ARG B 2 24.58 -55.69 -25.25
CA ARG B 2 25.78 -54.86 -25.21
C ARG B 2 25.64 -53.63 -26.11
N VAL B 3 24.44 -53.34 -26.58
CA VAL B 3 24.20 -52.13 -27.37
C VAL B 3 23.05 -51.32 -26.78
N GLY B 4 23.20 -50.00 -26.79
CA GLY B 4 22.29 -49.07 -26.13
C GLY B 4 21.82 -47.90 -26.97
N GLU B 5 21.47 -48.11 -28.24
CA GLU B 5 21.83 -47.32 -29.45
C GLU B 5 22.07 -45.84 -29.15
N LYS B 6 21.20 -45.14 -28.43
CA LYS B 6 21.52 -43.78 -28.01
C LYS B 6 21.64 -43.73 -26.49
N ASP B 7 22.86 -43.71 -25.99
CA ASP B 7 23.11 -43.77 -24.56
C ASP B 7 24.36 -42.96 -24.25
N LEU B 8 24.89 -43.17 -23.05
CA LEU B 8 26.01 -42.36 -22.58
C LEU B 8 27.30 -42.72 -23.32
N ARG B 9 27.48 -44.00 -23.67
CA ARG B 9 28.69 -44.41 -24.35
C ARG B 9 28.74 -43.89 -25.78
N ALA B 10 27.60 -43.91 -26.48
CA ALA B 10 27.56 -43.35 -27.82
C ALA B 10 27.75 -41.84 -27.79
N ALA B 11 27.25 -41.19 -26.74
CA ALA B 11 27.48 -39.76 -26.58
C ALA B 11 28.95 -39.47 -26.32
N LEU B 12 29.62 -40.34 -25.56
CA LEU B 12 31.06 -40.18 -25.33
C LEU B 12 31.83 -40.38 -26.62
N GLU B 13 31.39 -41.32 -27.46
CA GLU B 13 32.06 -41.53 -28.74
C GLU B 13 31.87 -40.33 -29.66
N TRP B 14 30.69 -39.73 -29.65
CA TRP B 14 30.45 -38.54 -30.45
C TRP B 14 31.25 -37.35 -29.93
N PHE B 15 31.38 -37.24 -28.60
CA PHE B 15 32.19 -36.18 -28.01
C PHE B 15 33.65 -36.35 -28.35
N ARG B 16 34.13 -37.60 -28.39
CA ARG B 16 35.52 -37.84 -28.75
C ARG B 16 35.74 -37.59 -30.24
N SER B 17 34.73 -37.85 -31.06
CA SER B 17 34.85 -37.60 -32.49
C SER B 17 34.86 -36.10 -32.79
N LYS B 18 34.08 -35.33 -32.02
CA LYS B 18 34.04 -33.89 -32.25
C LYS B 18 35.22 -33.18 -31.62
N GLY B 19 35.98 -33.87 -30.78
CA GLY B 19 37.09 -33.28 -30.09
C GLY B 19 36.75 -32.58 -28.80
N TYR B 20 35.55 -32.79 -28.27
CA TYR B 20 35.08 -32.11 -27.07
C TYR B 20 35.40 -32.89 -25.80
N LEU B 21 35.95 -34.09 -25.91
CA LEU B 21 36.12 -34.95 -24.76
C LEU B 21 37.51 -34.75 -24.18
N VAL B 22 37.55 -34.50 -22.87
CA VAL B 22 38.80 -34.38 -22.12
C VAL B 22 38.88 -35.57 -21.20
N GLU B 23 39.88 -36.43 -21.41
CA GLU B 23 39.95 -37.69 -20.70
C GLU B 23 41.33 -37.82 -20.07
N THR B 24 41.34 -38.27 -18.82
CA THR B 24 42.58 -38.50 -18.11
C THR B 24 42.60 -39.92 -17.58
N ASN B 25 43.76 -40.33 -17.10
CA ASN B 25 43.96 -41.68 -16.58
C ASN B 25 44.46 -41.68 -15.15
N LYS B 26 44.54 -40.52 -14.52
CA LYS B 26 45.06 -40.43 -13.17
C LYS B 26 43.94 -40.58 -12.16
N GLU B 27 44.31 -41.16 -11.02
CA GLU B 27 43.36 -41.61 -10.02
C GLU B 27 42.80 -40.43 -9.22
N VAL B 28 41.50 -40.19 -9.35
CA VAL B 28 40.87 -39.01 -8.77
C VAL B 28 40.07 -39.41 -7.54
N ASN B 29 40.13 -38.59 -6.50
CA ASN B 29 39.35 -38.84 -5.31
C ASN B 29 37.92 -38.37 -5.53
N PRO B 30 36.92 -39.15 -5.13
CA PRO B 30 35.56 -38.62 -5.01
C PRO B 30 35.42 -37.60 -3.91
N ASP B 31 36.35 -37.58 -2.96
CA ASP B 31 36.38 -36.61 -1.87
C ASP B 31 37.12 -35.37 -2.35
N LEU B 32 36.35 -34.32 -2.68
CA LEU B 32 36.83 -32.94 -2.89
C LEU B 32 37.79 -32.82 -4.07
N GLU B 33 37.63 -33.66 -5.07
CA GLU B 33 38.46 -33.49 -6.25
C GLU B 33 37.64 -33.45 -7.52
N ILE B 34 36.56 -34.23 -7.57
CA ILE B 34 35.71 -34.24 -8.76
C ILE B 34 34.93 -32.94 -8.85
N THR B 35 34.29 -32.55 -7.75
CA THR B 35 33.54 -31.30 -7.75
C THR B 35 34.46 -30.09 -7.80
N GLY B 36 35.66 -30.21 -7.23
CA GLY B 36 36.63 -29.14 -7.34
C GLY B 36 37.11 -28.93 -8.76
N LEU B 37 37.41 -30.02 -9.47
CA LEU B 37 37.82 -29.93 -10.86
C LEU B 37 36.65 -29.51 -11.74
N GLN B 38 35.42 -29.81 -11.33
CA GLN B 38 34.27 -29.35 -12.08
C GLN B 38 34.05 -27.86 -11.91
N LYS B 39 34.33 -27.33 -10.71
CA LYS B 39 34.13 -25.90 -10.49
C LYS B 39 35.28 -25.08 -11.06
N ILE B 40 36.48 -25.67 -11.12
CA ILE B 40 37.62 -25.00 -11.77
C ILE B 40 37.34 -24.77 -13.25
N PHE B 41 36.68 -25.72 -13.90
CA PHE B 41 36.34 -25.65 -15.31
C PHE B 41 34.84 -25.57 -15.50
N ASP B 42 34.17 -24.73 -14.72
CA ASP B 42 32.71 -24.62 -14.74
C ASP B 42 32.20 -24.10 -16.06
N GLY B 43 31.21 -24.79 -16.62
CA GLY B 43 30.67 -24.39 -17.90
C GLY B 43 31.58 -24.67 -19.07
N SER B 44 32.15 -25.87 -19.13
CA SER B 44 33.11 -26.21 -20.17
C SER B 44 32.93 -27.64 -20.63
N LEU B 45 33.96 -28.18 -21.29
CA LEU B 45 33.91 -29.49 -21.94
C LEU B 45 33.70 -30.63 -20.93
N PRO B 46 33.18 -31.77 -21.40
CA PRO B 46 33.07 -32.93 -20.51
C PRO B 46 34.41 -33.49 -20.12
N MET B 47 34.50 -33.93 -18.86
CA MET B 47 35.70 -34.54 -18.31
C MET B 47 35.42 -35.99 -17.96
N LEU B 48 36.24 -36.90 -18.48
CA LEU B 48 36.09 -38.32 -18.22
C LEU B 48 37.26 -38.81 -17.39
N PHE B 49 36.96 -39.36 -16.22
CA PHE B 49 37.96 -39.91 -15.31
C PHE B 49 37.91 -41.42 -15.40
N ASN B 50 39.00 -42.02 -15.88
CA ASN B 50 39.02 -43.47 -16.05
C ASN B 50 39.24 -44.19 -14.74
N ASN B 51 40.04 -43.63 -13.85
CA ASN B 51 40.37 -44.26 -12.58
C ASN B 51 39.81 -43.43 -11.44
N VAL B 52 38.95 -44.05 -10.63
CA VAL B 52 38.32 -43.39 -9.49
C VAL B 52 38.85 -44.08 -8.23
N LYS B 53 39.12 -43.27 -7.20
CA LYS B 53 39.66 -43.77 -5.95
C LYS B 53 38.66 -44.68 -5.24
N ASP B 54 39.12 -45.88 -4.90
CA ASP B 54 38.37 -46.96 -4.24
C ASP B 54 37.19 -47.47 -5.07
N MET B 55 37.13 -47.15 -6.35
CA MET B 55 36.11 -47.65 -7.25
C MET B 55 36.85 -48.22 -8.45
N PRO B 56 37.37 -49.44 -8.34
CA PRO B 56 38.20 -49.99 -9.43
C PRO B 56 37.40 -50.43 -10.64
N HIS B 57 36.08 -50.46 -10.54
CA HIS B 57 35.21 -50.91 -11.62
C HIS B 57 34.44 -49.78 -12.26
N ALA B 58 34.68 -48.53 -11.86
CA ALA B 58 33.82 -47.43 -12.27
C ALA B 58 34.65 -46.33 -12.93
N ARG B 59 34.09 -45.76 -13.99
CA ARG B 59 34.55 -44.51 -14.55
C ARG B 59 33.61 -43.40 -14.12
N ALA B 60 34.06 -42.17 -14.32
CA ALA B 60 33.26 -41.03 -13.91
C ALA B 60 33.34 -39.93 -14.95
N ILE B 61 32.18 -39.44 -15.35
CA ILE B 61 32.06 -38.34 -16.29
C ILE B 61 31.53 -37.14 -15.52
N THR B 62 31.94 -35.94 -15.92
CA THR B 62 31.43 -34.72 -15.31
C THR B 62 31.53 -33.59 -16.32
N ASN B 63 30.79 -32.51 -16.03
CA ASN B 63 30.59 -31.37 -16.93
C ASN B 63 30.05 -31.81 -18.30
N LEU B 64 29.15 -32.80 -18.26
CA LEU B 64 28.59 -33.32 -19.50
C LEU B 64 27.65 -32.32 -20.16
N PHE B 65 26.82 -31.65 -19.35
CA PHE B 65 25.93 -30.60 -19.83
C PHE B 65 26.45 -29.22 -19.45
N GLY B 66 27.76 -29.08 -19.23
CA GLY B 66 28.30 -27.83 -18.74
C GLY B 66 28.28 -26.73 -19.79
N ASP B 67 28.73 -27.05 -21.00
CA ASP B 67 28.63 -26.13 -22.12
C ASP B 67 27.33 -26.42 -22.84
N ILE B 68 26.46 -25.43 -22.95
CA ILE B 68 25.17 -25.66 -23.58
C ILE B 68 25.32 -25.75 -25.10
N ARG B 69 26.44 -25.25 -25.63
CA ARG B 69 26.66 -25.30 -27.07
C ARG B 69 26.95 -26.72 -27.53
N VAL B 70 27.70 -27.48 -26.73
CA VAL B 70 27.97 -28.86 -27.14
C VAL B 70 26.75 -29.74 -26.90
N VAL B 71 25.86 -29.35 -25.98
CA VAL B 71 24.61 -30.07 -25.80
C VAL B 71 23.68 -29.84 -26.98
N GLU B 72 23.60 -28.58 -27.44
CA GLU B 72 22.80 -28.26 -28.60
C GLU B 72 23.38 -28.87 -29.87
N GLU B 73 24.70 -29.06 -29.91
CA GLU B 73 25.29 -29.76 -31.04
C GLU B 73 25.02 -31.26 -30.95
N LEU B 74 24.92 -31.79 -29.72
CA LEU B 74 24.63 -33.21 -29.55
C LEU B 74 23.21 -33.54 -29.99
N PHE B 75 22.25 -32.72 -29.57
CA PHE B 75 20.87 -33.01 -29.92
C PHE B 75 20.43 -32.38 -31.23
N GLY B 76 21.33 -31.70 -31.94
CA GLY B 76 20.99 -31.22 -33.26
C GLY B 76 20.22 -29.92 -33.29
N TRP B 77 20.55 -28.97 -32.44
CA TRP B 77 19.92 -27.68 -32.41
C TRP B 77 20.95 -26.61 -32.75
N GLU B 78 20.52 -25.57 -33.46
CA GLU B 78 21.45 -24.52 -33.86
C GLU B 78 21.73 -23.56 -32.70
N ASN B 79 20.69 -23.01 -32.10
CA ASN B 79 20.89 -22.08 -31.00
C ASN B 79 19.89 -22.39 -29.89
N SER B 80 19.88 -21.56 -28.86
CA SER B 80 19.05 -21.84 -27.70
C SER B 80 17.58 -21.61 -28.00
N LEU B 81 17.28 -20.69 -28.90
CA LEU B 81 15.89 -20.44 -29.26
C LEU B 81 15.29 -21.61 -30.01
N ASP B 82 16.06 -22.18 -30.94
CA ASP B 82 15.64 -23.39 -31.64
C ASP B 82 15.49 -24.54 -30.67
N ARG B 83 16.36 -24.62 -29.66
CA ARG B 83 16.25 -25.66 -28.64
C ARG B 83 14.96 -25.51 -27.85
N VAL B 84 14.61 -24.27 -27.47
CA VAL B 84 13.41 -24.04 -26.67
C VAL B 84 12.15 -24.40 -27.47
N LYS B 85 12.12 -24.01 -28.74
CA LYS B 85 10.96 -24.30 -29.56
C LYS B 85 10.84 -25.78 -29.90
N LYS B 86 11.97 -26.44 -30.17
CA LYS B 86 11.94 -27.86 -30.50
C LYS B 86 11.57 -28.70 -29.29
N VAL B 87 12.03 -28.32 -28.09
CA VAL B 87 11.69 -29.10 -26.91
C VAL B 87 10.25 -28.83 -26.50
N ALA B 88 9.71 -27.64 -26.78
CA ALA B 88 8.29 -27.42 -26.58
C ALA B 88 7.44 -28.29 -27.50
N ARG B 89 7.86 -28.39 -28.76
CA ARG B 89 7.19 -29.29 -29.70
C ARG B 89 7.31 -30.74 -29.27
N ALA B 90 8.46 -31.12 -28.71
CA ALA B 90 8.65 -32.49 -28.24
C ALA B 90 7.84 -32.77 -26.99
N ILE B 91 7.58 -31.73 -26.19
CA ILE B 91 6.68 -31.88 -25.05
C ILE B 91 5.27 -32.15 -25.53
N ASP B 92 4.84 -31.45 -26.57
CA ASP B 92 3.48 -31.71 -27.05
C ASP B 92 3.36 -32.95 -27.94
N HIS B 93 4.45 -33.67 -28.20
CA HIS B 93 4.42 -34.87 -29.03
C HIS B 93 5.41 -35.90 -28.50
N PRO B 94 5.02 -36.68 -27.49
CA PRO B 94 5.94 -37.68 -26.96
C PRO B 94 5.96 -38.95 -27.81
N LEU B 95 7.08 -39.65 -27.74
CA LEU B 95 7.25 -40.96 -28.38
C LEU B 95 7.14 -42.02 -27.30
N LYS B 96 6.18 -42.93 -27.45
CA LYS B 96 5.90 -43.93 -26.43
C LYS B 96 7.08 -44.89 -26.28
N PRO B 97 7.57 -45.12 -25.06
CA PRO B 97 8.77 -45.95 -24.89
C PRO B 97 8.51 -47.41 -25.17
N VAL B 98 9.53 -48.09 -25.68
CA VAL B 98 9.45 -49.50 -26.05
C VAL B 98 9.95 -50.35 -24.90
N ILE B 99 9.41 -51.55 -24.77
CA ILE B 99 9.81 -52.49 -23.74
C ILE B 99 10.54 -53.65 -24.41
N ILE B 100 11.78 -53.87 -24.01
CA ILE B 100 12.58 -54.96 -24.57
C ILE B 100 12.73 -56.04 -23.52
N GLY B 101 13.24 -57.19 -23.96
CA GLY B 101 13.35 -58.34 -23.08
C GLY B 101 14.47 -58.17 -22.07
N GLN B 102 14.49 -59.08 -21.10
CA GLN B 102 15.44 -59.00 -19.99
C GLN B 102 16.83 -59.51 -20.35
N ASP B 103 17.01 -59.92 -21.61
CA ASP B 103 18.30 -60.43 -22.06
C ASP B 103 18.98 -59.57 -23.10
N GLU B 104 18.34 -58.49 -23.58
CA GLU B 104 19.04 -57.53 -24.40
C GLU B 104 19.28 -56.21 -23.71
N ALA B 105 18.83 -56.05 -22.48
CA ALA B 105 19.09 -54.83 -21.75
C ALA B 105 20.53 -54.85 -21.22
N PRO B 106 21.36 -53.88 -21.62
CA PRO B 106 22.75 -53.87 -21.15
C PRO B 106 22.92 -53.58 -19.68
N VAL B 107 21.90 -53.02 -19.01
CA VAL B 107 22.01 -52.72 -17.60
C VAL B 107 21.75 -53.94 -16.74
N GLN B 108 21.34 -55.06 -17.35
CA GLN B 108 21.08 -56.29 -16.61
C GLN B 108 22.07 -57.38 -16.94
N GLU B 109 23.31 -57.02 -17.25
CA GLU B 109 24.34 -58.03 -17.43
C GLU B 109 24.72 -58.66 -16.09
N GLU B 110 24.94 -57.83 -15.08
CA GLU B 110 25.22 -58.30 -13.73
C GLU B 110 24.06 -57.93 -12.83
N VAL B 111 23.46 -58.94 -12.18
CA VAL B 111 22.33 -58.70 -11.30
C VAL B 111 22.71 -59.14 -9.89
N LEU B 112 22.99 -58.17 -9.03
CA LEU B 112 23.31 -58.49 -7.64
C LEU B 112 22.05 -58.46 -6.79
N THR B 113 21.71 -59.61 -6.20
CA THR B 113 20.56 -59.70 -5.34
C THR B 113 20.91 -59.90 -3.88
N THR B 114 22.14 -60.28 -3.56
CA THR B 114 22.66 -60.27 -2.21
C THR B 114 23.77 -59.24 -2.13
N ASP B 115 24.43 -59.21 -0.97
CA ASP B 115 25.56 -58.32 -0.61
C ASP B 115 25.36 -56.87 -1.05
N LEU B 116 24.14 -56.38 -0.82
CA LEU B 116 23.77 -55.06 -1.32
C LEU B 116 24.40 -53.98 -0.45
N ASP B 117 25.62 -53.59 -0.81
CA ASP B 117 26.25 -52.40 -0.24
C ASP B 117 26.35 -51.42 -1.40
N VAL B 118 25.50 -50.39 -1.36
CA VAL B 118 25.40 -49.43 -2.45
C VAL B 118 26.65 -48.56 -2.53
N ASN B 119 27.27 -48.27 -1.38
CA ASN B 119 28.44 -47.42 -1.38
C ASN B 119 29.67 -48.13 -1.89
N LYS B 120 29.62 -49.47 -1.97
CA LYS B 120 30.73 -50.22 -2.56
C LYS B 120 30.76 -50.12 -4.06
N TRP B 121 29.61 -50.09 -4.73
CA TRP B 121 29.53 -50.04 -6.18
C TRP B 121 29.34 -48.63 -6.73
N LEU B 122 28.43 -47.86 -6.13
CA LEU B 122 28.16 -46.52 -6.62
C LEU B 122 29.06 -45.51 -5.94
N THR B 123 29.54 -44.55 -6.72
CA THR B 123 30.47 -43.55 -6.24
C THR B 123 29.73 -42.43 -5.53
N ALA B 124 29.93 -42.34 -4.22
CA ALA B 124 29.45 -41.21 -3.44
C ALA B 124 30.55 -40.17 -3.36
N ILE B 125 30.17 -38.90 -3.44
CA ILE B 125 31.13 -37.81 -3.48
C ILE B 125 30.87 -36.87 -2.30
N ARG B 126 31.89 -36.07 -1.99
CA ARG B 126 31.74 -34.91 -1.13
C ARG B 126 32.08 -33.67 -1.92
N HIS B 127 31.27 -32.62 -1.75
CA HIS B 127 31.42 -31.44 -2.59
C HIS B 127 32.38 -30.44 -1.96
N THR B 128 32.12 -30.04 -0.72
CA THR B 128 32.88 -29.04 0.01
C THR B 128 33.49 -29.66 1.24
N PRO B 129 34.59 -29.10 1.76
CA PRO B 129 35.17 -29.63 3.01
C PRO B 129 34.33 -29.40 4.25
N LEU B 130 33.26 -28.61 4.18
CA LEU B 130 32.38 -28.38 5.32
C LEU B 130 31.46 -29.56 5.61
N GLU B 131 31.39 -30.54 4.73
CA GLU B 131 30.46 -31.65 4.90
C GLU B 131 31.09 -32.77 5.70
N THR B 132 30.24 -33.70 6.12
CA THR B 132 30.66 -34.89 6.84
C THR B 132 30.28 -36.19 6.14
N GLU B 133 29.25 -36.17 5.31
CA GLU B 133 28.73 -37.38 4.67
C GLU B 133 29.06 -37.36 3.18
N MET B 134 29.43 -38.52 2.67
CA MET B 134 29.58 -38.72 1.23
C MET B 134 28.27 -39.29 0.69
N THR B 135 27.63 -38.54 -0.19
CA THR B 135 26.29 -38.86 -0.65
C THR B 135 26.30 -39.22 -2.12
N ILE B 136 25.24 -39.92 -2.52
CA ILE B 136 25.05 -40.33 -3.90
C ILE B 136 24.09 -39.35 -4.54
N GLY B 137 24.60 -38.58 -5.49
CA GLY B 137 23.77 -37.61 -6.17
C GLY B 137 23.79 -37.75 -7.67
N SER B 138 23.81 -38.99 -8.15
CA SER B 138 23.99 -39.25 -9.56
C SER B 138 22.80 -39.91 -10.22
N GLY B 139 21.83 -40.39 -9.45
CA GLY B 139 20.77 -41.22 -9.98
C GLY B 139 19.48 -40.45 -10.19
N ILE B 140 18.71 -40.90 -11.17
CA ILE B 140 17.39 -40.37 -11.43
C ILE B 140 16.38 -41.42 -11.03
N SER B 141 15.26 -40.98 -10.46
CA SER B 141 14.19 -41.91 -10.16
C SER B 141 13.45 -42.26 -11.44
N CYS B 142 12.75 -43.39 -11.40
CA CYS B 142 12.04 -43.86 -12.58
C CYS B 142 10.78 -44.56 -12.14
N VAL B 143 9.65 -43.86 -12.20
CA VAL B 143 8.35 -44.40 -11.84
C VAL B 143 7.52 -44.50 -13.11
N VAL B 144 7.23 -45.72 -13.53
CA VAL B 144 6.53 -45.97 -14.78
C VAL B 144 5.31 -46.83 -14.48
N GLY B 145 4.13 -46.38 -14.87
CA GLY B 145 2.97 -47.23 -14.85
C GLY B 145 1.91 -46.80 -13.87
N PRO B 146 1.47 -47.74 -13.03
CA PRO B 146 0.27 -47.49 -12.19
C PRO B 146 0.49 -46.47 -11.10
N TYR B 147 1.73 -46.30 -10.65
CA TYR B 147 1.99 -45.33 -9.60
C TYR B 147 2.09 -43.92 -10.15
N PHE B 148 2.20 -43.78 -11.47
CA PHE B 148 2.21 -42.48 -12.11
C PHE B 148 1.11 -42.37 -13.16
N ASP B 149 -0.05 -42.99 -12.86
CA ASP B 149 -1.29 -42.84 -13.63
C ASP B 149 -1.14 -43.28 -15.08
N GLY B 150 -0.34 -44.32 -15.30
CA GLY B 150 -0.08 -44.78 -16.64
C GLY B 150 0.90 -43.95 -17.43
N GLY B 151 1.56 -42.98 -16.79
CA GLY B 151 2.57 -42.20 -17.47
C GLY B 151 3.95 -42.63 -17.04
N SER B 152 4.89 -41.69 -17.00
CA SER B 152 6.24 -42.00 -16.56
C SER B 152 6.88 -40.74 -16.01
N HIS B 153 7.75 -40.93 -15.02
CA HIS B 153 8.46 -39.84 -14.39
C HIS B 153 9.93 -40.18 -14.30
N ILE B 154 10.79 -39.22 -14.65
CA ILE B 154 12.21 -39.29 -14.39
C ILE B 154 12.64 -38.01 -13.72
N GLY B 155 13.48 -38.13 -12.70
CA GLY B 155 13.92 -36.97 -11.97
C GLY B 155 14.93 -37.35 -10.91
N TYR B 156 15.81 -36.41 -10.61
CA TYR B 156 16.91 -36.64 -9.68
C TYR B 156 16.43 -36.65 -8.25
N ASN B 157 17.05 -37.50 -7.43
CA ASN B 157 16.82 -37.52 -6.00
C ASN B 157 18.15 -37.86 -5.33
N ARG B 158 18.56 -37.05 -4.37
CA ARG B 158 19.80 -37.33 -3.66
C ARG B 158 19.54 -38.40 -2.61
N MET B 159 20.55 -39.24 -2.39
CA MET B 159 20.43 -40.38 -1.50
C MET B 159 21.70 -40.51 -0.67
N ASN B 160 21.53 -40.83 0.61
CA ASN B 160 22.66 -41.06 1.50
C ASN B 160 22.47 -42.43 2.12
N PHE B 161 23.22 -43.42 1.64
CA PHE B 161 23.07 -44.78 2.11
C PHE B 161 24.00 -44.98 3.31
N ARG B 162 23.47 -44.69 4.49
CA ARG B 162 24.19 -44.88 5.73
C ARG B 162 23.66 -46.05 6.55
N TRP B 163 22.96 -46.99 5.92
CA TRP B 163 22.52 -48.22 6.58
C TRP B 163 22.72 -49.42 5.67
N GLY B 164 23.74 -49.39 4.82
CA GLY B 164 24.06 -50.51 3.97
C GLY B 164 23.25 -50.55 2.68
N ASN B 165 21.99 -50.95 2.77
CA ASN B 165 21.13 -51.05 1.60
C ASN B 165 19.89 -50.20 1.79
N VAL B 166 19.87 -49.42 2.86
CA VAL B 166 18.79 -48.48 3.14
C VAL B 166 19.39 -47.09 3.16
N GLY B 167 18.82 -46.17 2.38
CA GLY B 167 19.30 -44.81 2.36
C GLY B 167 18.15 -43.84 2.32
N THR B 168 18.44 -42.59 2.65
CA THR B 168 17.43 -41.56 2.57
C THR B 168 17.13 -41.22 1.13
N PHE B 169 16.06 -40.48 0.92
CA PHE B 169 15.53 -40.23 -0.41
C PHE B 169 14.87 -38.87 -0.38
N GLN B 170 15.59 -37.85 -0.82
CA GLN B 170 15.12 -36.48 -0.64
C GLN B 170 14.11 -36.13 -1.72
N ILE B 171 12.93 -35.70 -1.31
CA ILE B 171 11.83 -35.38 -2.20
C ILE B 171 11.48 -33.91 -2.00
N SER B 172 11.50 -33.14 -3.08
CA SER B 172 11.00 -31.78 -3.01
C SER B 172 9.49 -31.82 -2.82
N PRO B 173 8.94 -31.08 -1.87
CA PRO B 173 7.49 -31.00 -1.73
C PRO B 173 6.87 -30.29 -2.92
N GLY B 174 5.86 -30.93 -3.51
CA GLY B 174 5.19 -30.44 -4.69
C GLY B 174 5.55 -31.18 -5.95
N SER B 175 6.66 -31.93 -5.93
CA SER B 175 7.17 -32.57 -7.12
C SER B 175 6.33 -33.80 -7.48
N HIS B 176 6.72 -34.48 -8.56
CA HIS B 176 6.00 -35.68 -8.98
C HIS B 176 6.16 -36.80 -7.97
N MET B 177 7.36 -36.92 -7.40
CA MET B 177 7.56 -37.91 -6.35
C MET B 177 6.79 -37.55 -5.11
N TRP B 178 6.63 -36.25 -4.84
CA TRP B 178 5.80 -35.82 -3.72
C TRP B 178 4.35 -36.14 -3.96
N GLN B 179 3.89 -36.02 -5.20
CA GLN B 179 2.49 -36.32 -5.50
C GLN B 179 2.22 -37.82 -5.44
N VAL B 180 3.19 -38.62 -5.89
CA VAL B 180 3.07 -40.08 -5.77
C VAL B 180 3.10 -40.50 -4.32
N MET B 181 3.98 -39.88 -3.53
CA MET B 181 4.11 -40.21 -2.12
C MET B 181 2.88 -39.75 -1.34
N THR B 182 2.30 -38.61 -1.73
CA THR B 182 1.11 -38.11 -1.05
C THR B 182 -0.10 -38.96 -1.35
N GLU B 183 -0.20 -39.48 -2.57
CA GLU B 183 -1.33 -40.34 -2.89
C GLU B 183 -1.23 -41.68 -2.18
N HIS B 184 -0.02 -42.26 -2.10
CA HIS B 184 0.17 -43.56 -1.47
C HIS B 184 0.84 -43.46 -0.11
N TYR B 185 0.55 -42.41 0.65
CA TYR B 185 1.15 -42.25 1.97
C TYR B 185 0.57 -43.25 2.95
N LYS B 186 -0.74 -43.41 2.94
CA LYS B 186 -1.48 -44.22 3.91
C LYS B 186 -1.66 -45.63 3.38
N ASP B 187 -0.62 -46.21 2.82
CA ASP B 187 -0.70 -47.53 2.23
C ASP B 187 0.25 -48.47 2.97
N ASP B 188 -0.02 -49.77 2.85
CA ASP B 188 0.82 -50.75 3.53
C ASP B 188 1.97 -51.19 2.64
N GLU B 189 1.68 -51.43 1.37
CA GLU B 189 2.74 -51.77 0.43
C GLU B 189 3.56 -50.52 0.09
N PRO B 190 4.88 -50.63 0.09
CA PRO B 190 5.71 -49.48 -0.26
C PRO B 190 5.70 -49.26 -1.77
N ILE B 191 6.10 -48.06 -2.16
CA ILE B 191 6.13 -47.69 -3.57
C ILE B 191 7.35 -48.30 -4.23
N PRO B 192 7.20 -49.10 -5.28
CA PRO B 192 8.37 -49.64 -5.97
C PRO B 192 8.90 -48.68 -7.02
N LEU B 193 10.18 -48.36 -6.96
CA LEU B 193 10.79 -47.51 -7.97
C LEU B 193 12.25 -47.88 -8.11
N THR B 194 12.83 -47.49 -9.23
CA THR B 194 14.22 -47.78 -9.53
C THR B 194 15.00 -46.48 -9.71
N MET B 195 16.22 -46.48 -9.20
CA MET B 195 17.16 -45.39 -9.43
C MET B 195 18.13 -45.80 -10.52
N CYS B 196 18.16 -45.05 -11.61
CA CYS B 196 18.97 -45.38 -12.76
C CYS B 196 20.17 -44.43 -12.85
N PHE B 197 21.31 -44.98 -13.22
CA PHE B 197 22.57 -44.26 -13.22
C PHE B 197 23.25 -44.39 -14.56
N GLY B 198 23.90 -43.31 -15.00
CA GLY B 198 24.54 -43.30 -16.30
C GLY B 198 23.56 -43.41 -17.45
N VAL B 199 22.47 -42.67 -17.38
CA VAL B 199 21.32 -42.81 -18.29
C VAL B 199 21.67 -42.14 -19.61
N PRO B 200 20.89 -42.33 -20.68
CA PRO B 200 21.10 -41.53 -21.88
C PRO B 200 20.92 -40.05 -21.60
N PRO B 201 21.60 -39.19 -22.36
CA PRO B 201 21.57 -37.75 -22.06
C PRO B 201 20.21 -37.09 -22.22
N SER B 202 19.34 -37.67 -23.05
CA SER B 202 17.97 -37.17 -23.15
C SER B 202 17.21 -37.40 -21.86
N CYS B 203 17.47 -38.54 -21.20
CA CYS B 203 16.82 -38.81 -19.94
C CYS B 203 17.33 -37.90 -18.83
N THR B 204 18.62 -37.55 -18.86
CA THR B 204 19.15 -36.55 -17.93
C THR B 204 18.51 -35.19 -18.18
N TYR B 205 18.38 -34.83 -19.46
CA TYR B 205 17.80 -33.57 -19.87
C TYR B 205 16.36 -33.43 -19.38
N VAL B 206 15.55 -34.47 -19.53
CA VAL B 206 14.17 -34.39 -19.09
C VAL B 206 14.07 -34.60 -17.58
N ALA B 207 15.04 -35.29 -16.98
CA ALA B 207 15.04 -35.46 -15.54
C ALA B 207 15.34 -34.16 -14.82
N GLY B 208 15.95 -33.20 -15.52
CA GLY B 208 16.14 -31.89 -14.94
C GLY B 208 14.85 -31.11 -14.70
N ALA B 209 13.78 -31.43 -15.43
CA ALA B 209 12.53 -30.70 -15.35
C ALA B 209 11.91 -30.75 -13.96
N GLY B 210 11.15 -29.74 -13.62
CA GLY B 210 10.53 -29.71 -12.31
C GLY B 210 9.73 -28.45 -12.13
N PHE B 211 8.60 -28.60 -11.44
CA PHE B 211 7.68 -27.51 -11.10
C PHE B 211 7.19 -26.77 -12.34
N ASP B 212 6.69 -27.58 -13.27
CA ASP B 212 6.14 -27.10 -14.52
C ASP B 212 4.89 -27.92 -14.84
N TYR B 213 4.04 -28.10 -13.83
CA TYR B 213 3.03 -29.14 -13.89
C TYR B 213 1.75 -28.67 -14.56
N ALA B 214 1.68 -27.42 -14.99
CA ALA B 214 0.60 -27.05 -15.90
C ALA B 214 0.85 -27.62 -17.29
N ILE B 215 2.10 -27.87 -17.62
CA ILE B 215 2.50 -28.39 -18.92
C ILE B 215 2.81 -29.88 -18.80
N LEU B 216 3.47 -30.26 -17.71
CA LEU B 216 3.82 -31.67 -17.46
C LEU B 216 3.19 -32.12 -16.15
N PRO B 217 1.89 -32.39 -16.14
CA PRO B 217 1.23 -32.78 -14.90
C PRO B 217 1.53 -34.23 -14.54
N LYS B 218 0.97 -34.65 -13.42
CA LYS B 218 1.06 -36.05 -13.01
C LYS B 218 0.28 -36.93 -13.98
N GLY B 219 0.94 -37.95 -14.49
CA GLY B 219 0.38 -38.78 -15.53
C GLY B 219 0.93 -38.50 -16.91
N CYS B 220 1.83 -37.53 -17.05
CA CYS B 220 2.47 -37.29 -18.33
C CYS B 220 3.57 -38.33 -18.57
N ASP B 221 4.19 -38.23 -19.74
CA ASP B 221 5.18 -39.21 -20.16
C ASP B 221 6.52 -38.51 -20.35
N GLU B 222 7.27 -38.43 -19.26
CA GLU B 222 8.57 -37.74 -19.29
C GLU B 222 9.59 -38.55 -20.09
N ILE B 223 9.54 -39.87 -19.99
CA ILE B 223 10.38 -40.70 -20.84
C ILE B 223 9.94 -40.61 -22.29
N GLY B 224 8.65 -40.35 -22.53
CA GLY B 224 8.20 -40.03 -23.87
C GLY B 224 8.80 -38.74 -24.40
N ILE B 225 8.96 -37.75 -23.53
CA ILE B 225 9.56 -36.49 -23.93
C ILE B 225 11.06 -36.68 -24.20
N ALA B 226 11.70 -37.56 -23.44
CA ALA B 226 13.11 -37.87 -23.70
C ALA B 226 13.27 -38.60 -25.03
N GLY B 227 12.35 -39.50 -25.35
CA GLY B 227 12.39 -40.16 -26.63
C GLY B 227 12.11 -39.22 -27.79
N ALA B 228 11.24 -38.25 -27.57
CA ALA B 228 10.98 -37.26 -28.61
C ALA B 228 12.15 -36.32 -28.80
N ILE B 229 12.90 -36.07 -27.73
CA ILE B 229 14.06 -35.18 -27.82
C ILE B 229 15.20 -35.88 -28.56
N GLN B 230 15.47 -37.13 -28.23
CA GLN B 230 16.53 -37.83 -28.95
C GLN B 230 16.08 -38.34 -30.30
N GLY B 231 14.78 -38.36 -30.59
CA GLY B 231 14.31 -38.75 -31.91
C GLY B 231 14.08 -40.22 -32.10
N SER B 232 14.06 -41.00 -31.03
CA SER B 232 13.85 -42.45 -31.08
C SER B 232 13.39 -42.89 -29.70
N PRO B 233 12.57 -43.94 -29.58
CA PRO B 233 12.00 -44.28 -28.26
C PRO B 233 13.04 -44.84 -27.30
N VAL B 234 12.88 -44.49 -26.04
CA VAL B 234 13.78 -44.93 -24.98
C VAL B 234 13.35 -46.32 -24.55
N ARG B 235 14.31 -47.24 -24.51
CA ARG B 235 13.98 -48.64 -24.25
C ARG B 235 13.82 -48.90 -22.76
N LEU B 236 12.79 -49.66 -22.41
CA LEU B 236 12.54 -50.04 -21.03
C LEU B 236 12.70 -51.55 -20.88
N VAL B 237 12.84 -51.99 -19.63
CA VAL B 237 12.96 -53.41 -19.34
C VAL B 237 12.34 -53.67 -17.98
N LYS B 238 11.68 -54.81 -17.84
CA LYS B 238 11.10 -55.22 -16.57
C LYS B 238 12.20 -55.54 -15.58
N CYS B 239 12.00 -55.15 -14.32
CA CYS B 239 12.98 -55.38 -13.27
C CYS B 239 13.09 -56.86 -12.94
N ARG B 240 14.17 -57.21 -12.23
CA ARG B 240 14.36 -58.59 -11.85
C ARG B 240 13.56 -58.96 -10.62
N THR B 241 13.48 -58.06 -9.64
CA THR B 241 12.80 -58.34 -8.38
C THR B 241 11.47 -57.61 -8.25
N ILE B 242 11.49 -56.28 -8.32
CA ILE B 242 10.28 -55.50 -8.08
C ILE B 242 9.43 -55.44 -9.35
N ASP B 243 8.20 -54.96 -9.20
CA ASP B 243 7.27 -54.85 -10.32
C ASP B 243 7.34 -53.43 -10.85
N ALA B 244 8.32 -53.19 -11.72
CA ALA B 244 8.53 -51.86 -12.27
C ALA B 244 9.26 -51.99 -13.60
N TYR B 245 9.70 -50.85 -14.11
CA TYR B 245 10.48 -50.78 -15.33
C TYR B 245 11.63 -49.80 -15.17
N THR B 246 12.77 -50.12 -15.77
CA THR B 246 13.95 -49.29 -15.69
C THR B 246 14.31 -48.81 -17.09
N LEU B 247 15.22 -47.85 -17.15
CA LEU B 247 15.87 -47.54 -18.42
C LEU B 247 16.84 -48.65 -18.75
N ALA B 248 16.67 -49.25 -19.93
CA ALA B 248 17.46 -50.43 -20.26
C ALA B 248 18.90 -50.07 -20.57
N ASP B 249 19.12 -48.90 -21.15
CA ASP B 249 20.44 -48.49 -21.58
C ASP B 249 21.21 -47.71 -20.53
N ALA B 250 20.89 -47.89 -19.26
CA ALA B 250 21.62 -47.21 -18.20
C ALA B 250 22.91 -47.98 -17.88
N GLU B 251 23.64 -47.49 -16.88
CA GLU B 251 24.86 -48.16 -16.47
C GLU B 251 24.69 -48.87 -15.14
N TYR B 252 23.95 -48.27 -14.21
CA TYR B 252 23.59 -48.93 -12.96
C TYR B 252 22.11 -48.70 -12.71
N VAL B 253 21.47 -49.69 -12.10
CA VAL B 253 20.09 -49.57 -11.63
C VAL B 253 19.99 -50.16 -10.23
N LEU B 254 19.47 -49.37 -9.30
CA LEU B 254 19.09 -49.85 -7.98
C LEU B 254 17.60 -50.12 -7.98
N GLU B 255 17.21 -51.35 -7.70
CA GLU B 255 15.80 -51.69 -7.55
C GLU B 255 15.44 -51.77 -6.09
N GLY B 256 14.26 -51.27 -5.75
CA GLY B 256 13.84 -51.32 -4.36
C GLY B 256 12.52 -50.65 -4.14
N TYR B 257 12.24 -50.37 -2.88
CA TYR B 257 10.96 -49.82 -2.45
C TYR B 257 11.18 -48.54 -1.67
N LEU B 258 10.26 -47.59 -1.85
CA LEU B 258 10.26 -46.36 -1.07
C LEU B 258 9.25 -46.49 0.05
N HIS B 259 9.71 -46.29 1.27
CA HIS B 259 8.82 -46.32 2.44
C HIS B 259 8.55 -44.88 2.85
N PRO B 260 7.35 -44.35 2.61
CA PRO B 260 7.10 -42.94 2.91
C PRO B 260 7.04 -42.64 4.39
N ARG B 261 6.43 -43.52 5.18
CA ARG B 261 6.26 -43.27 6.60
C ARG B 261 7.48 -43.65 7.43
N ASP B 262 8.51 -44.22 6.81
CA ASP B 262 9.77 -44.52 7.48
C ASP B 262 10.74 -43.38 7.15
N LYS B 263 10.72 -42.33 7.95
CA LYS B 263 11.57 -41.17 7.72
C LYS B 263 12.76 -41.20 8.66
N ARG B 264 13.94 -40.97 8.09
CA ARG B 264 15.18 -40.98 8.85
C ARG B 264 15.98 -39.74 8.49
N TYR B 265 16.94 -39.40 9.36
CA TYR B 265 17.74 -38.20 9.18
C TYR B 265 18.83 -38.45 8.15
N GLU B 266 19.28 -37.38 7.50
CA GLU B 266 20.21 -37.54 6.39
C GLU B 266 21.65 -37.57 6.87
N THR B 267 21.98 -36.81 7.91
CA THR B 267 23.33 -36.80 8.44
C THR B 267 23.37 -37.48 9.80
N ALA B 268 24.58 -37.54 10.36
CA ALA B 268 24.75 -38.11 11.69
C ALA B 268 24.58 -37.05 12.76
N GLU B 269 24.90 -35.79 12.45
CA GLU B 269 24.79 -34.74 13.46
C GLU B 269 23.35 -34.31 13.66
N SER B 270 22.58 -34.22 12.57
CA SER B 270 21.18 -33.87 12.70
C SER B 270 20.37 -35.01 13.30
N GLU B 271 20.82 -36.25 13.09
CA GLU B 271 20.25 -37.35 13.83
C GLU B 271 20.68 -37.31 15.29
N ALA B 272 21.88 -36.80 15.55
CA ALA B 272 22.42 -36.76 16.91
C ALA B 272 21.64 -35.78 17.78
N ALA B 273 21.32 -34.61 17.24
CA ALA B 273 20.33 -33.76 17.89
C ALA B 273 19.31 -33.28 16.87
N ASP B 274 18.41 -34.19 16.47
CA ASP B 274 16.99 -34.00 16.15
C ASP B 274 16.56 -32.64 15.62
N ILE B 275 17.29 -32.07 14.67
CA ILE B 275 16.98 -30.75 14.14
C ILE B 275 17.10 -30.79 12.63
N GLN B 276 16.01 -30.47 11.95
CA GLN B 276 16.06 -30.33 10.51
C GLN B 276 16.43 -28.90 10.13
N GLY B 277 17.12 -28.77 9.00
CA GLY B 277 17.33 -27.45 8.45
C GLY B 277 18.43 -26.65 9.11
N ARG B 278 19.37 -27.31 9.78
CA ARG B 278 20.42 -26.54 10.41
C ARG B 278 21.82 -26.95 9.99
N PHE B 279 22.09 -28.24 9.87
CA PHE B 279 23.45 -28.74 9.68
C PHE B 279 23.75 -28.94 8.20
N HIS B 280 25.03 -28.77 7.85
CA HIS B 280 25.42 -28.66 6.45
C HIS B 280 25.32 -30.00 5.72
N PHE B 281 24.67 -29.97 4.56
CA PHE B 281 24.43 -31.15 3.76
C PHE B 281 24.60 -30.88 2.26
N HIS B 282 25.80 -30.42 1.82
CA HIS B 282 26.21 -30.31 0.42
C HIS B 282 25.41 -29.31 -0.43
N PRO B 283 26.05 -28.18 -0.79
CA PRO B 283 25.40 -27.01 -1.41
C PRO B 283 24.25 -27.24 -2.38
N GLU B 284 23.29 -26.34 -2.36
CA GLU B 284 22.02 -26.56 -3.03
C GLU B 284 21.85 -25.68 -4.25
N TRP B 285 20.66 -25.79 -4.85
CA TRP B 285 20.39 -25.13 -6.12
C TRP B 285 20.31 -23.63 -5.98
N ALA B 286 19.98 -23.14 -4.79
CA ALA B 286 19.85 -21.71 -4.58
C ALA B 286 21.19 -21.00 -4.65
N GLY B 287 22.28 -21.74 -4.44
CA GLY B 287 23.59 -21.14 -4.45
C GLY B 287 24.07 -20.93 -3.04
N TYR B 288 23.50 -21.67 -2.10
CA TYR B 288 23.91 -21.63 -0.71
C TYR B 288 24.26 -23.04 -0.27
N MET B 289 24.90 -23.13 0.90
CA MET B 289 25.14 -24.42 1.50
C MET B 289 23.83 -25.01 2.00
N GLY B 290 23.59 -26.27 1.62
CA GLY B 290 22.34 -26.92 1.95
C GLY B 290 22.26 -27.35 3.39
N LYS B 291 21.09 -27.87 3.74
CA LYS B 291 20.79 -28.28 5.10
C LYS B 291 20.30 -29.71 5.10
N ALA B 292 20.44 -30.37 6.25
CA ALA B 292 20.05 -31.77 6.39
C ALA B 292 18.66 -31.87 6.98
N TYR B 293 17.88 -32.82 6.47
CA TYR B 293 16.49 -32.99 6.84
C TYR B 293 16.19 -34.46 7.11
N LYS B 294 14.96 -34.71 7.51
CA LYS B 294 14.43 -36.06 7.49
C LYS B 294 13.88 -36.34 6.09
N ALA B 295 13.96 -37.61 5.70
CA ALA B 295 13.57 -37.99 4.35
C ALA B 295 13.09 -39.42 4.40
N PRO B 296 12.18 -39.82 3.51
CA PRO B 296 11.77 -41.22 3.46
C PRO B 296 12.90 -42.11 3.00
N THR B 297 12.79 -43.39 3.31
CA THR B 297 13.88 -44.32 3.06
C THR B 297 13.64 -45.17 1.84
N PHE B 298 14.70 -45.43 1.11
CA PHE B 298 14.69 -46.26 -0.09
C PHE B 298 15.39 -47.57 0.24
N HIS B 299 14.64 -48.67 0.23
CA HIS B 299 15.12 -49.96 0.64
C HIS B 299 15.53 -50.75 -0.58
N VAL B 300 16.82 -50.78 -0.88
CA VAL B 300 17.32 -51.38 -2.10
C VAL B 300 17.23 -52.90 -2.00
N THR B 301 16.59 -53.54 -2.99
CA THR B 301 16.48 -54.98 -3.05
C THR B 301 17.41 -55.63 -4.04
N ALA B 302 17.84 -54.90 -5.08
CA ALA B 302 18.73 -55.48 -6.08
C ALA B 302 19.52 -54.37 -6.75
N ILE B 303 20.79 -54.66 -7.01
CA ILE B 303 21.68 -53.78 -7.77
C ILE B 303 21.97 -54.46 -9.10
N THR B 304 21.51 -53.86 -10.19
CA THR B 304 21.83 -54.36 -11.51
C THR B 304 22.70 -53.34 -12.21
N MET B 305 23.63 -53.82 -13.02
CA MET B 305 24.57 -52.94 -13.69
C MET B 305 25.08 -53.63 -14.94
N ARG B 306 25.95 -52.92 -15.66
CA ARG B 306 26.65 -53.52 -16.78
C ARG B 306 27.78 -54.42 -16.27
N ARG B 307 28.56 -54.95 -17.20
CA ARG B 307 29.71 -55.76 -16.80
C ARG B 307 30.77 -54.86 -16.17
N ARG B 308 31.33 -55.31 -15.05
CA ARG B 308 32.33 -54.52 -14.35
C ARG B 308 33.64 -54.48 -15.13
N GLU B 309 33.84 -55.42 -16.04
CA GLU B 309 35.00 -55.37 -16.92
C GLU B 309 34.83 -54.27 -17.96
N SER B 310 33.59 -53.91 -18.26
CA SER B 310 33.34 -52.83 -19.21
C SER B 310 33.46 -51.46 -18.56
N LYS B 311 33.58 -51.41 -17.23
CA LYS B 311 33.73 -50.21 -16.41
C LYS B 311 32.60 -49.22 -16.63
N PRO B 312 31.41 -49.49 -16.07
CA PRO B 312 30.26 -48.61 -16.31
C PRO B 312 30.45 -47.23 -15.73
N ILE B 313 29.93 -46.23 -16.45
CA ILE B 313 30.18 -44.83 -16.18
C ILE B 313 29.10 -44.29 -15.26
N ILE B 314 29.51 -43.50 -14.27
CA ILE B 314 28.59 -42.77 -13.42
C ILE B 314 28.80 -41.28 -13.69
N PHE B 315 27.79 -40.48 -13.37
CA PHE B 315 27.82 -39.05 -13.66
C PHE B 315 27.64 -38.27 -12.37
N PRO B 316 28.69 -38.06 -11.57
CA PRO B 316 28.55 -37.20 -10.40
C PRO B 316 28.76 -35.75 -10.76
N LEU B 317 27.94 -34.87 -10.21
CA LEU B 317 28.04 -33.46 -10.55
C LEU B 317 27.75 -32.61 -9.32
N GLY B 318 28.49 -31.52 -9.21
CA GLY B 318 28.19 -30.54 -8.19
C GLY B 318 26.92 -29.80 -8.49
N VAL B 319 26.31 -29.23 -7.44
CA VAL B 319 24.98 -28.66 -7.59
C VAL B 319 25.08 -27.23 -8.10
N HIS B 320 26.01 -26.45 -7.58
CA HIS B 320 26.14 -25.08 -8.06
C HIS B 320 27.16 -25.06 -9.19
N THR B 321 26.82 -25.74 -10.28
CA THR B 321 27.62 -25.72 -11.49
C THR B 321 26.70 -25.36 -12.65
N ALA B 322 27.31 -24.95 -13.77
CA ALA B 322 26.53 -24.67 -14.96
C ALA B 322 25.98 -25.94 -15.57
N ASP B 323 26.64 -27.07 -15.29
CA ASP B 323 26.14 -28.41 -15.59
C ASP B 323 24.72 -28.61 -15.05
N ASP B 324 24.60 -28.54 -13.72
CA ASP B 324 23.33 -28.70 -13.03
C ASP B 324 22.32 -27.66 -13.46
N ALA B 325 22.77 -26.44 -13.73
CA ALA B 325 21.85 -25.38 -14.13
C ALA B 325 21.26 -25.63 -15.50
N ASN B 326 22.09 -26.07 -16.45
CA ASN B 326 21.59 -26.38 -17.78
C ASN B 326 20.59 -27.52 -17.73
N ILE B 327 20.90 -28.54 -16.89
CA ILE B 327 20.10 -29.76 -16.82
C ILE B 327 18.66 -29.45 -16.39
N ASP B 328 18.48 -28.60 -15.39
CA ASP B 328 17.13 -28.22 -14.98
C ASP B 328 16.50 -27.21 -15.95
N THR B 329 17.22 -26.11 -16.18
CA THR B 329 16.54 -24.94 -16.68
C THR B 329 16.28 -25.02 -18.18
N SER B 330 16.87 -26.00 -18.88
CA SER B 330 16.61 -26.09 -20.32
C SER B 330 15.17 -26.51 -20.61
N VAL B 331 14.79 -27.67 -20.11
CA VAL B 331 13.42 -28.14 -20.26
C VAL B 331 12.45 -27.28 -19.46
N ARG B 332 12.88 -26.65 -18.37
CA ARG B 332 11.95 -25.74 -17.70
C ARG B 332 11.70 -24.47 -18.51
N GLU B 333 12.70 -24.02 -19.28
CA GLU B 333 12.53 -22.91 -20.21
C GLU B 333 11.49 -23.24 -21.26
N SER B 334 11.60 -24.42 -21.86
CA SER B 334 10.63 -24.77 -22.90
C SER B 334 9.24 -24.99 -22.32
N ALA B 335 9.14 -25.41 -21.06
CA ALA B 335 7.82 -25.55 -20.45
C ALA B 335 7.17 -24.19 -20.18
N ILE B 336 7.97 -23.20 -19.76
CA ILE B 336 7.44 -21.86 -19.55
C ILE B 336 7.02 -21.25 -20.89
N PHE B 337 7.79 -21.50 -21.94
CA PHE B 337 7.43 -21.08 -23.29
C PHE B 337 6.13 -21.71 -23.74
N ALA B 338 5.95 -23.00 -23.44
CA ALA B 338 4.73 -23.69 -23.83
C ALA B 338 3.52 -23.14 -23.12
N LEU B 339 3.66 -22.79 -21.84
CA LEU B 339 2.54 -22.21 -21.10
C LEU B 339 2.15 -20.84 -21.63
N CYS B 340 3.15 -20.01 -21.92
CA CYS B 340 2.85 -18.69 -22.47
C CYS B 340 2.29 -18.76 -23.88
N GLU B 341 2.68 -19.79 -24.65
CA GLU B 341 2.09 -19.96 -25.96
C GLU B 341 0.67 -20.49 -25.86
N ARG B 342 0.38 -21.25 -24.81
CA ARG B 342 -0.98 -21.75 -24.62
C ARG B 342 -1.92 -20.61 -24.24
N LEU B 343 -1.47 -19.71 -23.38
CA LEU B 343 -2.35 -18.63 -22.92
C LEU B 343 -2.68 -17.66 -24.05
N GLN B 344 -1.69 -17.22 -24.80
CA GLN B 344 -1.90 -16.37 -25.95
C GLN B 344 -0.75 -16.53 -26.93
N PRO B 345 -0.98 -17.17 -28.07
CA PRO B 345 0.13 -17.50 -28.97
C PRO B 345 0.65 -16.27 -29.70
N GLY B 346 1.93 -16.34 -30.07
CA GLY B 346 2.53 -15.32 -30.90
C GLY B 346 3.09 -14.12 -30.19
N ILE B 347 2.99 -14.05 -28.87
CA ILE B 347 3.47 -12.89 -28.13
C ILE B 347 4.85 -13.14 -27.55
N VAL B 348 5.04 -14.23 -26.84
CA VAL B 348 6.34 -14.55 -26.25
C VAL B 348 7.28 -15.01 -27.36
N GLN B 349 8.43 -14.35 -27.47
CA GLN B 349 9.40 -14.68 -28.50
C GLN B 349 10.44 -15.65 -28.00
N ASN B 350 10.84 -15.52 -26.75
CA ASN B 350 11.97 -16.28 -26.23
C ASN B 350 11.86 -16.32 -24.72
N VAL B 351 12.25 -17.46 -24.15
CA VAL B 351 12.30 -17.65 -22.72
C VAL B 351 13.70 -18.10 -22.35
N HIS B 352 14.28 -17.48 -21.34
CA HIS B 352 15.63 -17.83 -20.92
C HIS B 352 15.70 -17.85 -19.40
N ILE B 353 16.24 -18.93 -18.86
CA ILE B 353 16.57 -18.98 -17.44
C ILE B 353 18.08 -19.03 -17.35
N PRO B 354 18.75 -17.94 -16.97
CA PRO B 354 20.20 -17.95 -16.91
C PRO B 354 20.70 -18.70 -15.69
N TYR B 355 22.01 -19.00 -15.73
CA TYR B 355 22.68 -19.62 -14.61
C TYR B 355 22.62 -18.73 -13.37
N CYS B 356 22.66 -17.43 -13.58
CA CYS B 356 22.69 -16.48 -12.48
C CYS B 356 21.41 -16.45 -11.67
N MET B 357 20.27 -16.80 -12.25
CA MET B 357 19.04 -16.53 -11.52
C MET B 357 18.82 -17.57 -10.44
N THR B 358 18.50 -18.81 -10.83
CA THR B 358 18.75 -20.11 -10.18
C THR B 358 18.08 -21.20 -10.99
N ASP B 359 18.10 -22.43 -10.45
CA ASP B 359 17.32 -23.51 -11.04
C ASP B 359 15.83 -23.19 -11.03
N TRP B 360 15.29 -22.89 -9.85
CA TRP B 360 13.84 -22.75 -9.69
C TRP B 360 13.41 -21.35 -9.25
N GLY B 361 14.30 -20.36 -9.31
CA GLY B 361 13.98 -19.09 -8.68
C GLY B 361 13.61 -18.00 -9.66
N GLY B 362 14.07 -18.12 -10.90
CA GLY B 362 13.87 -17.02 -11.82
C GLY B 362 13.68 -17.46 -13.24
N CYS B 363 13.20 -16.52 -14.06
CA CYS B 363 13.11 -16.71 -15.50
C CYS B 363 13.02 -15.34 -16.15
N ILE B 364 13.36 -15.29 -17.43
CA ILE B 364 13.23 -14.07 -18.23
C ILE B 364 12.46 -14.43 -19.49
N ILE B 365 11.34 -13.78 -19.73
CA ILE B 365 10.60 -13.95 -20.96
C ILE B 365 10.73 -12.69 -21.79
N GLN B 366 10.57 -12.84 -23.09
CA GLN B 366 10.72 -11.74 -24.02
C GLN B 366 9.48 -11.67 -24.89
N VAL B 367 8.72 -10.59 -24.76
CA VAL B 367 7.45 -10.47 -25.44
C VAL B 367 7.55 -9.45 -26.56
N LYS B 368 6.63 -9.54 -27.50
CA LYS B 368 6.54 -8.60 -28.60
C LYS B 368 5.07 -8.28 -28.84
N LYS B 369 4.68 -7.04 -28.60
CA LYS B 369 3.30 -6.61 -28.73
C LYS B 369 3.06 -6.20 -30.17
N ARG B 370 2.10 -6.86 -30.81
CA ARG B 370 1.85 -6.60 -32.22
C ARG B 370 0.84 -5.47 -32.41
N ASN B 371 -0.08 -5.31 -31.47
CA ASN B 371 -1.03 -4.22 -31.55
C ASN B 371 -1.44 -3.81 -30.14
N GLN B 372 -2.35 -2.85 -30.07
CA GLN B 372 -2.75 -2.26 -28.79
C GLN B 372 -3.53 -3.24 -27.94
N ILE B 373 -4.20 -4.21 -28.57
CA ILE B 373 -4.99 -5.19 -27.83
C ILE B 373 -4.12 -6.18 -27.10
N GLU B 374 -2.87 -6.35 -27.50
CA GLU B 374 -1.95 -7.23 -26.81
C GLU B 374 -1.20 -6.54 -25.69
N GLU B 375 -1.48 -5.27 -25.43
CA GLU B 375 -0.83 -4.59 -24.34
C GLU B 375 -1.43 -5.05 -23.03
N GLY B 376 -0.59 -5.55 -22.15
CA GLY B 376 -1.02 -6.09 -20.88
C GLY B 376 -0.88 -7.58 -20.77
N TRP B 377 -0.57 -8.27 -21.87
CA TRP B 377 -0.47 -9.72 -21.81
C TRP B 377 0.78 -10.17 -21.08
N GLN B 378 1.79 -9.31 -21.00
CA GLN B 378 2.98 -9.67 -20.27
C GLN B 378 2.73 -9.75 -18.77
N ARG B 379 1.72 -9.04 -18.27
CA ARG B 379 1.40 -9.14 -16.86
C ARG B 379 0.65 -10.43 -16.55
N ASN B 380 -0.23 -10.85 -17.46
CA ASN B 380 -0.84 -12.17 -17.37
C ASN B 380 0.21 -13.26 -17.41
N PHE B 381 1.21 -13.09 -18.29
CA PHE B 381 2.26 -14.08 -18.41
C PHE B 381 3.09 -14.15 -17.14
N LEU B 382 3.43 -12.99 -16.56
CA LEU B 382 4.23 -12.99 -15.34
C LEU B 382 3.47 -13.59 -14.17
N ALA B 383 2.18 -13.26 -14.04
CA ALA B 383 1.39 -13.82 -12.95
C ALA B 383 1.18 -15.31 -13.11
N ALA B 384 0.97 -15.77 -14.34
CA ALA B 384 0.77 -17.19 -14.59
C ALA B 384 2.06 -17.98 -14.38
N ILE B 385 3.20 -17.40 -14.74
CA ILE B 385 4.47 -18.07 -14.54
C ILE B 385 4.80 -18.16 -13.07
N LEU B 386 4.55 -17.08 -12.31
CA LEU B 386 4.85 -17.10 -10.89
C LEU B 386 3.89 -17.99 -10.12
N ALA B 387 2.67 -18.14 -10.60
CA ALA B 387 1.72 -19.00 -9.90
C ALA B 387 1.94 -20.46 -10.24
N CYS B 388 2.32 -20.76 -11.48
CA CYS B 388 2.45 -22.14 -11.90
C CYS B 388 3.85 -22.70 -11.77
N SER B 389 4.68 -22.16 -10.88
CA SER B 389 6.05 -22.64 -10.76
C SER B 389 6.46 -22.98 -9.34
N GLN B 390 5.62 -22.71 -8.35
CA GLN B 390 5.84 -23.02 -6.94
C GLN B 390 7.15 -22.44 -6.40
N GLY B 391 7.18 -21.13 -6.21
CA GLY B 391 8.31 -20.54 -5.54
C GLY B 391 9.34 -19.95 -6.47
N MET B 392 8.98 -19.69 -7.71
CA MET B 392 9.78 -18.79 -8.52
C MET B 392 9.74 -17.42 -7.88
N ARG B 393 10.91 -16.85 -7.63
CA ARG B 393 10.96 -15.60 -6.88
C ARG B 393 11.01 -14.37 -7.76
N LEU B 394 11.43 -14.49 -9.01
CA LEU B 394 11.67 -13.31 -9.82
C LEU B 394 11.43 -13.62 -11.29
N ALA B 395 10.37 -13.10 -11.84
CA ALA B 395 10.12 -13.24 -13.27
C ALA B 395 10.19 -11.87 -13.91
N ILE B 396 10.90 -11.77 -15.03
CA ILE B 396 11.16 -10.51 -15.70
C ILE B 396 10.70 -10.62 -17.14
N ALA B 397 9.85 -9.68 -17.56
CA ALA B 397 9.41 -9.60 -18.94
C ALA B 397 10.10 -8.42 -19.61
N VAL B 398 10.75 -8.66 -20.74
CA VAL B 398 11.46 -7.62 -21.47
C VAL B 398 10.94 -7.57 -22.89
N SER B 399 11.26 -6.49 -23.58
CA SER B 399 10.80 -6.33 -24.95
C SER B 399 11.77 -7.01 -25.92
N GLU B 400 11.51 -6.87 -27.20
CA GLU B 400 12.20 -7.66 -28.21
C GLU B 400 13.48 -7.03 -28.70
N ASP B 401 13.82 -5.81 -28.29
CA ASP B 401 15.08 -5.19 -28.66
C ASP B 401 16.16 -5.41 -27.61
N VAL B 402 16.00 -6.44 -26.79
CA VAL B 402 16.90 -6.74 -25.70
C VAL B 402 17.61 -8.05 -26.00
N ASP B 403 18.88 -8.13 -25.64
CA ASP B 403 19.61 -9.39 -25.67
C ASP B 403 19.25 -10.14 -24.40
N ILE B 404 18.51 -11.24 -24.55
CA ILE B 404 17.99 -11.94 -23.39
C ILE B 404 19.06 -12.75 -22.69
N TYR B 405 20.18 -12.99 -23.33
CA TYR B 405 21.24 -13.82 -22.75
C TYR B 405 22.28 -13.01 -22.01
N SER B 406 22.18 -11.69 -22.01
CA SER B 406 23.12 -10.81 -21.33
C SER B 406 22.43 -10.23 -20.12
N MET B 407 23.01 -10.46 -18.94
CA MET B 407 22.40 -9.94 -17.72
C MET B 407 22.66 -8.47 -17.56
N ASP B 408 23.66 -7.94 -18.27
CA ASP B 408 23.85 -6.50 -18.32
C ASP B 408 22.71 -5.82 -19.04
N ASP B 409 22.21 -6.44 -20.11
CA ASP B 409 21.10 -5.85 -20.85
C ASP B 409 19.82 -5.92 -20.04
N ILE B 410 19.66 -6.98 -19.25
CA ILE B 410 18.53 -7.09 -18.35
C ILE B 410 18.60 -6.04 -17.26
N MET B 411 19.80 -5.79 -16.74
CA MET B 411 19.96 -4.76 -15.72
C MET B 411 19.71 -3.37 -16.29
N TRP B 412 20.04 -3.19 -17.57
CA TRP B 412 19.72 -1.93 -18.24
C TRP B 412 18.22 -1.75 -18.38
N CYS B 413 17.49 -2.83 -18.67
CA CYS B 413 16.04 -2.73 -18.73
C CYS B 413 15.44 -2.51 -17.35
N LEU B 414 16.07 -3.04 -16.32
CA LEU B 414 15.60 -2.79 -14.96
C LEU B 414 15.83 -1.34 -14.56
N THR B 415 16.91 -0.74 -15.05
CA THR B 415 17.18 0.65 -14.71
C THR B 415 16.26 1.60 -15.47
N THR B 416 16.05 1.35 -16.75
CA THR B 416 15.44 2.38 -17.59
C THR B 416 13.97 2.13 -17.91
N ARG B 417 13.46 0.92 -17.73
CA ARG B 417 12.14 0.61 -18.25
C ARG B 417 11.16 0.15 -17.19
N VAL B 418 11.47 0.30 -15.91
CA VAL B 418 10.60 -0.17 -14.84
C VAL B 418 10.08 1.01 -14.06
N ASN B 419 8.76 1.17 -14.05
CA ASN B 419 8.11 2.04 -13.10
C ASN B 419 8.02 1.32 -11.77
N PRO B 420 8.66 1.82 -10.71
CA PRO B 420 8.64 1.07 -9.44
C PRO B 420 7.29 1.10 -8.73
N GLN B 421 6.35 1.92 -9.19
CA GLN B 421 5.06 1.97 -8.54
C GLN B 421 4.07 1.01 -9.20
N THR B 422 4.20 0.79 -10.50
CA THR B 422 3.24 -0.01 -11.23
C THR B 422 3.80 -1.31 -11.80
N ASP B 423 5.09 -1.39 -12.08
CA ASP B 423 5.62 -2.50 -12.85
C ASP B 423 6.26 -3.59 -12.00
N ILE B 424 6.03 -3.57 -10.70
CA ILE B 424 6.49 -4.63 -9.81
C ILE B 424 5.27 -5.39 -9.34
N LEU B 425 5.17 -6.66 -9.73
CA LEU B 425 4.04 -7.49 -9.37
C LEU B 425 4.41 -8.38 -8.19
N ASN B 426 3.51 -8.46 -7.22
CA ASN B 426 3.65 -9.36 -6.08
C ASN B 426 2.37 -10.18 -6.02
N PRO B 427 2.26 -11.22 -6.85
CA PRO B 427 0.94 -11.79 -7.10
C PRO B 427 0.39 -12.65 -5.98
N LEU B 428 1.21 -13.49 -5.36
CA LEU B 428 0.72 -14.52 -4.45
C LEU B 428 1.45 -14.50 -3.10
N PRO B 429 1.24 -13.46 -2.30
CA PRO B 429 1.86 -13.45 -0.97
C PRO B 429 1.18 -14.47 -0.06
N GLY B 430 1.99 -15.33 0.53
CA GLY B 430 1.46 -16.40 1.36
C GLY B 430 1.21 -17.69 0.64
N GLY B 431 1.67 -17.83 -0.60
CA GLY B 431 1.54 -19.08 -1.32
C GLY B 431 2.62 -20.07 -0.94
N ARG B 432 2.83 -21.02 -1.83
CA ARG B 432 3.87 -22.01 -1.63
C ARG B 432 5.17 -21.56 -2.25
N GLY B 433 6.26 -21.73 -1.50
CA GLY B 433 7.57 -21.38 -1.99
C GLY B 433 8.51 -22.57 -1.95
N GLN B 434 9.80 -22.33 -2.14
CA GLN B 434 10.82 -23.36 -2.05
C GLN B 434 11.61 -23.13 -0.78
N THR B 435 11.66 -24.15 0.08
CA THR B 435 12.23 -23.97 1.42
C THR B 435 13.75 -23.81 1.37
N PHE B 436 14.37 -24.16 0.25
CA PHE B 436 15.83 -24.08 0.16
C PHE B 436 16.33 -22.67 -0.10
N MET B 437 15.44 -21.70 -0.27
CA MET B 437 15.84 -20.30 -0.31
C MET B 437 15.88 -19.75 1.11
N PRO B 438 17.02 -19.22 1.56
CA PRO B 438 17.11 -18.73 2.96
C PRO B 438 16.33 -17.46 3.20
N ALA B 439 15.86 -16.80 2.13
CA ALA B 439 14.90 -15.71 2.28
C ALA B 439 13.58 -16.22 2.84
N GLU B 440 13.29 -17.53 2.69
CA GLU B 440 12.15 -18.11 3.36
C GLU B 440 12.52 -18.64 4.74
N ARG B 441 13.80 -18.85 5.01
CA ARG B 441 14.25 -19.04 6.39
C ARG B 441 14.03 -17.80 7.22
N MET B 442 14.16 -16.62 6.60
CA MET B 442 13.91 -15.38 7.32
C MET B 442 12.45 -15.24 7.72
N THR B 443 11.54 -15.96 7.05
CA THR B 443 10.13 -15.92 7.40
C THR B 443 9.70 -17.04 8.34
N SER B 444 10.56 -18.05 8.53
CA SER B 444 10.21 -19.12 9.47
C SER B 444 10.37 -18.68 10.91
N GLY B 445 11.28 -17.73 11.16
CA GLY B 445 11.49 -17.22 12.50
C GLY B 445 12.30 -18.19 13.33
N ASP B 446 11.91 -18.34 14.59
CA ASP B 446 12.61 -19.27 15.48
C ASP B 446 11.94 -20.65 15.48
N LYS B 447 10.98 -20.89 14.58
CA LYS B 447 10.56 -22.25 14.35
C LYS B 447 11.57 -22.98 13.47
N GLN B 448 11.26 -24.23 13.16
CA GLN B 448 12.18 -25.05 12.37
C GLN B 448 12.18 -24.61 10.92
N TRP B 449 13.37 -24.55 10.31
CA TRP B 449 13.44 -24.22 8.89
C TRP B 449 13.04 -25.44 8.07
N THR B 450 11.73 -25.69 7.98
CA THR B 450 11.17 -26.73 7.13
C THR B 450 10.16 -26.10 6.21
N ALA B 451 9.55 -26.91 5.34
CA ALA B 451 8.54 -26.38 4.42
C ALA B 451 7.21 -26.15 5.13
N SER B 452 7.06 -26.69 6.34
CA SER B 452 5.83 -26.48 7.09
C SER B 452 5.80 -25.13 7.79
N ASN B 453 6.94 -24.46 7.93
CA ASN B 453 7.01 -23.24 8.71
C ASN B 453 7.36 -22.00 7.90
N THR B 454 7.82 -22.16 6.66
CA THR B 454 8.18 -21.01 5.85
C THR B 454 6.94 -20.27 5.37
N GLN B 455 7.12 -18.99 5.09
CA GLN B 455 6.04 -18.14 4.57
C GLN B 455 6.56 -17.45 3.33
N PHE B 456 5.94 -17.72 2.19
CA PHE B 456 6.40 -17.16 0.93
C PHE B 456 6.03 -15.68 0.85
N GLU B 457 6.98 -14.86 0.39
CA GLU B 457 6.75 -13.44 0.29
C GLU B 457 5.98 -13.05 -0.95
N GLY B 458 5.83 -13.95 -1.92
CA GLY B 458 4.91 -13.76 -3.00
C GLY B 458 5.50 -13.69 -4.38
N GLY B 459 6.81 -13.68 -4.51
CA GLY B 459 7.41 -13.55 -5.81
C GLY B 459 7.40 -12.12 -6.31
N MET B 460 8.17 -11.88 -7.36
CA MET B 460 8.40 -10.54 -7.86
C MET B 460 8.33 -10.57 -9.37
N GLY B 461 7.23 -10.09 -9.93
CA GLY B 461 7.12 -10.01 -11.36
C GLY B 461 7.43 -8.63 -11.84
N ILE B 462 8.47 -8.48 -12.65
CA ILE B 462 8.94 -7.18 -13.08
C ILE B 462 8.62 -7.01 -14.55
N ASP B 463 7.77 -6.05 -14.86
CA ASP B 463 7.38 -5.74 -16.22
C ASP B 463 8.32 -4.65 -16.73
N ALA B 464 9.40 -5.05 -17.38
CA ALA B 464 10.35 -4.11 -17.97
C ALA B 464 10.13 -3.94 -19.46
N THR B 465 8.89 -4.05 -19.92
CA THR B 465 8.64 -3.94 -21.34
C THR B 465 8.32 -2.50 -21.72
N VAL B 466 8.47 -2.22 -23.00
CA VAL B 466 8.10 -0.94 -23.58
C VAL B 466 6.58 -0.93 -23.74
N PRO B 467 5.90 0.13 -23.33
CA PRO B 467 4.46 0.23 -23.63
C PRO B 467 4.23 0.35 -25.11
N TYR B 468 3.11 -0.20 -25.58
CA TYR B 468 2.82 -0.18 -27.01
C TYR B 468 2.50 1.25 -27.45
N GLY B 469 3.00 1.62 -28.62
CA GLY B 469 2.84 2.96 -29.12
C GLY B 469 3.88 3.94 -28.65
N TYR B 470 4.80 3.51 -27.80
CA TYR B 470 5.91 4.33 -27.35
C TYR B 470 7.23 3.71 -27.76
N GLU B 471 7.24 3.06 -28.91
CA GLU B 471 8.46 2.43 -29.39
C GLU B 471 9.42 3.46 -29.96
N SER B 472 8.90 4.63 -30.33
CA SER B 472 9.77 5.70 -30.82
C SER B 472 10.51 6.36 -29.67
N ASP B 473 9.85 6.51 -28.52
CA ASP B 473 10.49 7.15 -27.39
C ASP B 473 11.45 6.21 -26.69
N PHE B 474 11.17 4.91 -26.73
CA PHE B 474 12.03 3.91 -26.13
C PHE B 474 12.90 3.22 -27.18
N HIS B 475 13.28 3.94 -28.22
CA HIS B 475 14.01 3.35 -29.33
C HIS B 475 15.49 3.22 -28.98
N ARG B 476 16.07 2.07 -29.33
CA ARG B 476 17.43 1.80 -28.95
C ARG B 476 18.40 2.31 -30.02
N PRO B 477 19.56 2.81 -29.63
CA PRO B 477 20.21 3.86 -30.43
C PRO B 477 21.19 3.37 -31.48
N VAL B 478 20.78 2.50 -32.40
CA VAL B 478 21.68 1.78 -33.32
C VAL B 478 22.68 2.64 -34.09
N TYR B 479 23.96 2.32 -33.92
CA TYR B 479 25.06 3.03 -34.55
C TYR B 479 25.39 2.40 -35.89
N GLY B 480 26.38 2.96 -36.56
CA GLY B 480 26.76 2.45 -37.86
C GLY B 480 27.89 1.44 -37.82
N VAL B 481 27.66 0.29 -37.17
CA VAL B 481 28.71 -0.72 -37.05
C VAL B 481 28.88 -1.56 -38.29
N ASP B 482 27.98 -1.45 -39.26
CA ASP B 482 28.11 -2.15 -40.53
C ASP B 482 28.27 -1.20 -41.69
N LEU B 483 28.29 0.10 -41.45
CA LEU B 483 28.57 1.09 -42.47
C LEU B 483 30.04 1.34 -42.67
N VAL B 484 30.88 0.92 -41.72
CA VAL B 484 32.31 1.16 -41.75
C VAL B 484 33.02 -0.18 -41.56
N LYS B 485 34.11 -0.39 -42.29
CA LYS B 485 34.88 -1.61 -42.17
C LYS B 485 36.21 -1.31 -41.51
N PRO B 486 36.53 -1.95 -40.39
CA PRO B 486 37.80 -1.67 -39.71
C PRO B 486 39.00 -2.21 -40.45
N GLU B 487 38.80 -3.08 -41.44
CA GLU B 487 39.93 -3.64 -42.18
C GLU B 487 40.57 -2.61 -43.09
N ASN B 488 39.83 -1.55 -43.43
CA ASN B 488 40.41 -0.45 -44.17
C ASN B 488 41.37 0.34 -43.29
N PHE B 489 40.94 0.66 -42.07
CA PHE B 489 41.68 1.63 -41.27
C PHE B 489 42.88 0.99 -40.58
N PHE B 490 42.73 -0.22 -40.07
CA PHE B 490 43.78 -0.87 -39.31
C PHE B 490 44.18 -2.18 -39.97
N ASP B 491 45.31 -2.71 -39.54
CA ASP B 491 45.74 -4.03 -40.00
C ASP B 491 45.09 -5.11 -39.16
N ALA B 492 45.57 -6.35 -39.34
CA ALA B 492 45.03 -7.45 -38.55
C ALA B 492 45.49 -7.39 -37.10
N LYS B 493 46.71 -6.92 -36.88
CA LYS B 493 47.30 -6.95 -35.53
C LYS B 493 46.62 -5.96 -34.61
N ASP B 494 46.37 -4.74 -35.10
CA ASP B 494 45.65 -3.76 -34.29
C ASP B 494 44.22 -4.22 -34.03
N ILE B 495 43.61 -4.86 -35.04
CA ILE B 495 42.22 -5.28 -34.91
C ILE B 495 42.06 -6.36 -33.86
N ASP B 496 42.89 -7.42 -33.90
CA ASP B 496 42.68 -8.45 -32.90
C ASP B 496 43.27 -8.05 -31.55
N LYS B 497 44.22 -7.10 -31.53
CA LYS B 497 44.67 -6.54 -30.26
C LYS B 497 43.54 -5.77 -29.58
N MET B 498 42.75 -5.02 -30.35
CA MET B 498 41.62 -4.32 -29.75
C MET B 498 40.46 -5.26 -29.44
N LYS B 499 40.33 -6.34 -30.21
CA LYS B 499 39.23 -7.26 -30.00
C LYS B 499 39.49 -8.16 -28.81
N SER B 500 40.75 -8.35 -28.43
CA SER B 500 41.06 -9.23 -27.31
C SER B 500 40.72 -8.60 -25.97
N ARG B 501 40.51 -7.28 -25.94
CA ARG B 501 40.28 -6.61 -24.67
C ARG B 501 38.80 -6.48 -24.36
N MET B 502 37.94 -6.71 -25.35
CA MET B 502 36.51 -6.56 -25.14
C MET B 502 35.91 -7.80 -24.50
N ALA B 503 34.98 -7.60 -23.57
CA ALA B 503 34.34 -8.70 -22.86
C ALA B 503 33.00 -8.30 -22.28
N GLY B 504 31.97 -9.09 -22.53
CA GLY B 504 30.69 -8.89 -21.88
C GLY B 504 29.68 -8.06 -22.65
N TRP B 505 29.24 -6.98 -22.02
CA TRP B 505 28.17 -6.19 -22.61
C TRP B 505 28.67 -5.42 -23.81
N VAL B 506 29.96 -5.11 -23.85
CA VAL B 506 30.54 -4.50 -25.04
C VAL B 506 30.56 -5.49 -26.19
N LEU B 507 30.71 -6.79 -25.88
CA LEU B 507 30.63 -7.81 -26.92
C LEU B 507 29.22 -7.95 -27.44
N SER B 508 28.23 -7.78 -26.55
CA SER B 508 26.85 -7.81 -27.01
C SER B 508 26.49 -6.56 -27.80
N LEU B 509 27.05 -5.41 -27.43
CA LEU B 509 26.63 -4.15 -28.04
C LEU B 509 27.36 -3.91 -29.35
N ALA B 510 28.59 -4.39 -29.48
CA ALA B 510 29.38 -4.15 -30.69
C ALA B 510 28.80 -4.90 -31.90
N ARG B 511 28.03 -6.38 -31.67
CA ARG B 511 27.30 -7.16 -32.70
C ARG B 511 26.07 -6.41 -33.16
N THR B 512 25.31 -5.88 -32.21
CA THR B 512 24.03 -5.25 -32.53
C THR B 512 24.15 -3.78 -32.89
N GLY B 513 25.20 -3.10 -32.45
CA GLY B 513 25.37 -1.70 -32.76
C GLY B 513 24.60 -0.75 -31.88
N ARG B 514 23.96 -1.25 -30.82
CA ARG B 514 23.13 -0.41 -29.98
C ARG B 514 23.78 -0.11 -28.64
N GLU C 1 -29.81 -40.05 -45.36
CA GLU C 1 -29.45 -38.86 -44.60
C GLU C 1 -30.61 -38.36 -43.74
N ARG C 2 -31.11 -39.23 -42.85
CA ARG C 2 -32.23 -38.83 -42.01
C ARG C 2 -32.04 -39.29 -40.56
N VAL C 3 -30.84 -39.75 -40.21
CA VAL C 3 -30.56 -40.14 -38.83
C VAL C 3 -29.30 -39.42 -38.33
N GLY C 4 -29.33 -39.00 -37.07
CA GLY C 4 -28.29 -38.18 -36.47
C GLY C 4 -27.78 -38.64 -35.13
N GLU C 5 -27.53 -39.93 -34.93
CA GLU C 5 -27.89 -40.79 -33.77
C GLU C 5 -28.00 -40.01 -32.45
N LYS C 6 -27.01 -39.19 -32.09
CA LYS C 6 -27.18 -38.34 -30.92
C LYS C 6 -27.19 -36.88 -31.35
N ASP C 7 -28.37 -36.29 -31.41
CA ASP C 7 -28.53 -34.93 -31.92
C ASP C 7 -29.68 -34.28 -31.17
N LEU C 8 -30.15 -33.16 -31.72
CA LEU C 8 -31.16 -32.36 -31.04
C LEU C 8 -32.52 -33.05 -31.06
N ARG C 9 -32.83 -33.78 -32.14
CA ARG C 9 -34.13 -34.43 -32.24
C ARG C 9 -34.23 -35.61 -31.28
N ALA C 10 -33.14 -36.38 -31.14
CA ALA C 10 -33.13 -37.48 -30.18
C ALA C 10 -33.18 -36.96 -28.75
N ALA C 11 -32.56 -35.80 -28.50
CA ALA C 11 -32.65 -35.18 -27.19
C ALA C 11 -34.06 -34.69 -26.91
N LEU C 12 -34.76 -34.19 -27.94
CA LEU C 12 -36.15 -33.80 -27.77
C LEU C 12 -37.03 -35.02 -27.50
N GLU C 13 -36.73 -36.15 -28.14
CA GLU C 13 -37.50 -37.35 -27.88
C GLU C 13 -37.26 -37.86 -26.46
N TRP C 14 -36.03 -37.77 -25.98
CA TRP C 14 -35.74 -38.17 -24.60
C TRP C 14 -36.39 -37.23 -23.60
N PHE C 15 -36.43 -35.93 -23.91
CA PHE C 15 -37.09 -34.96 -23.05
C PHE C 15 -38.59 -35.20 -23.00
N ARG C 16 -39.17 -35.58 -24.14
CA ARG C 16 -40.59 -35.88 -24.16
C ARG C 16 -40.90 -37.18 -23.44
N SER C 17 -39.97 -38.14 -23.48
CA SER C 17 -40.16 -39.39 -22.77
C SER C 17 -40.05 -39.19 -21.27
N LYS C 18 -39.16 -38.31 -20.83
CA LYS C 18 -39.00 -38.07 -19.40
C LYS C 18 -40.07 -37.13 -18.87
N GLY C 19 -40.84 -36.49 -19.74
CA GLY C 19 -41.84 -35.55 -19.32
C GLY C 19 -41.36 -34.15 -19.11
N TYR C 20 -40.14 -33.82 -19.56
CA TYR C 20 -39.54 -32.52 -19.33
C TYR C 20 -39.85 -31.53 -20.45
N LEU C 21 -40.50 -31.97 -21.51
CA LEU C 21 -40.69 -31.14 -22.69
C LEU C 21 -42.00 -30.40 -22.60
N VAL C 22 -41.93 -29.09 -22.79
CA VAL C 22 -43.11 -28.23 -22.83
C VAL C 22 -43.24 -27.73 -24.26
N GLU C 23 -44.32 -28.11 -24.93
CA GLU C 23 -44.47 -27.83 -26.34
C GLU C 23 -45.81 -27.16 -26.58
N THR C 24 -45.78 -26.12 -27.41
CA THR C 24 -46.99 -25.41 -27.77
C THR C 24 -47.09 -25.35 -29.29
N ASN C 25 -48.26 -24.92 -29.76
CA ASN C 25 -48.55 -24.85 -31.18
C ASN C 25 -48.95 -23.45 -31.62
N LYS C 26 -48.88 -22.48 -30.71
CA LYS C 26 -49.31 -21.13 -31.04
C LYS C 26 -48.14 -20.32 -31.58
N GLU C 27 -48.47 -19.40 -32.46
CA GLU C 27 -47.50 -18.69 -33.28
C GLU C 27 -46.79 -17.61 -32.46
N VAL C 28 -45.48 -17.77 -32.28
CA VAL C 28 -44.72 -16.91 -31.38
C VAL C 28 -43.88 -15.95 -32.22
N ASN C 29 -43.81 -14.70 -31.77
CA ASN C 29 -42.97 -13.72 -32.44
C ASN C 29 -41.52 -13.91 -32.01
N PRO C 30 -40.58 -13.88 -32.96
CA PRO C 30 -39.17 -13.72 -32.57
C PRO C 30 -38.85 -12.36 -31.97
N ASP C 31 -39.71 -11.37 -32.21
CA ASP C 31 -39.59 -10.04 -31.64
C ASP C 31 -40.25 -10.04 -30.27
N LEU C 32 -39.41 -10.08 -29.22
CA LEU C 32 -39.77 -9.79 -27.82
C LEU C 32 -40.79 -10.78 -27.26
N GLU C 33 -40.77 -12.01 -27.75
CA GLU C 33 -41.67 -12.99 -27.15
C GLU C 33 -40.92 -14.25 -26.75
N ILE C 34 -39.94 -14.65 -27.54
CA ILE C 34 -39.17 -15.85 -27.22
C ILE C 34 -38.28 -15.60 -26.01
N THR C 35 -37.53 -14.48 -26.04
CA THR C 35 -36.67 -14.17 -24.91
C THR C 35 -37.48 -13.74 -23.69
N GLY C 36 -38.64 -13.14 -23.92
CA GLY C 36 -39.52 -12.81 -22.80
C GLY C 36 -40.08 -14.04 -22.12
N LEU C 37 -40.52 -15.03 -22.90
CA LEU C 37 -41.00 -16.27 -22.33
C LEU C 37 -39.86 -17.08 -21.73
N GLN C 38 -38.64 -16.90 -22.22
CA GLN C 38 -37.50 -17.57 -21.62
C GLN C 38 -37.15 -16.95 -20.28
N LYS C 39 -37.28 -15.63 -20.15
CA LYS C 39 -36.95 -14.98 -18.89
C LYS C 39 -38.06 -15.16 -17.86
N ILE C 40 -39.31 -15.30 -18.31
CA ILE C 40 -40.42 -15.59 -17.39
C ILE C 40 -40.21 -16.95 -16.73
N PHE C 41 -39.69 -17.91 -17.46
CA PHE C 41 -39.44 -19.25 -16.95
C PHE C 41 -37.95 -19.55 -16.91
N ASP C 42 -37.16 -18.60 -16.41
CA ASP C 42 -35.71 -18.72 -16.39
C ASP C 42 -35.24 -19.85 -15.51
N GLY C 43 -34.36 -20.69 -16.04
CA GLY C 43 -33.86 -21.82 -15.29
C GLY C 43 -34.87 -22.93 -15.12
N SER C 44 -35.55 -23.31 -16.19
CA SER C 44 -36.60 -24.32 -16.11
C SER C 44 -36.59 -25.22 -17.33
N LEU C 45 -37.70 -25.92 -17.56
CA LEU C 45 -37.82 -26.95 -18.59
C LEU C 45 -37.63 -26.38 -20.00
N PRO C 46 -37.26 -27.23 -20.96
CA PRO C 46 -37.18 -26.77 -22.35
C PRO C 46 -38.55 -26.45 -22.92
N MET C 47 -38.59 -25.41 -23.74
CA MET C 47 -39.80 -24.97 -24.42
C MET C 47 -39.63 -25.12 -25.92
N LEU C 48 -40.56 -25.82 -26.55
CA LEU C 48 -40.52 -26.04 -27.99
C LEU C 48 -41.68 -25.30 -28.65
N PHE C 49 -41.35 -24.40 -29.56
CA PHE C 49 -42.33 -23.63 -30.30
C PHE C 49 -42.43 -24.20 -31.71
N ASN C 50 -43.59 -24.74 -32.05
CA ASN C 50 -43.75 -25.35 -33.36
C ASN C 50 -43.95 -24.32 -34.45
N ASN C 51 -44.65 -23.23 -34.16
CA ASN C 51 -44.94 -22.21 -35.15
C ASN C 51 -44.24 -20.92 -34.77
N VAL C 52 -43.38 -20.44 -35.66
CA VAL C 52 -42.62 -19.21 -35.46
C VAL C 52 -43.13 -18.19 -36.46
N LYS C 53 -43.26 -16.93 -36.03
CA LYS C 53 -43.76 -15.87 -36.87
C LYS C 53 -42.80 -15.57 -38.02
N ASP C 54 -43.34 -15.58 -39.23
CA ASP C 54 -42.66 -15.37 -40.52
C ASP C 54 -41.59 -16.42 -40.81
N MET C 55 -41.58 -17.54 -40.08
CA MET C 55 -40.67 -18.65 -40.34
C MET C 55 -41.53 -19.90 -40.44
N PRO C 56 -42.16 -20.12 -41.59
CA PRO C 56 -43.10 -21.26 -41.71
C PRO C 56 -42.42 -22.61 -41.78
N HIS C 57 -41.10 -22.65 -41.94
CA HIS C 57 -40.36 -23.89 -42.07
C HIS C 57 -39.53 -24.20 -40.84
N ALA C 58 -39.62 -23.41 -39.78
CA ALA C 58 -38.71 -23.52 -38.66
C ALA C 58 -39.46 -23.72 -37.36
N ARG C 59 -38.92 -24.59 -36.51
CA ARG C 59 -39.32 -24.68 -35.12
C ARG C 59 -38.26 -24.01 -34.26
N ALA C 60 -38.60 -23.76 -33.01
CA ALA C 60 -37.67 -23.08 -32.12
C ALA C 60 -37.73 -23.71 -30.74
N ILE C 61 -36.55 -24.05 -30.22
CA ILE C 61 -36.40 -24.60 -28.88
C ILE C 61 -35.71 -23.54 -28.04
N THR C 62 -36.03 -23.49 -26.75
CA THR C 62 -35.37 -22.57 -25.83
C THR C 62 -35.44 -23.16 -24.43
N ASN C 63 -34.59 -22.62 -23.55
CA ASN C 63 -34.36 -23.12 -22.19
C ASN C 63 -33.94 -24.59 -22.20
N LEU C 64 -33.14 -24.96 -23.19
CA LEU C 64 -32.70 -26.35 -23.33
C LEU C 64 -31.72 -26.73 -22.24
N PHE C 65 -30.79 -25.83 -21.91
CA PHE C 65 -29.84 -26.04 -20.83
C PHE C 65 -30.21 -25.19 -19.62
N GLY C 66 -31.48 -24.83 -19.48
CA GLY C 66 -31.87 -23.92 -18.41
C GLY C 66 -31.83 -24.56 -17.04
N ASP C 67 -32.38 -25.76 -16.92
CA ASP C 67 -32.26 -26.54 -15.70
C ASP C 67 -31.05 -27.44 -15.82
N ILE C 68 -30.09 -27.30 -14.91
CA ILE C 68 -28.88 -28.08 -15.01
C ILE C 68 -29.14 -29.53 -14.59
N ARG C 69 -30.24 -29.77 -13.87
CA ARG C 69 -30.56 -31.13 -13.44
C ARG C 69 -31.00 -31.99 -14.62
N VAL C 70 -31.76 -31.41 -15.55
CA VAL C 70 -32.18 -32.19 -16.70
C VAL C 70 -31.03 -32.36 -17.69
N VAL C 71 -30.05 -31.45 -17.66
CA VAL C 71 -28.86 -31.63 -18.49
C VAL C 71 -28.00 -32.75 -17.94
N GLU C 72 -27.85 -32.79 -16.62
CA GLU C 72 -27.09 -33.87 -15.99
C GLU C 72 -27.81 -35.20 -16.12
N GLU C 73 -29.14 -35.17 -16.20
CA GLU C 73 -29.86 -36.41 -16.46
C GLU C 73 -29.73 -36.82 -17.92
N LEU C 74 -29.59 -35.85 -18.82
CA LEU C 74 -29.42 -36.15 -20.24
C LEU C 74 -28.07 -36.80 -20.50
N PHE C 75 -27.01 -36.23 -19.93
CA PHE C 75 -25.68 -36.79 -20.17
C PHE C 75 -25.28 -37.87 -19.19
N GLY C 76 -26.15 -38.25 -18.25
CA GLY C 76 -25.86 -39.37 -17.39
C GLY C 76 -24.98 -39.05 -16.21
N TRP C 77 -25.16 -37.91 -15.57
CA TRP C 77 -24.43 -37.54 -14.39
C TRP C 77 -25.38 -37.42 -13.21
N GLU C 78 -24.90 -37.80 -12.02
CA GLU C 78 -25.76 -37.76 -10.85
C GLU C 78 -25.88 -36.34 -10.30
N ASN C 79 -24.75 -35.68 -10.03
CA ASN C 79 -24.79 -34.34 -9.50
C ASN C 79 -23.75 -33.48 -10.22
N SER C 80 -23.60 -32.24 -9.77
CA SER C 80 -22.73 -31.31 -10.47
C SER C 80 -21.26 -31.65 -10.25
N LEU C 81 -20.94 -32.25 -9.11
CA LEU C 81 -19.56 -32.64 -8.84
C LEU C 81 -19.12 -33.77 -9.74
N ASP C 82 -20.00 -34.76 -9.93
CA ASP C 82 -19.73 -35.84 -10.87
C ASP C 82 -19.62 -35.30 -12.28
N ARG C 83 -20.42 -34.30 -12.62
CA ARG C 83 -20.34 -33.67 -13.94
C ARG C 83 -19.00 -33.00 -14.14
N VAL C 84 -18.51 -32.28 -13.13
CA VAL C 84 -17.24 -31.56 -13.23
C VAL C 84 -16.09 -32.54 -13.40
N LYS C 85 -16.11 -33.62 -12.61
CA LYS C 85 -15.02 -34.59 -12.70
C LYS C 85 -15.07 -35.39 -14.00
N LYS C 86 -16.27 -35.75 -14.47
CA LYS C 86 -16.39 -36.52 -15.70
C LYS C 86 -16.02 -35.67 -16.92
N VAL C 87 -16.35 -34.38 -16.90
CA VAL C 87 -16.01 -33.54 -18.05
C VAL C 87 -14.52 -33.20 -18.01
N ALA C 88 -13.91 -33.14 -16.83
CA ALA C 88 -12.46 -32.99 -16.78
C ALA C 88 -11.75 -34.23 -17.36
N ARG C 89 -12.26 -35.41 -17.02
CA ARG C 89 -11.73 -36.64 -17.61
C ARG C 89 -11.96 -36.69 -19.12
N ALA C 90 -13.11 -36.17 -19.57
CA ALA C 90 -13.39 -36.15 -21.01
C ALA C 90 -12.52 -35.13 -21.72
N ILE C 91 -12.11 -34.08 -21.03
CA ILE C 91 -11.16 -33.12 -21.59
C ILE C 91 -9.82 -33.79 -21.79
N ASP C 92 -9.39 -34.59 -20.81
CA ASP C 92 -8.10 -35.25 -21.00
C ASP C 92 -8.16 -36.49 -21.89
N HIS C 93 -9.32 -36.87 -22.40
CA HIS C 93 -9.46 -38.03 -23.28
C HIS C 93 -10.50 -37.76 -24.36
N PRO C 94 -10.11 -37.10 -25.44
CA PRO C 94 -11.08 -36.84 -26.50
C PRO C 94 -11.27 -38.03 -27.41
N LEU C 95 -12.45 -38.10 -28.04
CA LEU C 95 -12.76 -39.09 -29.06
C LEU C 95 -12.68 -38.42 -30.41
N LYS C 96 -11.82 -38.94 -31.28
CA LYS C 96 -11.56 -38.31 -32.57
C LYS C 96 -12.81 -38.37 -33.45
N PRO C 97 -13.24 -37.25 -34.03
CA PRO C 97 -14.50 -37.24 -34.79
C PRO C 97 -14.39 -37.99 -36.10
N VAL C 98 -15.50 -38.59 -36.52
CA VAL C 98 -15.57 -39.40 -37.72
C VAL C 98 -16.07 -38.53 -38.87
N ILE C 99 -15.63 -38.84 -40.07
CA ILE C 99 -16.05 -38.13 -41.28
C ILE C 99 -16.92 -39.06 -42.10
N ILE C 100 -18.15 -38.65 -42.37
CA ILE C 100 -19.08 -39.44 -43.15
C ILE C 100 -19.25 -38.78 -44.51
N GLY C 101 -19.89 -39.52 -45.42
CA GLY C 101 -20.05 -39.04 -46.78
C GLY C 101 -21.08 -37.93 -46.88
N GLN C 102 -21.13 -37.30 -48.05
CA GLN C 102 -21.98 -36.15 -48.27
C GLN C 102 -23.44 -36.52 -48.53
N ASP C 103 -23.74 -37.82 -48.52
CA ASP C 103 -25.10 -38.29 -48.77
C ASP C 103 -25.76 -38.94 -47.57
N GLU C 104 -25.06 -39.11 -46.45
CA GLU C 104 -25.72 -39.52 -45.22
C GLU C 104 -25.79 -38.43 -44.18
N ALA C 105 -25.25 -37.25 -44.46
CA ALA C 105 -25.36 -36.15 -43.53
C ALA C 105 -26.74 -35.53 -43.62
N PRO C 106 -27.51 -35.52 -42.52
CA PRO C 106 -28.87 -34.95 -42.58
C PRO C 106 -28.90 -33.45 -42.77
N VAL C 107 -27.80 -32.74 -42.53
CA VAL C 107 -27.79 -31.29 -42.69
C VAL C 107 -27.58 -30.90 -44.15
N GLN C 108 -27.33 -31.86 -45.03
CA GLN C 108 -27.12 -31.58 -46.43
C GLN C 108 -28.23 -32.16 -47.30
N GLU C 109 -29.44 -32.21 -46.77
CA GLU C 109 -30.57 -32.61 -47.60
C GLU C 109 -30.92 -31.52 -48.61
N GLU C 110 -30.99 -30.28 -48.14
CA GLU C 110 -31.23 -29.13 -49.00
C GLU C 110 -29.97 -28.26 -49.02
N VAL C 111 -29.44 -28.03 -50.21
CA VAL C 111 -28.23 -27.22 -50.36
C VAL C 111 -28.55 -25.99 -51.20
N LEU C 112 -28.71 -24.84 -50.55
CA LEU C 112 -28.96 -23.61 -51.28
C LEU C 112 -27.64 -22.91 -51.61
N THR C 113 -27.38 -22.75 -52.89
CA THR C 113 -26.17 -22.08 -53.34
C THR C 113 -26.45 -20.72 -53.98
N THR C 114 -27.69 -20.44 -54.36
CA THR C 114 -28.11 -19.10 -54.75
C THR C 114 -29.12 -18.61 -53.73
N ASP C 115 -29.70 -17.44 -54.03
CA ASP C 115 -30.71 -16.72 -53.24
C ASP C 115 -30.41 -16.69 -51.74
N LEU C 116 -29.14 -16.43 -51.43
CA LEU C 116 -28.69 -16.51 -50.05
C LEU C 116 -29.16 -15.30 -49.27
N ASP C 117 -30.35 -15.39 -48.70
CA ASP C 117 -30.84 -14.43 -47.73
C ASP C 117 -30.92 -15.21 -46.41
N VAL C 118 -29.99 -14.90 -45.51
CA VAL C 118 -29.88 -15.65 -44.26
C VAL C 118 -31.04 -15.33 -43.34
N ASN C 119 -31.55 -14.11 -43.40
CA ASN C 119 -32.64 -13.72 -42.51
C ASN C 119 -33.96 -14.33 -42.95
N LYS C 120 -34.04 -14.82 -44.18
CA LYS C 120 -35.24 -15.51 -44.63
C LYS C 120 -35.37 -16.90 -44.03
N TRP C 121 -34.26 -17.62 -43.88
CA TRP C 121 -34.27 -18.98 -43.37
C TRP C 121 -33.99 -19.07 -41.88
N LEU C 122 -32.98 -18.35 -41.40
CA LEU C 122 -32.62 -18.41 -40.00
C LEU C 122 -33.38 -17.37 -39.20
N THR C 123 -33.82 -17.76 -38.01
CA THR C 123 -34.63 -16.89 -37.17
C THR C 123 -33.74 -15.93 -36.38
N ALA C 124 -33.85 -14.65 -36.70
CA ALA C 124 -33.22 -13.60 -35.92
C ALA C 124 -34.21 -13.10 -34.89
N ILE C 125 -33.72 -12.82 -33.69
CA ILE C 125 -34.58 -12.41 -32.59
C ILE C 125 -34.16 -11.04 -32.11
N ARG C 126 -35.08 -10.40 -31.38
CA ARG C 126 -34.78 -9.22 -30.57
C ARG C 126 -35.05 -9.55 -29.11
N HIS C 127 -34.14 -9.12 -28.24
CA HIS C 127 -34.25 -9.53 -26.85
C HIS C 127 -35.07 -8.53 -26.05
N THR C 128 -34.68 -7.26 -26.09
CA THR C 128 -35.31 -6.19 -25.33
C THR C 128 -35.88 -5.15 -26.28
N PRO C 129 -36.89 -4.39 -25.83
CA PRO C 129 -37.44 -3.33 -26.69
C PRO C 129 -36.50 -2.16 -26.94
N LEU C 130 -35.37 -2.07 -26.24
CA LEU C 130 -34.41 -1.01 -26.45
C LEU C 130 -33.57 -1.19 -27.71
N GLU C 131 -33.65 -2.34 -28.36
CA GLU C 131 -32.82 -2.61 -29.52
C GLU C 131 -33.48 -2.16 -30.80
N THR C 132 -32.70 -2.13 -31.87
CA THR C 132 -33.18 -1.79 -33.20
C THR C 132 -32.97 -2.90 -34.21
N GLU C 133 -31.99 -3.77 -34.02
CA GLU C 133 -31.64 -4.80 -34.97
C GLU C 133 -32.05 -6.17 -34.45
N MET C 134 -32.56 -6.99 -35.35
CA MET C 134 -32.82 -8.39 -35.08
C MET C 134 -31.61 -9.21 -35.52
N THR C 135 -30.96 -9.86 -34.57
CA THR C 135 -29.68 -10.51 -34.80
C THR C 135 -29.82 -12.01 -34.67
N ILE C 136 -28.86 -12.72 -35.27
CA ILE C 136 -28.80 -14.17 -35.23
C ILE C 136 -27.80 -14.55 -34.16
N GLY C 137 -28.29 -15.15 -33.08
CA GLY C 137 -27.43 -15.56 -32.00
C GLY C 137 -27.57 -17.02 -31.65
N SER C 138 -27.72 -17.86 -32.66
CA SER C 138 -28.03 -19.26 -32.45
C SER C 138 -26.92 -20.20 -32.93
N GLY C 139 -25.97 -19.71 -33.71
CA GLY C 139 -25.02 -20.57 -34.37
C GLY C 139 -23.69 -20.65 -33.66
N ILE C 140 -23.03 -21.79 -33.82
CA ILE C 140 -21.68 -21.98 -33.32
C ILE C 140 -20.75 -22.03 -34.51
N SER C 141 -19.56 -21.45 -34.35
CA SER C 141 -18.56 -21.56 -35.39
C SER C 141 -17.94 -22.95 -35.36
N CYS C 142 -17.34 -23.33 -36.48
CA CYS C 142 -16.75 -24.66 -36.58
C CYS C 142 -15.53 -24.58 -37.48
N VAL C 143 -14.36 -24.52 -36.87
CA VAL C 143 -13.08 -24.47 -37.58
C VAL C 143 -12.35 -25.77 -37.32
N VAL C 144 -12.21 -26.60 -38.35
CA VAL C 144 -11.61 -27.91 -38.23
C VAL C 144 -10.46 -28.00 -39.21
N GLY C 145 -9.28 -28.35 -38.73
CA GLY C 145 -8.19 -28.70 -39.61
C GLY C 145 -7.03 -27.73 -39.60
N PRO C 146 -6.62 -27.27 -40.79
CA PRO C 146 -5.37 -26.52 -40.90
C PRO C 146 -5.42 -25.14 -40.27
N TYR C 147 -6.61 -24.55 -40.18
CA TYR C 147 -6.70 -23.22 -39.59
C TYR C 147 -6.71 -23.29 -38.08
N PHE C 148 -6.89 -24.48 -37.51
CA PHE C 148 -6.83 -24.68 -36.07
C PHE C 148 -5.79 -25.73 -35.71
N ASP C 149 -4.69 -25.75 -36.45
CA ASP C 149 -3.48 -26.54 -36.15
C ASP C 149 -3.77 -28.04 -36.08
N GLY C 150 -4.68 -28.50 -36.95
CA GLY C 150 -5.05 -29.89 -36.93
C GLY C 150 -6.02 -30.27 -35.83
N GLY C 151 -6.53 -29.31 -35.07
CA GLY C 151 -7.51 -29.61 -34.06
C GLY C 151 -8.90 -29.21 -34.51
N SER C 152 -9.74 -28.80 -33.57
CA SER C 152 -11.08 -28.36 -33.92
C SER C 152 -11.58 -27.38 -32.87
N HIS C 153 -12.39 -26.43 -33.31
CA HIS C 153 -12.95 -25.41 -32.44
C HIS C 153 -14.45 -25.30 -32.69
N ILE C 154 -15.22 -25.26 -31.62
CA ILE C 154 -16.64 -24.91 -31.68
C ILE C 154 -16.89 -23.82 -30.66
N GLY C 155 -17.67 -22.83 -31.05
CA GLY C 155 -17.97 -21.72 -30.16
C GLY C 155 -18.94 -20.76 -30.80
N TYR C 156 -19.70 -20.10 -29.95
CA TYR C 156 -20.76 -19.20 -30.40
C TYR C 156 -20.19 -17.89 -30.90
N ASN C 157 -20.83 -17.33 -31.93
CA ASN C 157 -20.51 -16.00 -32.42
C ASN C 157 -21.80 -15.36 -32.88
N ARG C 158 -22.08 -14.16 -32.39
CA ARG C 158 -23.29 -13.46 -32.80
C ARG C 158 -23.07 -12.84 -34.18
N MET C 159 -24.13 -12.80 -34.98
CA MET C 159 -24.06 -12.33 -36.35
C MET C 159 -25.27 -11.48 -36.65
N ASN C 160 -25.05 -10.39 -37.38
CA ASN C 160 -26.14 -9.52 -37.81
C ASN C 160 -26.03 -9.38 -39.32
N PHE C 161 -26.89 -10.08 -40.04
CA PHE C 161 -26.84 -10.08 -41.51
C PHE C 161 -27.69 -8.93 -42.01
N ARG C 162 -27.07 -7.77 -42.16
CA ARG C 162 -27.73 -6.59 -42.70
C ARG C 162 -27.24 -6.23 -44.10
N TRP C 163 -26.67 -7.20 -44.82
CA TRP C 163 -26.32 -7.01 -46.22
C TRP C 163 -26.68 -8.23 -47.05
N GLY C 164 -27.75 -8.92 -46.68
CA GLY C 164 -28.21 -10.05 -47.44
C GLY C 164 -27.50 -11.35 -47.11
N ASN C 165 -26.28 -11.51 -47.61
CA ASN C 165 -25.51 -12.72 -47.37
C ASN C 165 -24.19 -12.38 -46.71
N VAL C 166 -24.02 -11.13 -46.33
CA VAL C 166 -22.85 -10.67 -45.60
C VAL C 166 -23.32 -10.16 -44.26
N GLY C 167 -22.73 -10.66 -43.18
CA GLY C 167 -23.08 -10.19 -41.85
C GLY C 167 -21.84 -10.03 -41.00
N THR C 168 -22.01 -9.30 -39.90
CA THR C 168 -20.91 -9.13 -38.96
C THR C 168 -20.69 -10.42 -38.20
N PHE C 169 -19.56 -10.48 -37.51
CA PHE C 169 -19.10 -11.71 -36.87
C PHE C 169 -18.32 -11.31 -35.63
N GLN C 170 -18.96 -11.32 -34.48
CA GLN C 170 -18.38 -10.78 -33.28
C GLN C 170 -17.41 -11.77 -32.66
N ILE C 171 -16.16 -11.35 -32.48
CA ILE C 171 -15.11 -12.19 -31.94
C ILE C 171 -14.60 -11.57 -30.66
N SER C 172 -14.63 -12.33 -29.58
CA SER C 172 -14.00 -11.89 -28.35
C SER C 172 -12.49 -11.86 -28.54
N PRO C 173 -11.82 -10.77 -28.19
CA PRO C 173 -10.36 -10.76 -28.25
C PRO C 173 -9.76 -11.71 -27.23
N GLY C 174 -8.86 -12.55 -27.71
CA GLY C 174 -8.22 -13.58 -26.91
C GLY C 174 -8.73 -14.98 -27.18
N SER C 175 -9.89 -15.09 -27.82
CA SER C 175 -10.54 -16.37 -28.02
C SER C 175 -9.84 -17.18 -29.10
N HIS C 176 -10.36 -18.38 -29.37
CA HIS C 176 -9.78 -19.21 -30.42
C HIS C 176 -9.98 -18.60 -31.79
N MET C 177 -11.14 -17.99 -32.02
CA MET C 177 -11.37 -17.30 -33.28
C MET C 177 -10.48 -16.07 -33.38
N TRP C 178 -10.19 -15.43 -32.26
CA TRP C 178 -9.25 -14.32 -32.27
C TRP C 178 -7.84 -14.78 -32.59
N GLN C 179 -7.46 -15.95 -32.09
CA GLN C 179 -6.12 -16.46 -32.38
C GLN C 179 -5.99 -16.89 -33.82
N VAL C 180 -7.04 -17.49 -34.38
CA VAL C 180 -7.06 -17.86 -35.80
C VAL C 180 -7.03 -16.60 -36.66
N MET C 181 -7.80 -15.59 -36.28
CA MET C 181 -7.85 -14.34 -37.03
C MET C 181 -6.54 -13.58 -36.93
N THR C 182 -5.88 -13.64 -35.77
CA THR C 182 -4.63 -12.94 -35.58
C THR C 182 -3.52 -13.60 -36.38
N GLU C 183 -3.55 -14.93 -36.48
CA GLU C 183 -2.52 -15.62 -37.26
C GLU C 183 -2.69 -15.36 -38.76
N HIS C 184 -3.93 -15.35 -39.24
CA HIS C 184 -4.21 -15.16 -40.66
C HIS C 184 -4.77 -13.78 -40.96
N TYR C 185 -4.34 -12.75 -40.24
CA TYR C 185 -4.83 -11.41 -40.48
C TYR C 185 -4.28 -10.84 -41.77
N LYS C 186 -2.99 -11.03 -41.99
CA LYS C 186 -2.28 -10.45 -43.12
C LYS C 186 -2.25 -11.40 -44.31
N ASP C 187 -3.38 -12.02 -44.61
CA ASP C 187 -3.47 -13.00 -45.67
C ASP C 187 -4.44 -12.51 -46.72
N ASP C 188 -4.30 -13.06 -47.93
CA ASP C 188 -5.17 -12.66 -49.02
C ASP C 188 -6.41 -13.53 -49.08
N GLU C 189 -6.23 -14.83 -48.90
CA GLU C 189 -7.37 -15.73 -48.85
C GLU C 189 -8.10 -15.59 -47.52
N PRO C 190 -9.42 -15.48 -47.54
CA PRO C 190 -10.17 -15.39 -46.28
C PRO C 190 -10.24 -16.74 -45.59
N ILE C 191 -10.55 -16.69 -44.31
CA ILE C 191 -10.63 -17.90 -43.50
C ILE C 191 -11.95 -18.61 -43.77
N PRO C 192 -11.93 -19.86 -44.22
CA PRO C 192 -13.20 -20.58 -44.42
C PRO C 192 -13.70 -21.23 -43.14
N LEU C 193 -14.95 -20.94 -42.77
CA LEU C 193 -15.53 -21.57 -41.61
C LEU C 193 -17.02 -21.70 -41.83
N THR C 194 -17.65 -22.57 -41.05
CA THR C 194 -19.08 -22.82 -41.13
C THR C 194 -19.75 -22.52 -39.80
N MET C 195 -20.93 -21.92 -39.89
CA MET C 195 -21.78 -21.70 -38.72
C MET C 195 -22.85 -22.78 -38.70
N CYS C 196 -22.88 -23.56 -37.63
CA CYS C 196 -23.79 -24.68 -37.52
C CYS C 196 -24.89 -24.36 -36.52
N PHE C 197 -26.11 -24.78 -36.84
CA PHE C 197 -27.30 -24.42 -36.08
C PHE C 197 -28.07 -25.69 -35.72
N GLY C 198 -28.65 -25.69 -34.53
CA GLY C 198 -29.37 -26.86 -34.05
C GLY C 198 -28.49 -28.07 -33.84
N VAL C 199 -27.32 -27.86 -33.24
CA VAL C 199 -26.27 -28.87 -33.16
C VAL C 199 -26.63 -29.88 -32.07
N PRO C 200 -25.94 -31.02 -31.96
CA PRO C 200 -26.15 -31.88 -30.80
C PRO C 200 -25.82 -31.16 -29.51
N PRO C 201 -26.48 -31.55 -28.40
CA PRO C 201 -26.30 -30.80 -27.14
C PRO C 201 -24.90 -30.88 -26.56
N SER C 202 -24.14 -31.92 -26.88
CA SER C 202 -22.74 -31.99 -26.47
C SER C 202 -21.92 -30.90 -27.15
N CYS C 203 -22.24 -30.61 -28.42
CA CYS C 203 -21.53 -29.57 -29.14
C CYS C 203 -21.89 -28.19 -28.60
N THR C 204 -23.13 -27.99 -28.18
CA THR C 204 -23.51 -26.75 -27.50
C THR C 204 -22.77 -26.61 -26.18
N TYR C 205 -22.69 -27.72 -25.43
CA TYR C 205 -22.02 -27.76 -24.14
C TYR C 205 -20.56 -27.38 -24.26
N VAL C 206 -19.86 -27.93 -25.26
CA VAL C 206 -18.44 -27.61 -25.42
C VAL C 206 -18.27 -26.26 -26.10
N ALA C 207 -19.25 -25.82 -26.89
CA ALA C 207 -19.17 -24.51 -27.51
C ALA C 207 -19.31 -23.40 -26.49
N GLY C 208 -19.86 -23.70 -25.33
CA GLY C 208 -19.90 -22.72 -24.27
C GLY C 208 -18.54 -22.37 -23.69
N ALA C 209 -17.55 -23.25 -23.82
CA ALA C 209 -16.23 -23.05 -23.23
C ALA C 209 -15.54 -21.82 -23.78
N GLY C 210 -14.66 -21.24 -22.98
CA GLY C 210 -13.95 -20.06 -23.41
C GLY C 210 -13.04 -19.56 -22.34
N PHE C 211 -11.88 -19.06 -22.77
CA PHE C 211 -10.85 -18.47 -21.92
C PHE C 211 -10.39 -19.46 -20.85
N ASP C 212 -10.02 -20.64 -21.34
CA ASP C 212 -9.50 -21.71 -20.52
C ASP C 212 -8.35 -22.38 -21.26
N TYR C 213 -7.47 -21.57 -21.81
CA TYR C 213 -6.56 -22.05 -22.84
C TYR C 213 -5.29 -22.65 -22.28
N ALA C 214 -5.14 -22.67 -20.96
CA ALA C 214 -4.09 -23.50 -20.39
C ALA C 214 -4.47 -24.97 -20.45
N ILE C 215 -5.77 -25.25 -20.51
CA ILE C 215 -6.30 -26.61 -20.55
C ILE C 215 -6.73 -26.94 -21.97
N LEU C 216 -7.35 -25.98 -22.64
CA LEU C 216 -7.81 -26.14 -24.02
C LEU C 216 -7.13 -25.11 -24.93
N PRO C 217 -5.86 -25.31 -25.27
CA PRO C 217 -5.17 -24.32 -26.08
C PRO C 217 -5.57 -24.41 -27.54
N LYS C 218 -4.97 -23.54 -28.34
CA LYS C 218 -5.17 -23.59 -29.77
C LYS C 218 -4.54 -24.86 -30.34
N GLY C 219 -5.32 -25.60 -31.12
CA GLY C 219 -4.91 -26.89 -31.59
C GLY C 219 -5.51 -28.06 -30.84
N CYS C 220 -6.34 -27.81 -29.84
CA CYS C 220 -7.04 -28.87 -29.15
C CYS C 220 -8.23 -29.33 -29.97
N ASP C 221 -8.92 -30.35 -29.47
CA ASP C 221 -10.02 -30.97 -30.19
C ASP C 221 -11.29 -30.80 -29.38
N GLU C 222 -11.97 -29.67 -29.61
CA GLU C 222 -13.19 -29.38 -28.87
C GLU C 222 -14.33 -30.29 -29.30
N ILE C 223 -14.39 -30.62 -30.59
CA ILE C 223 -15.37 -31.61 -31.04
C ILE C 223 -15.00 -32.99 -30.51
N GLY C 224 -13.72 -33.24 -30.27
CA GLY C 224 -13.33 -34.45 -29.58
C GLY C 224 -13.84 -34.50 -28.14
N ILE C 225 -13.86 -33.34 -27.47
CA ILE C 225 -14.37 -33.27 -26.13
C ILE C 225 -15.89 -33.45 -26.12
N ALA C 226 -16.56 -32.94 -27.15
CA ALA C 226 -18.01 -33.17 -27.28
C ALA C 226 -18.32 -34.63 -27.51
N GLY C 227 -17.50 -35.30 -28.33
CA GLY C 227 -17.69 -36.72 -28.54
C GLY C 227 -17.40 -37.54 -27.29
N ALA C 228 -16.43 -37.11 -26.49
CA ALA C 228 -16.15 -37.80 -25.24
C ALA C 228 -17.25 -37.56 -24.22
N ILE C 229 -17.90 -36.41 -24.28
CA ILE C 229 -18.97 -36.11 -23.34
C ILE C 229 -20.21 -36.93 -23.68
N GLN C 230 -20.58 -36.99 -24.96
CA GLN C 230 -21.74 -37.79 -25.31
C GLN C 230 -21.43 -39.28 -25.40
N GLY C 231 -20.16 -39.67 -25.39
CA GLY C 231 -19.81 -41.08 -25.38
C GLY C 231 -19.73 -41.75 -26.72
N SER C 232 -19.71 -40.98 -27.80
CA SER C 232 -19.63 -41.51 -29.16
C SER C 232 -19.13 -40.39 -30.06
N PRO C 233 -18.40 -40.68 -31.13
CA PRO C 233 -17.78 -39.60 -31.91
C PRO C 233 -18.80 -38.77 -32.68
N VAL C 234 -18.52 -37.48 -32.77
CA VAL C 234 -19.38 -36.55 -33.48
C VAL C 234 -19.07 -36.62 -34.96
N ARG C 235 -20.09 -36.79 -35.79
CA ARG C 235 -19.88 -37.01 -37.20
C ARG C 235 -19.65 -35.71 -37.94
N LEU C 236 -18.67 -35.71 -38.84
CA LEU C 236 -18.35 -34.56 -39.67
C LEU C 236 -18.65 -34.88 -41.12
N VAL C 237 -18.73 -33.83 -41.93
CA VAL C 237 -18.98 -33.98 -43.37
C VAL C 237 -18.28 -32.83 -44.09
N LYS C 238 -17.72 -33.14 -45.25
CA LYS C 238 -17.10 -32.11 -46.08
C LYS C 238 -18.17 -31.18 -46.64
N CYS C 239 -17.85 -29.89 -46.68
CA CYS C 239 -18.77 -28.88 -47.18
C CYS C 239 -18.99 -29.03 -48.68
N ARG C 240 -20.05 -28.37 -49.17
CA ARG C 240 -20.35 -28.43 -50.59
C ARG C 240 -19.49 -27.45 -51.38
N THR C 241 -19.28 -26.25 -50.86
CA THR C 241 -18.54 -25.22 -51.57
C THR C 241 -17.15 -24.98 -51.00
N ILE C 242 -17.04 -24.62 -49.73
CA ILE C 242 -15.76 -24.27 -49.15
C ILE C 242 -15.00 -25.52 -48.74
N ASP C 243 -13.72 -25.34 -48.40
CA ASP C 243 -12.85 -26.45 -48.01
C ASP C 243 -12.83 -26.49 -46.48
N ALA C 244 -13.84 -27.14 -45.92
CA ALA C 244 -13.97 -27.22 -44.47
C ALA C 244 -14.79 -28.45 -44.11
N TYR C 245 -15.16 -28.53 -42.84
CA TYR C 245 -16.01 -29.60 -42.34
C TYR C 245 -17.05 -29.02 -41.39
N THR C 246 -18.25 -29.60 -41.42
CA THR C 246 -19.34 -29.15 -40.58
C THR C 246 -19.75 -30.28 -39.66
N LEU C 247 -20.58 -29.95 -38.68
CA LEU C 247 -21.27 -30.99 -37.93
C LEU C 247 -22.36 -31.57 -38.81
N ALA C 248 -22.32 -32.89 -39.00
CA ALA C 248 -23.23 -33.50 -39.96
C ALA C 248 -24.66 -33.56 -39.43
N ASP C 249 -24.81 -33.70 -38.12
CA ASP C 249 -26.12 -33.87 -37.51
C ASP C 249 -26.74 -32.55 -37.06
N ALA C 250 -26.35 -31.44 -37.65
CA ALA C 250 -26.96 -30.16 -37.31
C ALA C 250 -28.27 -29.98 -38.06
N GLU C 251 -28.89 -28.82 -37.88
CA GLU C 251 -30.14 -28.53 -38.56
C GLU C 251 -29.94 -27.52 -39.68
N TYR C 252 -29.10 -26.51 -39.46
CA TYR C 252 -28.71 -25.58 -40.50
C TYR C 252 -27.20 -25.40 -40.47
N VAL C 253 -26.61 -25.19 -41.64
CA VAL C 253 -25.21 -24.84 -41.77
C VAL C 253 -25.08 -23.72 -42.79
N LEU C 254 -24.42 -22.64 -42.37
CA LEU C 254 -24.00 -21.58 -43.28
C LEU C 254 -22.53 -21.80 -43.63
N GLU C 255 -22.24 -21.95 -44.91
CA GLU C 255 -20.87 -22.06 -45.36
C GLU C 255 -20.42 -20.73 -45.93
N GLY C 256 -19.19 -20.35 -45.65
CA GLY C 256 -18.69 -19.10 -46.17
C GLY C 256 -17.28 -18.80 -45.70
N TYR C 257 -16.90 -17.54 -45.86
CA TYR C 257 -15.56 -17.08 -45.56
C TYR C 257 -15.61 -15.92 -44.59
N LEU C 258 -14.62 -15.87 -43.70
CA LEU C 258 -14.46 -14.76 -42.79
C LEU C 258 -13.39 -13.82 -43.33
N HIS C 259 -13.75 -12.57 -43.52
CA HIS C 259 -12.79 -11.56 -43.97
C HIS C 259 -12.37 -10.74 -42.77
N PRO C 260 -11.15 -10.91 -42.27
CA PRO C 260 -10.75 -10.20 -41.05
C PRO C 260 -10.56 -8.70 -41.24
N ARG C 261 -9.99 -8.30 -42.38
CA ARG C 261 -9.71 -6.90 -42.60
C ARG C 261 -10.90 -6.12 -43.16
N ASP C 262 -12.01 -6.79 -43.42
CA ASP C 262 -13.24 -6.13 -43.83
C ASP C 262 -14.13 -6.00 -42.60
N LYS C 263 -13.96 -4.91 -41.87
CA LYS C 263 -14.71 -4.69 -40.64
C LYS C 263 -15.84 -3.71 -40.89
N ARG C 264 -17.04 -4.06 -40.42
CA ARG C 264 -18.21 -3.23 -40.59
C ARG C 264 -18.93 -3.10 -39.25
N TYR C 265 -19.78 -2.08 -39.16
CA TYR C 265 -20.48 -1.81 -37.92
C TYR C 265 -21.66 -2.76 -37.75
N GLU C 266 -22.04 -2.99 -36.50
CA GLU C 266 -23.06 -4.00 -36.23
C GLU C 266 -24.46 -3.43 -36.32
N THR C 267 -24.66 -2.17 -35.92
CA THR C 267 -25.97 -1.55 -35.99
C THR C 267 -25.98 -0.48 -37.07
N ALA C 268 -27.15 0.13 -37.23
CA ALA C 268 -27.28 1.23 -38.19
C ALA C 268 -26.94 2.57 -37.54
N GLU C 269 -27.17 2.70 -36.23
CA GLU C 269 -26.90 3.98 -35.58
C GLU C 269 -25.41 4.17 -35.32
N SER C 270 -24.72 3.10 -34.94
CA SER C 270 -23.28 3.19 -34.73
C SER C 270 -22.55 3.34 -36.07
N GLU C 271 -23.12 2.79 -37.14
CA GLU C 271 -22.60 3.09 -38.46
C GLU C 271 -22.92 4.51 -38.86
N ALA C 272 -24.06 5.03 -38.38
CA ALA C 272 -24.50 6.37 -38.75
C ALA C 272 -23.58 7.42 -38.16
N ALA C 273 -23.20 7.27 -36.90
CA ALA C 273 -22.09 8.06 -36.37
C ALA C 273 -21.10 7.16 -35.65
N ASP C 274 -20.31 6.41 -36.44
CA ASP C 274 -18.90 6.04 -36.25
C ASP C 274 -18.39 5.93 -34.82
N ILE C 275 -19.13 5.28 -33.93
CA ILE C 275 -18.73 5.17 -32.53
C ILE C 275 -18.95 3.73 -32.07
N GLN C 276 -17.88 3.09 -31.62
CA GLN C 276 -18.02 1.79 -31.01
C GLN C 276 -18.27 1.92 -29.52
N GLY C 277 -19.04 0.96 -28.99
CA GLY C 277 -19.16 0.87 -27.55
C GLY C 277 -20.14 1.86 -26.94
N ARG C 278 -21.08 2.36 -27.72
CA ARG C 278 -22.02 3.31 -27.13
C ARG C 278 -23.48 2.91 -27.29
N PHE C 279 -23.86 2.40 -28.45
CA PHE C 279 -25.27 2.18 -28.77
C PHE C 279 -25.69 0.75 -28.47
N HIS C 280 -26.96 0.59 -28.11
CA HIS C 280 -27.44 -0.66 -27.53
C HIS C 280 -27.51 -1.78 -28.56
N PHE C 281 -26.94 -2.92 -28.20
CA PHE C 281 -26.85 -4.08 -29.08
C PHE C 281 -27.10 -5.39 -28.33
N HIS C 282 -28.28 -5.55 -27.67
CA HIS C 282 -28.77 -6.82 -27.08
C HIS C 282 -27.93 -7.36 -25.92
N PRO C 283 -28.49 -7.29 -24.70
CA PRO C 283 -27.78 -7.55 -23.43
C PRO C 283 -26.72 -8.65 -23.41
N GLU C 284 -25.68 -8.43 -22.62
CA GLU C 284 -24.49 -9.25 -22.71
C GLU C 284 -24.32 -10.14 -21.48
N TRP C 285 -23.19 -10.85 -21.46
CA TRP C 285 -22.94 -11.87 -20.46
C TRP C 285 -22.71 -11.27 -19.08
N ALA C 286 -22.26 -10.01 -19.03
CA ALA C 286 -21.99 -9.37 -17.76
C ALA C 286 -23.27 -9.08 -16.99
N GLY C 287 -24.40 -9.03 -17.68
CA GLY C 287 -25.64 -8.74 -17.03
C GLY C 287 -26.03 -7.29 -17.25
N TYR C 288 -25.45 -6.69 -18.28
CA TYR C 288 -25.78 -5.33 -18.67
C TYR C 288 -26.21 -5.32 -20.13
N MET C 289 -26.78 -4.20 -20.54
CA MET C 289 -27.10 -4.01 -21.95
C MET C 289 -25.82 -3.85 -22.75
N GLY C 290 -25.72 -4.62 -23.83
CA GLY C 290 -24.52 -4.64 -24.63
C GLY C 290 -24.38 -3.42 -25.50
N LYS C 291 -23.23 -3.36 -26.18
CA LYS C 291 -22.89 -2.23 -27.04
C LYS C 291 -22.54 -2.73 -28.42
N ALA C 292 -22.66 -1.84 -29.40
CA ALA C 292 -22.39 -2.19 -30.78
C ALA C 292 -20.97 -1.79 -31.17
N TYR C 293 -20.32 -2.64 -31.96
CA TYR C 293 -18.93 -2.48 -32.31
C TYR C 293 -18.74 -2.72 -33.80
N LYS C 294 -17.51 -2.52 -34.26
CA LYS C 294 -17.12 -3.03 -35.56
C LYS C 294 -16.68 -4.48 -35.41
N ALA C 295 -16.90 -5.25 -36.46
CA ALA C 295 -16.63 -6.67 -36.43
C ALA C 295 -16.29 -7.12 -37.83
N PRO C 296 -15.48 -8.18 -37.97
CA PRO C 296 -15.20 -8.71 -39.30
C PRO C 296 -16.44 -9.32 -39.92
N THR C 297 -16.42 -9.45 -41.23
CA THR C 297 -17.60 -9.86 -41.96
C THR C 297 -17.52 -11.32 -42.39
N PHE C 298 -18.65 -11.99 -42.32
CA PHE C 298 -18.79 -13.39 -42.72
C PHE C 298 -19.58 -13.44 -44.02
N HIS C 299 -18.93 -13.86 -45.10
CA HIS C 299 -19.52 -13.82 -46.43
C HIS C 299 -20.06 -15.20 -46.75
N VAL C 300 -21.36 -15.37 -46.60
CA VAL C 300 -21.99 -16.68 -46.74
C VAL C 300 -22.04 -17.07 -48.21
N THR C 301 -21.52 -18.26 -48.52
CA THR C 301 -21.55 -18.77 -49.88
C THR C 301 -22.60 -19.84 -50.11
N ALA C 302 -23.02 -20.56 -49.07
CA ALA C 302 -24.02 -21.60 -49.22
C ALA C 302 -24.76 -21.82 -47.91
N ILE C 303 -26.06 -22.03 -48.02
CA ILE C 303 -26.91 -22.39 -46.90
C ILE C 303 -27.34 -23.83 -47.08
N THR C 304 -26.91 -24.71 -46.20
CA THR C 304 -27.36 -26.09 -46.22
C THR C 304 -28.17 -26.35 -44.97
N MET C 305 -29.20 -27.18 -45.11
CA MET C 305 -30.10 -27.44 -43.99
C MET C 305 -30.75 -28.80 -44.20
N ARG C 306 -31.60 -29.17 -43.26
CA ARG C 306 -32.42 -30.36 -43.41
C ARG C 306 -33.59 -30.06 -44.36
N ARG C 307 -34.48 -31.04 -44.51
CA ARG C 307 -35.67 -30.81 -45.31
C ARG C 307 -36.60 -29.84 -44.61
N ARG C 308 -37.12 -28.87 -45.36
CA ARG C 308 -38.00 -27.87 -44.77
C ARG C 308 -39.35 -28.46 -44.40
N GLU C 309 -39.69 -29.61 -44.98
CA GLU C 309 -40.89 -30.32 -44.57
C GLU C 309 -40.69 -30.97 -43.21
N SER C 310 -39.45 -31.25 -42.85
CA SER C 310 -39.16 -31.83 -41.54
C SER C 310 -39.12 -30.77 -40.45
N LYS C 311 -39.14 -29.49 -40.82
CA LYS C 311 -39.14 -28.32 -39.94
C LYS C 311 -37.93 -28.31 -39.02
N PRO C 312 -36.74 -27.98 -39.53
CA PRO C 312 -35.53 -28.03 -38.70
C PRO C 312 -35.56 -27.03 -37.55
N ILE C 313 -35.00 -27.44 -36.43
CA ILE C 313 -35.10 -26.71 -35.17
C ILE C 313 -33.92 -25.77 -35.03
N ILE C 314 -34.19 -24.56 -34.58
CA ILE C 314 -33.16 -23.59 -34.22
C ILE C 314 -33.24 -23.36 -32.72
N PHE C 315 -32.15 -22.91 -32.13
CA PHE C 315 -32.07 -22.72 -30.68
C PHE C 315 -31.74 -21.27 -30.37
N PRO C 316 -32.72 -20.36 -30.37
CA PRO C 316 -32.42 -18.99 -29.95
C PRO C 316 -32.52 -18.84 -28.44
N LEU C 317 -31.60 -18.12 -27.84
CA LEU C 317 -31.58 -17.99 -26.40
C LEU C 317 -31.13 -16.59 -26.01
N GLY C 318 -31.76 -16.07 -24.96
CA GLY C 318 -31.31 -14.82 -24.40
C GLY C 318 -30.00 -14.98 -23.67
N VAL C 319 -29.29 -13.88 -23.53
CA VAL C 319 -27.92 -13.96 -23.02
C VAL C 319 -27.91 -13.97 -21.50
N HIS C 320 -28.73 -13.15 -20.87
CA HIS C 320 -28.78 -13.15 -19.42
C HIS C 320 -29.87 -14.12 -18.96
N THR C 321 -29.65 -15.40 -19.27
CA THR C 321 -30.53 -16.46 -18.81
C THR C 321 -29.66 -17.53 -18.16
N ALA C 322 -30.31 -18.39 -17.37
CA ALA C 322 -29.58 -19.51 -16.77
C ALA C 322 -29.18 -20.54 -17.81
N ASP C 323 -29.93 -20.58 -18.92
CA ASP C 323 -29.57 -21.32 -20.12
C ASP C 323 -28.14 -21.00 -20.58
N ASP C 324 -27.93 -19.74 -20.95
CA ASP C 324 -26.64 -19.26 -21.41
C ASP C 324 -25.56 -19.42 -20.34
N ALA C 325 -25.93 -19.25 -19.08
CA ALA C 325 -24.94 -19.37 -18.02
C ALA C 325 -24.47 -20.80 -17.84
N ASN C 326 -25.40 -21.76 -17.89
CA ASN C 326 -25.02 -23.17 -17.79
C ASN C 326 -24.12 -23.57 -18.95
N ILE C 327 -24.45 -23.07 -20.15
CA ILE C 327 -23.76 -23.45 -21.38
C ILE C 327 -22.28 -23.10 -21.32
N ASP C 328 -21.96 -21.89 -20.85
CA ASP C 328 -20.55 -21.51 -20.72
C ASP C 328 -19.91 -22.15 -19.50
N THR C 329 -20.53 -21.95 -18.34
CA THR C 329 -19.80 -22.13 -17.11
C THR C 329 -19.64 -23.59 -16.72
N SER C 330 -20.35 -24.52 -17.38
CA SER C 330 -20.19 -25.92 -17.02
C SER C 330 -18.82 -26.46 -17.41
N VAL C 331 -18.51 -26.38 -18.70
CA VAL C 331 -17.21 -26.80 -19.17
C VAL C 331 -16.11 -25.87 -18.69
N ARG C 332 -16.42 -24.59 -18.41
CA ARG C 332 -15.37 -23.75 -17.84
C ARG C 332 -15.06 -24.14 -16.38
N GLU C 333 -16.06 -24.63 -15.65
CA GLU C 333 -15.84 -25.17 -14.32
C GLU C 333 -14.91 -26.37 -14.35
N SER C 334 -15.17 -27.30 -15.27
CA SER C 334 -14.31 -28.48 -15.32
C SER C 334 -12.91 -28.13 -15.80
N ALA C 335 -12.76 -27.08 -16.61
CA ALA C 335 -11.42 -26.66 -17.03
C ALA C 335 -10.64 -26.05 -15.88
N ILE C 336 -11.32 -25.25 -15.04
CA ILE C 336 -10.65 -24.69 -13.86
C ILE C 336 -10.26 -25.79 -12.89
N PHE C 337 -11.13 -26.79 -12.73
CA PHE C 337 -10.82 -27.96 -11.91
C PHE C 337 -9.62 -28.72 -12.45
N ALA C 338 -9.53 -28.86 -13.78
CA ALA C 338 -8.41 -29.56 -14.39
C ALA C 338 -7.11 -28.81 -14.17
N LEU C 339 -7.13 -27.49 -14.25
CA LEU C 339 -5.92 -26.70 -14.01
C LEU C 339 -5.46 -26.81 -12.57
N CYS C 340 -6.38 -26.73 -11.63
CA CYS C 340 -6.00 -26.84 -10.22
C CYS C 340 -5.54 -28.26 -9.87
N GLU C 341 -6.07 -29.27 -10.56
CA GLU C 341 -5.58 -30.62 -10.34
C GLU C 341 -4.21 -30.83 -10.97
N ARG C 342 -3.92 -30.10 -12.04
CA ARG C 342 -2.61 -30.20 -12.66
C ARG C 342 -1.54 -29.57 -11.78
N LEU C 343 -1.85 -28.42 -11.17
CA LEU C 343 -0.85 -27.75 -10.35
C LEU C 343 -0.51 -28.52 -9.09
N GLN C 344 -1.52 -29.00 -8.37
CA GLN C 344 -1.29 -29.83 -7.21
C GLN C 344 -2.52 -30.71 -6.98
N PRO C 345 -2.43 -32.01 -7.23
CA PRO C 345 -3.61 -32.86 -7.17
C PRO C 345 -4.07 -33.11 -5.74
N GLY C 346 -5.37 -33.36 -5.60
CA GLY C 346 -5.92 -33.78 -4.34
C GLY C 346 -6.34 -32.67 -3.41
N ILE C 347 -6.13 -31.41 -3.76
CA ILE C 347 -6.46 -30.30 -2.88
C ILE C 347 -7.83 -29.71 -3.20
N VAL C 348 -8.07 -29.36 -4.46
CA VAL C 348 -9.35 -28.80 -4.86
C VAL C 348 -10.39 -29.90 -4.87
N GLN C 349 -11.48 -29.68 -4.14
CA GLN C 349 -12.53 -30.68 -4.06
C GLN C 349 -13.64 -30.42 -5.07
N ASN C 350 -13.94 -29.16 -5.32
CA ASN C 350 -15.09 -28.80 -6.14
C ASN C 350 -14.89 -27.41 -6.68
N VAL C 351 -15.34 -27.19 -7.91
CA VAL C 351 -15.31 -25.90 -8.55
C VAL C 351 -16.72 -25.57 -9.00
N HIS C 352 -17.18 -24.36 -8.71
CA HIS C 352 -18.52 -23.95 -9.08
C HIS C 352 -18.49 -22.53 -9.59
N ILE C 353 -19.08 -22.30 -10.76
CA ILE C 353 -19.32 -20.96 -11.24
C ILE C 353 -20.83 -20.74 -11.21
N PRO C 354 -21.36 -19.98 -10.27
CA PRO C 354 -22.81 -19.79 -10.21
C PRO C 354 -23.30 -18.83 -11.27
N TYR C 355 -24.62 -18.85 -11.45
CA TYR C 355 -25.28 -17.92 -12.37
C TYR C 355 -25.06 -16.49 -11.94
N CYS C 356 -24.99 -16.25 -10.63
CA CYS C 356 -24.86 -14.92 -10.09
C CYS C 356 -23.54 -14.26 -10.40
N MET C 357 -22.47 -15.02 -10.62
CA MET C 357 -21.18 -14.35 -10.68
C MET C 357 -20.99 -13.68 -12.02
N THR C 358 -20.80 -14.48 -13.10
CA THR C 358 -21.12 -14.25 -14.51
C THR C 358 -20.61 -15.42 -15.32
N ASP C 359 -20.71 -15.31 -16.65
CA ASP C 359 -20.06 -16.27 -17.54
C ASP C 359 -18.56 -16.29 -17.34
N TRP C 360 -17.91 -15.15 -17.46
CA TRP C 360 -16.45 -15.07 -17.47
C TRP C 360 -15.87 -14.26 -16.33
N GLY C 361 -16.66 -13.92 -15.31
CA GLY C 361 -16.19 -12.95 -14.34
C GLY C 361 -15.79 -13.57 -13.02
N GLY C 362 -16.34 -14.73 -12.70
CA GLY C 362 -16.10 -15.26 -11.38
C GLY C 362 -16.04 -16.76 -11.35
N CYS C 363 -15.53 -17.28 -10.23
CA CYS C 363 -15.56 -18.71 -9.95
C CYS C 363 -15.39 -18.89 -8.44
N ILE C 364 -15.81 -20.05 -7.95
CA ILE C 364 -15.62 -20.44 -6.57
C ILE C 364 -14.98 -21.82 -6.54
N ILE C 365 -13.82 -21.93 -5.92
CA ILE C 365 -13.16 -23.22 -5.74
C ILE C 365 -13.25 -23.59 -4.27
N GLN C 366 -13.18 -24.87 -4.00
CA GLN C 366 -13.29 -25.39 -2.64
C GLN C 366 -12.11 -26.30 -2.38
N VAL C 367 -11.26 -25.91 -1.46
CA VAL C 367 -10.02 -26.63 -1.21
C VAL C 367 -10.10 -27.35 0.13
N LYS C 368 -9.26 -28.35 0.29
CA LYS C 368 -9.15 -29.11 1.53
C LYS C 368 -7.69 -29.37 1.81
N LYS C 369 -7.17 -28.78 2.88
CA LYS C 369 -5.77 -28.88 3.23
C LYS C 369 -5.58 -30.14 4.07
N ARG C 370 -4.73 -31.05 3.60
CA ARG C 370 -4.55 -32.32 4.29
C ARG C 370 -3.46 -32.23 5.34
N ASN C 371 -2.47 -31.36 5.14
CA ASN C 371 -1.43 -31.19 6.13
C ASN C 371 -0.90 -29.77 6.03
N GLN C 372 0.10 -29.48 6.86
CA GLN C 372 0.63 -28.13 6.98
C GLN C 372 1.37 -27.70 5.72
N ILE C 373 1.91 -28.66 4.97
CA ILE C 373 2.66 -28.35 3.76
C ILE C 373 1.76 -27.88 2.63
N GLU C 374 0.47 -28.21 2.69
CA GLU C 374 -0.48 -27.76 1.69
C GLU C 374 -1.09 -26.41 2.04
N GLU C 375 -0.68 -25.79 3.13
CA GLU C 375 -1.20 -24.48 3.47
C GLU C 375 -0.55 -23.44 2.57
N GLY C 376 -1.38 -22.70 1.85
CA GLY C 376 -0.92 -21.71 0.92
C GLY C 376 -1.19 -22.07 -0.52
N TRP C 377 -1.61 -23.29 -0.80
CA TRP C 377 -1.85 -23.69 -2.18
C TRP C 377 -3.09 -23.03 -2.76
N GLN C 378 -4.00 -22.59 -1.91
CA GLN C 378 -5.17 -21.90 -2.41
C GLN C 378 -4.83 -20.54 -2.99
N ARG C 379 -3.73 -19.93 -2.53
CA ARG C 379 -3.33 -18.66 -3.12
C ARG C 379 -2.68 -18.84 -4.47
N ASN C 380 -1.90 -19.92 -4.63
CA ASN C 380 -1.41 -20.31 -5.95
C ASN C 380 -2.56 -20.59 -6.89
N PHE C 381 -3.58 -21.28 -6.39
CA PHE C 381 -4.73 -21.61 -7.22
C PHE C 381 -5.49 -20.36 -7.64
N LEU C 382 -5.68 -19.42 -6.72
CA LEU C 382 -6.39 -18.19 -7.06
C LEU C 382 -5.61 -17.33 -8.05
N ALA C 383 -4.29 -17.24 -7.86
CA ALA C 383 -3.49 -16.45 -8.79
C ALA C 383 -3.43 -17.10 -10.16
N ALA C 384 -3.33 -18.43 -10.21
CA ALA C 384 -3.29 -19.13 -11.49
C ALA C 384 -4.61 -19.05 -12.22
N ILE C 385 -5.72 -19.12 -11.48
CA ILE C 385 -7.04 -19.02 -12.09
C ILE C 385 -7.26 -17.63 -12.64
N LEU C 386 -6.88 -16.59 -11.88
CA LEU C 386 -7.09 -15.23 -12.33
C LEU C 386 -6.16 -14.88 -13.49
N ALA C 387 -4.99 -15.50 -13.55
CA ALA C 387 -4.07 -15.20 -14.64
C ALA C 387 -4.45 -15.96 -15.90
N CYS C 388 -4.94 -17.19 -15.76
CA CYS C 388 -5.21 -18.01 -16.92
C CYS C 388 -6.65 -17.93 -17.41
N SER C 389 -7.37 -16.84 -17.13
CA SER C 389 -8.77 -16.76 -17.53
C SER C 389 -9.13 -15.49 -18.29
N GLN C 390 -8.19 -14.55 -18.40
CA GLN C 390 -8.35 -13.29 -19.14
C GLN C 390 -9.56 -12.48 -18.67
N GLY C 391 -9.46 -11.89 -17.50
CA GLY C 391 -10.49 -10.97 -17.09
C GLY C 391 -11.51 -11.56 -16.16
N MET C 392 -11.22 -12.68 -15.54
CA MET C 392 -11.99 -13.09 -14.38
C MET C 392 -11.78 -12.05 -13.29
N ARG C 393 -12.87 -11.52 -12.76
CA ARG C 393 -12.76 -10.42 -11.83
C ARG C 393 -12.75 -10.85 -10.37
N LEU C 394 -13.27 -12.03 -10.05
CA LEU C 394 -13.45 -12.40 -8.66
C LEU C 394 -13.34 -13.91 -8.49
N ALA C 395 -12.27 -14.37 -7.89
CA ALA C 395 -12.13 -15.78 -7.58
C ALA C 395 -12.12 -15.95 -6.08
N ILE C 396 -12.89 -16.90 -5.58
CA ILE C 396 -13.07 -17.11 -4.15
C ILE C 396 -12.71 -18.55 -3.82
N ALA C 397 -11.83 -18.73 -2.86
CA ALA C 397 -11.47 -20.04 -2.35
C ALA C 397 -12.09 -20.24 -0.98
N VAL C 398 -12.83 -21.32 -0.80
CA VAL C 398 -13.49 -21.62 0.46
C VAL C 398 -13.06 -23.00 0.93
N SER C 399 -13.32 -23.27 2.20
CA SER C 399 -12.95 -24.56 2.76
C SER C 399 -14.04 -25.59 2.49
N GLU C 400 -13.84 -26.78 3.02
CA GLU C 400 -14.67 -27.92 2.64
C GLU C 400 -15.93 -28.07 3.49
N ASP C 401 -16.11 -27.26 4.53
CA ASP C 401 -17.34 -27.31 5.31
C ASP C 401 -18.36 -26.29 4.84
N VAL C 402 -18.25 -25.85 3.59
CA VAL C 402 -19.10 -24.83 3.01
C VAL C 402 -19.94 -25.47 1.91
N ASP C 403 -21.18 -25.05 1.81
CA ASP C 403 -22.02 -25.40 0.68
C ASP C 403 -21.65 -24.48 -0.47
N ILE C 404 -21.02 -25.03 -1.50
CA ILE C 404 -20.48 -24.21 -2.58
C ILE C 404 -21.58 -23.70 -3.50
N TYR C 405 -22.77 -24.29 -3.45
CA TYR C 405 -23.85 -23.90 -4.35
C TYR C 405 -24.76 -22.85 -3.76
N SER C 406 -24.55 -22.45 -2.51
CA SER C 406 -25.35 -21.44 -1.84
C SER C 406 -24.54 -20.16 -1.74
N MET C 407 -25.06 -19.07 -2.30
CA MET C 407 -24.33 -17.82 -2.24
C MET C 407 -24.45 -17.18 -0.88
N ASP C 408 -25.43 -17.59 -0.08
CA ASP C 408 -25.50 -17.16 1.30
C ASP C 408 -24.35 -17.74 2.11
N ASP C 409 -23.97 -18.97 1.83
CA ASP C 409 -22.87 -19.59 2.55
C ASP C 409 -21.55 -18.97 2.15
N ILE C 410 -21.44 -18.57 0.88
CA ILE C 410 -20.26 -17.85 0.40
C ILE C 410 -20.17 -16.49 1.05
N MET C 411 -21.31 -15.81 1.21
CA MET C 411 -21.30 -14.50 1.85
C MET C 411 -20.97 -14.63 3.33
N TRP C 412 -21.37 -15.75 3.94
CA TRP C 412 -20.98 -16.02 5.32
C TRP C 412 -19.48 -16.22 5.44
N CYS C 413 -18.87 -16.90 4.47
CA CYS C 413 -17.42 -17.06 4.49
C CYS C 413 -16.72 -15.75 4.22
N LEU C 414 -17.32 -14.88 3.41
CA LEU C 414 -16.75 -13.56 3.19
C LEU C 414 -16.82 -12.70 4.43
N THR C 415 -17.86 -12.88 5.23
CA THR C 415 -17.99 -12.09 6.45
C THR C 415 -17.05 -12.59 7.53
N THR C 416 -16.94 -13.90 7.71
CA THR C 416 -16.29 -14.41 8.90
C THR C 416 -14.88 -14.93 8.68
N ARG C 417 -14.47 -15.20 7.45
CA ARG C 417 -13.21 -15.91 7.23
C ARG C 417 -12.20 -15.14 6.39
N VAL C 418 -12.43 -13.86 6.14
CA VAL C 418 -11.54 -13.07 5.29
C VAL C 418 -10.85 -12.01 6.12
N ASN C 419 -9.54 -12.07 6.19
CA ASN C 419 -8.73 -10.95 6.67
C ASN C 419 -8.63 -9.93 5.55
N PRO C 420 -9.15 -8.72 5.71
CA PRO C 420 -9.11 -7.76 4.60
C PRO C 420 -7.74 -7.21 4.30
N GLN C 421 -6.76 -7.46 5.17
CA GLN C 421 -5.41 -6.96 4.92
C GLN C 421 -4.56 -7.96 4.17
N THR C 422 -4.79 -9.26 4.39
CA THR C 422 -3.96 -10.28 3.80
C THR C 422 -4.67 -11.18 2.80
N ASP C 423 -5.99 -11.36 2.90
CA ASP C 423 -6.67 -12.39 2.14
C ASP C 423 -7.33 -11.87 0.87
N ILE C 424 -7.02 -10.65 0.45
CA ILE C 424 -7.51 -10.12 -0.81
C ILE C 424 -6.34 -10.02 -1.76
N LEU C 425 -6.38 -10.80 -2.83
CA LEU C 425 -5.31 -10.83 -3.81
C LEU C 425 -5.68 -9.96 -5.00
N ASN C 426 -4.73 -9.15 -5.45
CA ASN C 426 -4.88 -8.35 -6.65
C ASN C 426 -3.68 -8.66 -7.54
N PRO C 427 -3.72 -9.79 -8.24
CA PRO C 427 -2.47 -10.33 -8.81
C PRO C 427 -1.93 -9.59 -10.00
N LEU C 428 -2.78 -9.21 -10.95
CA LEU C 428 -2.32 -8.72 -12.25
C LEU C 428 -2.96 -7.37 -12.61
N PRO C 429 -2.61 -6.30 -11.91
CA PRO C 429 -3.14 -4.98 -12.29
C PRO C 429 -2.50 -4.51 -13.58
N GLY C 430 -3.34 -4.16 -14.55
CA GLY C 430 -2.85 -3.76 -15.84
C GLY C 430 -2.77 -4.87 -16.86
N GLY C 431 -3.31 -6.04 -16.55
CA GLY C 431 -3.35 -7.13 -17.50
C GLY C 431 -4.49 -6.98 -18.49
N ARG C 432 -4.85 -8.10 -19.09
CA ARG C 432 -5.95 -8.14 -20.03
C ARG C 432 -7.25 -8.46 -19.31
N GLY C 433 -8.29 -7.70 -19.65
CA GLY C 433 -9.60 -7.94 -19.09
C GLY C 433 -10.63 -8.19 -20.15
N GLN C 434 -11.90 -8.19 -19.78
CA GLN C 434 -12.99 -8.34 -20.72
C GLN C 434 -13.69 -6.99 -20.86
N THR C 435 -13.78 -6.49 -22.10
CA THR C 435 -14.24 -5.12 -22.32
C THR C 435 -15.73 -4.98 -22.06
N PHE C 436 -16.46 -6.10 -21.98
CA PHE C 436 -17.90 -6.03 -21.79
C PHE C 436 -18.29 -5.77 -20.34
N MET C 437 -17.34 -5.70 -19.42
CA MET C 437 -17.61 -5.25 -18.08
C MET C 437 -17.51 -3.75 -18.00
N PRO C 438 -18.56 -3.04 -17.57
CA PRO C 438 -18.50 -1.57 -17.56
C PRO C 438 -17.60 -1.00 -16.48
N ALA C 439 -17.15 -1.85 -15.56
CA ALA C 439 -16.09 -1.45 -14.64
C ALA C 439 -14.78 -1.20 -15.39
N GLU C 440 -14.63 -1.78 -16.57
CA GLU C 440 -13.49 -1.43 -17.42
C GLU C 440 -13.82 -0.27 -18.35
N ARG C 441 -15.10 0.04 -18.55
CA ARG C 441 -15.47 1.32 -19.16
C ARG C 441 -15.09 2.48 -18.25
N MET C 442 -15.15 2.28 -16.94
CA MET C 442 -14.74 3.32 -16.01
C MET C 442 -13.25 3.61 -16.10
N THR C 443 -12.46 2.68 -16.63
CA THR C 443 -11.03 2.89 -16.79
C THR C 443 -10.65 3.38 -18.18
N SER C 444 -11.57 3.33 -19.15
CA SER C 444 -11.25 3.83 -20.49
C SER C 444 -11.29 5.35 -20.52
N GLY C 445 -12.08 5.96 -19.65
CA GLY C 445 -12.17 7.41 -19.58
C GLY C 445 -13.00 7.96 -20.71
N ASP C 446 -12.55 9.07 -21.29
CA ASP C 446 -13.26 9.67 -22.40
C ASP C 446 -12.73 9.19 -23.76
N LYS C 447 -11.86 8.18 -23.75
CA LYS C 447 -11.57 7.48 -24.99
C LYS C 447 -12.71 6.52 -25.33
N GLN C 448 -12.52 5.79 -26.43
CA GLN C 448 -13.57 4.87 -26.89
C GLN C 448 -13.62 3.64 -26.00
N TRP C 449 -14.83 3.20 -25.67
CA TRP C 449 -14.96 1.96 -24.90
C TRP C 449 -14.73 0.77 -25.82
N THR C 450 -13.47 0.48 -26.11
CA THR C 450 -13.06 -0.70 -26.85
C THR C 450 -12.05 -1.47 -26.01
N ALA C 451 -11.59 -2.60 -26.53
CA ALA C 451 -10.59 -3.38 -25.80
C ALA C 451 -9.20 -2.77 -25.91
N SER C 452 -9.02 -1.80 -26.81
CA SER C 452 -7.73 -1.15 -26.94
C SER C 452 -7.53 -0.06 -25.90
N ASN C 453 -8.60 0.38 -25.24
CA ASN C 453 -8.50 1.51 -24.33
C ASN C 453 -8.79 1.17 -22.88
N THR C 454 -9.35 0.00 -22.60
CA THR C 454 -9.65 -0.37 -21.22
C THR C 454 -8.39 -0.70 -20.45
N GLN C 455 -8.46 -0.54 -19.13
CA GLN C 455 -7.36 -0.87 -18.24
C GLN C 455 -7.88 -1.77 -17.14
N PHE C 456 -7.38 -2.99 -17.08
CA PHE C 456 -7.85 -3.95 -16.10
C PHE C 456 -7.36 -3.59 -14.71
N GLU C 457 -8.25 -3.69 -13.74
CA GLU C 457 -7.91 -3.35 -12.37
C GLU C 457 -7.19 -4.47 -11.65
N GLY C 458 -7.19 -5.68 -12.20
CA GLY C 458 -6.33 -6.72 -11.73
C GLY C 458 -7.00 -7.95 -11.18
N GLY C 459 -8.31 -7.95 -11.04
CA GLY C 459 -8.98 -9.08 -10.46
C GLY C 459 -8.87 -9.09 -8.94
N MET C 460 -9.69 -9.94 -8.34
CA MET C 460 -9.82 -9.97 -6.89
C MET C 460 -9.86 -11.42 -6.44
N GLY C 461 -8.76 -11.89 -5.87
CA GLY C 461 -8.73 -13.23 -5.35
C GLY C 461 -8.95 -13.22 -3.86
N ILE C 462 -10.02 -13.84 -3.40
CA ILE C 462 -10.39 -13.78 -1.99
C ILE C 462 -10.17 -15.15 -1.38
N ASP C 463 -9.25 -15.21 -0.43
CA ASP C 463 -8.93 -16.44 0.28
C ASP C 463 -9.79 -16.48 1.54
N ALA C 464 -10.94 -17.13 1.43
CA ALA C 464 -11.84 -17.30 2.56
C ALA C 464 -11.71 -18.67 3.19
N THR C 465 -10.52 -19.26 3.16
CA THR C 465 -10.34 -20.59 3.71
C THR C 465 -9.92 -20.51 5.16
N VAL C 466 -10.13 -21.62 5.86
CA VAL C 466 -9.68 -21.80 7.24
C VAL C 466 -8.20 -22.09 7.20
N PRO C 467 -7.38 -21.42 8.02
CA PRO C 467 -5.97 -21.80 8.12
C PRO C 467 -5.83 -23.19 8.70
N TYR C 468 -4.79 -23.91 8.26
CA TYR C 468 -4.59 -25.26 8.72
C TYR C 468 -4.18 -25.26 10.18
N GLY C 469 -4.72 -26.21 10.95
CA GLY C 469 -4.47 -26.27 12.37
C GLY C 469 -5.39 -25.42 13.21
N TYR C 470 -6.28 -24.67 12.58
CA TYR C 470 -7.29 -23.87 13.28
C TYR C 470 -8.68 -24.34 12.92
N GLU C 471 -8.83 -25.65 12.67
CA GLU C 471 -10.13 -26.18 12.32
C GLU C 471 -11.02 -26.30 13.54
N SER C 472 -10.42 -26.34 14.73
CA SER C 472 -11.22 -26.38 15.94
C SER C 472 -11.81 -25.02 16.26
N ASP C 473 -11.08 -23.95 15.97
CA ASP C 473 -11.58 -22.61 16.26
C ASP C 473 -12.57 -22.15 15.21
N PHE C 474 -12.41 -22.64 13.97
CA PHE C 474 -13.32 -22.32 12.89
C PHE C 474 -14.32 -23.43 12.64
N HIS C 475 -14.70 -24.16 13.67
CA HIS C 475 -15.55 -25.32 13.52
C HIS C 475 -17.00 -24.91 13.37
N ARG C 476 -17.70 -25.54 12.45
CA ARG C 476 -19.07 -25.15 12.16
C ARG C 476 -20.05 -25.91 13.05
N PRO C 477 -21.14 -25.28 13.48
CA PRO C 477 -21.75 -25.64 14.76
C PRO C 477 -22.83 -26.70 14.71
N VAL C 478 -22.56 -27.88 14.15
CA VAL C 478 -23.57 -28.90 13.82
C VAL C 478 -24.55 -29.25 14.94
N TYR C 479 -25.83 -29.08 14.67
CA TYR C 479 -26.90 -29.35 15.61
C TYR C 479 -27.37 -30.79 15.48
N GLY C 480 -28.35 -31.15 16.29
CA GLY C 480 -28.86 -32.50 16.25
C GLY C 480 -30.07 -32.68 15.35
N VAL C 481 -29.90 -32.45 14.05
CA VAL C 481 -31.03 -32.56 13.13
C VAL C 481 -31.36 -34.00 12.74
N ASP C 482 -30.52 -34.95 13.10
CA ASP C 482 -30.80 -36.36 12.86
C ASP C 482 -30.94 -37.15 14.15
N LEU C 483 -30.83 -36.50 15.30
CA LEU C 483 -31.08 -37.13 16.58
C LEU C 483 -32.54 -37.10 16.97
N VAL C 484 -33.34 -36.26 16.33
CA VAL C 484 -34.75 -36.09 16.65
C VAL C 484 -35.56 -36.26 15.37
N LYS C 485 -36.71 -36.91 15.48
CA LYS C 485 -37.58 -37.12 14.34
C LYS C 485 -38.83 -36.28 14.49
N PRO C 486 -39.13 -35.40 13.55
CA PRO C 486 -40.32 -34.56 13.68
C PRO C 486 -41.62 -35.31 13.47
N GLU C 487 -41.56 -36.54 12.97
CA GLU C 487 -42.78 -37.31 12.74
C GLU C 487 -43.38 -37.79 14.05
N ASN C 488 -42.57 -37.85 15.11
CA ASN C 488 -43.10 -38.14 16.43
C ASN C 488 -43.93 -36.98 16.96
N PHE C 489 -43.39 -35.76 16.84
CA PHE C 489 -43.99 -34.62 17.54
C PHE C 489 -45.18 -34.06 16.79
N PHE C 490 -45.12 -33.99 15.47
CA PHE C 490 -46.17 -33.37 14.68
C PHE C 490 -46.73 -34.39 13.69
N ASP C 491 -47.87 -34.04 13.11
CA ASP C 491 -48.45 -34.84 12.05
C ASP C 491 -47.85 -34.46 10.71
N ALA C 492 -48.44 -34.98 9.63
CA ALA C 492 -47.95 -34.64 8.30
C ALA C 492 -48.31 -33.21 7.93
N LYS C 493 -49.47 -32.73 8.37
CA LYS C 493 -49.97 -31.43 7.95
C LYS C 493 -49.15 -30.29 8.54
N ASP C 494 -48.82 -30.39 9.84
CA ASP C 494 -47.96 -29.38 10.45
C ASP C 494 -46.57 -29.42 9.85
N ILE C 495 -46.08 -30.62 9.52
CA ILE C 495 -44.72 -30.77 9.00
C ILE C 495 -44.60 -30.13 7.62
N ASP C 496 -45.51 -30.43 6.70
CA ASP C 496 -45.35 -29.83 5.38
C ASP C 496 -45.80 -28.37 5.36
N LYS C 497 -46.66 -27.97 6.31
CA LYS C 497 -46.97 -26.55 6.46
C LYS C 497 -45.74 -25.76 6.90
N MET C 498 -44.93 -26.33 7.79
CA MET C 498 -43.71 -25.64 8.19
C MET C 498 -42.63 -25.75 7.13
N LYS C 499 -42.64 -26.84 6.36
CA LYS C 499 -41.61 -27.04 5.35
C LYS C 499 -41.87 -26.16 4.12
N SER C 500 -43.12 -25.75 3.91
CA SER C 500 -43.43 -24.95 2.74
C SER C 500 -42.96 -23.51 2.89
N ARG C 501 -42.62 -23.09 4.10
CA ARG C 501 -42.25 -21.70 4.31
C ARG C 501 -40.74 -21.50 4.23
N MET C 502 -39.98 -22.58 4.28
CA MET C 502 -38.53 -22.48 4.26
C MET C 502 -38.01 -22.31 2.84
N ALA C 503 -37.00 -21.45 2.68
CA ALA C 503 -36.43 -21.19 1.36
C ALA C 503 -35.02 -20.64 1.47
N GLY C 504 -34.08 -21.23 0.74
CA GLY C 504 -32.75 -20.66 0.63
C GLY C 504 -31.72 -21.22 1.60
N TRP C 505 -31.13 -20.31 2.39
CA TRP C 505 -30.04 -20.71 3.26
C TRP C 505 -30.55 -21.56 4.41
N VAL C 506 -31.81 -21.39 4.80
CA VAL C 506 -32.39 -22.27 5.79
C VAL C 506 -32.59 -23.66 5.23
N LEU C 507 -32.83 -23.77 3.92
CA LEU C 507 -32.92 -25.08 3.28
C LEU C 507 -31.56 -25.74 3.22
N SER C 508 -30.51 -24.95 3.04
CA SER C 508 -29.16 -25.50 3.06
C SER C 508 -28.75 -25.89 4.48
N LEU C 509 -29.17 -25.12 5.47
CA LEU C 509 -28.69 -25.34 6.83
C LEU C 509 -29.47 -26.43 7.53
N ALA C 510 -30.75 -26.60 7.20
CA ALA C 510 -31.58 -27.59 7.89
C ALA C 510 -31.17 -29.03 7.52
N ARG C 511 -30.52 -29.35 5.99
CA ARG C 511 -29.93 -30.64 5.55
C ARG C 511 -28.66 -30.94 6.34
N THR C 512 -27.79 -29.95 6.47
CA THR C 512 -26.49 -30.16 7.08
C THR C 512 -26.51 -30.03 8.60
N GLY C 513 -27.46 -29.30 9.16
CA GLY C 513 -27.51 -29.13 10.60
C GLY C 513 -26.61 -28.07 11.15
N ARG C 514 -25.95 -27.28 10.31
CA ARG C 514 -24.98 -26.31 10.78
C ARG C 514 -25.53 -24.89 10.67
N GLU D 1 -54.47 -9.77 38.54
CA GLU D 1 -53.17 -9.98 37.92
C GLU D 1 -53.19 -11.17 36.95
N ARG D 2 -54.08 -11.12 35.95
CA ARG D 2 -54.16 -12.23 35.01
C ARG D 2 -54.31 -11.73 33.56
N VAL D 3 -54.10 -10.44 33.34
CA VAL D 3 -54.13 -9.90 31.97
C VAL D 3 -52.86 -9.12 31.68
N GLY D 4 -52.35 -9.26 30.46
CA GLY D 4 -51.07 -8.72 30.05
C GLY D 4 -51.06 -7.96 28.74
N GLU D 5 -52.06 -7.09 28.50
CA GLU D 5 -52.83 -6.91 27.24
C GLU D 5 -52.05 -7.29 25.98
N LYS D 6 -50.83 -6.79 25.78
CA LYS D 6 -50.02 -7.27 24.67
C LYS D 6 -48.81 -8.02 25.20
N ASP D 7 -48.86 -9.33 25.16
CA ASP D 7 -47.81 -10.16 25.74
C ASP D 7 -47.70 -11.44 24.91
N LEU D 8 -47.01 -12.43 25.47
CA LEU D 8 -46.71 -13.65 24.73
C LEU D 8 -47.96 -14.50 24.54
N ARG D 9 -48.87 -14.49 25.52
CA ARG D 9 -50.07 -15.31 25.42
C ARG D 9 -51.04 -14.76 24.37
N ALA D 10 -51.17 -13.43 24.30
CA ALA D 10 -52.00 -12.82 23.28
C ALA D 10 -51.41 -13.02 21.90
N ALA D 11 -50.08 -13.02 21.81
CA ALA D 11 -49.42 -13.31 20.55
C ALA D 11 -49.64 -14.76 20.13
N LEU D 12 -49.65 -15.67 21.09
CA LEU D 12 -49.96 -17.07 20.79
C LEU D 12 -51.40 -17.23 20.33
N GLU D 13 -52.31 -16.46 20.92
CA GLU D 13 -53.70 -16.52 20.48
C GLU D 13 -53.88 -15.96 19.08
N TRP D 14 -53.13 -14.91 18.75
CA TRP D 14 -53.18 -14.36 17.40
C TRP D 14 -52.56 -15.31 16.39
N PHE D 15 -51.48 -15.99 16.79
CA PHE D 15 -50.85 -16.98 15.92
C PHE D 15 -51.77 -18.17 15.68
N ARG D 16 -52.51 -18.57 16.70
CA ARG D 16 -53.45 -19.67 16.54
C ARG D 16 -54.65 -19.25 15.69
N SER D 17 -55.04 -17.97 15.79
CA SER D 17 -56.14 -17.49 14.97
C SER D 17 -55.74 -17.38 13.51
N LYS D 18 -54.49 -17.00 13.24
CA LYS D 18 -54.04 -16.88 11.86
C LYS D 18 -53.67 -18.23 11.27
N GLY D 19 -53.57 -19.26 12.09
CA GLY D 19 -53.18 -20.58 11.61
C GLY D 19 -51.70 -20.82 11.56
N TYR D 20 -50.89 -19.94 12.17
CA TYR D 20 -49.44 -20.04 12.11
C TYR D 20 -48.87 -20.86 13.25
N LEU D 21 -49.68 -21.29 14.19
CA LEU D 21 -49.19 -21.94 15.40
C LEU D 21 -49.16 -23.45 15.20
N VAL D 22 -48.01 -24.04 15.49
CA VAL D 22 -47.82 -25.48 15.45
C VAL D 22 -47.61 -25.94 16.88
N GLU D 23 -48.54 -26.74 17.38
CA GLU D 23 -48.54 -27.11 18.78
C GLU D 23 -48.61 -28.62 18.92
N THR D 24 -47.80 -29.15 19.81
CA THR D 24 -47.79 -30.59 20.08
C THR D 24 -47.97 -30.82 21.56
N ASN D 25 -48.21 -32.07 21.93
CA ASN D 25 -48.45 -32.45 23.31
C ASN D 25 -47.47 -33.51 23.78
N LYS D 26 -46.48 -33.86 22.96
CA LYS D 26 -45.55 -34.91 23.32
C LYS D 26 -44.35 -34.32 24.06
N GLU D 27 -43.81 -35.13 24.96
CA GLU D 27 -42.83 -34.69 25.94
C GLU D 27 -41.46 -34.53 25.28
N VAL D 28 -40.95 -33.30 25.25
CA VAL D 28 -39.73 -32.99 24.51
C VAL D 28 -38.59 -32.78 25.50
N ASN D 29 -37.42 -33.29 25.16
CA ASN D 29 -36.24 -33.09 25.99
C ASN D 29 -35.67 -31.69 25.73
N PRO D 30 -35.30 -30.96 26.78
CA PRO D 30 -34.45 -29.77 26.58
C PRO D 30 -33.05 -30.13 26.11
N ASP D 31 -32.63 -31.36 26.32
CA ASP D 31 -31.34 -31.86 25.86
C ASP D 31 -31.48 -32.34 24.41
N LEU D 32 -31.00 -31.52 23.48
CA LEU D 32 -30.76 -31.87 22.07
C LEU D 32 -32.04 -32.24 21.32
N GLU D 33 -33.16 -31.66 21.73
CA GLU D 33 -34.36 -31.92 20.96
C GLU D 33 -35.06 -30.63 20.57
N ILE D 34 -35.03 -29.63 21.44
CA ILE D 34 -35.68 -28.36 21.14
C ILE D 34 -34.89 -27.62 20.07
N THR D 35 -33.57 -27.51 20.25
CA THR D 35 -32.74 -26.83 19.26
C THR D 35 -32.62 -27.66 17.98
N GLY D 36 -32.67 -28.98 18.11
CA GLY D 36 -32.67 -29.82 16.93
C GLY D 36 -33.92 -29.66 16.10
N LEU D 37 -35.08 -29.63 16.75
CA LEU D 37 -36.34 -29.40 16.04
C LEU D 37 -36.43 -27.98 15.52
N GLN D 38 -35.74 -27.04 16.18
CA GLN D 38 -35.71 -25.68 15.67
C GLN D 38 -34.85 -25.57 14.42
N LYS D 39 -33.75 -26.33 14.38
CA LYS D 39 -32.88 -26.25 13.21
C LYS D 39 -33.43 -27.07 12.04
N ILE D 40 -34.20 -28.12 12.33
CA ILE D 40 -34.88 -28.88 11.27
C ILE D 40 -35.88 -27.99 10.54
N PHE D 41 -36.55 -27.11 11.26
CA PHE D 41 -37.55 -26.22 10.69
C PHE D 41 -37.10 -24.77 10.81
N ASP D 42 -35.83 -24.51 10.47
CA ASP D 42 -35.24 -23.18 10.64
C ASP D 42 -35.91 -22.16 9.73
N GLY D 43 -36.27 -21.02 10.30
CA GLY D 43 -36.94 -19.98 9.54
C GLY D 43 -38.36 -20.32 9.17
N SER D 44 -39.15 -20.80 10.13
CA SER D 44 -40.52 -21.22 9.85
C SER D 44 -41.44 -20.86 11.00
N LEU D 45 -42.60 -21.50 11.04
CA LEU D 45 -43.68 -21.18 11.97
C LEU D 45 -43.27 -21.40 13.43
N PRO D 46 -43.94 -20.73 14.37
CA PRO D 46 -43.68 -20.99 15.79
C PRO D 46 -44.11 -22.37 16.22
N MET D 47 -43.31 -22.98 17.09
CA MET D 47 -43.59 -24.29 17.65
C MET D 47 -43.83 -24.17 19.14
N LEU D 48 -44.95 -24.70 19.61
CA LEU D 48 -45.30 -24.66 21.02
C LEU D 48 -45.28 -26.06 21.58
N PHE D 49 -44.45 -26.28 22.60
CA PHE D 49 -44.34 -27.57 23.26
C PHE D 49 -45.03 -27.48 24.60
N ASN D 50 -46.10 -28.25 24.77
CA ASN D 50 -46.88 -28.19 26.00
C ASN D 50 -46.20 -28.94 27.13
N ASN D 51 -45.54 -30.06 26.83
CA ASN D 51 -44.91 -30.88 27.85
C ASN D 51 -43.40 -30.86 27.64
N VAL D 52 -42.68 -30.42 28.67
CA VAL D 52 -41.23 -30.34 28.65
C VAL D 52 -40.69 -31.34 29.65
N LYS D 53 -39.62 -32.04 29.29
CA LYS D 53 -39.02 -33.05 30.14
C LYS D 53 -38.44 -32.43 31.41
N ASP D 54 -38.85 -32.99 32.55
CA ASP D 54 -38.50 -32.58 33.91
C ASP D 54 -38.93 -31.17 34.26
N MET D 55 -39.82 -30.57 33.46
CA MET D 55 -40.39 -29.26 33.75
C MET D 55 -41.89 -29.41 33.66
N PRO D 56 -42.54 -29.92 34.71
CA PRO D 56 -43.97 -30.21 34.63
C PRO D 56 -44.84 -28.96 34.69
N HIS D 57 -44.28 -27.80 35.00
CA HIS D 57 -45.02 -26.57 35.13
C HIS D 57 -44.75 -25.60 34.00
N ALA D 58 -43.97 -25.99 32.99
CA ALA D 58 -43.50 -25.07 31.98
C ALA D 58 -43.87 -25.53 30.59
N ARG D 59 -44.27 -24.58 29.76
CA ARG D 59 -44.38 -24.78 28.32
C ARG D 59 -43.20 -24.11 27.65
N ALA D 60 -42.98 -24.44 26.38
CA ALA D 60 -41.86 -23.90 25.65
C ALA D 60 -42.27 -23.54 24.24
N ILE D 61 -41.94 -22.33 23.85
CA ILE D 61 -42.18 -21.83 22.50
C ILE D 61 -40.83 -21.67 21.83
N THR D 62 -40.78 -21.89 20.52
CA THR D 62 -39.57 -21.69 19.74
C THR D 62 -39.95 -21.36 18.31
N ASN D 63 -38.97 -20.83 17.57
CA ASN D 63 -39.13 -20.27 16.23
C ASN D 63 -40.22 -19.21 16.19
N LEU D 64 -40.27 -18.39 17.24
CA LEU D 64 -41.29 -17.36 17.33
C LEU D 64 -41.02 -16.24 16.34
N PHE D 65 -39.77 -15.84 16.19
CA PHE D 65 -39.36 -14.83 15.22
C PHE D 65 -38.65 -15.47 14.03
N GLY D 66 -38.93 -16.75 13.76
CA GLY D 66 -38.19 -17.45 12.73
C GLY D 66 -38.57 -17.00 11.33
N ASP D 67 -39.86 -16.89 11.06
CA ASP D 67 -40.35 -16.33 9.81
C ASP D 67 -40.56 -14.84 10.02
N ILE D 68 -39.88 -14.03 9.23
CA ILE D 68 -40.00 -12.59 9.42
C ILE D 68 -41.32 -12.08 8.87
N ARG D 69 -41.98 -12.87 8.01
CA ARG D 69 -43.26 -12.46 7.46
C ARG D 69 -44.36 -12.52 8.52
N VAL D 70 -44.33 -13.53 9.37
CA VAL D 70 -45.35 -13.59 10.42
C VAL D 70 -45.07 -12.59 11.52
N VAL D 71 -43.81 -12.17 11.67
CA VAL D 71 -43.49 -11.11 12.62
C VAL D 71 -44.00 -9.77 12.11
N GLU D 72 -43.80 -9.52 10.81
CA GLU D 72 -44.30 -8.29 10.21
C GLU D 72 -45.82 -8.28 10.16
N GLU D 73 -46.44 -9.45 10.08
CA GLU D 73 -47.89 -9.51 10.17
C GLU D 73 -48.36 -9.29 11.59
N LEU D 74 -47.56 -9.71 12.57
CA LEU D 74 -47.92 -9.52 13.97
C LEU D 74 -47.86 -8.04 14.35
N PHE D 75 -46.80 -7.36 13.95
CA PHE D 75 -46.68 -5.95 14.31
C PHE D 75 -47.31 -5.00 13.31
N GLY D 76 -47.94 -5.51 12.26
CA GLY D 76 -48.68 -4.66 11.36
C GLY D 76 -47.85 -3.95 10.32
N TRP D 77 -46.87 -4.63 9.75
CA TRP D 77 -46.04 -4.08 8.69
C TRP D 77 -46.25 -4.88 7.42
N GLU D 78 -46.21 -4.19 6.27
CA GLU D 78 -46.45 -4.87 5.00
C GLU D 78 -45.21 -5.62 4.54
N ASN D 79 -44.07 -4.95 4.47
CA ASN D 79 -42.85 -5.60 4.02
C ASN D 79 -41.70 -5.15 4.92
N SER D 80 -40.49 -5.59 4.58
CA SER D 80 -39.34 -5.33 5.44
C SER D 80 -38.91 -3.88 5.38
N LEU D 81 -39.15 -3.22 4.24
CA LEU D 81 -38.79 -1.82 4.12
C LEU D 81 -39.69 -0.94 4.98
N ASP D 82 -40.98 -1.25 5.00
CA ASP D 82 -41.91 -0.56 5.88
C ASP D 82 -41.56 -0.82 7.34
N ARG D 83 -41.11 -2.04 7.64
CA ARG D 83 -40.68 -2.36 9.00
C ARG D 83 -39.47 -1.53 9.41
N VAL D 84 -38.50 -1.38 8.51
CA VAL D 84 -37.28 -0.63 8.82
C VAL D 84 -37.60 0.83 9.06
N LYS D 85 -38.46 1.40 8.20
CA LYS D 85 -38.81 2.82 8.35
C LYS D 85 -39.68 3.07 9.58
N LYS D 86 -40.62 2.16 9.86
CA LYS D 86 -41.48 2.34 11.03
C LYS D 86 -40.72 2.17 12.33
N VAL D 87 -39.76 1.24 12.37
CA VAL D 87 -39.00 1.06 13.60
C VAL D 87 -37.98 2.19 13.77
N ALA D 88 -37.50 2.78 12.68
CA ALA D 88 -36.68 3.98 12.81
C ALA D 88 -37.49 5.14 13.38
N ARG D 89 -38.72 5.31 12.91
CA ARG D 89 -39.61 6.31 13.47
C ARG D 89 -39.94 6.04 14.93
N ALA D 90 -40.08 4.76 15.28
CA ALA D 90 -40.37 4.39 16.66
C ALA D 90 -39.16 4.61 17.55
N ILE D 91 -37.96 4.50 16.99
CA ILE D 91 -36.75 4.82 17.73
C ILE D 91 -36.71 6.31 18.02
N ASP D 92 -37.09 7.14 17.06
CA ASP D 92 -37.07 8.57 17.36
C ASP D 92 -38.29 9.06 18.14
N HIS D 93 -39.23 8.18 18.49
CA HIS D 93 -40.41 8.58 19.25
C HIS D 93 -40.81 7.47 20.22
N PRO D 94 -40.17 7.40 21.38
CA PRO D 94 -40.52 6.34 22.34
C PRO D 94 -41.77 6.70 23.13
N LEU D 95 -42.46 5.65 23.61
CA LEU D 95 -43.60 5.80 24.50
C LEU D 95 -43.14 5.43 25.90
N LYS D 96 -43.28 6.38 26.83
CA LYS D 96 -42.76 6.20 28.18
C LYS D 96 -43.52 5.08 28.90
N PRO D 97 -42.81 4.12 29.50
CA PRO D 97 -43.49 2.97 30.11
C PRO D 97 -44.25 3.34 31.37
N VAL D 98 -45.35 2.63 31.59
CA VAL D 98 -46.23 2.87 32.74
C VAL D 98 -45.86 1.93 33.86
N ILE D 99 -46.05 2.39 35.08
CA ILE D 99 -45.77 1.59 36.27
C ILE D 99 -47.10 1.22 36.93
N ILE D 100 -47.36 -0.07 37.07
CA ILE D 100 -48.59 -0.55 37.68
C ILE D 100 -48.26 -1.12 39.05
N GLY D 101 -49.31 -1.38 39.82
CA GLY D 101 -49.13 -1.85 41.19
C GLY D 101 -48.67 -3.30 41.23
N GLN D 102 -48.28 -3.72 42.43
CA GLN D 102 -47.70 -5.05 42.63
C GLN D 102 -48.75 -6.15 42.70
N ASP D 103 -50.03 -5.78 42.55
CA ASP D 103 -51.10 -6.75 42.60
C ASP D 103 -51.86 -6.93 41.29
N GLU D 104 -51.53 -6.17 40.24
CA GLU D 104 -52.06 -6.44 38.93
C GLU D 104 -51.01 -6.97 37.97
N ALA D 105 -49.76 -7.08 38.40
CA ALA D 105 -48.74 -7.64 37.53
C ALA D 105 -48.87 -9.16 37.50
N PRO D 106 -49.10 -9.76 36.32
CA PRO D 106 -49.26 -11.22 36.25
C PRO D 106 -47.99 -11.99 36.54
N VAL D 107 -46.81 -11.36 36.48
CA VAL D 107 -45.57 -12.06 36.74
C VAL D 107 -45.30 -12.18 38.24
N GLN D 108 -46.12 -11.55 39.07
CA GLN D 108 -45.94 -11.60 40.52
C GLN D 108 -47.08 -12.35 41.20
N GLU D 109 -47.65 -13.36 40.53
CA GLU D 109 -48.63 -14.20 41.18
C GLU D 109 -47.95 -15.11 42.21
N GLU D 110 -46.85 -15.74 41.83
CA GLU D 110 -46.06 -16.56 42.74
C GLU D 110 -44.72 -15.90 42.96
N VAL D 111 -44.39 -15.62 44.23
CA VAL D 111 -43.14 -14.98 44.57
C VAL D 111 -42.32 -15.91 45.45
N LEU D 112 -41.32 -16.55 44.86
CA LEU D 112 -40.44 -17.42 45.64
C LEU D 112 -39.25 -16.64 46.17
N THR D 113 -39.13 -16.58 47.49
CA THR D 113 -38.03 -15.89 48.13
C THR D 113 -37.06 -16.83 48.82
N THR D 114 -37.44 -18.08 49.06
CA THR D 114 -36.54 -19.12 49.50
C THR D 114 -36.45 -20.16 48.41
N ASP D 115 -35.74 -21.26 48.71
CA ASP D 115 -35.50 -22.44 47.86
C ASP D 115 -35.16 -22.08 46.41
N LEU D 116 -34.29 -21.07 46.27
CA LEU D 116 -33.99 -20.54 44.95
C LEU D 116 -33.06 -21.49 44.21
N ASP D 117 -33.64 -22.44 43.50
CA ASP D 117 -32.92 -23.27 42.54
C ASP D 117 -33.47 -22.86 41.18
N VAL D 118 -32.67 -22.12 40.42
CA VAL D 118 -33.11 -21.58 39.14
C VAL D 118 -33.28 -22.69 38.10
N ASN D 119 -32.45 -23.73 38.19
CA ASN D 119 -32.53 -24.80 37.21
C ASN D 119 -33.74 -25.69 37.44
N LYS D 120 -34.36 -25.61 38.62
CA LYS D 120 -35.57 -26.35 38.88
C LYS D 120 -36.78 -25.75 38.17
N TRP D 121 -36.87 -24.42 38.09
CA TRP D 121 -38.00 -23.74 37.49
C TRP D 121 -37.76 -23.34 36.05
N LEU D 122 -36.61 -22.78 35.74
CA LEU D 122 -36.31 -22.33 34.39
C LEU D 122 -35.67 -23.44 33.59
N THR D 123 -36.08 -23.55 32.32
CA THR D 123 -35.61 -24.61 31.46
C THR D 123 -34.26 -24.25 30.86
N ALA D 124 -33.23 -24.98 31.24
CA ALA D 124 -31.93 -24.90 30.62
C ALA D 124 -31.84 -25.92 29.52
N ILE D 125 -31.21 -25.55 28.41
CA ILE D 125 -31.13 -26.42 27.24
C ILE D 125 -29.68 -26.69 26.90
N ARG D 126 -29.47 -27.74 26.13
CA ARG D 126 -28.21 -28.00 25.45
C ARG D 126 -28.45 -27.97 23.95
N HIS D 127 -27.55 -27.32 23.22
CA HIS D 127 -27.77 -27.12 21.80
C HIS D 127 -27.21 -28.26 20.98
N THR D 128 -25.92 -28.54 21.14
CA THR D 128 -25.19 -29.55 20.40
C THR D 128 -24.69 -30.62 21.33
N PRO D 129 -24.44 -31.84 20.84
CA PRO D 129 -23.88 -32.90 21.69
C PRO D 129 -22.44 -32.66 22.13
N LEU D 130 -21.74 -31.67 21.58
CA LEU D 130 -20.38 -31.36 21.98
C LEU D 130 -20.29 -30.64 23.32
N GLU D 131 -21.42 -30.19 23.87
CA GLU D 131 -21.38 -29.41 25.10
C GLU D 131 -21.46 -30.32 26.32
N THR D 132 -21.19 -29.72 27.47
CA THR D 132 -21.29 -30.40 28.75
C THR D 132 -22.27 -29.75 29.71
N GLU D 133 -22.54 -28.45 29.56
CA GLU D 133 -23.39 -27.71 30.48
C GLU D 133 -24.71 -27.38 29.82
N MET D 134 -25.78 -27.48 30.60
CA MET D 134 -27.10 -27.00 30.19
C MET D 134 -27.27 -25.59 30.72
N THR D 135 -27.42 -24.65 29.81
CA THR D 135 -27.41 -23.23 30.15
C THR D 135 -28.77 -22.61 29.90
N ILE D 136 -29.00 -21.48 30.56
CA ILE D 136 -30.23 -20.72 30.43
C ILE D 136 -29.96 -19.58 29.46
N GLY D 137 -30.59 -19.65 28.30
CA GLY D 137 -30.40 -18.62 27.30
C GLY D 137 -31.71 -18.00 26.84
N SER D 138 -32.63 -17.80 27.76
CA SER D 138 -33.98 -17.37 27.41
C SER D 138 -34.32 -16.00 27.95
N GLY D 139 -33.54 -15.46 28.87
CA GLY D 139 -33.91 -14.25 29.59
C GLY D 139 -33.26 -13.01 29.04
N ILE D 140 -33.96 -11.90 29.19
CA ILE D 140 -33.42 -10.59 28.85
C ILE D 140 -33.17 -9.83 30.14
N SER D 141 -32.08 -9.07 30.16
CA SER D 141 -31.82 -8.21 31.29
C SER D 141 -32.74 -7.00 31.25
N CYS D 142 -32.92 -6.37 32.40
CA CYS D 142 -33.82 -5.22 32.49
C CYS D 142 -33.27 -4.26 33.52
N VAL D 143 -32.58 -3.23 33.06
CA VAL D 143 -32.01 -2.20 33.92
C VAL D 143 -32.77 -0.91 33.66
N VAL D 144 -33.55 -0.46 34.64
CA VAL D 144 -34.39 0.72 34.50
C VAL D 144 -34.05 1.69 35.62
N GLY D 145 -33.73 2.93 35.26
CA GLY D 145 -33.62 3.98 36.24
C GLY D 145 -32.22 4.52 36.43
N PRO D 146 -31.78 4.57 37.68
CA PRO D 146 -30.53 5.29 38.00
C PRO D 146 -29.28 4.63 37.47
N TYR D 147 -29.32 3.31 37.26
CA TYR D 147 -28.14 2.62 36.76
C TYR D 147 -28.02 2.76 35.26
N PHE D 148 -29.08 3.21 34.59
CA PHE D 148 -29.04 3.47 33.17
C PHE D 148 -29.42 4.91 32.86
N ASP D 149 -29.01 5.83 33.73
CA ASP D 149 -29.09 7.28 33.53
C ASP D 149 -30.52 7.76 33.31
N GLY D 150 -31.45 7.13 34.03
CA GLY D 150 -32.85 7.48 33.86
C GLY D 150 -33.51 6.90 32.64
N GLY D 151 -32.83 6.05 31.89
CA GLY D 151 -33.44 5.41 30.75
C GLY D 151 -33.79 3.98 31.06
N SER D 152 -33.72 3.10 30.06
CA SER D 152 -34.02 1.70 30.27
C SER D 152 -33.27 0.87 29.24
N HIS D 153 -32.89 -0.34 29.64
CA HIS D 153 -32.17 -1.26 28.78
C HIS D 153 -32.81 -2.63 28.86
N ILE D 154 -33.02 -3.24 27.71
CA ILE D 154 -33.39 -4.64 27.62
C ILE D 154 -32.44 -5.33 26.65
N GLY D 155 -31.99 -6.52 27.03
CA GLY D 155 -31.07 -7.25 26.18
C GLY D 155 -30.76 -8.61 26.76
N TYR D 156 -30.45 -9.54 25.88
CA TYR D 156 -30.22 -10.92 26.26
C TYR D 156 -28.87 -11.10 26.92
N ASN D 157 -28.81 -11.99 27.89
CA ASN D 157 -27.56 -12.40 28.51
C ASN D 157 -27.66 -13.87 28.86
N ARG D 158 -26.69 -14.67 28.42
CA ARG D 158 -26.71 -16.09 28.74
C ARG D 158 -26.23 -16.29 30.16
N MET D 159 -26.79 -17.29 30.83
CA MET D 159 -26.51 -17.56 32.23
C MET D 159 -26.37 -19.05 32.44
N ASN D 160 -25.42 -19.44 33.27
CA ASN D 160 -25.22 -20.84 33.63
C ASN D 160 -25.23 -20.92 35.14
N PHE D 161 -26.33 -21.39 35.71
CA PHE D 161 -26.49 -21.44 37.16
C PHE D 161 -25.95 -22.79 37.64
N ARG D 162 -24.66 -22.81 37.94
CA ARG D 162 -24.02 -24.00 38.47
C ARG D 162 -23.63 -23.85 39.94
N TRP D 163 -24.28 -22.94 40.66
CA TRP D 163 -24.11 -22.82 42.11
C TRP D 163 -25.45 -22.59 42.80
N GLY D 164 -26.52 -23.16 42.26
CA GLY D 164 -27.82 -23.08 42.88
C GLY D 164 -28.58 -21.80 42.55
N ASN D 165 -28.19 -20.70 43.17
CA ASN D 165 -28.86 -19.42 42.94
C ASN D 165 -27.85 -18.38 42.49
N VAL D 166 -26.63 -18.82 42.20
CA VAL D 166 -25.59 -17.97 41.66
C VAL D 166 -25.21 -18.53 40.30
N GLY D 167 -25.22 -17.70 39.27
CA GLY D 167 -24.83 -18.13 37.95
C GLY D 167 -24.00 -17.08 37.26
N THR D 168 -23.31 -17.49 36.21
CA THR D 168 -22.54 -16.56 35.42
C THR D 168 -23.47 -15.67 34.60
N PHE D 169 -22.89 -14.62 34.05
CA PHE D 169 -23.67 -13.58 33.39
C PHE D 169 -22.80 -13.01 32.28
N GLN D 170 -22.99 -13.48 31.07
CA GLN D 170 -22.08 -13.14 29.98
C GLN D 170 -22.42 -11.77 29.42
N ILE D 171 -21.44 -10.87 29.42
CA ILE D 171 -21.61 -9.50 28.95
C ILE D 171 -20.67 -9.28 27.78
N SER D 172 -21.22 -8.85 26.65
CA SER D 172 -20.39 -8.43 25.54
C SER D 172 -19.67 -7.15 25.91
N PRO D 173 -18.37 -7.07 25.73
CA PRO D 173 -17.67 -5.80 25.96
C PRO D 173 -18.09 -4.74 24.97
N GLY D 174 -18.45 -3.57 25.49
CA GLY D 174 -18.94 -2.47 24.71
C GLY D 174 -20.43 -2.26 24.81
N SER D 175 -21.17 -3.26 25.30
CA SER D 175 -22.61 -3.22 25.32
C SER D 175 -23.11 -2.29 26.43
N HIS D 176 -24.44 -2.18 26.55
CA HIS D 176 -25.02 -1.34 27.60
C HIS D 176 -24.74 -1.91 28.97
N MET D 177 -24.78 -3.24 29.10
CA MET D 177 -24.44 -3.86 30.37
C MET D 177 -22.97 -3.69 30.67
N TRP D 178 -22.13 -3.67 29.63
CA TRP D 178 -20.71 -3.40 29.83
C TRP D 178 -20.49 -1.97 30.28
N GLN D 179 -21.27 -1.04 29.77
CA GLN D 179 -21.11 0.36 30.16
C GLN D 179 -21.60 0.59 31.59
N VAL D 180 -22.69 -0.09 31.96
CA VAL D 180 -23.18 -0.02 33.34
C VAL D 180 -22.17 -0.66 34.29
N MET D 181 -21.61 -1.80 33.88
CA MET D 181 -20.65 -2.50 34.72
C MET D 181 -19.34 -1.73 34.83
N THR D 182 -18.94 -1.04 33.76
CA THR D 182 -17.71 -0.27 33.77
C THR D 182 -17.85 0.96 34.64
N GLU D 183 -19.04 1.57 34.65
CA GLU D 183 -19.24 2.74 35.49
C GLU D 183 -19.28 2.36 36.97
N HIS D 184 -19.91 1.24 37.31
CA HIS D 184 -20.05 0.81 38.68
C HIS D 184 -19.16 -0.37 39.01
N TYR D 185 -17.96 -0.44 38.42
CA TYR D 185 -17.05 -1.54 38.69
C TYR D 185 -16.46 -1.44 40.08
N LYS D 186 -16.03 -0.24 40.45
CA LYS D 186 -15.31 0.03 41.69
C LYS D 186 -16.28 0.42 42.80
N ASP D 187 -17.39 -0.28 42.91
CA ASP D 187 -18.41 0.05 43.89
C ASP D 187 -18.58 -1.11 44.85
N ASP D 188 -19.12 -0.81 46.02
CA ASP D 188 -19.32 -1.85 47.03
C ASP D 188 -20.68 -2.50 46.88
N GLU D 189 -21.71 -1.71 46.63
CA GLU D 189 -23.03 -2.25 46.39
C GLU D 189 -23.09 -2.87 44.99
N PRO D 190 -23.63 -4.07 44.85
CA PRO D 190 -23.75 -4.68 43.53
C PRO D 190 -24.89 -4.04 42.74
N ILE D 191 -24.83 -4.25 41.43
CA ILE D 191 -25.84 -3.66 40.54
C ILE D 191 -27.11 -4.48 40.61
N PRO D 192 -28.26 -3.90 40.95
CA PRO D 192 -29.49 -4.67 40.96
C PRO D 192 -30.15 -4.70 39.59
N LEU D 193 -30.45 -5.90 39.09
CA LEU D 193 -31.14 -6.02 37.82
C LEU D 193 -31.98 -7.28 37.85
N THR D 194 -32.95 -7.33 36.95
CA THR D 194 -33.85 -8.46 36.83
C THR D 194 -33.75 -9.10 35.47
N MET D 195 -33.80 -10.43 35.45
CA MET D 195 -33.88 -11.20 34.21
C MET D 195 -35.32 -11.61 33.97
N CYS D 196 -35.89 -11.17 32.87
CA CYS D 196 -37.29 -11.42 32.56
C CYS D 196 -37.41 -12.47 31.47
N PHE D 197 -38.39 -13.35 31.61
CA PHE D 197 -38.57 -14.50 30.74
C PHE D 197 -39.99 -14.54 30.20
N GLY D 198 -40.12 -14.94 28.94
CA GLY D 198 -41.43 -14.97 28.31
C GLY D 198 -42.03 -13.60 28.13
N VAL D 199 -41.23 -12.64 27.69
CA VAL D 199 -41.59 -11.23 27.66
C VAL D 199 -42.52 -10.98 26.47
N PRO D 200 -43.16 -9.82 26.35
CA PRO D 200 -43.89 -9.50 25.12
C PRO D 200 -42.94 -9.47 23.94
N PRO D 201 -43.46 -9.77 22.73
CA PRO D 201 -42.58 -9.88 21.56
C PRO D 201 -41.91 -8.59 21.16
N SER D 202 -42.50 -7.44 21.49
CA SER D 202 -41.84 -6.17 21.24
C SER D 202 -40.59 -6.03 22.10
N CYS D 203 -40.64 -6.52 23.33
CA CYS D 203 -39.47 -6.47 24.19
C CYS D 203 -38.38 -7.41 23.71
N THR D 204 -38.75 -8.58 23.17
CA THR D 204 -37.77 -9.45 22.53
C THR D 204 -37.14 -8.78 21.32
N TYR D 205 -37.98 -8.12 20.52
CA TYR D 205 -37.54 -7.42 19.32
C TYR D 205 -36.52 -6.34 19.63
N VAL D 206 -36.80 -5.53 20.67
CA VAL D 206 -35.85 -4.47 21.02
C VAL D 206 -34.69 -5.01 21.82
N ALA D 207 -34.86 -6.14 22.50
CA ALA D 207 -33.76 -6.75 23.22
C ALA D 207 -32.73 -7.34 22.28
N GLY D 208 -33.12 -7.60 21.03
CA GLY D 208 -32.15 -8.03 20.04
C GLY D 208 -31.13 -6.97 19.66
N ALA D 209 -31.45 -5.69 19.86
CA ALA D 209 -30.58 -4.60 19.44
C ALA D 209 -29.24 -4.63 20.15
N GLY D 210 -28.22 -4.09 19.50
CA GLY D 210 -26.90 -4.08 20.10
C GLY D 210 -25.90 -3.44 19.17
N PHE D 211 -24.98 -2.71 19.78
CA PHE D 211 -23.87 -2.03 19.10
C PHE D 211 -24.38 -1.07 18.04
N ASP D 212 -25.28 -0.22 18.48
CA ASP D 212 -25.89 0.81 17.65
C ASP D 212 -26.01 2.09 18.48
N TYR D 213 -24.94 2.43 19.19
CA TYR D 213 -25.06 3.38 20.29
C TYR D 213 -24.90 4.82 19.84
N ALA D 214 -24.69 5.05 18.55
CA ALA D 214 -24.86 6.41 18.05
C ALA D 214 -26.32 6.79 17.96
N ILE D 215 -27.20 5.79 17.85
CA ILE D 215 -28.63 5.98 17.73
C ILE D 215 -29.29 5.67 19.06
N LEU D 216 -28.83 4.61 19.72
CA LEU D 216 -29.36 4.20 21.02
C LEU D 216 -28.25 4.22 22.06
N PRO D 217 -27.86 5.39 22.54
CA PRO D 217 -26.76 5.45 23.50
C PRO D 217 -27.21 5.05 24.89
N LYS D 218 -26.26 5.09 25.82
CA LYS D 218 -26.57 4.84 27.21
C LYS D 218 -27.43 5.96 27.75
N GLY D 219 -28.55 5.59 28.38
CA GLY D 219 -29.53 6.54 28.81
C GLY D 219 -30.75 6.63 27.91
N CYS D 220 -30.79 5.86 26.84
CA CYS D 220 -31.97 5.82 25.99
C CYS D 220 -33.04 4.94 26.63
N ASP D 221 -34.19 4.87 25.98
CA ASP D 221 -35.35 4.17 26.53
C ASP D 221 -35.71 3.02 25.58
N GLU D 222 -35.08 1.87 25.80
CA GLU D 222 -35.32 0.72 24.95
C GLU D 222 -36.70 0.14 25.18
N ILE D 223 -37.17 0.15 26.42
CA ILE D 223 -38.55 -0.24 26.69
C ILE D 223 -39.52 0.78 26.10
N GLY D 224 -39.10 2.03 26.00
CA GLY D 224 -39.89 3.00 25.27
C GLY D 224 -39.99 2.69 23.79
N ILE D 225 -38.91 2.15 23.21
CA ILE D 225 -38.94 1.77 21.81
C ILE D 225 -39.82 0.54 21.61
N ALA D 226 -39.81 -0.37 22.59
CA ALA D 226 -40.71 -1.52 22.53
C ALA D 226 -42.17 -1.10 22.62
N GLY D 227 -42.46 -0.12 23.48
CA GLY D 227 -43.81 0.39 23.57
C GLY D 227 -44.24 1.12 22.31
N ALA D 228 -43.31 1.82 21.67
CA ALA D 228 -43.63 2.49 20.42
C ALA D 228 -43.83 1.49 19.28
N ILE D 229 -43.13 0.35 19.34
CA ILE D 229 -43.27 -0.66 18.31
C ILE D 229 -44.61 -1.37 18.43
N GLN D 230 -44.99 -1.75 19.65
CA GLN D 230 -46.29 -2.40 19.80
C GLN D 230 -47.45 -1.41 19.82
N GLY D 231 -47.18 -0.11 19.95
CA GLY D 231 -48.24 0.88 19.87
C GLY D 231 -48.95 1.18 21.17
N SER D 232 -48.41 0.74 22.29
CA SER D 232 -48.98 0.97 23.61
C SER D 232 -47.87 0.80 24.63
N PRO D 233 -47.90 1.50 25.77
CA PRO D 233 -46.77 1.46 26.70
C PRO D 233 -46.63 0.11 27.40
N VAL D 234 -45.38 -0.27 27.61
CA VAL D 234 -45.05 -1.53 28.27
C VAL D 234 -45.14 -1.32 29.77
N ARG D 235 -45.87 -2.20 30.45
CA ARG D 235 -46.15 -2.00 31.86
C ARG D 235 -44.97 -2.48 32.72
N LEU D 236 -44.62 -1.69 33.72
CA LEU D 236 -43.56 -2.05 34.65
C LEU D 236 -44.16 -2.25 36.04
N VAL D 237 -43.38 -2.89 36.90
CA VAL D 237 -43.80 -3.13 38.28
C VAL D 237 -42.55 -3.13 39.16
N LYS D 238 -42.69 -2.58 40.37
CA LYS D 238 -41.61 -2.60 41.33
C LYS D 238 -41.36 -4.02 41.81
N CYS D 239 -40.09 -4.37 42.00
CA CYS D 239 -39.71 -5.70 42.44
C CYS D 239 -40.13 -5.93 43.89
N ARG D 240 -40.11 -7.20 44.30
CA ARG D 240 -40.48 -7.53 45.66
C ARG D 240 -39.31 -7.32 46.62
N THR D 241 -38.10 -7.67 46.21
CA THR D 241 -36.93 -7.58 47.07
C THR D 241 -35.99 -6.45 46.69
N ILE D 242 -35.48 -6.44 45.47
CA ILE D 242 -34.49 -5.45 45.07
C ILE D 242 -35.16 -4.15 44.68
N ASP D 243 -34.37 -3.10 44.51
CA ASP D 243 -34.88 -1.78 44.14
C ASP D 243 -34.72 -1.63 42.63
N ALA D 244 -35.70 -2.15 41.91
CA ALA D 244 -35.66 -2.11 40.44
C ALA D 244 -37.08 -2.22 39.91
N TYR D 245 -37.17 -2.40 38.60
CA TYR D 245 -38.45 -2.59 37.92
C TYR D 245 -38.32 -3.71 36.90
N THR D 246 -39.40 -4.48 36.75
CA THR D 246 -39.43 -5.60 35.82
C THR D 246 -40.50 -5.33 34.78
N LEU D 247 -40.49 -6.15 33.73
CA LEU D 247 -41.63 -6.19 32.83
C LEU D 247 -42.76 -6.92 33.53
N ALA D 248 -43.92 -6.27 33.64
CA ALA D 248 -45.00 -6.83 34.44
C ALA D 248 -45.66 -8.00 33.74
N ASP D 249 -45.70 -7.97 32.41
CA ASP D 249 -46.40 -8.99 31.64
C ASP D 249 -45.49 -10.13 31.20
N ALA D 250 -44.40 -10.38 31.93
CA ALA D 250 -43.54 -11.50 31.60
C ALA D 250 -44.10 -12.79 32.19
N GLU D 251 -43.36 -13.88 32.01
CA GLU D 251 -43.79 -15.16 32.56
C GLU D 251 -42.94 -15.56 33.76
N TYR D 252 -41.63 -15.30 33.72
CA TYR D 252 -40.77 -15.49 34.87
C TYR D 252 -39.88 -14.26 35.02
N VAL D 253 -39.56 -13.93 36.27
CA VAL D 253 -38.60 -12.88 36.59
C VAL D 253 -37.69 -13.38 37.69
N LEU D 254 -36.38 -13.30 37.43
CA LEU D 254 -35.37 -13.52 38.46
C LEU D 254 -34.90 -12.16 38.96
N GLU D 255 -35.06 -11.92 40.26
CA GLU D 255 -34.55 -10.70 40.86
C GLU D 255 -33.24 -11.00 41.58
N GLY D 256 -32.29 -10.09 41.47
CA GLY D 256 -31.02 -10.29 42.14
C GLY D 256 -30.05 -9.18 41.86
N TYR D 257 -28.78 -9.47 42.15
CA TYR D 257 -27.70 -8.50 42.04
C TYR D 257 -26.60 -9.04 41.16
N LEU D 258 -25.99 -8.14 40.40
CA LEU D 258 -24.83 -8.48 39.60
C LEU D 258 -23.57 -8.03 40.32
N HIS D 259 -22.67 -8.97 40.56
CA HIS D 259 -21.39 -8.66 41.19
C HIS D 259 -20.33 -8.61 40.11
N PRO D 260 -19.83 -7.42 39.74
CA PRO D 260 -18.88 -7.33 38.63
C PRO D 260 -17.51 -7.90 38.95
N ARG D 261 -17.03 -7.69 40.17
CA ARG D 261 -15.69 -8.13 40.53
C ARG D 261 -15.65 -9.59 40.99
N ASP D 262 -16.79 -10.25 41.07
CA ASP D 262 -16.85 -11.67 41.38
C ASP D 262 -17.02 -12.42 40.06
N LYS D 263 -15.91 -12.75 39.43
CA LYS D 263 -15.92 -13.42 38.15
C LYS D 263 -15.62 -14.90 38.33
N ARG D 264 -16.44 -15.74 37.69
CA ARG D 264 -16.31 -17.18 37.77
C ARG D 264 -16.37 -17.77 36.38
N TYR D 265 -15.88 -19.00 36.24
CA TYR D 265 -15.83 -19.65 34.95
C TYR D 265 -17.19 -20.21 34.57
N GLU D 266 -17.43 -20.34 33.26
CA GLU D 266 -18.76 -20.72 32.81
C GLU D 266 -18.94 -22.22 32.78
N THR D 267 -17.89 -22.97 32.44
CA THR D 267 -17.98 -24.43 32.40
C THR D 267 -17.18 -25.03 33.54
N ALA D 268 -17.22 -26.36 33.61
CA ALA D 268 -16.44 -27.08 34.61
C ALA D 268 -15.04 -27.38 34.11
N GLU D 269 -14.87 -27.56 32.80
CA GLU D 269 -13.55 -27.89 32.26
C GLU D 269 -12.66 -26.67 32.20
N SER D 270 -13.21 -25.51 31.83
CA SER D 270 -12.41 -24.29 31.81
C SER D 270 -12.10 -23.82 33.22
N GLU D 271 -12.97 -24.13 34.18
CA GLU D 271 -12.63 -23.92 35.57
C GLU D 271 -11.59 -24.92 36.03
N ALA D 272 -11.62 -26.13 35.46
CA ALA D 272 -10.70 -27.18 35.86
C ALA D 272 -9.28 -26.85 35.46
N ALA D 273 -9.08 -26.34 34.25
CA ALA D 273 -7.80 -25.73 33.91
C ALA D 273 -8.04 -24.38 33.26
N ASP D 274 -8.40 -23.39 34.08
CA ASP D 274 -8.03 -21.97 34.03
C ASP D 274 -7.72 -21.37 32.68
N ILE D 275 -8.53 -21.63 31.66
CA ILE D 275 -8.27 -21.13 30.31
C ILE D 275 -9.57 -20.60 29.74
N GLN D 276 -9.56 -19.32 29.36
CA GLN D 276 -10.69 -18.76 28.65
C GLN D 276 -10.53 -18.94 27.16
N GLY D 277 -11.65 -19.10 26.47
CA GLY D 277 -11.62 -19.07 25.02
C GLY D 277 -11.16 -20.35 24.37
N ARG D 278 -11.27 -21.47 25.07
CA ARG D 278 -10.81 -22.70 24.44
C ARG D 278 -11.88 -23.79 24.39
N PHE D 279 -12.65 -23.97 25.47
CA PHE D 279 -13.53 -25.11 25.60
C PHE D 279 -14.94 -24.76 25.14
N HIS D 280 -15.65 -25.76 24.63
CA HIS D 280 -16.89 -25.54 23.91
C HIS D 280 -18.03 -25.12 24.84
N PHE D 281 -18.71 -24.04 24.47
CA PHE D 281 -19.78 -23.47 25.27
C PHE D 281 -20.96 -23.00 24.40
N HIS D 282 -21.57 -23.90 23.60
CA HIS D 282 -22.83 -23.67 22.88
C HIS D 282 -22.78 -22.59 21.78
N PRO D 283 -22.83 -23.04 20.51
CA PRO D 283 -22.58 -22.19 19.32
C PRO D 283 -23.03 -20.74 19.36
N GLU D 284 -22.25 -19.88 18.72
CA GLU D 284 -22.41 -18.45 18.89
C GLU D 284 -22.95 -17.78 17.64
N TRP D 285 -23.04 -16.45 17.70
CA TRP D 285 -23.69 -15.67 16.66
C TRP D 285 -22.89 -15.67 15.37
N ALA D 286 -21.57 -15.88 15.46
CA ALA D 286 -20.74 -15.86 14.27
C ALA D 286 -21.01 -17.05 13.38
N GLY D 287 -21.57 -18.12 13.93
CA GLY D 287 -21.83 -19.30 13.15
C GLY D 287 -20.78 -20.35 13.44
N TYR D 288 -20.10 -20.22 14.57
CA TYR D 288 -19.12 -21.19 15.01
C TYR D 288 -19.49 -21.67 16.39
N MET D 289 -18.83 -22.74 16.81
CA MET D 289 -18.99 -23.22 18.18
C MET D 289 -18.35 -22.23 19.15
N GLY D 290 -19.09 -21.84 20.17
CA GLY D 290 -18.63 -20.85 21.11
C GLY D 290 -17.61 -21.38 22.08
N LYS D 291 -17.09 -20.47 22.89
CA LYS D 291 -16.04 -20.77 23.85
C LYS D 291 -16.48 -20.32 25.23
N ALA D 292 -15.87 -20.93 26.25
CA ALA D 292 -16.21 -20.62 27.63
C ALA D 292 -15.24 -19.61 28.21
N TYR D 293 -15.77 -18.68 29.01
CA TYR D 293 -15.00 -17.58 29.54
C TYR D 293 -15.30 -17.41 31.01
N LYS D 294 -14.60 -16.46 31.64
CA LYS D 294 -15.01 -15.97 32.93
C LYS D 294 -16.04 -14.87 32.74
N ALA D 295 -16.95 -14.76 33.70
CA ALA D 295 -18.06 -13.84 33.59
C ALA D 295 -18.46 -13.41 34.99
N PRO D 296 -19.00 -12.21 35.16
CA PRO D 296 -19.49 -11.80 36.47
C PRO D 296 -20.69 -12.63 36.90
N THR D 297 -20.95 -12.65 38.20
CA THR D 297 -21.96 -13.53 38.73
C THR D 297 -23.23 -12.77 39.07
N PHE D 298 -24.36 -13.43 38.83
CA PHE D 298 -25.69 -12.91 39.10
C PHE D 298 -26.25 -13.66 40.30
N HIS D 299 -26.44 -12.97 41.40
CA HIS D 299 -26.85 -13.59 42.65
C HIS D 299 -28.34 -13.43 42.81
N VAL D 300 -29.10 -14.47 42.50
CA VAL D 300 -30.56 -14.38 42.47
C VAL D 300 -31.09 -14.35 43.89
N THR D 301 -31.92 -13.34 44.18
CA THR D 301 -32.55 -13.21 45.49
C THR D 301 -34.01 -13.63 45.52
N ALA D 302 -34.70 -13.57 44.38
CA ALA D 302 -36.11 -13.94 44.34
C ALA D 302 -36.48 -14.39 42.94
N ILE D 303 -37.31 -15.43 42.87
CA ILE D 303 -37.89 -15.92 41.63
C ILE D 303 -39.38 -15.61 41.67
N THR D 304 -39.83 -14.74 40.77
CA THR D 304 -41.25 -14.47 40.65
C THR D 304 -41.71 -14.95 39.30
N MET D 305 -42.95 -15.46 39.25
CA MET D 305 -43.46 -16.04 38.02
C MET D 305 -44.98 -15.96 38.07
N ARG D 306 -45.59 -16.45 36.99
CA ARG D 306 -47.04 -16.62 36.97
C ARG D 306 -47.44 -17.83 37.78
N ARG D 307 -48.74 -18.15 37.76
CA ARG D 307 -49.20 -19.35 38.43
C ARG D 307 -48.72 -20.58 37.69
N ARG D 308 -48.20 -21.56 38.44
CA ARG D 308 -47.68 -22.77 37.83
C ARG D 308 -48.79 -23.63 37.25
N GLU D 309 -50.03 -23.41 37.69
CA GLU D 309 -51.17 -24.10 37.11
C GLU D 309 -51.48 -23.51 35.73
N SER D 310 -51.09 -22.25 35.51
CA SER D 310 -51.31 -21.63 34.20
C SER D 310 -50.24 -22.03 33.20
N LYS D 311 -49.17 -22.70 33.66
CA LYS D 311 -48.04 -23.20 32.87
C LYS D 311 -47.35 -22.09 32.10
N PRO D 312 -46.56 -21.24 32.77
CA PRO D 312 -45.93 -20.11 32.09
C PRO D 312 -44.93 -20.53 31.03
N ILE D 313 -44.89 -19.77 29.95
CA ILE D 313 -44.16 -20.11 28.73
C ILE D 313 -42.76 -19.53 28.81
N ILE D 314 -41.78 -20.33 28.41
CA ILE D 314 -40.41 -19.87 28.25
C ILE D 314 -40.06 -19.95 26.77
N PHE D 315 -39.07 -19.18 26.34
CA PHE D 315 -38.70 -19.09 24.94
C PHE D 315 -37.24 -19.49 24.77
N PRO D 316 -36.91 -20.78 24.71
CA PRO D 316 -35.53 -21.16 24.43
C PRO D 316 -35.27 -21.21 22.93
N LEU D 317 -34.13 -20.70 22.50
CA LEU D 317 -33.83 -20.66 21.09
C LEU D 317 -32.35 -20.91 20.85
N GLY D 318 -32.08 -21.64 19.77
CA GLY D 318 -30.71 -21.82 19.35
C GLY D 318 -30.14 -20.54 18.78
N VAL D 319 -28.82 -20.44 18.80
CA VAL D 319 -28.18 -19.18 18.45
C VAL D 319 -28.01 -19.06 16.94
N HIS D 320 -27.61 -20.13 16.29
CA HIS D 320 -27.46 -20.06 14.84
C HIS D 320 -28.77 -20.50 14.19
N THR D 321 -29.82 -19.73 14.44
CA THR D 321 -31.10 -19.93 13.80
C THR D 321 -31.55 -18.61 13.19
N ALA D 322 -32.50 -18.70 12.27
CA ALA D 322 -33.07 -17.48 11.68
C ALA D 322 -33.89 -16.72 12.68
N ASP D 323 -34.41 -17.42 13.70
CA ASP D 323 -35.04 -16.83 14.87
C ASP D 323 -34.14 -15.78 15.53
N ASP D 324 -32.98 -16.23 16.00
CA ASP D 324 -31.99 -15.38 16.64
C ASP D 324 -31.50 -14.28 15.71
N ALA D 325 -31.37 -14.59 14.42
CA ALA D 325 -30.88 -13.60 13.47
C ALA D 325 -31.88 -12.48 13.26
N ASN D 326 -33.17 -12.82 13.14
CA ASN D 326 -34.21 -11.81 12.98
C ASN D 326 -34.26 -10.91 14.21
N ILE D 327 -34.14 -11.54 15.40
CA ILE D 327 -34.28 -10.83 16.68
C ILE D 327 -33.26 -9.71 16.82
N ASP D 328 -32.00 -9.98 16.48
CA ASP D 328 -30.99 -8.94 16.54
C ASP D 328 -31.10 -7.97 15.36
N THR D 329 -31.08 -8.52 14.15
CA THR D 329 -30.73 -7.71 13.01
C THR D 329 -31.89 -6.83 12.54
N SER D 330 -33.11 -7.06 13.04
CA SER D 330 -34.22 -6.21 12.61
C SER D 330 -34.08 -4.78 13.13
N VAL D 331 -34.03 -4.64 14.44
CA VAL D 331 -33.82 -3.34 15.04
C VAL D 331 -32.43 -2.81 14.75
N ARG D 332 -31.43 -3.67 14.53
CA ARG D 332 -30.14 -3.11 14.15
C ARG D 332 -30.15 -2.56 12.72
N GLU D 333 -30.97 -3.13 11.84
CA GLU D 333 -31.18 -2.59 10.50
C GLU D 333 -31.78 -1.21 10.57
N SER D 334 -32.83 -1.04 11.38
CA SER D 334 -33.45 0.28 11.45
C SER D 334 -32.54 1.30 12.13
N ALA D 335 -31.64 0.85 13.02
CA ALA D 335 -30.70 1.78 13.62
C ALA D 335 -29.65 2.26 12.61
N ILE D 336 -29.18 1.35 11.76
CA ILE D 336 -28.24 1.73 10.70
C ILE D 336 -28.89 2.68 9.71
N PHE D 337 -30.16 2.42 9.39
CA PHE D 337 -30.93 3.31 8.54
C PHE D 337 -31.08 4.69 9.16
N ALA D 338 -31.32 4.74 10.47
CA ALA D 338 -31.47 6.01 11.16
C ALA D 338 -30.18 6.81 11.15
N LEU D 339 -29.04 6.13 11.32
CA LEU D 339 -27.76 6.82 11.29
C LEU D 339 -27.45 7.38 9.92
N CYS D 340 -27.72 6.61 8.86
CA CYS D 340 -27.46 7.10 7.52
C CYS D 340 -28.44 8.20 7.13
N GLU D 341 -29.65 8.18 7.68
CA GLU D 341 -30.57 9.28 7.42
C GLU D 341 -30.18 10.52 8.19
N ARG D 342 -29.53 10.35 9.34
CA ARG D 342 -29.06 11.50 10.10
C ARG D 342 -27.91 12.18 9.40
N LEU D 343 -26.98 11.40 8.84
CA LEU D 343 -25.82 12.00 8.20
C LEU D 343 -26.19 12.77 6.94
N GLN D 344 -26.99 12.18 6.08
CA GLN D 344 -27.48 12.85 4.89
C GLN D 344 -28.79 12.23 4.46
N PRO D 345 -29.91 12.92 4.62
CA PRO D 345 -31.21 12.31 4.37
C PRO D 345 -31.48 12.13 2.88
N GLY D 346 -32.30 11.13 2.56
CA GLY D 346 -32.78 10.95 1.22
C GLY D 346 -31.90 10.12 0.32
N ILE D 347 -30.75 9.65 0.79
CA ILE D 347 -29.82 8.89 -0.05
C ILE D 347 -30.00 7.40 0.15
N VAL D 348 -29.96 6.93 1.39
CA VAL D 348 -30.12 5.51 1.67
C VAL D 348 -31.58 5.13 1.48
N GLN D 349 -31.83 4.13 0.64
CA GLN D 349 -33.18 3.70 0.37
C GLN D 349 -33.61 2.55 1.26
N ASN D 350 -32.68 1.65 1.55
CA ASN D 350 -33.01 0.41 2.24
C ASN D 350 -31.77 -0.13 2.90
N VAL D 351 -31.94 -0.71 4.09
CA VAL D 351 -30.87 -1.36 4.81
C VAL D 351 -31.31 -2.78 5.11
N HIS D 352 -30.44 -3.74 4.85
CA HIS D 352 -30.76 -5.14 5.09
C HIS D 352 -29.56 -5.85 5.69
N ILE D 353 -29.79 -6.56 6.79
CA ILE D 353 -28.78 -7.45 7.34
C ILE D 353 -29.32 -8.87 7.15
N PRO D 354 -28.80 -9.63 6.20
CA PRO D 354 -29.31 -10.97 5.97
C PRO D 354 -28.83 -11.94 7.04
N TYR D 355 -29.49 -13.10 7.06
CA TYR D 355 -29.12 -14.19 7.95
C TYR D 355 -27.70 -14.66 7.65
N CYS D 356 -27.32 -14.63 6.37
CA CYS D 356 -26.02 -15.13 5.95
C CYS D 356 -24.85 -14.31 6.46
N MET D 357 -25.04 -13.02 6.76
CA MET D 357 -23.86 -12.23 7.01
C MET D 357 -23.34 -12.48 8.42
N THR D 358 -24.07 -12.01 9.44
CA THR D 358 -24.19 -12.50 10.82
C THR D 358 -25.06 -11.54 11.61
N ASP D 359 -25.17 -11.78 12.92
CA ASP D 359 -25.82 -10.82 13.80
C ASP D 359 -25.09 -9.48 13.79
N TRP D 360 -23.79 -9.48 14.07
CA TRP D 360 -23.04 -8.25 14.26
C TRP D 360 -21.92 -8.05 13.26
N GLY D 361 -21.87 -8.84 12.18
CA GLY D 361 -20.69 -8.82 11.34
C GLY D 361 -20.88 -8.08 10.04
N GLY D 362 -22.12 -7.98 9.58
CA GLY D 362 -22.31 -7.41 8.25
C GLY D 362 -23.59 -6.63 8.12
N CYS D 363 -23.67 -5.85 7.04
CA CYS D 363 -24.89 -5.16 6.66
C CYS D 363 -24.79 -4.81 5.18
N ILE D 364 -25.94 -4.59 4.57
CA ILE D 364 -26.02 -4.13 3.19
C ILE D 364 -26.92 -2.91 3.15
N ILE D 365 -26.39 -1.79 2.66
CA ILE D 365 -27.18 -0.59 2.46
C ILE D 365 -27.36 -0.37 0.98
N GLN D 366 -28.43 0.32 0.63
CA GLN D 366 -28.78 0.58 -0.76
C GLN D 366 -28.98 2.06 -0.94
N VAL D 367 -28.11 2.69 -1.73
CA VAL D 367 -28.12 4.13 -1.87
C VAL D 367 -28.63 4.50 -3.25
N LYS D 368 -29.09 5.74 -3.38
CA LYS D 368 -29.54 6.28 -4.65
C LYS D 368 -29.04 7.71 -4.77
N LYS D 369 -28.15 7.95 -5.73
CA LYS D 369 -27.54 9.25 -5.93
C LYS D 369 -28.44 10.09 -6.82
N ARG D 370 -28.89 11.23 -6.31
CA ARG D 370 -29.83 12.05 -7.06
C ARG D 370 -29.10 13.03 -7.96
N ASN D 371 -27.91 13.45 -7.58
CA ASN D 371 -27.14 14.35 -8.43
C ASN D 371 -25.66 14.11 -8.17
N GLN D 372 -24.83 14.91 -8.85
CA GLN D 372 -23.39 14.73 -8.81
C GLN D 372 -22.81 15.07 -7.44
N ILE D 373 -23.48 15.96 -6.70
CA ILE D 373 -22.99 16.38 -5.39
C ILE D 373 -23.16 15.27 -4.36
N GLU D 374 -24.05 14.31 -4.58
CA GLU D 374 -24.22 13.20 -3.68
C GLU D 374 -23.30 12.04 -4.00
N GLU D 375 -22.44 12.18 -4.99
CA GLU D 375 -21.50 11.12 -5.30
C GLU D 375 -20.39 11.10 -4.26
N GLY D 376 -20.22 9.98 -3.60
CA GLY D 376 -19.25 9.82 -2.54
C GLY D 376 -19.86 9.67 -1.17
N TRP D 377 -21.17 9.86 -1.04
CA TRP D 377 -21.79 9.75 0.27
C TRP D 377 -21.87 8.32 0.74
N GLN D 378 -21.82 7.37 -0.18
CA GLN D 378 -21.84 5.97 0.22
C GLN D 378 -20.55 5.58 0.93
N ARG D 379 -19.45 6.27 0.66
CA ARG D 379 -18.22 5.95 1.37
C ARG D 379 -18.23 6.52 2.78
N ASN D 380 -18.82 7.70 2.96
CA ASN D 380 -19.08 8.23 4.30
C ASN D 380 -19.99 7.30 5.08
N PHE D 381 -21.01 6.77 4.40
CA PHE D 381 -21.94 5.88 5.07
C PHE D 381 -21.26 4.58 5.48
N LEU D 382 -20.42 4.03 4.61
CA LEU D 382 -19.73 2.78 4.94
C LEU D 382 -18.74 2.98 6.07
N ALA D 383 -17.99 4.09 6.06
CA ALA D 383 -17.04 4.34 7.13
C ALA D 383 -17.74 4.62 8.45
N ALA D 384 -18.87 5.33 8.41
CA ALA D 384 -19.60 5.63 9.64
C ALA D 384 -20.26 4.38 10.20
N ILE D 385 -20.75 3.50 9.33
CA ILE D 385 -21.37 2.26 9.79
C ILE D 385 -20.32 1.34 10.40
N LEU D 386 -19.16 1.24 9.76
CA LEU D 386 -18.12 0.36 10.29
C LEU D 386 -17.50 0.91 11.57
N ALA D 387 -17.49 2.23 11.73
CA ALA D 387 -16.93 2.80 12.94
C ALA D 387 -17.92 2.75 14.09
N CYS D 388 -19.20 2.94 13.81
CA CYS D 388 -20.19 3.01 14.87
C CYS D 388 -20.86 1.68 15.17
N SER D 389 -20.23 0.55 14.90
CA SER D 389 -20.86 -0.74 15.12
C SER D 389 -20.01 -1.71 15.92
N GLN D 390 -18.76 -1.36 16.22
CA GLN D 390 -17.83 -2.17 17.01
C GLN D 390 -17.64 -3.57 16.46
N GLY D 391 -16.94 -3.70 15.35
CA GLY D 391 -16.58 -5.00 14.88
C GLY D 391 -17.47 -5.55 13.81
N MET D 392 -18.24 -4.71 13.14
CA MET D 392 -18.82 -5.10 11.87
C MET D 392 -17.68 -5.34 10.89
N ARG D 393 -17.69 -6.51 10.27
CA ARG D 393 -16.56 -6.88 9.44
C ARG D 393 -16.75 -6.56 7.97
N LEU D 394 -17.99 -6.42 7.51
CA LEU D 394 -18.23 -6.30 6.08
C LEU D 394 -19.48 -5.45 5.83
N ALA D 395 -19.29 -4.25 5.32
CA ALA D 395 -20.42 -3.43 4.93
C ALA D 395 -20.39 -3.23 3.44
N ILE D 396 -21.53 -3.40 2.79
CA ILE D 396 -21.62 -3.35 1.34
C ILE D 396 -22.66 -2.32 0.95
N ALA D 397 -22.29 -1.40 0.09
CA ALA D 397 -23.21 -0.41 -0.46
C ALA D 397 -23.51 -0.76 -1.91
N VAL D 398 -24.79 -0.86 -2.25
CA VAL D 398 -25.20 -1.20 -3.60
C VAL D 398 -26.13 -0.12 -4.11
N SER D 399 -26.35 -0.13 -5.41
CA SER D 399 -27.23 0.85 -6.01
C SER D 399 -28.69 0.39 -5.95
N GLU D 400 -29.57 1.17 -6.53
CA GLU D 400 -31.00 0.99 -6.34
C GLU D 400 -31.63 0.02 -7.34
N ASP D 401 -30.90 -0.46 -8.33
CA ASP D 401 -31.42 -1.45 -9.26
C ASP D 401 -31.06 -2.87 -8.84
N VAL D 402 -30.79 -3.07 -7.56
CA VAL D 402 -30.37 -4.35 -7.02
C VAL D 402 -31.46 -4.85 -6.08
N ASP D 403 -31.69 -6.15 -6.10
CA ASP D 403 -32.53 -6.79 -5.10
C ASP D 403 -31.69 -7.00 -3.86
N ILE D 404 -31.99 -6.26 -2.80
CA ILE D 404 -31.15 -6.26 -1.62
C ILE D 404 -31.34 -7.53 -0.79
N TYR D 405 -32.41 -8.28 -1.03
CA TYR D 405 -32.69 -9.47 -0.24
C TYR D 405 -32.13 -10.73 -0.86
N SER D 406 -31.54 -10.65 -2.03
CA SER D 406 -30.96 -11.79 -2.73
C SER D 406 -29.45 -11.70 -2.64
N MET D 407 -28.81 -12.72 -2.08
CA MET D 407 -27.37 -12.68 -1.96
C MET D 407 -26.69 -13.00 -3.29
N ASP D 408 -27.44 -13.61 -4.21
CA ASP D 408 -26.93 -13.77 -5.56
C ASP D 408 -26.78 -12.44 -6.26
N ASP D 409 -27.72 -11.53 -6.03
CA ASP D 409 -27.65 -10.22 -6.66
C ASP D 409 -26.53 -9.39 -6.04
N ILE D 410 -26.27 -9.58 -4.76
CA ILE D 410 -25.15 -8.93 -4.09
C ILE D 410 -23.84 -9.47 -4.63
N MET D 411 -23.77 -10.79 -4.86
CA MET D 411 -22.55 -11.36 -5.41
C MET D 411 -22.33 -10.90 -6.85
N TRP D 412 -23.41 -10.66 -7.58
CA TRP D 412 -23.31 -10.09 -8.92
C TRP D 412 -22.75 -8.68 -8.87
N CYS D 413 -23.18 -7.89 -7.89
CA CYS D 413 -22.62 -6.56 -7.74
C CYS D 413 -21.18 -6.59 -7.30
N LEU D 414 -20.80 -7.60 -6.51
CA LEU D 414 -19.40 -7.75 -6.13
C LEU D 414 -18.55 -8.14 -7.32
N THR D 415 -19.09 -8.92 -8.24
CA THR D 415 -18.32 -9.32 -9.41
C THR D 415 -18.18 -8.17 -10.40
N THR D 416 -19.25 -7.44 -10.65
CA THR D 416 -19.26 -6.53 -11.79
C THR D 416 -19.06 -5.07 -11.44
N ARG D 417 -19.24 -4.67 -10.18
CA ARG D 417 -19.28 -3.25 -9.87
C ARG D 417 -18.24 -2.81 -8.87
N VAL D 418 -17.26 -3.63 -8.55
CA VAL D 418 -16.25 -3.30 -7.55
C VAL D 418 -14.90 -3.17 -8.22
N ASN D 419 -14.32 -1.98 -8.13
CA ASN D 419 -12.91 -1.79 -8.43
C ASN D 419 -12.10 -2.27 -7.24
N PRO D 420 -11.27 -3.30 -7.37
CA PRO D 420 -10.56 -3.82 -6.21
C PRO D 420 -9.45 -2.91 -5.71
N GLN D 421 -9.10 -1.86 -6.46
CA GLN D 421 -8.05 -0.96 -6.02
C GLN D 421 -8.62 0.22 -5.24
N THR D 422 -9.82 0.66 -5.59
CA THR D 422 -10.40 1.84 -4.97
C THR D 422 -11.63 1.58 -4.13
N ASP D 423 -12.40 0.53 -4.40
CA ASP D 423 -13.72 0.38 -3.79
C ASP D 423 -13.73 -0.54 -2.58
N ILE D 424 -12.57 -0.89 -2.05
CA ILE D 424 -12.49 -1.67 -0.82
C ILE D 424 -11.96 -0.76 0.27
N LEU D 425 -12.78 -0.50 1.27
CA LEU D 425 -12.42 0.38 2.37
C LEU D 425 -11.99 -0.44 3.55
N ASN D 426 -10.88 -0.04 4.17
CA ASN D 426 -10.38 -0.65 5.41
C ASN D 426 -10.19 0.48 6.40
N PRO D 427 -11.28 0.95 7.02
CA PRO D 427 -11.23 2.26 7.69
C PRO D 427 -10.47 2.29 8.99
N LEU D 428 -10.65 1.30 9.85
CA LEU D 428 -10.16 1.35 11.23
C LEU D 428 -9.34 0.13 11.61
N PRO D 429 -8.15 -0.04 11.03
CA PRO D 429 -7.30 -1.17 11.43
C PRO D 429 -6.74 -0.93 12.82
N GLY D 430 -6.94 -1.90 13.70
CA GLY D 430 -6.52 -1.76 15.07
C GLY D 430 -7.56 -1.23 16.01
N GLY D 431 -8.81 -1.11 15.57
CA GLY D 431 -9.89 -0.68 16.42
C GLY D 431 -10.43 -1.81 17.27
N ARG D 432 -11.64 -1.63 17.75
CA ARG D 432 -12.31 -2.64 18.55
C ARG D 432 -13.12 -3.57 17.65
N GLY D 433 -13.00 -4.86 17.91
CA GLY D 433 -13.75 -5.84 17.17
C GLY D 433 -14.59 -6.70 18.10
N GLN D 434 -15.15 -7.78 17.57
CA GLN D 434 -15.91 -8.74 18.36
C GLN D 434 -15.08 -10.00 18.51
N THR D 435 -14.84 -10.40 19.76
CA THR D 435 -13.89 -11.49 20.02
C THR D 435 -14.45 -12.85 19.60
N PHE D 436 -15.75 -12.93 19.35
CA PHE D 436 -16.35 -14.20 18.99
C PHE D 436 -16.14 -14.56 17.53
N MET D 437 -15.53 -13.70 16.75
CA MET D 437 -15.10 -14.05 15.40
C MET D 437 -13.73 -14.70 15.45
N PRO D 438 -13.57 -15.93 14.95
CA PRO D 438 -12.25 -16.60 15.04
C PRO D 438 -11.21 -15.99 14.12
N ALA D 439 -11.62 -15.12 13.20
CA ALA D 439 -10.66 -14.33 12.45
C ALA D 439 -9.91 -13.37 13.36
N GLU D 440 -10.48 -13.04 14.52
CA GLU D 440 -9.74 -12.28 15.52
C GLU D 440 -8.98 -13.20 16.47
N ARG D 441 -9.35 -14.48 16.54
CA ARG D 441 -8.48 -15.46 17.19
C ARG D 441 -7.19 -15.63 16.43
N MET D 442 -7.23 -15.49 15.10
CA MET D 442 -6.02 -15.58 14.30
C MET D 442 -5.06 -14.42 14.58
N THR D 443 -5.57 -13.32 15.14
CA THR D 443 -4.72 -12.18 15.49
C THR D 443 -4.29 -12.19 16.95
N SER D 444 -4.88 -13.03 17.79
CA SER D 444 -4.45 -13.11 19.19
C SER D 444 -3.14 -13.87 19.32
N GLY D 445 -2.89 -14.79 18.40
CA GLY D 445 -1.66 -15.56 18.43
C GLY D 445 -1.70 -16.64 19.49
N ASP D 446 -0.59 -16.83 20.19
CA ASP D 446 -0.54 -17.83 21.26
C ASP D 446 -0.87 -17.22 22.62
N LYS D 447 -1.34 -15.97 22.65
CA LYS D 447 -1.96 -15.47 23.85
C LYS D 447 -3.37 -16.01 23.99
N GLN D 448 -4.06 -15.59 25.05
CA GLN D 448 -5.40 -16.08 25.33
C GLN D 448 -6.40 -15.46 24.36
N TRP D 449 -7.32 -16.28 23.85
CA TRP D 449 -8.36 -15.74 22.98
C TRP D 449 -9.40 -15.03 23.83
N THR D 450 -9.09 -13.81 24.25
CA THR D 450 -10.01 -12.93 24.96
C THR D 450 -10.10 -11.62 24.19
N ALA D 451 -10.92 -10.70 24.69
CA ALA D 451 -11.06 -9.41 24.03
C ALA D 451 -9.86 -8.51 24.34
N SER D 452 -9.05 -8.87 25.32
CA SER D 452 -7.88 -8.08 25.66
C SER D 452 -6.71 -8.36 24.73
N ASN D 453 -6.75 -9.46 23.98
CA ASN D 453 -5.61 -9.85 23.16
C ASN D 453 -5.87 -9.84 21.67
N THR D 454 -7.14 -9.73 21.24
CA THR D 454 -7.43 -9.72 19.81
C THR D 454 -7.03 -8.41 19.18
N GLN D 455 -6.76 -8.45 17.87
CA GLN D 455 -6.42 -7.27 17.10
C GLN D 455 -7.33 -7.21 15.89
N PHE D 456 -8.15 -6.17 15.80
CA PHE D 456 -9.10 -6.05 14.71
C PHE D 456 -8.38 -5.70 13.42
N GLU D 457 -8.76 -6.36 12.34
CA GLU D 457 -8.15 -6.12 11.05
C GLU D 457 -8.70 -4.89 10.35
N GLY D 458 -9.82 -4.36 10.81
CA GLY D 458 -10.25 -3.06 10.37
C GLY D 458 -11.58 -3.01 9.67
N GLY D 459 -12.19 -4.14 9.37
CA GLY D 459 -13.43 -4.14 8.64
C GLY D 459 -13.21 -3.93 7.14
N MET D 460 -14.26 -4.18 6.39
CA MET D 460 -14.18 -4.19 4.94
C MET D 460 -15.40 -3.48 4.39
N GLY D 461 -15.22 -2.26 3.92
CA GLY D 461 -16.31 -1.55 3.31
C GLY D 461 -16.23 -1.64 1.81
N ILE D 462 -17.22 -2.24 1.18
CA ILE D 462 -17.20 -2.49 -0.25
C ILE D 462 -18.20 -1.57 -0.92
N ASP D 463 -17.71 -0.68 -1.77
CA ASP D 463 -18.54 0.25 -2.52
C ASP D 463 -18.84 -0.40 -3.86
N ALA D 464 -19.97 -1.10 -3.94
CA ALA D 464 -20.41 -1.71 -5.18
C ALA D 464 -21.46 -0.88 -5.89
N THR D 465 -21.41 0.43 -5.75
CA THR D 465 -22.41 1.27 -6.36
C THR D 465 -21.98 1.71 -7.75
N VAL D 466 -22.97 2.11 -8.55
CA VAL D 466 -22.75 2.69 -9.86
C VAL D 466 -22.29 4.12 -9.67
N PRO D 467 -21.23 4.57 -10.34
CA PRO D 467 -20.87 5.99 -10.29
C PRO D 467 -21.95 6.83 -10.95
N TYR D 468 -22.14 8.04 -10.44
CA TYR D 468 -23.17 8.91 -10.97
C TYR D 468 -22.79 9.38 -12.36
N GLY D 469 -23.79 9.41 -13.25
CA GLY D 469 -23.55 9.76 -14.63
C GLY D 469 -23.14 8.62 -15.51
N TYR D 470 -22.99 7.42 -14.95
CA TYR D 470 -22.70 6.22 -15.71
C TYR D 470 -23.81 5.20 -15.55
N GLU D 471 -25.04 5.69 -15.41
CA GLU D 471 -26.17 4.80 -15.25
C GLU D 471 -26.55 4.16 -16.58
N SER D 472 -26.15 4.78 -17.68
CA SER D 472 -26.44 4.19 -18.99
C SER D 472 -25.49 3.02 -19.27
N ASP D 473 -24.24 3.14 -18.83
CA ASP D 473 -23.29 2.07 -19.08
C ASP D 473 -23.48 0.92 -18.12
N PHE D 474 -23.97 1.20 -16.92
CA PHE D 474 -24.25 0.16 -15.93
C PHE D 474 -25.73 -0.17 -15.88
N HIS D 475 -26.42 -0.08 -17.01
CA HIS D 475 -27.86 -0.27 -17.03
C HIS D 475 -28.20 -1.75 -17.04
N ARG D 476 -29.20 -2.12 -16.25
CA ARG D 476 -29.54 -3.52 -16.09
C ARG D 476 -30.57 -3.94 -17.14
N PRO D 477 -30.48 -5.16 -17.66
CA PRO D 477 -30.93 -5.42 -19.03
C PRO D 477 -32.38 -5.85 -19.18
N VAL D 478 -33.35 -5.09 -18.68
CA VAL D 478 -34.75 -5.51 -18.54
C VAL D 478 -35.39 -6.10 -19.80
N TYR D 479 -35.88 -7.33 -19.67
CA TYR D 479 -36.52 -8.06 -20.75
C TYR D 479 -38.01 -7.78 -20.78
N GLY D 480 -38.69 -8.40 -21.73
CA GLY D 480 -40.12 -8.19 -21.84
C GLY D 480 -40.96 -9.22 -21.11
N VAL D 481 -40.84 -9.28 -19.78
CA VAL D 481 -41.57 -10.27 -19.01
C VAL D 481 -43.02 -9.89 -18.76
N ASP D 482 -43.42 -8.67 -19.09
CA ASP D 482 -44.80 -8.25 -18.98
C ASP D 482 -45.41 -7.89 -20.33
N LEU D 483 -44.65 -8.04 -21.40
CA LEU D 483 -45.17 -7.86 -22.75
C LEU D 483 -45.79 -9.12 -23.32
N VAL D 484 -45.52 -10.27 -22.71
CA VAL D 484 -46.00 -11.56 -23.18
C VAL D 484 -46.69 -12.27 -22.03
N LYS D 485 -47.79 -12.94 -22.33
CA LYS D 485 -48.51 -13.69 -21.32
C LYS D 485 -48.37 -15.17 -21.56
N PRO D 486 -47.85 -15.93 -20.59
CA PRO D 486 -47.66 -17.37 -20.80
C PRO D 486 -48.97 -18.14 -20.82
N GLU D 487 -50.07 -17.53 -20.40
CA GLU D 487 -51.35 -18.24 -20.37
C GLU D 487 -51.89 -18.44 -21.78
N ASN D 488 -51.43 -17.63 -22.73
CA ASN D 488 -51.78 -17.85 -24.12
C ASN D 488 -51.10 -19.10 -24.66
N PHE D 489 -49.80 -19.23 -24.40
CA PHE D 489 -49.00 -20.25 -25.08
C PHE D 489 -49.18 -21.61 -24.45
N PHE D 490 -49.23 -21.69 -23.12
CA PHE D 490 -49.30 -22.97 -22.43
C PHE D 490 -50.56 -23.03 -21.59
N ASP D 491 -50.87 -24.24 -21.13
CA ASP D 491 -51.98 -24.43 -20.20
C ASP D 491 -51.51 -24.18 -18.77
N ALA D 492 -52.37 -24.52 -17.81
CA ALA D 492 -52.00 -24.36 -16.40
C ALA D 492 -50.97 -25.39 -15.97
N LYS D 493 -51.05 -26.60 -16.53
CA LYS D 493 -50.20 -27.70 -16.07
C LYS D 493 -48.76 -27.49 -16.49
N ASP D 494 -48.54 -27.07 -17.74
CA ASP D 494 -47.18 -26.77 -18.17
C ASP D 494 -46.61 -25.57 -17.42
N ILE D 495 -47.47 -24.59 -17.11
CA ILE D 495 -47.02 -23.38 -16.45
C ILE D 495 -46.56 -23.67 -15.01
N ASP D 496 -47.37 -24.39 -14.24
CA ASP D 496 -46.92 -24.63 -12.87
C ASP D 496 -45.87 -25.74 -12.80
N LYS D 497 -45.82 -26.61 -13.82
CA LYS D 497 -44.70 -27.56 -13.90
C LYS D 497 -43.38 -26.84 -14.13
N MET D 498 -43.38 -25.80 -14.97
CA MET D 498 -42.15 -25.04 -15.17
C MET D 498 -41.87 -24.11 -13.99
N LYS D 499 -42.92 -23.66 -13.30
CA LYS D 499 -42.71 -22.74 -12.19
C LYS D 499 -42.23 -23.47 -10.95
N SER D 500 -42.48 -24.77 -10.86
CA SER D 500 -42.08 -25.52 -9.67
C SER D 500 -40.57 -25.79 -9.67
N ARG D 501 -39.91 -25.62 -10.81
CA ARG D 501 -38.49 -25.95 -10.87
C ARG D 501 -37.61 -24.74 -10.60
N MET D 502 -38.18 -23.54 -10.62
CA MET D 502 -37.40 -22.34 -10.43
C MET D 502 -37.19 -22.06 -8.94
N ALA D 503 -35.98 -21.62 -8.60
CA ALA D 503 -35.63 -21.34 -7.22
C ALA D 503 -34.46 -20.37 -7.12
N GLY D 504 -34.62 -19.32 -6.32
CA GLY D 504 -33.50 -18.44 -6.02
C GLY D 504 -33.38 -17.21 -6.88
N TRP D 505 -32.22 -17.08 -7.54
CA TRP D 505 -31.95 -15.87 -8.29
C TRP D 505 -32.80 -15.81 -9.55
N VAL D 506 -33.19 -16.97 -10.06
CA VAL D 506 -34.13 -16.99 -11.19
C VAL D 506 -35.50 -16.52 -10.75
N LEU D 507 -35.86 -16.77 -9.49
CA LEU D 507 -37.12 -16.26 -8.96
C LEU D 507 -37.06 -14.75 -8.78
N SER D 508 -35.89 -14.24 -8.42
CA SER D 508 -35.73 -12.79 -8.32
C SER D 508 -35.70 -12.14 -9.70
N LEU D 509 -35.12 -12.81 -10.69
CA LEU D 509 -34.91 -12.18 -11.98
C LEU D 509 -36.16 -12.29 -12.86
N ALA D 510 -36.95 -13.35 -12.69
CA ALA D 510 -38.12 -13.55 -13.54
C ALA D 510 -39.23 -12.51 -13.23
N ARG D 511 -39.37 -11.90 -11.66
CA ARG D 511 -40.27 -10.80 -11.24
C ARG D 511 -39.85 -9.49 -11.89
N THR D 512 -38.55 -9.20 -11.85
CA THR D 512 -38.05 -7.92 -12.31
C THR D 512 -37.75 -7.89 -13.80
N GLY D 513 -37.50 -9.03 -14.42
CA GLY D 513 -37.22 -9.05 -15.83
C GLY D 513 -35.80 -8.74 -16.22
N ARG D 514 -34.90 -8.61 -15.25
CA ARG D 514 -33.53 -8.21 -15.52
C ARG D 514 -32.56 -9.38 -15.38
N GLU E 1 -42.77 46.54 23.51
CA GLU E 1 -41.76 45.89 22.67
C GLU E 1 -40.41 46.56 22.77
N ARG E 2 -39.86 46.65 23.99
CA ARG E 2 -38.56 47.30 24.16
C ARG E 2 -37.67 46.51 25.12
N VAL E 3 -38.04 45.28 25.46
CA VAL E 3 -37.19 44.45 26.30
C VAL E 3 -36.97 43.09 25.63
N GLY E 4 -35.74 42.58 25.76
CA GLY E 4 -35.30 41.38 25.07
C GLY E 4 -34.59 40.34 25.92
N GLU E 5 -35.09 40.05 27.12
CA GLU E 5 -34.38 39.89 28.41
C GLU E 5 -32.93 39.42 28.25
N LYS E 6 -32.65 38.37 27.49
CA LYS E 6 -31.27 38.02 27.20
C LYS E 6 -31.00 38.20 25.72
N ASP E 7 -30.33 39.29 25.37
CA ASP E 7 -30.08 39.62 23.98
C ASP E 7 -28.76 40.35 23.89
N LEU E 8 -28.54 41.01 22.74
CA LEU E 8 -27.25 41.62 22.47
C LEU E 8 -27.04 42.86 23.33
N ARG E 9 -28.12 43.61 23.61
CA ARG E 9 -27.97 44.83 24.39
C ARG E 9 -27.67 44.52 25.86
N ALA E 10 -28.30 43.48 26.40
CA ALA E 10 -28.00 43.08 27.77
C ALA E 10 -26.60 42.52 27.87
N ALA E 11 -26.13 41.84 26.82
CA ALA E 11 -24.75 41.36 26.79
C ALA E 11 -23.78 42.51 26.72
N LEU E 12 -24.12 43.58 25.99
CA LEU E 12 -23.28 44.76 25.94
C LEU E 12 -23.24 45.46 27.30
N GLU E 13 -24.37 45.46 28.02
CA GLU E 13 -24.39 46.05 29.35
C GLU E 13 -23.55 45.24 30.33
N TRP E 14 -23.57 43.92 30.20
CA TRP E 14 -22.75 43.07 31.06
C TRP E 14 -21.27 43.23 30.72
N PHE E 15 -20.95 43.39 29.43
CA PHE E 15 -19.58 43.62 29.02
C PHE E 15 -19.06 44.96 29.52
N ARG E 16 -19.92 45.97 29.52
CA ARG E 16 -19.53 47.27 30.03
C ARG E 16 -19.38 47.24 31.54
N SER E 17 -20.20 46.43 32.22
CA SER E 17 -20.08 46.31 33.67
C SER E 17 -18.81 45.58 34.06
N LYS E 18 -18.42 44.57 33.28
CA LYS E 18 -17.21 43.83 33.60
C LYS E 18 -15.94 44.56 33.16
N GLY E 19 -16.09 45.61 32.38
CA GLY E 19 -14.95 46.34 31.87
C GLY E 19 -14.36 45.79 30.60
N TYR E 20 -15.06 44.88 29.91
CA TYR E 20 -14.55 44.24 28.72
C TYR E 20 -14.90 44.98 27.44
N LEU E 21 -15.70 46.03 27.54
CA LEU E 21 -16.23 46.69 26.36
C LEU E 21 -15.34 47.83 25.95
N VAL E 22 -14.95 47.85 24.68
CA VAL E 22 -14.16 48.92 24.10
C VAL E 22 -15.05 49.64 23.12
N GLU E 23 -15.35 50.91 23.38
CA GLU E 23 -16.32 51.64 22.60
C GLU E 23 -15.71 52.94 22.13
N THR E 24 -15.95 53.26 20.87
CA THR E 24 -15.46 54.50 20.29
C THR E 24 -16.63 55.24 19.66
N ASN E 25 -16.38 56.49 19.29
CA ASN E 25 -17.40 57.35 18.72
C ASN E 25 -16.99 57.89 17.35
N LYS E 26 -15.87 57.44 16.82
CA LYS E 26 -15.37 57.95 15.56
C LYS E 26 -15.92 57.11 14.41
N GLU E 27 -16.12 57.79 13.29
CA GLU E 27 -16.84 57.25 12.15
C GLU E 27 -15.99 56.25 11.38
N VAL E 28 -16.41 54.99 11.37
CA VAL E 28 -15.61 53.92 10.80
C VAL E 28 -16.19 53.50 9.46
N ASN E 29 -15.32 53.23 8.49
CA ASN E 29 -15.77 52.75 7.20
C ASN E 29 -16.06 51.26 7.28
N PRO E 30 -17.18 50.80 6.72
CA PRO E 30 -17.34 49.36 6.48
C PRO E 30 -16.38 48.82 5.43
N ASP E 31 -15.82 49.69 4.60
CA ASP E 31 -14.83 49.33 3.60
C ASP E 31 -13.45 49.34 4.26
N LEU E 32 -12.94 48.14 4.56
CA LEU E 32 -11.54 47.87 4.92
C LEU E 32 -11.11 48.56 6.22
N GLU E 33 -12.06 48.75 7.12
CA GLU E 33 -11.65 49.32 8.41
C GLU E 33 -12.15 48.49 9.57
N ILE E 34 -13.35 47.93 9.44
CA ILE E 34 -13.90 47.11 10.52
C ILE E 34 -13.15 45.79 10.60
N THR E 35 -12.98 45.12 9.46
CA THR E 35 -12.25 43.85 9.46
C THR E 35 -10.77 44.07 9.71
N GLY E 36 -10.24 45.21 9.27
CA GLY E 36 -8.85 45.53 9.57
C GLY E 36 -8.62 45.75 11.06
N LEU E 37 -9.50 46.49 11.71
CA LEU E 37 -9.40 46.70 13.15
C LEU E 37 -9.69 45.42 13.91
N GLN E 38 -10.49 44.52 13.33
CA GLN E 38 -10.72 43.24 13.97
C GLN E 38 -9.50 42.35 13.88
N LYS E 39 -8.77 42.41 12.77
CA LYS E 39 -7.59 41.56 12.63
C LYS E 39 -6.41 42.13 13.39
N ILE E 40 -6.35 43.45 13.55
CA ILE E 40 -5.30 44.07 14.37
C ILE E 40 -5.42 43.61 15.82
N PHE E 41 -6.63 43.46 16.32
CA PHE E 41 -6.90 43.02 17.67
C PHE E 41 -7.58 41.67 17.70
N ASP E 42 -7.06 40.72 16.91
CA ASP E 42 -7.67 39.41 16.76
C ASP E 42 -7.61 38.62 18.05
N GLY E 43 -8.74 38.04 18.43
CA GLY E 43 -8.81 37.29 19.66
C GLY E 43 -8.76 38.14 20.91
N SER E 44 -9.55 39.21 20.95
CA SER E 44 -9.51 40.15 22.07
C SER E 44 -10.90 40.65 22.41
N LEU E 45 -10.96 41.76 23.14
CA LEU E 45 -12.19 42.31 23.69
C LEU E 45 -13.17 42.74 22.58
N PRO E 46 -14.46 42.81 22.90
CA PRO E 46 -15.43 43.33 21.93
C PRO E 46 -15.23 44.81 21.65
N MET E 47 -15.42 45.18 20.39
CA MET E 47 -15.32 46.57 19.95
C MET E 47 -16.68 47.05 19.47
N LEU E 48 -17.13 48.17 20.01
CA LEU E 48 -18.41 48.75 19.64
C LEU E 48 -18.19 50.07 18.92
N PHE E 49 -18.67 50.15 17.68
CA PHE E 49 -18.56 51.35 16.87
C PHE E 49 -19.92 52.04 16.84
N ASN E 50 -19.98 53.24 17.40
CA ASN E 50 -21.25 53.94 17.47
C ASN E 50 -21.61 54.59 16.14
N ASN E 51 -20.64 55.08 15.40
CA ASN E 51 -20.88 55.77 14.14
C ASN E 51 -20.29 54.95 13.01
N VAL E 52 -21.13 54.55 12.06
CA VAL E 52 -20.73 53.77 10.90
C VAL E 52 -20.92 54.65 9.67
N LYS E 53 -19.97 54.57 8.74
CA LYS E 53 -20.00 55.37 7.53
C LYS E 53 -21.18 54.99 6.64
N ASP E 54 -21.97 55.99 6.27
CA ASP E 54 -23.18 55.91 5.45
C ASP E 54 -24.29 55.08 6.10
N MET E 55 -24.19 54.78 7.38
CA MET E 55 -25.22 54.07 8.12
C MET E 55 -25.51 54.90 9.35
N PRO E 56 -26.31 55.96 9.22
CA PRO E 56 -26.53 56.87 10.36
C PRO E 56 -27.43 56.30 11.43
N HIS E 57 -28.08 55.17 11.17
CA HIS E 57 -29.02 54.57 12.11
C HIS E 57 -28.47 53.29 12.73
N ALA E 58 -27.23 52.92 12.45
CA ALA E 58 -26.72 51.61 12.83
C ALA E 58 -25.45 51.75 13.65
N ARG E 59 -25.35 50.91 14.67
CA ARG E 59 -24.10 50.68 15.38
C ARG E 59 -23.52 49.34 14.92
N ALA E 60 -22.26 49.12 15.25
CA ALA E 60 -21.60 47.90 14.83
C ALA E 60 -20.74 47.37 15.96
N ILE E 61 -20.90 46.09 16.25
CA ILE E 61 -20.11 45.39 17.24
C ILE E 61 -19.24 44.39 16.50
N THR E 62 -18.03 44.14 17.03
CA THR E 62 -17.14 43.15 16.45
C THR E 62 -16.23 42.61 17.54
N ASN E 63 -15.61 41.47 17.25
CA ASN E 63 -14.81 40.67 18.20
C ASN E 63 -15.62 40.33 19.45
N LEU E 64 -16.90 40.02 19.25
CA LEU E 64 -17.77 39.70 20.36
C LEU E 64 -17.43 38.34 20.97
N PHE E 65 -17.14 37.36 20.12
CA PHE E 65 -16.71 36.04 20.56
C PHE E 65 -15.21 35.85 20.34
N GLY E 66 -14.45 36.94 20.30
CA GLY E 66 -13.03 36.83 19.97
C GLY E 66 -12.21 36.21 21.09
N ASP E 67 -12.42 36.67 22.31
CA ASP E 67 -11.81 36.06 23.47
C ASP E 67 -12.76 35.02 24.01
N ILE E 68 -12.32 33.77 24.08
CA ILE E 68 -13.21 32.71 24.54
C ILE E 68 -13.39 32.78 26.05
N ARG E 69 -12.49 33.48 26.75
CA ARG E 69 -12.61 33.59 28.20
C ARG E 69 -13.76 34.49 28.58
N VAL E 70 -13.98 35.58 27.83
CA VAL E 70 -15.09 36.45 28.16
C VAL E 70 -16.41 35.84 27.72
N VAL E 71 -16.38 34.93 26.73
CA VAL E 71 -17.59 34.21 26.36
C VAL E 71 -17.96 33.19 27.43
N GLU E 72 -16.97 32.49 27.97
CA GLU E 72 -17.22 31.55 29.04
C GLU E 72 -17.61 32.27 30.33
N GLU E 73 -17.15 33.50 30.51
CA GLU E 73 -17.62 34.29 31.65
C GLU E 73 -19.04 34.78 31.42
N LEU E 74 -19.40 35.04 30.16
CA LEU E 74 -20.76 35.49 29.85
C LEU E 74 -21.77 34.38 30.09
N PHE E 75 -21.48 33.17 29.62
CA PHE E 75 -22.42 32.08 29.78
C PHE E 75 -22.25 31.31 31.07
N GLY E 76 -21.30 31.70 31.94
CA GLY E 76 -21.20 31.08 33.24
C GLY E 76 -20.44 29.78 33.26
N TRP E 77 -19.36 29.67 32.52
CA TRP E 77 -18.52 28.49 32.52
C TRP E 77 -17.14 28.85 33.04
N GLU E 78 -16.53 27.92 33.77
CA GLU E 78 -15.22 28.20 34.35
C GLU E 78 -14.11 28.06 33.31
N ASN E 79 -14.04 26.93 32.62
CA ASN E 79 -13.01 26.72 31.63
C ASN E 79 -13.64 26.09 30.39
N SER E 80 -12.79 25.74 29.42
CA SER E 80 -13.29 25.24 28.15
C SER E 80 -13.83 23.82 28.29
N LEU E 81 -13.28 23.06 29.22
CA LEU E 81 -13.75 21.69 29.42
C LEU E 81 -15.15 21.68 30.02
N ASP E 82 -15.39 22.57 30.99
CA ASP E 82 -16.73 22.74 31.54
C ASP E 82 -17.70 23.23 30.48
N ARG E 83 -17.22 24.10 29.58
CA ARG E 83 -18.06 24.58 28.48
C ARG E 83 -18.45 23.44 27.55
N VAL E 84 -17.50 22.56 27.22
CA VAL E 84 -17.76 21.45 26.32
C VAL E 84 -18.76 20.48 26.92
N LYS E 85 -18.59 20.17 28.21
CA LYS E 85 -19.50 19.24 28.87
C LYS E 85 -20.88 19.84 29.07
N LYS E 86 -20.96 21.13 29.43
CA LYS E 86 -22.25 21.76 29.65
C LYS E 86 -23.01 21.94 28.34
N VAL E 87 -22.32 22.23 27.25
CA VAL E 87 -23.02 22.39 25.99
C VAL E 87 -23.42 21.04 25.43
N ALA E 88 -22.67 19.97 25.72
CA ALA E 88 -23.13 18.64 25.36
C ALA E 88 -24.40 18.26 26.12
N ARG E 89 -24.44 18.58 27.42
CA ARG E 89 -25.66 18.37 28.19
C ARG E 89 -26.82 19.21 27.68
N ALA E 90 -26.53 20.44 27.23
CA ALA E 90 -27.57 21.30 26.70
C ALA E 90 -28.05 20.82 25.34
N ILE E 91 -27.19 20.13 24.59
CA ILE E 91 -27.60 19.51 23.35
C ILE E 91 -28.56 18.38 23.63
N ASP E 92 -28.29 17.58 24.66
CA ASP E 92 -29.22 16.50 24.96
C ASP E 92 -30.46 16.94 25.73
N HIS E 93 -30.59 18.22 26.08
CA HIS E 93 -31.76 18.72 26.80
C HIS E 93 -32.12 20.12 26.32
N PRO E 94 -32.87 20.23 25.23
CA PRO E 94 -33.24 21.54 24.74
C PRO E 94 -34.42 22.12 25.49
N LEU E 95 -34.51 23.44 25.51
CA LEU E 95 -35.64 24.18 26.07
C LEU E 95 -36.49 24.67 24.91
N LYS E 96 -37.76 24.26 24.88
CA LYS E 96 -38.64 24.58 23.76
C LYS E 96 -38.89 26.09 23.69
N PRO E 97 -38.72 26.71 22.52
CA PRO E 97 -38.85 28.17 22.43
C PRO E 97 -40.29 28.63 22.59
N VAL E 98 -40.45 29.82 23.15
CA VAL E 98 -41.75 30.40 23.42
C VAL E 98 -42.12 31.33 22.27
N ILE E 99 -43.41 31.45 22.00
CA ILE E 99 -43.92 32.33 20.96
C ILE E 99 -44.66 33.47 21.63
N ILE E 100 -44.22 34.70 21.36
CA ILE E 100 -44.84 35.88 21.94
C ILE E 100 -45.60 36.62 20.84
N GLY E 101 -46.41 37.58 21.26
CA GLY E 101 -47.25 38.30 20.32
C GLY E 101 -46.46 39.27 19.46
N GLN E 102 -47.12 39.80 18.43
CA GLN E 102 -46.46 40.66 17.46
C GLN E 102 -46.29 42.09 17.96
N ASP E 103 -46.71 42.37 19.19
CA ASP E 103 -46.60 43.70 19.74
C ASP E 103 -45.65 43.80 20.93
N GLU E 104 -45.07 42.69 21.39
CA GLU E 104 -44.00 42.77 22.37
C GLU E 104 -42.65 42.38 21.80
N ALA E 105 -42.58 42.01 20.54
CA ALA E 105 -41.31 41.70 19.93
C ALA E 105 -40.57 42.98 19.58
N PRO E 106 -39.38 43.22 20.14
CA PRO E 106 -38.66 44.46 19.84
C PRO E 106 -38.15 44.57 18.42
N VAL E 107 -38.07 43.46 17.68
CA VAL E 107 -37.58 43.51 16.31
C VAL E 107 -38.67 43.94 15.35
N GLN E 108 -39.91 44.08 15.82
CA GLN E 108 -41.01 44.49 14.98
C GLN E 108 -41.55 45.87 15.35
N GLU E 109 -40.66 46.75 15.82
CA GLU E 109 -41.07 48.13 16.06
C GLU E 109 -41.28 48.86 14.74
N GLU E 110 -40.35 48.71 13.81
CA GLU E 110 -40.46 49.28 12.48
C GLU E 110 -40.58 48.15 11.47
N VAL E 111 -41.66 48.16 10.70
CA VAL E 111 -41.90 47.13 9.69
C VAL E 111 -41.92 47.77 8.31
N LEU E 112 -40.83 47.62 7.56
CA LEU E 112 -40.80 48.15 6.20
C LEU E 112 -41.27 47.09 5.21
N THR E 113 -42.36 47.40 4.51
CA THR E 113 -42.90 46.49 3.51
C THR E 113 -42.73 47.00 2.09
N THR E 114 -42.43 48.28 1.91
CA THR E 114 -42.02 48.82 0.62
C THR E 114 -40.57 49.29 0.75
N ASP E 115 -40.09 49.93 -0.32
CA ASP E 115 -38.75 50.51 -0.48
C ASP E 115 -37.63 49.61 0.04
N LEU E 116 -37.75 48.32 -0.29
CA LEU E 116 -36.84 47.32 0.24
C LEU E 116 -35.49 47.41 -0.46
N ASP E 117 -34.62 48.25 0.06
CA ASP E 117 -33.21 48.28 -0.34
C ASP E 117 -32.45 47.79 0.89
N VAL E 118 -31.95 46.56 0.81
CA VAL E 118 -31.28 45.94 1.96
C VAL E 118 -29.95 46.61 2.25
N ASN E 119 -29.27 47.08 1.20
CA ASN E 119 -27.96 47.68 1.40
C ASN E 119 -28.07 49.07 2.00
N LYS E 120 -29.25 49.67 1.98
CA LYS E 120 -29.45 50.95 2.64
C LYS E 120 -29.53 50.82 4.15
N TRP E 121 -30.13 49.76 4.67
CA TRP E 121 -30.30 49.57 6.10
C TRP E 121 -29.24 48.68 6.71
N LEU E 122 -28.93 47.56 6.07
CA LEU E 122 -27.95 46.64 6.62
C LEU E 122 -26.55 46.97 6.12
N THR E 123 -25.58 46.87 7.02
CA THR E 123 -24.21 47.24 6.73
C THR E 123 -23.50 46.10 6.01
N ALA E 124 -23.17 46.32 4.75
CA ALA E 124 -22.32 45.41 3.99
C ALA E 124 -20.88 45.86 4.13
N ILE E 125 -19.97 44.91 4.26
CA ILE E 125 -18.56 45.21 4.47
C ILE E 125 -17.72 44.63 3.35
N ARG E 126 -16.51 45.14 3.23
CA ARG E 126 -15.46 44.51 2.43
C ARG E 126 -14.31 44.14 3.35
N HIS E 127 -13.78 42.94 3.15
CA HIS E 127 -12.77 42.45 4.09
C HIS E 127 -11.36 42.85 3.64
N THR E 128 -10.99 42.51 2.42
CA THR E 128 -9.67 42.74 1.86
C THR E 128 -9.78 43.66 0.66
N PRO E 129 -8.69 44.37 0.32
CA PRO E 129 -8.72 45.22 -0.88
C PRO E 129 -8.78 44.46 -2.19
N LEU E 130 -8.61 43.15 -2.19
CA LEU E 130 -8.70 42.35 -3.41
C LEU E 130 -10.13 42.14 -3.89
N GLU E 131 -11.12 42.49 -3.09
CA GLU E 131 -12.50 42.23 -3.46
C GLU E 131 -13.09 43.38 -4.26
N THR E 132 -14.25 43.12 -4.84
CA THR E 132 -15.01 44.12 -5.58
C THR E 132 -16.39 44.37 -5.02
N GLU E 133 -16.99 43.40 -4.34
CA GLU E 133 -18.35 43.50 -3.85
C GLU E 133 -18.35 43.66 -2.34
N MET E 134 -19.26 44.51 -1.86
CA MET E 134 -19.53 44.64 -0.44
C MET E 134 -20.70 43.74 -0.09
N THR E 135 -20.47 42.75 0.76
CA THR E 135 -21.44 41.71 1.02
C THR E 135 -21.93 41.77 2.46
N ILE E 136 -23.09 41.18 2.68
CA ILE E 136 -23.70 41.11 3.99
C ILE E 136 -23.38 39.76 4.58
N GLY E 137 -22.57 39.75 5.64
CA GLY E 137 -22.20 38.52 6.28
C GLY E 137 -22.50 38.50 7.76
N SER E 138 -23.63 39.08 8.14
CA SER E 138 -23.94 39.27 9.55
C SER E 138 -25.16 38.49 10.00
N GLY E 139 -25.95 37.95 9.10
CA GLY E 139 -27.23 37.38 9.44
C GLY E 139 -27.20 35.87 9.55
N ILE E 140 -28.08 35.35 10.40
CA ILE E 140 -28.28 33.93 10.53
C ILE E 140 -29.63 33.58 9.94
N SER E 141 -29.71 32.43 9.27
CA SER E 141 -30.98 31.96 8.78
C SER E 141 -31.79 31.41 9.94
N CYS E 142 -33.11 31.34 9.74
CA CYS E 142 -34.00 30.87 10.80
C CYS E 142 -35.16 30.14 10.14
N VAL E 143 -35.09 28.82 10.12
CA VAL E 143 -36.14 27.97 9.57
C VAL E 143 -36.77 27.21 10.73
N VAL E 144 -38.02 27.52 11.03
CA VAL E 144 -38.72 26.93 12.15
C VAL E 144 -40.02 26.32 11.66
N GLY E 145 -40.23 25.05 11.94
CA GLY E 145 -41.52 24.44 11.72
C GLY E 145 -41.53 23.37 10.65
N PRO E 146 -42.46 23.51 9.69
CA PRO E 146 -42.72 22.41 8.74
C PRO E 146 -41.58 22.18 7.76
N TYR E 147 -40.80 23.21 7.47
CA TYR E 147 -39.71 23.03 6.53
C TYR E 147 -38.49 22.40 7.19
N PHE E 148 -38.47 22.34 8.51
CA PHE E 148 -37.42 21.67 9.24
C PHE E 148 -37.97 20.58 10.16
N ASP E 149 -39.02 19.89 9.69
CA ASP E 149 -39.58 18.69 10.31
C ASP E 149 -40.06 18.93 11.73
N GLY E 150 -40.62 20.12 11.97
CA GLY E 150 -41.06 20.47 13.29
C GLY E 150 -39.96 20.88 14.24
N GLY E 151 -38.72 21.01 13.77
CA GLY E 151 -37.65 21.47 14.61
C GLY E 151 -37.30 22.91 14.32
N SER E 152 -36.03 23.28 14.46
CA SER E 152 -35.61 24.63 14.17
C SER E 152 -34.15 24.62 13.78
N HIS E 153 -33.78 25.55 12.91
CA HIS E 153 -32.41 25.67 12.43
C HIS E 153 -31.99 27.13 12.50
N ILE E 154 -30.80 27.38 13.02
CA ILE E 154 -30.16 28.67 12.92
C ILE E 154 -28.75 28.48 12.39
N GLY E 155 -28.34 29.34 11.48
CA GLY E 155 -27.02 29.21 10.90
C GLY E 155 -26.76 30.36 9.94
N TYR E 156 -25.48 30.69 9.81
CA TYR E 156 -25.05 31.82 9.02
C TYR E 156 -25.12 31.51 7.53
N ASN E 157 -25.46 32.52 6.74
CA ASN E 157 -25.41 32.43 5.30
C ASN E 157 -25.00 33.79 4.77
N ARG E 158 -23.98 33.83 3.92
CA ARG E 158 -23.55 35.09 3.35
C ARG E 158 -24.49 35.47 2.20
N MET E 159 -24.72 36.76 2.05
CA MET E 159 -25.66 37.29 1.06
C MET E 159 -25.06 38.50 0.39
N ASN E 160 -25.27 38.61 -0.92
CA ASN E 160 -24.83 39.76 -1.69
C ASN E 160 -26.03 40.31 -2.43
N PHE E 161 -26.60 41.40 -1.94
CA PHE E 161 -27.81 41.98 -2.51
C PHE E 161 -27.39 42.95 -3.59
N ARG E 162 -27.25 42.44 -4.82
CA ARG E 162 -26.93 43.26 -5.97
C ARG E 162 -28.10 43.41 -6.93
N TRP E 163 -29.32 43.22 -6.45
CA TRP E 163 -30.53 43.48 -7.24
C TRP E 163 -31.58 44.17 -6.40
N GLY E 164 -31.17 44.98 -5.44
CA GLY E 164 -32.11 45.74 -4.64
C GLY E 164 -32.67 44.96 -3.47
N ASN E 165 -33.61 44.07 -3.72
CA ASN E 165 -34.25 43.28 -2.68
C ASN E 165 -34.08 41.80 -2.96
N VAL E 166 -33.27 41.48 -3.96
CA VAL E 166 -32.94 40.10 -4.30
C VAL E 166 -31.44 39.96 -4.15
N GLY E 167 -31.01 38.96 -3.39
CA GLY E 167 -29.59 38.72 -3.22
C GLY E 167 -29.30 37.24 -3.24
N THR E 168 -28.03 36.91 -3.45
CA THR E 168 -27.61 35.52 -3.41
C THR E 168 -27.64 35.00 -1.99
N PHE E 169 -27.53 33.69 -1.86
CA PHE E 169 -27.72 33.01 -0.58
C PHE E 169 -26.85 31.78 -0.60
N GLN E 170 -25.67 31.87 -0.01
CA GLN E 170 -24.68 30.82 -0.14
C GLN E 170 -24.98 29.69 0.83
N ILE E 171 -25.12 28.48 0.31
CA ILE E 171 -25.46 27.31 1.09
C ILE E 171 -24.33 26.30 0.94
N SER E 172 -23.78 25.87 2.06
CA SER E 172 -22.82 24.77 2.04
C SER E 172 -23.55 23.49 1.66
N PRO E 173 -23.05 22.73 0.71
CA PRO E 173 -23.66 21.43 0.41
C PRO E 173 -23.47 20.46 1.57
N GLY E 174 -24.58 19.85 1.98
CA GLY E 174 -24.62 18.95 3.10
C GLY E 174 -25.24 19.54 4.35
N SER E 175 -25.36 20.86 4.40
CA SER E 175 -25.82 21.54 5.60
C SER E 175 -27.33 21.37 5.77
N HIS E 176 -27.87 21.97 6.83
CA HIS E 176 -29.31 21.89 7.08
C HIS E 176 -30.09 22.65 6.02
N MET E 177 -29.56 23.79 5.59
CA MET E 177 -30.19 24.52 4.51
C MET E 177 -30.10 23.76 3.21
N TRP E 178 -29.02 23.01 3.01
CA TRP E 178 -28.91 22.16 1.83
C TRP E 178 -29.90 21.02 1.88
N GLN E 179 -30.16 20.48 3.06
CA GLN E 179 -31.12 19.40 3.17
C GLN E 179 -32.54 19.89 2.97
N VAL E 180 -32.85 21.08 3.47
CA VAL E 180 -34.15 21.71 3.25
C VAL E 180 -34.33 22.03 1.78
N MET E 181 -33.28 22.56 1.15
CA MET E 181 -33.34 22.91 -0.27
C MET E 181 -33.42 21.68 -1.15
N THR E 182 -32.77 20.60 -0.75
CA THR E 182 -32.79 19.37 -1.53
C THR E 182 -34.16 18.71 -1.44
N GLU E 183 -34.81 18.78 -0.28
CA GLU E 183 -36.13 18.20 -0.15
C GLU E 183 -37.17 18.98 -0.95
N HIS E 184 -37.08 20.31 -0.92
CA HIS E 184 -38.05 21.16 -1.61
C HIS E 184 -37.48 21.79 -2.87
N TYR E 185 -36.62 21.09 -3.59
CA TYR E 185 -36.04 21.62 -4.81
C TYR E 185 -37.06 21.67 -5.92
N LYS E 186 -37.82 20.60 -6.07
CA LYS E 186 -38.77 20.43 -7.17
C LYS E 186 -40.16 20.91 -6.78
N ASP E 187 -40.23 22.07 -6.14
CA ASP E 187 -41.48 22.60 -5.66
C ASP E 187 -41.76 23.93 -6.35
N ASP E 188 -43.03 24.31 -6.35
CA ASP E 188 -43.41 25.56 -7.00
C ASP E 188 -43.36 26.73 -6.01
N GLU E 189 -43.85 26.50 -4.80
CA GLU E 189 -43.76 27.51 -3.77
C GLU E 189 -42.32 27.60 -3.24
N PRO E 190 -41.79 28.81 -3.10
CA PRO E 190 -40.43 28.95 -2.57
C PRO E 190 -40.42 28.74 -1.06
N ILE E 191 -39.23 28.47 -0.54
CA ILE E 191 -39.08 28.21 0.89
C ILE E 191 -39.10 29.53 1.65
N PRO E 192 -40.00 29.71 2.60
CA PRO E 192 -39.99 30.94 3.39
C PRO E 192 -39.03 30.87 4.56
N LEU E 193 -38.13 31.83 4.68
CA LEU E 193 -37.22 31.87 5.81
C LEU E 193 -36.88 33.32 6.10
N THR E 194 -36.39 33.55 7.31
CA THR E 194 -36.01 34.89 7.75
C THR E 194 -34.54 34.93 8.11
N MET E 195 -33.89 36.03 7.76
CA MET E 195 -32.52 36.31 8.17
C MET E 195 -32.55 37.27 9.33
N CYS E 196 -32.01 36.85 10.47
CA CYS E 196 -32.05 37.64 11.69
C CYS E 196 -30.67 38.22 11.98
N PHE E 197 -30.64 39.46 12.45
CA PHE E 197 -29.41 40.21 12.64
C PHE E 197 -29.37 40.76 14.06
N GLY E 198 -28.18 40.77 14.64
CA GLY E 198 -28.02 41.23 16.00
C GLY E 198 -28.71 40.35 17.02
N VAL E 199 -28.58 39.04 16.86
CA VAL E 199 -29.35 38.06 17.62
C VAL E 199 -28.76 37.94 19.02
N PRO E 200 -29.43 37.27 19.96
CA PRO E 200 -28.78 36.98 21.24
C PRO E 200 -27.54 36.13 21.05
N PRO E 201 -26.55 36.24 21.94
CA PRO E 201 -25.27 35.55 21.74
C PRO E 201 -25.38 34.04 21.79
N SER E 202 -26.39 33.49 22.48
CA SER E 202 -26.62 32.06 22.44
C SER E 202 -27.02 31.59 21.06
N CYS E 203 -27.81 32.41 20.36
CA CYS E 203 -28.20 32.07 19.00
C CYS E 203 -27.04 32.15 18.03
N THR E 204 -26.13 33.11 18.23
CA THR E 204 -24.89 33.15 17.46
C THR E 204 -24.04 31.91 17.72
N TYR E 205 -23.94 31.53 18.99
CA TYR E 205 -23.16 30.38 19.43
C TYR E 205 -23.66 29.10 18.79
N VAL E 206 -24.98 28.90 18.76
CA VAL E 206 -25.51 27.68 18.16
C VAL E 206 -25.57 27.80 16.64
N ALA E 207 -25.63 29.02 16.11
CA ALA E 207 -25.61 29.21 14.66
C ALA E 207 -24.24 28.89 14.09
N GLY E 208 -23.21 28.90 14.91
CA GLY E 208 -21.91 28.48 14.46
C GLY E 208 -21.80 26.99 14.13
N ALA E 209 -22.68 26.16 14.70
CA ALA E 209 -22.63 24.71 14.53
C ALA E 209 -22.81 24.31 13.07
N GLY E 210 -22.23 23.17 12.71
CA GLY E 210 -22.35 22.70 11.34
C GLY E 210 -21.62 21.42 11.16
N PHE E 211 -22.20 20.54 10.33
CA PHE E 211 -21.64 19.25 9.96
C PHE E 211 -21.39 18.38 11.18
N ASP E 212 -22.44 18.25 11.98
CA ASP E 212 -22.43 17.46 13.19
C ASP E 212 -23.77 16.75 13.30
N TYR E 213 -24.21 16.16 12.19
CA TYR E 213 -25.61 15.78 12.06
C TYR E 213 -25.90 14.39 12.59
N ALA E 214 -24.90 13.70 13.11
CA ALA E 214 -25.19 12.51 13.90
C ALA E 214 -25.73 12.90 15.26
N ILE E 215 -25.40 14.10 15.72
CA ILE E 215 -25.81 14.61 17.02
C ILE E 215 -26.95 15.60 16.83
N LEU E 216 -26.85 16.44 15.81
CA LEU E 216 -27.87 17.45 15.50
C LEU E 216 -28.41 17.21 14.10
N PRO E 217 -29.26 16.21 13.92
CA PRO E 217 -29.77 15.91 12.58
C PRO E 217 -30.85 16.91 12.16
N LYS E 218 -31.35 16.70 10.95
CA LYS E 218 -32.46 17.49 10.46
C LYS E 218 -33.71 17.17 11.26
N GLY E 219 -34.36 18.20 11.77
CA GLY E 219 -35.47 18.03 12.68
C GLY E 219 -35.13 18.28 14.12
N CYS E 220 -33.88 18.59 14.44
CA CYS E 220 -33.50 18.94 15.80
C CYS E 220 -33.92 20.38 16.10
N ASP E 221 -33.68 20.79 17.34
CA ASP E 221 -34.12 22.10 17.81
C ASP E 221 -32.89 22.92 18.20
N GLU E 222 -32.33 23.63 17.21
CA GLU E 222 -31.12 24.40 17.46
C GLU E 222 -31.43 25.63 18.30
N ILE E 223 -32.60 26.23 18.11
CA ILE E 223 -33.03 27.31 18.99
C ILE E 223 -33.32 26.78 20.39
N GLY E 224 -33.74 25.51 20.48
CA GLY E 224 -33.83 24.87 21.78
C GLY E 224 -32.50 24.73 22.46
N ILE E 225 -31.45 24.45 21.69
CA ILE E 225 -30.11 24.34 22.26
C ILE E 225 -29.61 25.71 22.69
N ALA E 226 -29.97 26.76 21.94
CA ALA E 226 -29.61 28.11 22.35
C ALA E 226 -30.31 28.51 23.64
N GLY E 227 -31.59 28.13 23.77
CA GLY E 227 -32.30 28.39 25.00
C GLY E 227 -31.75 27.62 26.18
N ALA E 228 -31.29 26.39 25.94
CA ALA E 228 -30.68 25.62 27.01
C ALA E 228 -29.31 26.17 27.40
N ILE E 229 -28.61 26.78 26.44
CA ILE E 229 -27.31 27.35 26.73
C ILE E 229 -27.45 28.62 27.55
N GLN E 230 -28.38 29.50 27.17
CA GLN E 230 -28.56 30.70 27.97
C GLN E 230 -29.40 30.46 29.22
N GLY E 231 -30.06 29.32 29.35
CA GLY E 231 -30.78 29.01 30.55
C GLY E 231 -32.20 29.51 30.61
N SER E 232 -32.75 29.95 29.50
CA SER E 232 -34.12 30.46 29.42
C SER E 232 -34.56 30.38 27.97
N PRO E 233 -35.85 30.17 27.67
CA PRO E 233 -36.25 29.93 26.29
C PRO E 233 -36.14 31.18 25.42
N VAL E 234 -35.77 30.96 24.17
CA VAL E 234 -35.59 32.03 23.20
C VAL E 234 -36.96 32.37 22.62
N ARG E 235 -37.30 33.65 22.63
CA ARG E 235 -38.64 34.06 22.24
C ARG E 235 -38.76 34.15 20.72
N LEU E 236 -39.87 33.65 20.20
CA LEU E 236 -40.17 33.71 18.77
C LEU E 236 -41.38 34.60 18.55
N VAL E 237 -41.55 35.01 17.30
CA VAL E 237 -42.69 35.83 16.91
C VAL E 237 -43.05 35.51 15.47
N LYS E 238 -44.34 35.50 15.18
CA LYS E 238 -44.82 35.29 13.82
C LYS E 238 -44.45 36.47 12.95
N CYS E 239 -44.07 36.19 11.71
CA CYS E 239 -43.68 37.23 10.76
C CYS E 239 -44.87 38.08 10.35
N ARG E 240 -44.58 39.23 9.75
CA ARG E 240 -45.65 40.11 9.30
C ARG E 240 -46.20 39.65 7.96
N THR E 241 -45.34 39.23 7.04
CA THR E 241 -45.76 38.86 5.69
C THR E 241 -45.74 37.35 5.45
N ILE E 242 -44.58 36.72 5.62
CA ILE E 242 -44.45 35.30 5.30
C ILE E 242 -44.95 34.45 6.45
N ASP E 243 -45.09 33.15 6.20
CA ASP E 243 -45.59 32.20 7.21
C ASP E 243 -44.37 31.54 7.84
N ALA E 244 -43.80 32.22 8.83
CA ALA E 244 -42.61 31.72 9.50
C ALA E 244 -42.53 32.32 10.88
N TYR E 245 -41.39 32.12 11.53
CA TYR E 245 -41.10 32.67 12.83
C TYR E 245 -39.67 33.21 12.88
N THR E 246 -39.50 34.33 13.59
CA THR E 246 -38.20 34.95 13.71
C THR E 246 -37.78 34.94 15.17
N LEU E 247 -36.51 35.27 15.41
CA LEU E 247 -36.08 35.57 16.77
C LEU E 247 -36.63 36.94 17.14
N ALA E 248 -37.38 37.00 18.24
CA ALA E 248 -38.07 38.24 18.58
C ALA E 248 -37.11 39.30 19.09
N ASP E 249 -36.05 38.88 19.76
CA ASP E 249 -35.12 39.82 20.38
C ASP E 249 -33.94 40.18 19.49
N ALA E 250 -34.09 40.07 18.18
CA ALA E 250 -33.03 40.46 17.27
C ALA E 250 -33.05 41.97 17.04
N GLU E 251 -32.16 42.43 16.17
CA GLU E 251 -32.12 43.86 15.87
C GLU E 251 -32.66 44.15 14.47
N TYR E 252 -32.37 43.28 13.51
CA TYR E 252 -32.98 43.37 12.18
C TYR E 252 -33.45 42.00 11.77
N VAL E 253 -34.54 41.96 11.02
CA VAL E 253 -35.03 40.73 10.41
C VAL E 253 -35.43 41.02 8.97
N LEU E 254 -34.88 40.25 8.03
CA LEU E 254 -35.32 40.24 6.64
C LEU E 254 -36.27 39.08 6.45
N GLU E 255 -37.49 39.35 6.03
CA GLU E 255 -38.44 38.31 5.71
C GLU E 255 -38.50 38.13 4.21
N GLY E 256 -38.59 36.89 3.76
CA GLY E 256 -38.66 36.65 2.33
C GLY E 256 -38.68 35.17 2.01
N TYR E 257 -38.41 34.88 0.74
CA TYR E 257 -38.50 33.54 0.20
C TYR E 257 -37.19 33.16 -0.45
N LEU E 258 -36.82 31.89 -0.32
CA LEU E 258 -35.65 31.35 -0.99
C LEU E 258 -36.11 30.60 -2.24
N HIS E 259 -35.58 30.99 -3.39
CA HIS E 259 -35.87 30.32 -4.64
C HIS E 259 -34.70 29.41 -4.98
N PRO E 260 -34.84 28.09 -4.85
CA PRO E 260 -33.69 27.21 -5.07
C PRO E 260 -33.28 27.11 -6.54
N ARG E 261 -34.25 27.08 -7.44
CA ARG E 261 -33.94 26.90 -8.86
C ARG E 261 -33.60 28.20 -9.55
N ASP E 262 -33.66 29.33 -8.86
CA ASP E 262 -33.25 30.62 -9.40
C ASP E 262 -31.85 30.90 -8.87
N LYS E 263 -30.84 30.43 -9.59
CA LYS E 263 -29.46 30.58 -9.18
C LYS E 263 -28.80 31.71 -9.96
N ARG E 264 -28.10 32.58 -9.26
CA ARG E 264 -27.43 33.72 -9.86
C ARG E 264 -26.01 33.79 -9.32
N TYR E 265 -25.16 34.52 -10.04
CA TYR E 265 -23.76 34.63 -9.67
C TYR E 265 -23.58 35.62 -8.55
N GLU E 266 -22.50 35.45 -7.78
CA GLU E 266 -22.34 36.25 -6.58
C GLU E 266 -21.63 37.57 -6.88
N THR E 267 -20.68 37.56 -7.82
CA THR E 267 -19.97 38.77 -8.19
C THR E 267 -20.37 39.23 -9.57
N ALA E 268 -19.78 40.36 -9.98
CA ALA E 268 -20.04 40.87 -11.32
C ALA E 268 -19.08 40.28 -12.33
N GLU E 269 -17.86 39.93 -11.90
CA GLU E 269 -16.87 39.39 -12.83
C GLU E 269 -17.16 37.94 -13.17
N SER E 270 -17.58 37.15 -12.17
CA SER E 270 -17.93 35.77 -12.44
C SER E 270 -19.23 35.66 -13.22
N GLU E 271 -20.12 36.64 -13.06
CA GLU E 271 -21.27 36.74 -13.93
C GLU E 271 -20.85 37.19 -15.32
N ALA E 272 -19.80 38.01 -15.40
CA ALA E 272 -19.36 38.55 -16.68
C ALA E 272 -18.76 37.46 -17.56
N ALA E 273 -17.96 36.58 -16.98
CA ALA E 273 -17.61 35.35 -17.69
C ALA E 273 -17.81 34.15 -16.76
N ASP E 274 -19.07 33.78 -16.54
CA ASP E 274 -19.62 32.42 -16.38
C ASP E 274 -18.70 31.36 -15.80
N ILE E 275 -17.96 31.65 -14.73
CA ILE E 275 -17.03 30.70 -14.15
C ILE E 275 -17.19 30.71 -12.65
N GLN E 276 -17.51 29.56 -12.08
CA GLN E 276 -17.53 29.44 -10.63
C GLN E 276 -16.16 29.03 -10.11
N GLY E 277 -15.85 29.50 -8.92
CA GLY E 277 -14.66 29.01 -8.25
C GLY E 277 -13.36 29.62 -8.71
N ARG E 278 -13.42 30.80 -9.30
CA ARG E 278 -12.17 31.39 -9.76
C ARG E 278 -11.91 32.79 -9.21
N PHE E 279 -12.92 33.64 -9.14
CA PHE E 279 -12.74 35.04 -8.82
C PHE E 279 -12.94 35.30 -7.34
N HIS E 280 -12.24 36.30 -6.82
CA HIS E 280 -12.12 36.50 -5.38
C HIS E 280 -13.41 37.01 -4.78
N PHE E 281 -13.84 36.35 -3.70
CA PHE E 281 -15.08 36.66 -3.01
C PHE E 281 -14.95 36.57 -1.50
N HIS E 282 -14.03 37.37 -0.89
CA HIS E 282 -13.90 37.56 0.57
C HIS E 282 -13.51 36.31 1.39
N PRO E 283 -12.26 36.31 1.90
CA PRO E 283 -11.63 35.12 2.51
C PRO E 283 -12.49 34.17 3.32
N GLU E 284 -12.16 32.89 3.25
CA GLU E 284 -13.04 31.86 3.74
C GLU E 284 -12.49 31.19 5.00
N TRP E 285 -13.22 30.17 5.44
CA TRP E 285 -12.94 29.52 6.71
C TRP E 285 -11.64 28.73 6.68
N ALA E 286 -11.24 28.29 5.49
CA ALA E 286 -10.02 27.49 5.37
C ALA E 286 -8.78 28.32 5.63
N GLY E 287 -8.88 29.63 5.52
CA GLY E 287 -7.74 30.49 5.73
C GLY E 287 -7.16 30.92 4.40
N TYR E 288 -7.96 30.83 3.35
CA TYR E 288 -7.55 31.28 2.03
C TYR E 288 -8.57 32.29 1.52
N MET E 289 -8.20 32.97 0.44
CA MET E 289 -9.15 33.85 -0.22
C MET E 289 -10.23 33.03 -0.90
N GLY E 290 -11.48 33.40 -0.66
CA GLY E 290 -12.60 32.65 -1.17
C GLY E 290 -12.84 32.88 -2.64
N LYS E 291 -13.82 32.14 -3.16
CA LYS E 291 -14.14 32.18 -4.57
C LYS E 291 -15.63 32.46 -4.74
N ALA E 292 -15.99 32.98 -5.90
CA ALA E 292 -17.38 33.32 -6.18
C ALA E 292 -18.06 32.20 -6.94
N TYR E 293 -19.33 31.96 -6.60
CA TYR E 293 -20.09 30.85 -7.15
C TYR E 293 -21.47 31.32 -7.55
N LYS E 294 -22.24 30.40 -8.11
CA LYS E 294 -23.67 30.59 -8.25
C LYS E 294 -24.35 30.15 -6.96
N ALA E 295 -25.45 30.79 -6.64
CA ALA E 295 -26.13 30.55 -5.38
C ALA E 295 -27.61 30.83 -5.58
N PRO E 296 -28.49 30.17 -4.84
CA PRO E 296 -29.92 30.48 -4.94
C PRO E 296 -30.21 31.88 -4.41
N THR E 297 -31.34 32.42 -4.82
CA THR E 297 -31.65 33.80 -4.52
C THR E 297 -32.66 33.91 -3.39
N PHE E 298 -32.46 34.93 -2.56
CA PHE E 298 -33.34 35.23 -1.44
C PHE E 298 -34.11 36.49 -1.77
N HIS E 299 -35.42 36.37 -1.93
CA HIS E 299 -36.27 37.45 -2.38
C HIS E 299 -36.91 38.10 -1.17
N VAL E 300 -36.35 39.22 -0.72
CA VAL E 300 -36.80 39.86 0.52
C VAL E 300 -38.15 40.53 0.29
N THR E 301 -39.11 40.21 1.15
CA THR E 301 -40.43 40.81 1.08
C THR E 301 -40.68 41.87 2.15
N ALA E 302 -39.97 41.82 3.27
CA ALA E 302 -40.16 42.79 4.33
C ALA E 302 -38.90 42.90 5.17
N ILE E 303 -38.59 44.13 5.56
CA ILE E 303 -37.49 44.42 6.48
C ILE E 303 -38.10 44.91 7.77
N THR E 304 -37.93 44.15 8.84
CA THR E 304 -38.38 44.58 10.15
C THR E 304 -37.15 44.78 11.03
N MET E 305 -37.22 45.78 11.90
CA MET E 305 -36.08 46.12 12.73
C MET E 305 -36.59 46.81 13.99
N ARG E 306 -35.65 47.18 14.85
CA ARG E 306 -35.97 48.00 16.01
C ARG E 306 -36.16 49.45 15.57
N ARG E 307 -36.36 50.33 16.55
CA ARG E 307 -36.46 51.74 16.24
C ARG E 307 -35.11 52.28 15.80
N ARG E 308 -35.10 53.07 14.73
CA ARG E 308 -33.86 53.60 14.21
C ARG E 308 -33.28 54.68 15.13
N GLU E 309 -34.12 55.23 16.00
CA GLU E 309 -33.63 56.16 17.01
C GLU E 309 -32.88 55.41 18.11
N SER E 310 -33.19 54.13 18.27
CA SER E 310 -32.48 53.32 19.26
C SER E 310 -31.16 52.81 18.73
N LYS E 311 -30.89 52.98 17.43
CA LYS E 311 -29.68 52.59 16.72
C LYS E 311 -29.39 51.10 16.87
N PRO E 312 -30.11 50.24 16.16
CA PRO E 312 -29.93 48.79 16.32
C PRO E 312 -28.56 48.33 15.87
N ILE E 313 -28.03 47.35 16.59
CA ILE E 313 -26.65 46.90 16.45
C ILE E 313 -26.58 45.76 15.45
N ILE E 314 -25.58 45.80 14.57
CA ILE E 314 -25.28 44.70 13.67
C ILE E 314 -23.92 44.15 14.06
N PHE E 315 -23.66 42.90 13.70
CA PHE E 315 -22.43 42.21 14.09
C PHE E 315 -21.69 41.77 12.83
N PRO E 316 -20.91 42.64 12.19
CA PRO E 316 -20.09 42.19 11.07
C PRO E 316 -18.76 41.65 11.55
N LEU E 317 -18.32 40.54 10.97
CA LEU E 317 -17.08 39.92 11.42
C LEU E 317 -16.34 39.33 10.24
N GLY E 318 -15.02 39.45 10.28
CA GLY E 318 -14.18 38.80 9.31
C GLY E 318 -14.18 37.30 9.51
N VAL E 319 -13.85 36.58 8.44
CA VAL E 319 -14.00 35.13 8.47
C VAL E 319 -12.78 34.49 9.09
N HIS E 320 -11.58 34.95 8.73
CA HIS E 320 -10.39 34.37 9.33
C HIS E 320 -10.02 35.17 10.57
N THR E 321 -10.90 35.12 11.56
CA THR E 321 -10.66 35.72 12.85
C THR E 321 -10.92 34.68 13.92
N ALA E 322 -10.40 34.93 15.12
CA ALA E 322 -10.67 34.03 16.24
C ALA E 322 -12.11 34.12 16.69
N ASP E 323 -12.75 35.26 16.41
CA ASP E 323 -14.19 35.44 16.55
C ASP E 323 -14.98 34.35 15.82
N ASP E 324 -14.81 34.31 14.50
CA ASP E 324 -15.48 33.33 13.65
C ASP E 324 -15.10 31.90 14.02
N ALA E 325 -13.85 31.69 14.44
CA ALA E 325 -13.41 30.35 14.79
C ALA E 325 -14.07 29.86 16.07
N ASN E 326 -14.18 30.73 17.08
CA ASN E 326 -14.85 30.36 18.32
C ASN E 326 -16.31 30.04 18.06
N ILE E 327 -16.95 30.85 17.21
CA ILE E 327 -18.39 30.75 16.95
C ILE E 327 -18.74 29.38 16.38
N ASP E 328 -17.97 28.88 15.42
CA ASP E 328 -18.24 27.55 14.88
C ASP E 328 -17.77 26.45 15.83
N THR E 329 -16.50 26.52 16.22
CA THR E 329 -15.86 25.33 16.73
C THR E 329 -16.23 25.04 18.17
N SER E 330 -16.89 25.96 18.87
CA SER E 330 -17.27 25.69 20.25
C SER E 330 -18.35 24.61 20.34
N VAL E 331 -19.49 24.88 19.72
CA VAL E 331 -20.56 23.90 19.67
C VAL E 331 -20.18 22.69 18.82
N ARG E 332 -19.28 22.85 17.84
CA ARG E 332 -18.86 21.65 17.13
C ARG E 332 -17.97 20.75 17.99
N GLU E 333 -17.19 21.35 18.90
CA GLU E 333 -16.42 20.59 19.88
C GLU E 333 -17.32 19.78 20.78
N SER E 334 -18.38 20.40 21.30
CA SER E 334 -19.27 19.66 22.19
C SER E 334 -20.05 18.59 21.44
N ALA E 335 -20.31 18.79 20.15
CA ALA E 335 -20.98 17.76 19.37
C ALA E 335 -20.08 16.55 19.13
N ILE E 336 -18.80 16.80 18.87
CA ILE E 336 -17.85 15.70 18.71
C ILE E 336 -17.69 14.94 20.01
N PHE E 337 -17.65 15.67 21.13
CA PHE E 337 -17.61 15.05 22.45
C PHE E 337 -18.84 14.19 22.71
N ALA E 338 -20.02 14.67 22.29
CA ALA E 338 -21.25 13.92 22.49
C ALA E 338 -21.26 12.65 21.67
N LEU E 339 -20.72 12.70 20.45
CA LEU E 339 -20.67 11.49 19.62
C LEU E 339 -19.72 10.46 20.20
N CYS E 340 -18.56 10.90 20.67
CA CYS E 340 -17.61 9.96 21.26
C CYS E 340 -18.11 9.41 22.59
N GLU E 341 -18.91 10.18 23.32
CA GLU E 341 -19.50 9.66 24.54
C GLU E 341 -20.63 8.69 24.24
N ARG E 342 -21.30 8.88 23.10
CA ARG E 342 -22.36 7.95 22.73
C ARG E 342 -21.78 6.60 22.31
N LEU E 343 -20.67 6.61 21.57
CA LEU E 343 -20.09 5.36 21.10
C LEU E 343 -19.54 4.52 22.25
N GLN E 344 -18.77 5.13 23.13
CA GLN E 344 -18.27 4.45 24.31
C GLN E 344 -17.99 5.46 25.40
N PRO E 345 -18.78 5.49 26.46
CA PRO E 345 -18.64 6.55 27.46
C PRO E 345 -17.42 6.36 28.33
N GLY E 346 -16.91 7.48 28.84
CA GLY E 346 -15.85 7.45 29.81
C GLY E 346 -14.45 7.41 29.26
N ILE E 347 -14.27 7.37 27.95
CA ILE E 347 -12.95 7.28 27.36
C ILE E 347 -12.43 8.65 26.93
N VAL E 348 -13.21 9.40 26.17
CA VAL E 348 -12.80 10.72 25.73
C VAL E 348 -12.89 11.69 26.90
N GLN E 349 -11.78 12.35 27.19
CA GLN E 349 -11.73 13.29 28.31
C GLN E 349 -12.02 14.71 27.86
N ASN E 350 -11.56 15.08 26.68
CA ASN E 350 -11.63 16.47 26.25
C ASN E 350 -11.53 16.51 24.74
N VAL E 351 -12.27 17.43 24.14
CA VAL E 351 -12.25 17.67 22.71
C VAL E 351 -11.92 19.13 22.49
N HIS E 352 -11.00 19.41 21.59
CA HIS E 352 -10.60 20.78 21.31
C HIS E 352 -10.41 20.96 19.82
N ILE E 353 -11.03 21.99 19.27
CA ILE E 353 -10.74 22.41 17.91
C ILE E 353 -10.06 23.76 17.99
N PRO E 354 -8.75 23.83 17.77
CA PRO E 354 -8.07 25.11 17.88
C PRO E 354 -8.33 26.00 16.68
N TYR E 355 -7.97 27.27 16.86
CA TYR E 355 -8.06 28.26 15.79
C TYR E 355 -7.17 27.85 14.62
N CYS E 356 -6.03 27.24 14.91
CA CYS E 356 -5.06 26.88 13.89
C CYS E 356 -5.55 25.80 12.95
N MET E 357 -6.47 24.93 13.36
CA MET E 357 -6.72 23.79 12.50
C MET E 357 -7.61 24.18 11.34
N THR E 358 -8.89 24.47 11.60
CA THR E 358 -9.83 25.37 10.89
C THR E 358 -11.19 25.26 11.54
N ASP E 359 -12.18 25.90 10.92
CA ASP E 359 -13.57 25.71 11.33
C ASP E 359 -14.00 24.27 11.16
N TRP E 360 -13.85 23.72 9.95
CA TRP E 360 -14.39 22.41 9.64
C TRP E 360 -13.33 21.39 9.24
N GLY E 361 -12.05 21.67 9.48
CA GLY E 361 -11.03 20.81 8.91
C GLY E 361 -10.37 19.90 9.91
N GLY E 362 -10.40 20.27 11.18
CA GLY E 362 -9.65 19.49 12.14
C GLY E 362 -10.29 19.44 13.51
N CYS E 363 -9.80 18.52 14.32
CA CYS E 363 -10.18 18.43 15.73
C CYS E 363 -9.11 17.64 16.45
N ILE E 364 -9.05 17.82 17.77
CA ILE E 364 -8.15 17.06 18.64
C ILE E 364 -8.98 16.48 19.77
N ILE E 365 -8.97 15.17 19.91
CA ILE E 365 -9.62 14.51 21.02
C ILE E 365 -8.56 13.97 21.95
N GLN E 366 -8.92 13.80 23.21
CA GLN E 366 -8.00 13.33 24.23
C GLN E 366 -8.63 12.15 24.95
N VAL E 367 -8.04 10.98 24.81
CA VAL E 367 -8.63 9.76 25.33
C VAL E 367 -7.82 9.29 26.53
N LYS E 368 -8.45 8.45 27.34
CA LYS E 368 -7.79 7.84 28.49
C LYS E 368 -8.25 6.39 28.58
N LYS E 369 -7.32 5.47 28.38
CA LYS E 369 -7.61 4.04 28.37
C LYS E 369 -7.55 3.53 29.80
N ARG E 370 -8.66 2.98 30.28
CA ARG E 370 -8.72 2.53 31.66
C ARG E 370 -8.24 1.09 31.81
N ASN E 371 -8.42 0.28 30.77
CA ASN E 371 -7.94 -1.09 30.82
C ASN E 371 -7.60 -1.54 29.41
N GLN E 372 -7.19 -2.80 29.30
CA GLN E 372 -6.72 -3.34 28.03
C GLN E 372 -7.84 -3.48 27.02
N ILE E 373 -9.07 -3.64 27.49
CA ILE E 373 -10.22 -3.81 26.59
C ILE E 373 -10.58 -2.52 25.90
N GLU E 374 -10.18 -1.37 26.44
CA GLU E 374 -10.44 -0.10 25.80
C GLU E 374 -9.34 0.30 24.84
N GLU E 375 -8.34 -0.54 24.64
CA GLU E 375 -7.30 -0.23 23.68
C GLU E 375 -7.82 -0.43 22.27
N GLY E 376 -7.76 0.61 21.47
CA GLY E 376 -8.28 0.59 20.12
C GLY E 376 -9.50 1.44 19.93
N TRP E 377 -10.09 1.96 21.00
CA TRP E 377 -11.30 2.76 20.86
C TRP E 377 -11.01 4.12 20.25
N GLN E 378 -9.77 4.58 20.34
CA GLN E 378 -9.42 5.85 19.74
C GLN E 378 -9.44 5.77 18.22
N ARG E 379 -9.24 4.58 17.66
CA ARG E 379 -9.31 4.46 16.21
C ARG E 379 -10.75 4.45 15.72
N ASN E 380 -11.64 3.82 16.50
CA ASN E 380 -13.07 3.93 16.23
C ASN E 380 -13.53 5.38 16.33
N PHE E 381 -13.02 6.10 17.32
CA PHE E 381 -13.39 7.49 17.50
C PHE E 381 -12.91 8.34 16.33
N LEU E 382 -11.68 8.12 15.89
CA LEU E 382 -11.14 8.89 14.77
C LEU E 382 -11.88 8.60 13.48
N ALA E 383 -12.20 7.33 13.22
CA ALA E 383 -12.93 6.98 12.01
C ALA E 383 -14.35 7.53 12.04
N ALA E 384 -15.00 7.47 13.20
CA ALA E 384 -16.35 7.98 13.32
C ALA E 384 -16.40 9.49 13.21
N ILE E 385 -15.40 10.17 13.74
CA ILE E 385 -15.35 11.63 13.65
C ILE E 385 -15.10 12.05 12.22
N LEU E 386 -14.20 11.37 11.52
CA LEU E 386 -13.89 11.75 10.15
C LEU E 386 -15.03 11.39 9.21
N ALA E 387 -15.81 10.36 9.53
CA ALA E 387 -16.92 9.99 8.67
C ALA E 387 -18.13 10.88 8.92
N CYS E 388 -18.36 11.27 10.17
CA CYS E 388 -19.56 12.02 10.51
C CYS E 388 -19.36 13.52 10.50
N SER E 389 -18.39 14.05 9.76
CA SER E 389 -18.14 15.49 9.78
C SER E 389 -18.07 16.12 8.39
N GLN E 390 -18.12 15.31 7.33
CA GLN E 390 -18.11 15.76 5.94
C GLN E 390 -16.92 16.65 5.60
N GLY E 391 -15.74 16.06 5.51
CA GLY E 391 -14.61 16.80 5.03
C GLY E 391 -13.71 17.34 6.10
N MET E 392 -13.81 16.82 7.31
CA MET E 392 -12.73 17.03 8.27
C MET E 392 -11.48 16.37 7.73
N ARG E 393 -10.40 17.13 7.66
CA ARG E 393 -9.20 16.62 7.01
C ARG E 393 -8.22 16.00 7.97
N LEU E 394 -8.26 16.34 9.25
CA LEU E 394 -7.21 15.93 10.18
C LEU E 394 -7.78 15.77 11.57
N ALA E 395 -7.90 14.54 12.04
CA ALA E 395 -8.31 14.30 13.41
C ALA E 395 -7.17 13.65 14.16
N ILE E 396 -6.87 14.14 15.35
CA ILE E 396 -5.73 13.70 16.13
C ILE E 396 -6.22 13.24 17.50
N ALA E 397 -5.85 12.04 17.88
CA ALA E 397 -6.14 11.52 19.21
C ALA E 397 -4.87 11.50 20.02
N VAL E 398 -4.91 12.10 21.20
CA VAL E 398 -3.76 12.16 22.08
C VAL E 398 -4.14 11.58 23.43
N SER E 399 -3.12 11.29 24.24
CA SER E 399 -3.37 10.72 25.55
C SER E 399 -3.61 11.82 26.56
N GLU E 400 -3.77 11.44 27.82
CA GLU E 400 -4.25 12.35 28.84
C GLU E 400 -3.14 13.13 29.54
N ASP E 401 -1.87 12.86 29.25
CA ASP E 401 -0.77 13.63 29.82
C ASP E 401 -0.33 14.75 28.88
N VAL E 402 -1.21 15.17 27.99
CA VAL E 402 -0.91 16.18 26.99
C VAL E 402 -1.75 17.40 27.28
N ASP E 403 -1.17 18.58 27.08
CA ASP E 403 -1.92 19.83 27.10
C ASP E 403 -2.60 19.96 25.74
N ILE E 404 -3.92 19.84 25.73
CA ILE E 404 -4.65 19.80 24.47
C ILE E 404 -4.76 21.18 23.84
N TYR E 405 -4.52 22.25 24.60
CA TYR E 405 -4.66 23.59 24.09
C TYR E 405 -3.37 24.17 23.53
N SER E 406 -2.27 23.43 23.62
CA SER E 406 -0.97 23.87 23.12
C SER E 406 -0.66 23.09 21.87
N MET E 407 -0.44 23.78 20.75
CA MET E 407 -0.13 23.09 19.52
C MET E 407 1.31 22.60 19.50
N ASP E 408 2.15 23.17 20.36
CA ASP E 408 3.49 22.64 20.53
C ASP E 408 3.46 21.26 21.15
N ASP E 409 2.55 21.05 22.10
CA ASP E 409 2.45 19.75 22.75
C ASP E 409 1.88 18.72 21.79
N ILE E 410 0.97 19.15 20.91
CA ILE E 410 0.44 18.28 19.87
C ILE E 410 1.52 17.92 18.88
N MET E 411 2.37 18.88 18.53
CA MET E 411 3.47 18.58 17.61
C MET E 411 4.49 17.65 18.25
N TRP E 412 4.65 17.75 19.57
CA TRP E 412 5.52 16.83 20.28
C TRP E 412 4.95 15.42 20.25
N CYS E 413 3.63 15.29 20.38
CA CYS E 413 3.01 13.97 20.27
C CYS E 413 3.09 13.43 18.85
N LEU E 414 3.04 14.32 17.86
CA LEU E 414 3.21 13.88 16.48
C LEU E 414 4.62 13.41 16.21
N THR E 415 5.60 14.02 16.87
CA THR E 415 6.98 13.62 16.66
C THR E 415 7.29 12.30 17.36
N THR E 416 6.82 12.14 18.60
CA THR E 416 7.32 11.06 19.42
C THR E 416 6.36 9.87 19.55
N ARG E 417 5.08 10.03 19.23
CA ARG E 417 4.12 8.98 19.56
C ARG E 417 3.39 8.42 18.36
N VAL E 418 3.82 8.71 17.14
CA VAL E 418 3.12 8.27 15.95
C VAL E 418 4.00 7.29 15.19
N ASN E 419 3.51 6.07 15.04
CA ASN E 419 4.08 5.14 14.08
C ASN E 419 3.56 5.50 12.70
N PRO E 420 4.42 5.89 11.76
CA PRO E 420 3.91 6.32 10.45
C PRO E 420 3.39 5.20 9.60
N GLN E 421 3.59 3.95 9.99
CA GLN E 421 3.10 2.84 9.20
C GLN E 421 1.73 2.39 9.66
N THR E 422 1.44 2.52 10.95
CA THR E 422 0.19 2.03 11.51
C THR E 422 -0.75 3.10 12.04
N ASP E 423 -0.23 4.24 12.47
CA ASP E 423 -1.03 5.20 13.23
C ASP E 423 -1.58 6.34 12.37
N ILE E 424 -1.52 6.22 11.05
CA ILE E 424 -2.13 7.20 10.16
C ILE E 424 -3.32 6.53 9.50
N LEU E 425 -4.50 7.03 9.77
CA LEU E 425 -5.73 6.48 9.23
C LEU E 425 -6.18 7.32 8.04
N ASN E 426 -6.56 6.63 6.97
CA ASN E 426 -7.14 7.27 5.79
C ASN E 426 -8.46 6.57 5.52
N PRO E 427 -9.51 6.92 6.25
CA PRO E 427 -10.68 6.02 6.31
C PRO E 427 -11.55 6.04 5.06
N LEU E 428 -11.82 7.21 4.49
CA LEU E 428 -12.84 7.34 3.46
C LEU E 428 -12.32 8.06 2.23
N PRO E 429 -11.41 7.44 1.47
CA PRO E 429 -10.95 8.07 0.22
C PRO E 429 -12.04 8.03 -0.82
N GLY E 430 -12.35 9.20 -1.38
CA GLY E 430 -13.42 9.30 -2.33
C GLY E 430 -14.76 9.67 -1.75
N GLY E 431 -14.82 10.04 -0.48
CA GLY E 431 -16.04 10.49 0.15
C GLY E 431 -16.35 11.94 -0.18
N ARG E 432 -17.18 12.53 0.66
CA ARG E 432 -17.54 13.92 0.51
C ARG E 432 -16.59 14.80 1.31
N GLY E 433 -16.13 15.88 0.69
CA GLY E 433 -15.27 16.82 1.36
C GLY E 433 -15.85 18.21 1.34
N GLN E 434 -15.05 19.21 1.70
CA GLN E 434 -15.46 20.60 1.67
C GLN E 434 -14.72 21.27 0.52
N THR E 435 -15.49 21.87 -0.40
CA THR E 435 -14.89 22.38 -1.65
C THR E 435 -14.04 23.62 -1.40
N PHE E 436 -14.19 24.25 -0.24
CA PHE E 436 -13.43 25.47 0.02
C PHE E 436 -12.00 25.20 0.44
N MET E 437 -11.60 23.96 0.57
CA MET E 437 -10.19 23.63 0.75
C MET E 437 -9.52 23.49 -0.60
N PRO E 438 -8.46 24.26 -0.88
CA PRO E 438 -7.84 24.19 -2.22
C PRO E 438 -7.07 22.90 -2.46
N ALA E 439 -6.85 22.11 -1.41
CA ALA E 439 -6.34 20.76 -1.60
C ALA E 439 -7.34 19.89 -2.34
N GLU E 440 -8.62 20.26 -2.32
CA GLU E 440 -9.60 19.59 -3.17
C GLU E 440 -9.72 20.27 -4.53
N ARG E 441 -9.25 21.51 -4.66
CA ARG E 441 -9.06 22.09 -5.98
C ARG E 441 -7.97 21.36 -6.75
N MET E 442 -6.95 20.86 -6.03
CA MET E 442 -5.91 20.09 -6.67
C MET E 442 -6.44 18.77 -7.23
N THR E 443 -7.58 18.29 -6.74
CA THR E 443 -8.16 17.06 -7.25
C THR E 443 -9.23 17.30 -8.31
N SER E 444 -9.69 18.55 -8.47
CA SER E 444 -10.68 18.82 -9.52
C SER E 444 -10.04 18.85 -10.89
N GLY E 445 -8.75 19.20 -10.95
CA GLY E 445 -8.04 19.23 -12.22
C GLY E 445 -8.41 20.47 -13.03
N ASP E 446 -8.57 20.29 -14.33
CA ASP E 446 -8.94 21.42 -15.19
C ASP E 446 -10.45 21.51 -15.37
N LYS E 447 -11.23 20.72 -14.62
CA LYS E 447 -12.65 20.99 -14.53
C LYS E 447 -12.90 22.17 -13.59
N GLN E 448 -14.18 22.48 -13.40
CA GLN E 448 -14.56 23.63 -12.58
C GLN E 448 -14.35 23.31 -11.10
N TRP E 449 -13.80 24.27 -10.36
CA TRP E 449 -13.65 24.07 -8.92
C TRP E 449 -15.01 24.26 -8.24
N THR E 450 -15.85 23.24 -8.32
CA THR E 450 -17.13 23.20 -7.62
C THR E 450 -17.17 21.93 -6.79
N ALA E 451 -18.26 21.74 -6.05
CA ALA E 451 -18.40 20.54 -5.23
C ALA E 451 -18.73 19.32 -6.08
N SER E 452 -19.13 19.54 -7.33
CA SER E 452 -19.46 18.42 -8.20
C SER E 452 -18.21 17.78 -8.81
N ASN E 453 -17.07 18.46 -8.76
CA ASN E 453 -15.88 17.97 -9.43
C ASN E 453 -14.73 17.63 -8.50
N THR E 454 -14.80 18.02 -7.23
CA THR E 454 -13.71 17.73 -6.31
C THR E 454 -13.71 16.25 -5.93
N GLN E 455 -12.55 15.75 -5.54
CA GLN E 455 -12.38 14.38 -5.09
C GLN E 455 -11.67 14.40 -3.74
N PHE E 456 -12.35 13.92 -2.72
CA PHE E 456 -11.79 13.94 -1.37
C PHE E 456 -10.69 12.91 -1.24
N GLU E 457 -9.59 13.30 -0.61
CA GLU E 457 -8.46 12.41 -0.43
C GLU E 457 -8.64 11.46 0.73
N GLY E 458 -9.61 11.70 1.60
CA GLY E 458 -10.02 10.73 2.58
C GLY E 458 -9.84 11.11 4.02
N GLY E 459 -9.21 12.25 4.30
CA GLY E 459 -8.98 12.61 5.68
C GLY E 459 -7.79 11.87 6.27
N MET E 460 -7.34 12.36 7.42
CA MET E 460 -6.13 11.87 8.03
C MET E 460 -6.37 11.72 9.52
N GLY E 461 -6.53 10.48 9.97
CA GLY E 461 -6.70 10.25 11.39
C GLY E 461 -5.39 9.82 12.00
N ILE E 462 -4.88 10.59 12.94
CA ILE E 462 -3.57 10.34 13.51
C ILE E 462 -3.74 9.88 14.94
N ASP E 463 -3.35 8.65 15.21
CA ASP E 463 -3.42 8.07 16.54
C ASP E 463 -2.09 8.32 17.23
N ALA E 464 -2.00 9.41 17.97
CA ALA E 464 -0.81 9.74 18.73
C ALA E 464 -0.95 9.35 20.20
N THR E 465 -1.68 8.30 20.50
CA THR E 465 -1.88 7.92 21.88
C THR E 465 -0.82 6.92 22.32
N VAL E 466 -0.65 6.83 23.63
CA VAL E 466 0.22 5.84 24.25
C VAL E 466 -0.52 4.50 24.23
N PRO E 467 0.13 3.42 23.81
CA PRO E 467 -0.50 2.10 23.94
C PRO E 467 -0.68 1.73 25.40
N TYR E 468 -1.75 0.99 25.69
CA TYR E 468 -2.04 0.63 27.07
C TYR E 468 -1.01 -0.37 27.57
N GLY E 469 -0.58 -0.20 28.81
CA GLY E 469 0.45 -1.02 29.39
C GLY E 469 1.85 -0.56 29.12
N TYR E 470 2.02 0.51 28.35
CA TYR E 470 3.32 1.12 28.08
C TYR E 470 3.35 2.54 28.61
N GLU E 471 2.65 2.78 29.71
CA GLU E 471 2.62 4.11 30.28
C GLU E 471 3.92 4.41 31.04
N SER E 472 4.65 3.36 31.43
CA SER E 472 5.92 3.58 32.09
C SER E 472 6.99 3.97 31.09
N ASP E 473 6.94 3.41 29.89
CA ASP E 473 7.95 3.73 28.89
C ASP E 473 7.67 5.07 28.23
N PHE E 474 6.40 5.46 28.15
CA PHE E 474 6.00 6.74 27.59
C PHE E 474 5.70 7.75 28.68
N HIS E 475 6.38 7.66 29.81
CA HIS E 475 6.08 8.51 30.95
C HIS E 475 6.71 9.88 30.77
N ARG E 476 5.95 10.91 31.10
CA ARG E 476 6.40 12.27 30.87
C ARG E 476 7.17 12.78 32.09
N PRO E 477 8.21 13.58 31.87
CA PRO E 477 9.34 13.59 32.82
C PRO E 477 9.26 14.60 33.95
N VAL E 478 8.18 14.61 34.74
CA VAL E 478 7.87 15.67 35.70
C VAL E 478 9.01 16.08 36.65
N TYR E 479 9.36 17.36 36.61
CA TYR E 479 10.43 17.93 37.41
C TYR E 479 9.88 18.42 38.74
N GLY E 480 10.76 18.97 39.56
CA GLY E 480 10.35 19.45 40.86
C GLY E 480 9.99 20.93 40.88
N VAL E 481 8.97 21.33 40.12
CA VAL E 481 8.60 22.75 40.06
C VAL E 481 7.79 23.22 41.26
N ASP E 482 7.35 22.32 42.12
CA ASP E 482 6.65 22.68 43.34
C ASP E 482 7.41 22.27 44.59
N LEU E 483 8.60 21.67 44.42
CA LEU E 483 9.45 21.36 45.55
C LEU E 483 10.36 22.51 45.93
N VAL E 484 10.50 23.51 45.07
CA VAL E 484 11.38 24.65 45.29
C VAL E 484 10.57 25.92 45.08
N LYS E 485 10.83 26.93 45.92
CA LYS E 485 10.15 28.20 45.81
C LYS E 485 11.12 29.26 45.33
N PRO E 486 10.84 29.93 44.22
CA PRO E 486 11.77 30.95 43.72
C PRO E 486 11.79 32.21 44.55
N GLU E 487 10.82 32.38 45.45
CA GLU E 487 10.77 33.59 46.27
C GLU E 487 11.86 33.58 47.33
N ASN E 488 12.39 32.40 47.65
CA ASN E 488 13.55 32.31 48.53
C ASN E 488 14.80 32.83 47.83
N PHE E 489 15.02 32.38 46.59
CA PHE E 489 16.30 32.62 45.96
C PHE E 489 16.40 34.02 45.37
N PHE E 490 15.34 34.52 44.76
CA PHE E 490 15.36 35.80 44.08
C PHE E 490 14.34 36.73 44.70
N ASP E 491 14.46 38.02 44.37
CA ASP E 491 13.47 38.99 44.78
C ASP E 491 12.31 39.02 43.79
N ALA E 492 11.43 40.01 43.94
CA ALA E 492 10.30 40.13 43.03
C ALA E 492 10.75 40.60 41.65
N LYS E 493 11.78 41.47 41.60
CA LYS E 493 12.18 42.08 40.35
C LYS E 493 12.85 41.08 39.41
N ASP E 494 13.72 40.23 39.96
CA ASP E 494 14.33 39.19 39.13
C ASP E 494 13.29 38.18 38.69
N ILE E 495 12.31 37.89 39.55
CA ILE E 495 11.30 36.88 39.24
C ILE E 495 10.41 37.34 38.10
N ASP E 496 9.88 38.58 38.17
CA ASP E 496 9.00 38.98 37.07
C ASP E 496 9.79 39.38 35.83
N LYS E 497 11.07 39.75 36.00
CA LYS E 497 11.92 39.95 34.83
C LYS E 497 12.15 38.65 34.08
N MET E 498 12.32 37.55 34.80
CA MET E 498 12.47 36.26 34.12
C MET E 498 11.14 35.74 33.61
N LYS E 499 10.04 36.08 34.29
CA LYS E 499 8.74 35.59 33.88
C LYS E 499 8.22 36.34 32.65
N SER E 500 8.71 37.55 32.42
CA SER E 500 8.22 38.33 31.30
C SER E 500 8.77 37.82 29.97
N ARG E 501 9.82 37.00 30.01
CA ARG E 501 10.45 36.56 28.77
C ARG E 501 9.88 35.22 28.30
N MET E 502 9.16 34.52 29.16
CA MET E 502 8.63 33.22 28.79
C MET E 502 7.34 33.35 27.99
N ALA E 503 7.20 32.50 26.97
CA ALA E 503 6.02 32.53 26.12
C ALA E 503 5.80 31.21 25.41
N GLY E 504 4.58 30.67 25.48
CA GLY E 504 4.24 29.51 24.70
C GLY E 504 4.38 28.17 25.40
N TRP E 505 5.19 27.30 24.80
CA TRP E 505 5.30 25.95 25.31
C TRP E 505 6.07 25.93 26.61
N VAL E 506 6.95 26.90 26.83
CA VAL E 506 7.61 27.01 28.13
C VAL E 506 6.61 27.45 29.20
N LEU E 507 5.60 28.21 28.82
CA LEU E 507 4.54 28.58 29.76
C LEU E 507 3.68 27.37 30.10
N SER E 508 3.47 26.50 29.12
CA SER E 508 2.73 25.27 29.39
C SER E 508 3.55 24.29 30.23
N LEU E 509 4.86 24.25 30.00
CA LEU E 509 5.69 23.24 30.65
C LEU E 509 6.10 23.66 32.05
N ALA E 510 6.24 24.97 32.29
CA ALA E 510 6.69 25.44 33.61
C ALA E 510 5.62 25.22 34.68
N ARG E 511 3.99 25.29 34.26
CA ARG E 511 2.83 24.95 35.13
C ARG E 511 2.85 23.48 35.50
N THR E 512 3.07 22.62 34.51
CA THR E 512 2.96 21.18 34.71
C THR E 512 4.26 20.55 35.19
N GLY E 513 5.40 21.17 34.92
CA GLY E 513 6.66 20.61 35.35
C GLY E 513 7.23 19.55 34.45
N ARG E 514 6.63 19.31 33.29
CA ARG E 514 7.06 18.22 32.42
C ARG E 514 7.80 18.74 31.20
N GLU F 1 48.25 33.05 33.61
CA GLU F 1 47.14 32.15 33.34
C GLU F 1 45.85 32.58 34.02
N ARG F 2 45.39 33.80 33.74
CA ARG F 2 44.18 34.28 34.39
C ARG F 2 43.28 35.03 33.40
N VAL F 3 43.56 34.93 32.10
CA VAL F 3 42.70 35.53 31.09
C VAL F 3 42.30 34.50 30.04
N GLY F 4 41.05 34.56 29.59
CA GLY F 4 40.46 33.57 28.72
C GLY F 4 39.72 34.11 27.52
N GLU F 5 40.27 35.10 26.82
CA GLU F 5 39.62 36.34 26.29
C GLU F 5 38.13 36.16 25.99
N LYS F 6 37.71 35.14 25.26
CA LYS F 6 36.28 34.89 25.11
C LYS F 6 35.93 33.57 25.78
N ASP F 7 35.35 33.64 26.97
CA ASP F 7 35.05 32.45 27.75
C ASP F 7 33.79 32.71 28.55
N LEU F 8 33.55 31.87 29.55
CA LEU F 8 32.31 31.92 30.31
C LEU F 8 32.27 33.13 31.22
N ARG F 9 33.42 33.54 31.76
CA ARG F 9 33.45 34.68 32.67
C ARG F 9 33.21 35.99 31.93
N ALA F 10 33.79 36.13 30.73
CA ALA F 10 33.53 37.32 29.92
C ALA F 10 32.08 37.36 29.45
N ALA F 11 31.50 36.20 29.18
CA ALA F 11 30.09 36.14 28.82
C ALA F 11 29.21 36.52 30.01
N LEU F 12 29.61 36.14 31.22
CA LEU F 12 28.87 36.56 32.41
C LEU F 12 28.99 38.05 32.63
N GLU F 13 30.15 38.63 32.34
CA GLU F 13 30.31 40.07 32.46
C GLU F 13 29.46 40.81 31.44
N TRP F 14 29.37 40.27 30.22
CA TRP F 14 28.53 40.90 29.21
C TRP F 14 27.05 40.75 29.55
N PHE F 15 26.67 39.62 30.14
CA PHE F 15 25.28 39.43 30.57
C PHE F 15 24.93 40.37 31.72
N ARG F 16 25.88 40.61 32.61
CA ARG F 16 25.64 41.55 33.70
C ARG F 16 25.59 42.97 33.20
N SER F 17 26.37 43.28 32.16
CA SER F 17 26.34 44.63 31.60
C SER F 17 25.03 44.88 30.85
N LYS F 18 24.50 43.85 30.19
CA LYS F 18 23.25 44.04 29.45
C LYS F 18 22.04 43.96 30.37
N GLY F 19 22.22 43.54 31.61
CA GLY F 19 21.13 43.40 32.53
C GLY F 19 20.41 42.07 32.46
N TYR F 20 20.96 41.07 31.78
CA TYR F 20 20.33 39.79 31.59
C TYR F 20 20.67 38.79 32.67
N LEU F 21 21.57 39.13 33.59
CA LEU F 21 22.08 38.18 34.55
C LEU F 21 21.26 38.25 35.83
N VAL F 22 20.79 37.09 36.27
CA VAL F 22 20.07 36.95 37.53
C VAL F 22 20.96 36.16 38.46
N GLU F 23 21.38 36.79 39.55
CA GLU F 23 22.37 36.19 40.43
C GLU F 23 21.85 36.22 41.86
N THR F 24 22.03 35.11 42.56
CA THR F 24 21.62 35.00 43.95
C THR F 24 22.81 34.54 44.77
N ASN F 25 22.65 34.60 46.09
CA ASN F 25 23.70 34.24 47.02
C ASN F 25 23.26 33.16 47.98
N LYS F 26 22.07 32.62 47.81
CA LYS F 26 21.55 31.63 48.73
C LYS F 26 21.93 30.23 48.28
N GLU F 27 22.12 29.36 49.27
CA GLU F 27 22.72 28.05 49.08
C GLU F 27 21.74 27.09 48.44
N VAL F 28 22.03 26.64 47.22
CA VAL F 28 21.10 25.84 46.44
C VAL F 28 21.55 24.39 46.44
N ASN F 29 20.61 23.47 46.56
CA ASN F 29 20.92 22.06 46.49
C ASN F 29 21.08 21.63 45.04
N PRO F 30 22.11 20.86 44.71
CA PRO F 30 22.13 20.16 43.41
C PRO F 30 21.07 19.09 43.31
N ASP F 31 20.53 18.63 44.43
CA ASP F 31 19.44 17.66 44.48
C ASP F 31 18.12 18.41 44.36
N LEU F 32 17.52 18.36 43.17
CA LEU F 32 16.13 18.74 42.89
C LEU F 32 15.85 20.22 43.15
N GLU F 33 16.86 21.06 42.98
CA GLU F 33 16.59 22.48 43.13
C GLU F 33 17.10 23.27 41.94
N ILE F 34 18.24 22.87 41.37
CA ILE F 34 18.77 23.57 40.23
C ILE F 34 17.91 23.29 38.99
N THR F 35 17.60 22.03 38.74
CA THR F 35 16.77 21.69 37.59
C THR F 35 15.33 22.13 37.81
N GLY F 36 14.87 22.13 39.06
CA GLY F 36 13.55 22.64 39.36
C GLY F 36 13.43 24.13 39.10
N LEU F 37 14.43 24.91 39.53
CA LEU F 37 14.43 26.33 39.27
C LEU F 37 14.65 26.62 37.79
N GLN F 38 15.33 25.73 37.09
CA GLN F 38 15.49 25.90 35.66
C GLN F 38 14.18 25.64 34.91
N LYS F 39 13.39 24.68 35.38
CA LYS F 39 12.14 24.37 34.71
C LYS F 39 11.06 25.39 35.08
N ILE F 40 11.13 25.97 36.28
CA ILE F 40 10.21 27.03 36.65
C ILE F 40 10.37 28.24 35.75
N PHE F 41 11.59 28.55 35.37
CA PHE F 41 11.90 29.68 34.50
C PHE F 41 12.46 29.20 33.16
N ASP F 42 11.81 28.21 32.57
CA ASP F 42 12.27 27.59 31.33
C ASP F 42 12.24 28.57 30.18
N GLY F 43 13.34 28.65 29.44
CA GLY F 43 13.42 29.56 28.32
C GLY F 43 13.52 31.01 28.72
N SER F 44 14.40 31.32 29.67
CA SER F 44 14.52 32.67 30.20
C SER F 44 15.97 33.03 30.47
N LEU F 45 16.18 34.07 31.29
CA LEU F 45 17.49 34.64 31.54
C LEU F 45 18.42 33.65 32.24
N PRO F 46 19.74 33.85 32.12
CA PRO F 46 20.68 33.01 32.87
C PRO F 46 20.60 33.24 34.37
N MET F 47 20.75 32.15 35.11
CA MET F 47 20.74 32.19 36.56
C MET F 47 22.10 31.75 37.09
N LEU F 48 22.69 32.58 37.95
CA LEU F 48 23.99 32.30 38.53
C LEU F 48 23.85 32.06 40.02
N PHE F 49 24.25 30.87 40.47
CA PHE F 49 24.19 30.50 41.87
C PHE F 49 25.60 30.56 42.44
N ASN F 50 25.81 31.46 43.39
CA ASN F 50 27.14 31.64 43.95
C ASN F 50 27.48 30.55 44.95
N ASN F 51 26.50 30.10 45.73
CA ASN F 51 26.72 29.10 46.76
C ASN F 51 25.99 27.82 46.40
N VAL F 52 26.74 26.73 46.27
CA VAL F 52 26.19 25.42 45.93
C VAL F 52 26.37 24.52 47.15
N LYS F 53 25.35 23.71 47.44
CA LYS F 53 25.38 22.81 48.58
C LYS F 53 26.46 21.75 48.43
N ASP F 54 27.32 21.64 49.45
CA ASP F 54 28.46 20.74 49.56
C ASP F 54 29.52 20.98 48.49
N MET F 55 29.48 22.10 47.80
CA MET F 55 30.50 22.49 46.82
C MET F 55 30.94 23.90 47.19
N PRO F 56 31.82 24.03 48.19
CA PRO F 56 32.19 25.37 48.66
C PRO F 56 33.11 26.11 47.72
N HIS F 57 33.64 25.46 46.69
CA HIS F 57 34.57 26.07 45.75
C HIS F 57 33.96 26.31 44.39
N ALA F 58 32.66 26.03 44.21
CA ALA F 58 32.06 26.02 42.89
C ALA F 58 30.87 26.95 42.83
N ARG F 59 30.76 27.66 41.72
CA ARG F 59 29.54 28.38 41.36
C ARG F 59 28.82 27.57 40.28
N ALA F 60 27.57 27.93 40.04
CA ALA F 60 26.77 27.20 39.07
C ALA F 60 25.94 28.18 38.26
N ILE F 61 26.00 28.02 36.95
CA ILE F 61 25.22 28.83 36.01
C ILE F 61 24.21 27.88 35.37
N THR F 62 23.03 28.40 35.04
CA THR F 62 22.01 27.63 34.35
C THR F 62 21.13 28.58 33.55
N ASN F 63 20.39 27.99 32.60
CA ASN F 63 19.58 28.71 31.60
C ASN F 63 20.44 29.70 30.81
N LEU F 64 21.67 29.30 30.50
CA LEU F 64 22.59 30.18 29.79
C LEU F 64 22.16 30.35 28.33
N PHE F 65 21.72 29.26 27.70
CA PHE F 65 21.21 29.30 26.34
C PHE F 65 19.68 29.17 26.32
N GLY F 66 19.02 29.55 27.42
CA GLY F 66 17.59 29.33 27.51
C GLY F 66 16.79 30.25 26.63
N ASP F 67 17.12 31.54 26.65
CA ASP F 67 16.53 32.50 25.73
C ASP F 67 17.42 32.59 24.51
N ILE F 68 16.87 32.30 23.34
CA ILE F 68 17.70 32.32 22.14
C ILE F 68 17.98 33.76 21.71
N ARG F 69 17.19 34.72 22.20
CA ARG F 69 17.41 36.11 21.83
C ARG F 69 18.66 36.65 22.48
N VAL F 70 18.92 36.27 23.74
CA VAL F 70 20.14 36.76 24.38
C VAL F 70 21.36 36.03 23.85
N VAL F 71 21.19 34.81 23.32
CA VAL F 71 22.29 34.11 22.69
C VAL F 71 22.64 34.77 21.35
N GLU F 72 21.61 35.15 20.59
CA GLU F 72 21.85 35.85 19.33
C GLU F 72 22.40 37.24 19.57
N GLU F 73 22.07 37.85 20.71
CA GLU F 73 22.68 39.13 21.05
C GLU F 73 24.11 38.94 21.50
N LEU F 74 24.42 37.81 22.12
CA LEU F 74 25.78 37.53 22.55
C LEU F 74 26.71 37.31 21.37
N PHE F 75 26.26 36.51 20.40
CA PHE F 75 27.12 36.24 19.26
C PHE F 75 26.96 37.23 18.12
N GLY F 76 26.12 38.25 18.27
CA GLY F 76 26.04 39.29 17.27
C GLY F 76 25.18 38.99 16.08
N TRP F 77 24.04 38.34 16.30
CA TRP F 77 23.10 38.04 15.23
C TRP F 77 21.79 38.78 15.49
N GLU F 78 21.15 39.22 14.42
CA GLU F 78 19.91 39.98 14.58
C GLU F 78 18.73 39.05 14.86
N ASN F 79 18.52 38.06 14.02
CA ASN F 79 17.40 37.13 14.21
C ASN F 79 17.89 35.72 13.97
N SER F 80 16.95 34.76 14.01
CA SER F 80 17.32 33.36 13.91
C SER F 80 17.73 32.99 12.49
N LEU F 81 17.18 33.68 11.50
CA LEU F 81 17.54 33.40 10.12
C LEU F 81 18.97 33.83 9.83
N ASP F 82 19.35 35.00 10.35
CA ASP F 82 20.74 35.45 10.23
C ASP F 82 21.67 34.53 10.98
N ARG F 83 21.22 33.99 12.12
CA ARG F 83 22.02 33.04 12.87
C ARG F 83 22.25 31.76 12.07
N VAL F 84 21.20 31.26 11.41
CA VAL F 84 21.31 30.03 10.65
C VAL F 84 22.26 30.21 9.46
N LYS F 85 22.13 31.34 8.76
CA LYS F 85 23.00 31.58 7.62
C LYS F 85 24.45 31.84 8.02
N LYS F 86 24.66 32.58 9.12
CA LYS F 86 26.01 32.87 9.56
C LYS F 86 26.70 31.62 10.10
N VAL F 87 25.97 30.75 10.77
CA VAL F 87 26.60 29.54 11.30
C VAL F 87 26.83 28.53 10.17
N ALA F 88 26.01 28.55 9.12
CA ALA F 88 26.32 27.75 7.94
C ALA F 88 27.60 28.23 7.26
N ARG F 89 27.76 29.55 7.13
CA ARG F 89 29.00 30.11 6.60
C ARG F 89 30.19 29.79 7.49
N ALA F 90 29.98 29.78 8.82
CA ALA F 90 31.06 29.45 9.74
C ALA F 90 31.42 27.97 9.68
N ILE F 91 30.44 27.13 9.33
CA ILE F 91 30.71 25.72 9.13
C ILE F 91 31.59 25.55 7.90
N ASP F 92 31.30 26.29 6.83
CA ASP F 92 32.15 26.14 5.66
C ASP F 92 33.48 26.90 5.74
N HIS F 93 33.74 27.62 6.83
CA HIS F 93 35.00 28.35 6.99
C HIS F 93 35.46 28.31 8.44
N PRO F 94 36.13 27.24 8.84
CA PRO F 94 36.59 27.16 10.24
C PRO F 94 37.87 27.96 10.45
N LEU F 95 38.07 28.38 11.69
CA LEU F 95 39.30 29.03 12.12
C LEU F 95 40.12 28.03 12.91
N LYS F 96 41.33 27.76 12.46
CA LYS F 96 42.16 26.72 13.06
C LYS F 96 42.56 27.10 14.49
N PRO F 97 42.36 26.21 15.47
CA PRO F 97 42.62 26.58 16.86
C PRO F 97 44.10 26.74 17.15
N VAL F 98 44.40 27.64 18.08
CA VAL F 98 45.77 27.95 18.46
C VAL F 98 46.15 27.14 19.69
N ILE F 99 47.42 26.80 19.81
CA ILE F 99 47.94 26.04 20.94
C ILE F 99 48.82 26.98 21.76
N ILE F 100 48.48 27.15 23.02
CA ILE F 100 49.24 28.01 23.92
C ILE F 100 49.99 27.13 24.92
N GLY F 101 50.91 27.77 25.64
CA GLY F 101 51.74 27.02 26.57
C GLY F 101 50.99 26.60 27.81
N GLN F 102 51.63 25.74 28.59
CA GLN F 102 50.99 25.15 29.77
C GLN F 102 50.99 26.08 30.97
N ASP F 103 51.51 27.29 30.80
CA ASP F 103 51.56 28.25 31.90
C ASP F 103 50.70 29.49 31.67
N GLU F 104 50.05 29.63 30.51
CA GLU F 104 49.05 30.67 30.34
C GLU F 104 47.65 30.13 30.25
N ALA F 105 47.46 28.83 30.30
CA ALA F 105 46.12 28.27 30.28
C ALA F 105 45.49 28.42 31.66
N PRO F 106 44.36 29.12 31.78
CA PRO F 106 43.73 29.31 33.10
C PRO F 106 43.15 28.04 33.68
N VAL F 107 42.92 27.00 32.89
CA VAL F 107 42.35 25.77 33.41
C VAL F 107 43.41 24.89 34.05
N GLN F 108 44.68 25.27 33.96
CA GLN F 108 45.77 24.50 34.54
C GLN F 108 46.44 25.25 35.68
N GLU F 109 45.68 26.05 36.42
CA GLU F 109 46.23 26.67 37.62
C GLU F 109 46.42 25.63 38.72
N GLU F 110 45.41 24.80 38.94
CA GLU F 110 45.49 23.71 39.91
C GLU F 110 45.44 22.39 39.15
N VAL F 111 46.46 21.56 39.35
CA VAL F 111 46.54 20.26 38.68
C VAL F 111 46.53 19.17 39.73
N LEU F 112 45.40 18.51 39.90
CA LEU F 112 45.31 17.40 40.83
C LEU F 112 45.63 16.08 40.13
N THR F 113 46.68 15.42 40.57
CA THR F 113 47.08 14.14 40.01
C THR F 113 46.86 12.97 40.96
N THR F 114 46.67 13.23 42.24
CA THR F 114 46.22 12.23 43.19
C THR F 114 44.84 12.63 43.69
N ASP F 115 44.36 11.87 44.67
CA ASP F 115 43.05 12.01 45.36
C ASP F 115 41.89 12.32 44.40
N LEU F 116 41.89 11.59 43.29
CA LEU F 116 40.92 11.86 42.24
C LEU F 116 39.55 11.35 42.63
N ASP F 117 38.78 12.19 43.33
CA ASP F 117 37.36 11.94 43.56
C ASP F 117 36.64 13.03 42.76
N VAL F 118 36.02 12.60 41.65
CA VAL F 118 35.39 13.55 40.74
C VAL F 118 34.14 14.15 41.36
N ASN F 119 33.43 13.37 42.19
CA ASN F 119 32.21 13.87 42.78
C ASN F 119 32.47 14.88 43.89
N LYS F 120 33.70 14.93 44.39
CA LYS F 120 34.07 15.94 45.37
C LYS F 120 34.23 17.33 44.76
N TRP F 121 34.76 17.42 43.55
CA TRP F 121 35.01 18.70 42.90
C TRP F 121 33.90 19.09 41.92
N LEU F 122 33.45 18.17 41.09
CA LEU F 122 32.43 18.47 40.11
C LEU F 122 31.05 18.23 40.68
N THR F 123 30.13 19.14 40.36
CA THR F 123 28.78 19.10 40.89
C THR F 123 27.92 18.13 40.09
N ALA F 124 27.53 17.04 40.72
CA ALA F 124 26.56 16.11 40.16
C ALA F 124 25.18 16.51 40.64
N ILE F 125 24.19 16.42 39.76
CA ILE F 125 22.83 16.84 40.07
C ILE F 125 21.89 15.68 39.93
N ARG F 126 20.71 15.83 40.53
CA ARG F 126 19.56 14.98 40.27
C ARG F 126 18.45 15.82 39.69
N HIS F 127 17.79 15.31 38.66
CA HIS F 127 16.81 16.13 37.96
C HIS F 127 15.42 15.96 38.57
N THR F 128 14.94 14.73 38.66
CA THR F 128 13.61 14.40 39.15
C THR F 128 13.72 13.55 40.40
N PRO F 129 12.70 13.54 41.25
CA PRO F 129 12.72 12.68 42.44
C PRO F 129 12.63 11.19 42.15
N LEU F 130 12.33 10.79 40.92
CA LEU F 130 12.27 9.39 40.56
C LEU F 130 13.64 8.73 40.42
N GLU F 131 14.71 9.50 40.42
CA GLU F 131 16.03 8.95 40.20
C GLU F 131 16.66 8.51 41.51
N THR F 132 17.77 7.78 41.38
CA THR F 132 18.55 7.32 42.51
C THR F 132 20.00 7.80 42.48
N GLU F 133 20.54 8.10 41.30
CA GLU F 133 21.94 8.47 41.14
C GLU F 133 22.05 9.94 40.82
N MET F 134 23.05 10.58 41.40
CA MET F 134 23.44 11.94 41.05
C MET F 134 24.54 11.87 40.01
N THR F 135 24.27 12.39 38.82
CA THR F 135 25.15 12.22 37.68
C THR F 135 25.74 13.55 37.25
N ILE F 136 26.85 13.47 36.54
CA ILE F 136 27.55 14.63 36.01
C ILE F 136 27.14 14.79 34.56
N GLY F 137 26.40 15.86 34.28
CA GLY F 137 25.96 16.10 32.93
C GLY F 137 26.36 17.47 32.42
N SER F 138 27.55 17.91 32.76
CA SER F 138 27.97 19.28 32.47
C SER F 138 29.15 19.35 31.51
N GLY F 139 29.83 18.25 31.24
CA GLY F 139 31.07 18.28 30.51
C GLY F 139 30.91 17.91 29.05
N ILE F 140 31.78 18.46 28.23
CA ILE F 140 31.86 18.11 26.82
C ILE F 140 33.14 17.33 26.60
N SER F 141 33.07 16.33 25.73
CA SER F 141 34.26 15.60 25.36
C SER F 141 35.09 16.44 24.41
N CYS F 142 36.38 16.11 24.32
CA CYS F 142 37.28 16.88 23.48
C CYS F 142 38.34 15.93 22.93
N VAL F 143 38.14 15.49 21.69
CA VAL F 143 39.08 14.62 21.00
C VAL F 143 39.71 15.40 19.87
N VAL F 144 41.00 15.68 19.99
CA VAL F 144 41.72 16.49 19.01
C VAL F 144 42.92 15.70 18.52
N GLY F 145 43.03 15.55 17.20
CA GLY F 145 44.24 15.04 16.62
C GLY F 145 44.09 13.68 15.96
N PRO F 146 44.96 12.74 16.33
CA PRO F 146 45.05 11.49 15.58
C PRO F 146 43.84 10.58 15.76
N TYR F 147 43.14 10.71 16.87
CA TYR F 147 41.97 9.86 17.08
C TYR F 147 40.76 10.39 16.36
N PHE F 148 40.82 11.62 15.86
CA PHE F 148 39.75 12.20 15.06
C PHE F 148 40.26 12.66 13.71
N ASP F 149 41.22 11.91 13.15
CA ASP F 149 41.71 12.06 11.77
C ASP F 149 42.29 13.45 11.52
N GLY F 150 42.97 13.99 12.52
CA GLY F 150 43.52 15.32 12.39
C GLY F 150 42.53 16.44 12.54
N GLY F 151 41.29 16.15 12.90
CA GLY F 151 40.31 17.19 13.14
C GLY F 151 40.08 17.39 14.62
N SER F 152 38.86 17.77 15.00
CA SER F 152 38.55 17.94 16.40
C SER F 152 37.06 17.71 16.61
N HIS F 153 36.73 17.21 17.78
CA HIS F 153 35.35 16.93 18.15
C HIS F 153 35.06 17.48 19.54
N ILE F 154 33.93 18.17 19.67
CA ILE F 154 33.41 18.55 20.97
C ILE F 154 31.96 18.11 21.04
N GLY F 155 31.57 17.55 22.18
CA GLY F 155 30.21 17.08 22.35
C GLY F 155 29.99 16.58 23.74
N TYR F 156 28.74 16.67 24.18
CA TYR F 156 28.37 16.31 25.54
C TYR F 156 28.32 14.81 25.71
N ASN F 157 28.69 14.35 26.90
CA ASN F 157 28.55 12.96 27.29
C ASN F 157 28.22 12.92 28.76
N ARG F 158 27.16 12.23 29.15
CA ARG F 158 26.81 12.13 30.56
C ARG F 158 27.69 11.08 31.21
N MET F 159 28.03 11.32 32.48
CA MET F 159 28.95 10.48 33.22
C MET F 159 28.42 10.27 34.63
N ASN F 160 28.56 9.06 35.13
CA ASN F 160 28.17 8.74 36.51
C ASN F 160 29.38 8.10 37.17
N PHE F 161 30.07 8.87 38.01
CA PHE F 161 31.28 8.39 38.67
C PHE F 161 30.89 7.71 39.97
N ARG F 162 30.63 6.42 39.88
CA ARG F 162 30.30 5.61 41.04
C ARG F 162 31.41 4.64 41.42
N TRP F 163 32.64 4.92 41.00
CA TRP F 163 33.81 4.15 41.43
C TRP F 163 34.99 5.07 41.74
N GLY F 164 34.70 6.27 42.23
CA GLY F 164 35.75 7.18 42.62
C GLY F 164 36.33 8.00 41.48
N ASN F 165 37.17 7.37 40.65
CA ASN F 165 37.78 8.05 39.53
C ASN F 165 37.46 7.34 38.23
N VAL F 166 36.58 6.36 38.31
CA VAL F 166 36.10 5.64 37.14
C VAL F 166 34.60 5.88 37.05
N GLY F 167 34.13 6.33 35.89
CA GLY F 167 32.71 6.53 35.70
C GLY F 167 32.28 6.06 34.32
N THR F 168 30.98 5.89 34.16
CA THR F 168 30.44 5.52 32.88
C THR F 168 30.53 6.69 31.92
N PHE F 169 30.29 6.40 30.65
CA PHE F 169 30.51 7.38 29.59
C PHE F 169 29.52 7.05 28.48
N GLN F 170 28.40 7.74 28.46
CA GLN F 170 27.31 7.38 27.57
C GLN F 170 27.57 7.91 26.17
N ILE F 171 27.58 7.03 25.19
CA ILE F 171 27.86 7.36 23.81
C ILE F 171 26.63 7.01 22.97
N SER F 172 26.11 7.99 22.24
CA SER F 172 25.06 7.69 21.27
C SER F 172 25.65 6.87 20.14
N PRO F 173 25.02 5.77 19.76
CA PRO F 173 25.49 5.02 18.59
C PRO F 173 25.29 5.83 17.32
N GLY F 174 26.36 5.92 16.54
CA GLY F 174 26.39 6.69 15.31
C GLY F 174 27.14 8.00 15.43
N SER F 175 27.39 8.46 16.65
CA SER F 175 27.99 9.76 16.88
C SER F 175 29.48 9.73 16.57
N HIS F 176 30.14 10.89 16.75
CA HIS F 176 31.58 10.96 16.51
C HIS F 176 32.35 10.13 17.51
N MET F 177 31.90 10.13 18.77
CA MET F 177 32.53 9.28 19.77
C MET F 177 32.28 7.81 19.47
N TRP F 178 31.13 7.50 18.90
CA TRP F 178 30.86 6.13 18.48
C TRP F 178 31.75 5.72 17.33
N GLN F 179 32.04 6.64 16.42
CA GLN F 179 32.89 6.31 15.28
C GLN F 179 34.35 6.15 15.73
N VAL F 180 34.79 6.98 16.68
CA VAL F 180 36.12 6.83 17.25
C VAL F 180 36.24 5.53 18.02
N MET F 181 35.20 5.20 18.79
CA MET F 181 35.20 3.98 19.58
C MET F 181 35.11 2.75 18.70
N THR F 182 34.39 2.84 17.59
CA THR F 182 34.25 1.71 16.67
C THR F 182 35.55 1.46 15.93
N GLU F 183 36.28 2.53 15.59
CA GLU F 183 37.55 2.34 14.91
C GLU F 183 38.60 1.75 15.84
N HIS F 184 38.64 2.20 17.10
CA HIS F 184 39.63 1.73 18.05
C HIS F 184 39.05 0.79 19.09
N TYR F 185 38.07 -0.03 18.71
CA TYR F 185 37.47 -0.96 19.65
C TYR F 185 38.42 -2.09 19.99
N LYS F 186 39.07 -2.65 18.98
CA LYS F 186 39.92 -3.82 19.10
C LYS F 186 41.37 -3.42 19.35
N ASP F 187 41.59 -2.46 20.23
CA ASP F 187 42.92 -1.95 20.49
C ASP F 187 43.27 -2.21 21.95
N ASP F 188 44.56 -2.20 22.23
CA ASP F 188 45.02 -2.45 23.60
C ASP F 188 45.14 -1.14 24.37
N GLU F 189 45.67 -0.12 23.74
CA GLU F 189 45.74 1.19 24.37
C GLU F 189 44.36 1.84 24.39
N PRO F 190 43.94 2.40 25.51
CA PRO F 190 42.65 3.08 25.55
C PRO F 190 42.71 4.43 24.88
N ILE F 191 41.54 4.94 24.54
CA ILE F 191 41.45 6.23 23.84
C ILE F 191 41.64 7.35 24.83
N PRO F 192 42.62 8.24 24.64
CA PRO F 192 42.77 9.37 25.56
C PRO F 192 41.88 10.54 25.16
N LEU F 193 41.08 11.03 26.10
CA LEU F 193 40.26 12.21 25.82
C LEU F 193 40.07 12.95 27.12
N THR F 194 39.68 14.22 26.99
CA THR F 194 39.46 15.10 28.13
C THR F 194 38.02 15.58 28.14
N MET F 195 37.45 15.65 29.35
CA MET F 195 36.15 16.25 29.56
C MET F 195 36.33 17.66 30.10
N CYS F 196 35.84 18.65 29.36
CA CYS F 196 36.02 20.04 29.71
C CYS F 196 34.72 20.63 30.26
N PHE F 197 34.84 21.46 31.28
CA PHE F 197 33.70 22.00 32.00
C PHE F 197 33.80 23.51 32.07
N GLY F 198 32.65 24.16 31.97
CA GLY F 198 32.62 25.62 31.98
C GLY F 198 33.30 26.24 30.77
N VAL F 199 33.04 25.69 29.59
CA VAL F 199 33.77 26.02 28.37
C VAL F 199 33.26 27.36 27.85
N PRO F 200 33.92 27.98 26.87
CA PRO F 200 33.33 29.15 26.22
C PRO F 200 32.01 28.81 25.56
N PRO F 201 31.10 29.79 25.45
CA PRO F 201 29.75 29.48 24.94
C PRO F 201 29.72 29.05 23.49
N SER F 202 30.71 29.43 22.69
CA SER F 202 30.82 28.92 21.33
C SER F 202 31.09 27.43 21.32
N CYS F 203 31.89 26.95 22.26
CA CYS F 203 32.17 25.53 22.34
C CYS F 203 30.96 24.75 22.81
N THR F 204 30.15 25.32 23.70
CA THR F 204 28.87 24.72 24.08
C THR F 204 27.94 24.65 22.88
N TYR F 205 27.88 25.75 22.12
CA TYR F 205 27.03 25.86 20.94
C TYR F 205 27.38 24.80 19.90
N VAL F 206 28.67 24.59 19.64
CA VAL F 206 29.05 23.59 18.65
C VAL F 206 29.01 22.19 19.24
N ALA F 207 29.15 22.07 20.57
CA ALA F 207 29.05 20.77 21.21
C ALA F 207 27.63 20.24 21.18
N GLY F 208 26.66 21.13 21.00
CA GLY F 208 25.29 20.67 20.82
C GLY F 208 25.04 19.90 19.54
N ALA F 209 25.87 20.10 18.51
CA ALA F 209 25.68 19.48 17.21
C ALA F 209 25.71 17.96 17.28
N GLY F 210 25.03 17.31 16.36
CA GLY F 210 25.02 15.87 16.36
C GLY F 210 24.15 15.35 15.24
N PHE F 211 24.59 14.25 14.66
CA PHE F 211 23.91 13.53 13.58
C PHE F 211 23.65 14.43 12.38
N ASP F 212 24.73 15.06 11.95
CA ASP F 212 24.73 15.95 10.80
C ASP F 212 26.01 15.71 10.00
N TYR F 213 26.33 14.43 9.78
CA TYR F 213 27.67 14.06 9.37
C TYR F 213 27.87 14.10 7.87
N ALA F 214 26.84 14.45 7.11
CA ALA F 214 27.07 14.80 5.72
C ALA F 214 27.73 16.16 5.61
N ILE F 215 27.54 17.00 6.62
CA ILE F 215 28.09 18.36 6.65
C ILE F 215 29.30 18.40 7.57
N LEU F 216 29.20 17.70 8.70
CA LEU F 216 30.28 17.63 9.69
C LEU F 216 30.71 16.19 9.88
N PRO F 217 31.45 15.62 8.94
CA PRO F 217 31.84 14.21 9.06
C PRO F 217 32.97 14.04 10.06
N LYS F 218 33.38 12.78 10.22
CA LYS F 218 34.53 12.47 11.04
C LYS F 218 35.79 13.02 10.40
N GLY F 219 36.57 13.76 11.18
CA GLY F 219 37.71 14.47 10.67
C GLY F 219 37.49 15.94 10.44
N CYS F 220 36.29 16.45 10.72
CA CYS F 220 36.04 17.87 10.64
C CYS F 220 36.61 18.58 11.87
N ASP F 221 36.49 19.90 11.88
CA ASP F 221 37.07 20.72 12.94
C ASP F 221 35.95 21.46 13.66
N GLU F 222 35.39 20.80 14.68
CA GLU F 222 34.28 21.38 15.42
C GLU F 222 34.75 22.55 16.28
N ILE F 223 35.96 22.45 16.84
CA ILE F 223 36.54 23.59 17.54
C ILE F 223 36.87 24.71 16.57
N GLY F 224 37.17 24.35 15.32
CA GLY F 224 37.30 25.37 14.29
C GLY F 224 36.00 26.09 14.01
N ILE F 225 34.88 25.38 14.07
CA ILE F 225 33.58 25.99 13.88
C ILE F 225 33.23 26.88 15.06
N ALA F 226 33.63 26.48 16.27
CA ALA F 226 33.43 27.33 17.44
C ALA F 226 34.25 28.60 17.35
N GLY F 227 35.48 28.48 16.86
CA GLY F 227 36.30 29.66 16.67
C GLY F 227 35.75 30.59 15.59
N ALA F 228 35.16 30.01 14.55
CA ALA F 228 34.55 30.82 13.50
C ALA F 228 33.28 31.50 13.99
N ILE F 229 32.58 30.84 14.92
CA ILE F 229 31.34 31.42 15.45
C ILE F 229 31.66 32.59 16.37
N GLN F 230 32.63 32.42 17.28
CA GLN F 230 32.99 33.54 18.14
C GLN F 230 33.88 34.57 17.46
N GLY F 231 34.43 34.26 16.29
CA GLY F 231 35.20 35.25 15.56
C GLY F 231 36.67 35.33 15.92
N SER F 232 37.18 34.36 16.67
CA SER F 232 38.58 34.33 17.08
C SER F 232 38.91 32.89 17.44
N PRO F 233 40.16 32.44 17.26
CA PRO F 233 40.45 31.01 17.45
C PRO F 233 40.39 30.59 18.92
N VAL F 234 39.91 29.38 19.14
CA VAL F 234 39.78 28.82 20.47
C VAL F 234 41.13 28.26 20.90
N ARG F 235 41.59 28.64 22.08
CA ARG F 235 42.93 28.27 22.51
C ARG F 235 42.96 26.87 23.07
N LEU F 236 43.99 26.11 22.70
CA LEU F 236 44.19 24.76 23.19
C LEU F 236 45.46 24.71 24.02
N VAL F 237 45.59 23.64 24.80
CA VAL F 237 46.78 23.45 25.63
C VAL F 237 47.01 21.94 25.77
N LYS F 238 48.28 21.55 25.76
CA LYS F 238 48.64 20.16 25.97
C LYS F 238 48.33 19.75 27.40
N CYS F 239 47.84 18.52 27.56
CA CYS F 239 47.48 18.00 28.86
C CYS F 239 48.73 17.76 29.72
N ARG F 240 48.50 17.58 31.02
CA ARG F 240 49.61 17.33 31.93
C ARG F 240 50.04 15.88 31.90
N THR F 241 49.08 14.95 31.85
CA THR F 241 49.37 13.53 31.90
C THR F 241 49.19 12.82 30.57
N ILE F 242 48.00 12.89 29.98
CA ILE F 242 47.72 12.15 28.76
C ILE F 242 48.21 12.93 27.55
N ASP F 243 48.22 12.26 26.39
CA ASP F 243 48.69 12.86 25.15
C ASP F 243 47.46 13.37 24.40
N ALA F 244 47.02 14.56 24.74
CA ALA F 244 45.84 15.15 24.13
C ALA F 244 45.90 16.66 24.27
N TYR F 245 44.80 17.30 23.94
CA TYR F 245 44.64 18.74 24.07
C TYR F 245 43.29 19.08 24.65
N THR F 246 43.24 20.12 25.47
CA THR F 246 42.02 20.55 26.13
C THR F 246 41.70 21.96 25.67
N LEU F 247 40.48 22.40 25.98
CA LEU F 247 40.17 23.82 25.86
C LEU F 247 40.87 24.55 27.00
N ALA F 248 41.68 25.55 26.66
CA ALA F 248 42.51 26.19 27.67
C ALA F 248 41.68 27.09 28.57
N ASP F 249 40.63 27.70 28.03
CA ASP F 249 39.83 28.67 28.76
C ASP F 249 38.64 28.04 29.46
N ALA F 250 38.70 26.75 29.78
CA ALA F 250 37.62 26.11 30.51
C ALA F 250 37.77 26.39 32.01
N GLU F 251 36.86 25.79 32.78
CA GLU F 251 36.92 25.95 34.22
C GLU F 251 37.39 24.68 34.92
N TYR F 252 36.97 23.51 34.43
CA TYR F 252 37.49 22.24 34.90
C TYR F 252 37.81 21.37 33.71
N VAL F 253 38.84 20.54 33.84
CA VAL F 253 39.18 19.54 32.84
C VAL F 253 39.51 18.24 33.57
N LEU F 254 38.84 17.16 33.17
CA LEU F 254 39.19 15.81 33.58
C LEU F 254 40.01 15.17 32.48
N GLU F 255 41.22 14.75 32.80
CA GLU F 255 42.05 14.03 31.85
C GLU F 255 41.99 12.55 32.17
N GLY F 256 41.93 11.72 31.14
CA GLY F 256 41.90 10.30 31.36
C GLY F 256 41.77 9.52 30.08
N TYR F 257 41.39 8.25 30.23
CA TYR F 257 41.31 7.31 29.12
C TYR F 257 39.93 6.70 29.06
N LEU F 258 39.46 6.46 27.85
CA LEU F 258 38.22 5.75 27.63
C LEU F 258 38.52 4.30 27.29
N HIS F 259 37.95 3.38 28.07
CA HIS F 259 38.11 1.96 27.81
C HIS F 259 36.84 1.45 27.15
N PRO F 260 36.87 1.15 25.85
CA PRO F 260 35.62 0.77 25.17
C PRO F 260 35.12 -0.60 25.56
N ARG F 261 36.01 -1.56 25.76
CA ARG F 261 35.61 -2.93 26.07
C ARG F 261 35.33 -3.14 27.55
N ASP F 262 35.55 -2.14 28.39
CA ASP F 262 35.21 -2.20 29.80
C ASP F 262 33.88 -1.49 29.99
N LYS F 263 32.79 -2.22 29.84
CA LYS F 263 31.46 -1.66 29.95
C LYS F 263 30.85 -1.99 31.31
N ARG F 264 30.29 -0.97 31.95
CA ARG F 264 29.68 -1.13 33.26
C ARG F 264 28.32 -0.47 33.25
N TYR F 265 27.49 -0.85 34.23
CA TYR F 265 26.13 -0.34 34.30
C TYR F 265 26.11 1.06 34.89
N GLU F 266 25.09 1.83 34.54
CA GLU F 266 25.06 3.23 34.93
C GLU F 266 24.46 3.42 36.31
N THR F 267 23.45 2.62 36.66
CA THR F 267 22.83 2.72 37.98
C THR F 267 23.18 1.53 38.84
N ALA F 268 22.68 1.54 40.06
CA ALA F 268 22.89 0.42 40.97
C ALA F 268 21.81 -0.63 40.79
N GLU F 269 20.61 -0.23 40.41
CA GLU F 269 19.51 -1.18 40.27
C GLU F 269 19.64 -2.00 38.99
N SER F 270 20.05 -1.34 37.89
CA SER F 270 20.26 -2.06 36.65
C SER F 270 21.49 -2.94 36.72
N GLU F 271 22.47 -2.56 37.53
CA GLU F 271 23.57 -3.47 37.83
C GLU F 271 23.10 -4.59 38.73
N ALA F 272 22.13 -4.31 39.60
CA ALA F 272 21.66 -5.31 40.55
C ALA F 272 20.91 -6.42 39.84
N ALA F 273 20.07 -6.10 38.87
CA ALA F 273 19.56 -7.11 37.96
C ALA F 273 19.71 -6.63 36.52
N ASP F 274 20.94 -6.66 36.02
CA ASP F 274 21.38 -6.98 34.65
C ASP F 274 20.41 -6.70 33.51
N ILE F 275 19.78 -5.54 33.50
CA ILE F 275 18.80 -5.20 32.47
C ILE F 275 19.06 -3.79 31.98
N GLN F 276 19.30 -3.64 30.70
CA GLN F 276 19.41 -2.32 30.11
C GLN F 276 18.04 -1.83 29.65
N GLY F 277 17.85 -0.53 29.73
CA GLY F 277 16.67 0.06 29.12
C GLY F 277 15.41 -0.07 29.93
N ARG F 278 15.53 -0.26 31.24
CA ARG F 278 14.31 -0.39 32.03
C ARG F 278 14.22 0.59 33.18
N PHE F 279 15.30 0.83 33.89
CA PHE F 279 15.27 1.60 35.13
C PHE F 279 15.60 3.06 34.88
N HIS F 280 15.01 3.93 35.71
CA HIS F 280 15.01 5.36 35.44
C HIS F 280 16.38 5.98 35.64
N PHE F 281 16.81 6.75 34.65
CA PHE F 281 18.11 7.39 34.63
C PHE F 281 18.07 8.80 34.06
N HIS F 282 17.27 9.71 34.68
CA HIS F 282 17.26 11.16 34.40
C HIS F 282 16.81 11.57 32.99
N PRO F 283 15.61 12.16 32.90
CA PRO F 283 14.91 12.43 31.63
C PRO F 283 15.73 12.81 30.41
N GLU F 284 15.28 12.37 29.25
CA GLU F 284 16.09 12.43 28.06
C GLU F 284 15.57 13.44 27.05
N TRP F 285 16.23 13.48 25.89
CA TRP F 285 15.97 14.51 24.90
C TRP F 285 14.61 14.33 24.24
N ALA F 286 14.09 13.10 24.23
CA ALA F 286 12.81 12.86 23.60
C ALA F 286 11.66 13.48 24.38
N GLY F 287 11.88 13.78 25.65
CA GLY F 287 10.83 14.34 26.46
C GLY F 287 10.21 13.28 27.33
N TYR F 288 10.93 12.19 27.53
CA TYR F 288 10.49 11.12 28.41
C TYR F 288 11.55 10.87 29.46
N MET F 289 11.18 10.10 30.48
CA MET F 289 12.15 9.67 31.47
C MET F 289 13.10 8.67 30.84
N GLY F 290 14.40 8.90 31.03
CA GLY F 290 15.41 8.08 30.42
C GLY F 290 15.57 6.74 31.10
N LYS F 291 16.44 5.93 30.50
CA LYS F 291 16.68 4.58 30.97
C LYS F 291 18.17 4.37 31.19
N ALA F 292 18.50 3.41 32.03
CA ALA F 292 19.90 3.12 32.36
C ALA F 292 20.43 1.99 31.50
N TYR F 293 21.68 2.13 31.07
CA TYR F 293 22.30 1.19 30.15
C TYR F 293 23.70 0.83 30.63
N LYS F 294 24.33 -0.06 29.90
CA LYS F 294 25.77 -0.26 30.03
C LYS F 294 26.48 0.76 29.15
N ALA F 295 27.65 1.16 29.59
CA ALA F 295 28.39 2.22 28.91
C ALA F 295 29.87 1.98 29.15
N PRO F 296 30.73 2.39 28.22
CA PRO F 296 32.17 2.27 28.45
C PRO F 296 32.63 3.18 29.59
N THR F 297 33.78 2.86 30.16
CA THR F 297 34.24 3.56 31.34
C THR F 297 35.32 4.57 31.02
N PHE F 298 35.27 5.69 31.72
CA PHE F 298 36.23 6.77 31.59
C PHE F 298 37.10 6.78 32.84
N HIS F 299 38.37 6.48 32.68
CA HIS F 299 39.28 6.32 33.80
C HIS F 299 40.07 7.61 33.98
N VAL F 300 39.65 8.44 34.93
CA VAL F 300 40.22 9.77 35.10
C VAL F 300 41.61 9.64 35.72
N THR F 301 42.60 10.26 35.08
CA THR F 301 43.96 10.27 35.58
C THR F 301 44.37 11.59 36.22
N ALA F 302 43.73 12.70 35.86
CA ALA F 302 44.09 13.99 36.42
C ALA F 302 42.90 14.93 36.34
N ILE F 303 42.71 15.71 37.40
CA ILE F 303 41.71 16.78 37.44
C ILE F 303 42.44 18.10 37.45
N THR F 304 42.27 18.88 36.40
CA THR F 304 42.83 20.21 36.34
C THR F 304 41.70 21.22 36.34
N MET F 305 41.92 22.35 36.99
CA MET F 305 40.87 23.35 37.12
C MET F 305 41.52 24.71 37.34
N ARG F 306 40.67 25.72 37.46
CA ARG F 306 41.14 27.04 37.85
C ARG F 306 41.43 27.08 39.35
N ARG F 307 41.77 28.26 39.85
CA ARG F 307 41.98 28.40 41.28
C ARG F 307 40.66 28.28 42.02
N ARG F 308 40.66 27.51 43.11
CA ARG F 308 39.43 27.31 43.86
C ARG F 308 39.02 28.57 44.61
N GLU F 309 39.95 29.49 44.80
CA GLU F 309 39.62 30.78 45.39
C GLU F 309 38.88 31.65 44.38
N SER F 310 39.08 31.38 43.08
CA SER F 310 38.36 32.12 42.05
C SER F 310 36.96 31.58 41.82
N LYS F 311 36.64 30.42 42.41
CA LYS F 311 35.34 29.75 42.36
C LYS F 311 34.93 29.43 40.93
N PRO F 312 35.53 28.43 40.29
CA PRO F 312 35.23 28.14 38.89
C PRO F 312 33.79 27.69 38.68
N ILE F 313 33.22 28.10 37.56
CA ILE F 313 31.80 27.96 37.26
C ILE F 313 31.57 26.65 36.53
N ILE F 314 30.52 25.94 36.92
CA ILE F 314 30.06 24.77 36.19
C ILE F 314 28.69 25.08 35.63
N PHE F 315 28.29 24.36 34.58
CA PHE F 315 27.03 24.62 33.88
C PHE F 315 26.17 23.37 33.91
N PRO F 316 25.44 23.11 35.00
CA PRO F 316 24.51 21.98 34.99
C PRO F 316 23.18 22.38 34.40
N LEU F 317 22.60 21.53 33.58
CA LEU F 317 21.34 21.86 32.92
C LEU F 317 20.47 20.62 32.80
N GLY F 318 19.17 20.83 32.99
CA GLY F 318 18.22 19.77 32.73
C GLY F 318 18.09 19.48 31.26
N VAL F 319 17.63 18.29 30.95
CA VAL F 319 17.65 17.84 29.56
C VAL F 319 16.42 18.33 28.82
N HIS F 320 15.25 18.25 29.46
CA HIS F 320 14.05 18.73 28.80
C HIS F 320 13.83 20.19 29.17
N THR F 321 14.78 21.03 28.76
CA THR F 321 14.66 22.47 28.92
C THR F 321 14.90 23.12 27.57
N ALA F 322 14.49 24.38 27.45
CA ALA F 322 14.75 25.13 26.22
C ALA F 322 16.22 25.44 26.07
N ASP F 323 16.94 25.49 27.20
CA ASP F 323 18.39 25.54 27.24
C ASP F 323 19.03 24.45 26.39
N ASP F 324 18.78 23.21 26.78
CA ASP F 324 19.30 22.03 26.08
C ASP F 324 18.81 21.97 24.65
N ALA F 325 17.58 22.40 24.39
CA ALA F 325 17.04 22.35 23.03
C ALA F 325 17.74 23.34 22.12
N ASN F 326 17.99 24.56 22.61
CA ASN F 326 18.70 25.56 21.81
C ASN F 326 20.11 25.09 21.51
N ILE F 327 20.76 24.47 22.51
CA ILE F 327 22.16 24.06 22.40
C ILE F 327 22.36 23.06 21.27
N ASP F 328 21.48 22.06 21.16
CA ASP F 328 21.60 21.11 20.05
C ASP F 328 21.09 21.71 18.74
N THR F 329 19.86 22.21 18.76
CA THR F 329 19.15 22.37 17.51
C THR F 329 19.59 23.61 16.75
N SER F 330 20.37 24.50 17.36
CA SER F 330 20.81 25.69 16.63
C SER F 330 21.80 25.33 15.51
N VAL F 331 22.91 24.72 15.89
CA VAL F 331 23.88 24.27 14.91
C VAL F 331 23.34 23.13 14.07
N ARG F 332 22.40 22.32 14.59
CA ARG F 332 21.82 21.32 13.72
C ARG F 332 20.91 21.92 12.65
N GLU F 333 20.25 23.05 12.97
CA GLU F 333 19.48 23.80 11.99
C GLU F 333 20.36 24.31 10.87
N SER F 334 21.50 24.90 11.23
CA SER F 334 22.37 25.43 10.17
C SER F 334 23.00 24.31 9.36
N ALA F 335 23.19 23.13 9.96
CA ALA F 335 23.73 22.01 9.18
C ALA F 335 22.70 21.48 8.18
N ILE F 336 21.43 21.43 8.58
CA ILE F 336 20.38 21.01 7.65
C ILE F 336 20.22 22.03 6.52
N PHE F 337 20.34 23.31 6.85
CA PHE F 337 20.33 24.36 5.85
C PHE F 337 21.49 24.22 4.87
N ALA F 338 22.67 23.88 5.39
CA ALA F 338 23.84 23.72 4.54
C ALA F 338 23.68 22.54 3.60
N LEU F 339 23.08 21.44 4.07
CA LEU F 339 22.87 20.29 3.20
C LEU F 339 21.87 20.60 2.10
N CYS F 340 20.78 21.28 2.44
CA CYS F 340 19.79 21.63 1.42
C CYS F 340 20.32 22.66 0.44
N GLU F 341 21.24 23.52 0.88
CA GLU F 341 21.86 24.46 -0.04
C GLU F 341 22.86 23.77 -0.93
N ARG F 342 23.48 22.70 -0.43
CA ARG F 342 24.41 21.94 -1.26
C ARG F 342 23.69 21.19 -2.35
N LEU F 343 22.54 20.59 -2.03
CA LEU F 343 21.83 19.81 -3.03
C LEU F 343 21.28 20.67 -4.15
N GLN F 344 20.63 21.76 -3.82
CA GLN F 344 20.13 22.71 -4.81
C GLN F 344 20.02 24.09 -4.18
N PRO F 345 20.89 25.02 -4.55
CA PRO F 345 20.90 26.31 -3.86
C PRO F 345 19.73 27.18 -4.24
N GLY F 346 19.35 28.07 -3.32
CA GLY F 346 18.36 29.08 -3.59
C GLY F 346 16.92 28.67 -3.36
N ILE F 347 16.67 27.43 -2.95
CA ILE F 347 15.30 26.96 -2.76
C ILE F 347 14.89 27.04 -1.30
N VAL F 348 15.68 26.49 -0.40
CA VAL F 348 15.36 26.53 1.03
C VAL F 348 15.61 27.92 1.55
N GLN F 349 14.59 28.52 2.16
CA GLN F 349 14.70 29.86 2.68
C GLN F 349 15.09 29.88 4.15
N ASN F 350 14.60 28.92 4.91
CA ASN F 350 14.75 28.94 6.35
C ASN F 350 14.57 27.54 6.88
N VAL F 351 15.35 27.20 7.90
CA VAL F 351 15.25 25.93 8.59
C VAL F 351 15.05 26.21 10.07
N HIS F 352 14.09 25.53 10.68
CA HIS F 352 13.81 25.74 12.08
C HIS F 352 13.54 24.40 12.75
N ILE F 353 14.21 24.15 13.86
CA ILE F 353 13.87 23.02 14.71
C ILE F 353 13.32 23.59 16.00
N PRO F 354 12.02 23.53 16.23
CA PRO F 354 11.45 24.09 17.45
C PRO F 354 11.72 23.23 18.65
N TYR F 355 11.49 23.82 19.82
CA TYR F 355 11.59 23.11 21.09
C TYR F 355 10.60 21.96 21.14
N CYS F 356 9.43 22.15 20.55
CA CYS F 356 8.38 21.16 20.59
C CYS F 356 8.69 19.88 19.86
N MET F 357 9.56 19.92 18.85
CA MET F 357 9.66 18.72 18.03
C MET F 357 10.49 17.66 18.71
N THR F 358 11.80 17.89 18.82
CA THR F 358 12.77 17.41 19.83
C THR F 358 14.17 17.87 19.42
N ASP F 359 15.17 17.41 20.17
CA ASP F 359 16.55 17.61 19.76
C ASP F 359 16.85 16.95 18.42
N TRP F 360 16.57 15.65 18.31
CA TRP F 360 16.97 14.88 17.14
C TRP F 360 15.79 14.28 16.38
N GLY F 361 14.56 14.71 16.64
CA GLY F 361 13.43 14.00 16.09
C GLY F 361 12.76 14.72 14.95
N GLY F 362 12.90 16.03 14.88
CA GLY F 362 12.15 16.76 13.88
C GLY F 362 12.87 17.97 13.36
N CYS F 363 12.36 18.49 12.25
CA CYS F 363 12.80 19.76 11.69
C CYS F 363 11.71 20.28 10.78
N ILE F 364 11.76 21.59 10.53
CA ILE F 364 10.86 22.25 9.59
C ILE F 364 11.71 23.06 8.62
N ILE F 365 11.57 22.79 7.34
CA ILE F 365 12.25 23.57 6.32
C ILE F 365 11.20 24.37 5.56
N GLN F 366 11.62 25.48 4.99
CA GLN F 366 10.74 26.37 4.28
C GLN F 366 11.31 26.62 2.90
N VAL F 367 10.60 26.17 1.87
CA VAL F 367 11.11 26.23 0.51
C VAL F 367 10.33 27.28 -0.27
N LYS F 368 10.94 27.73 -1.36
CA LYS F 368 10.31 28.67 -2.27
C LYS F 368 10.63 28.26 -3.70
N LYS F 369 9.62 27.86 -4.44
CA LYS F 369 9.79 27.38 -5.79
C LYS F 369 9.76 28.57 -6.74
N ARG F 370 10.84 28.75 -7.49
CA ARG F 370 10.95 29.91 -8.36
C ARG F 370 10.35 29.63 -9.74
N ASN F 371 10.39 28.38 -10.19
CA ASN F 371 9.79 28.03 -11.46
C ASN F 371 9.34 26.58 -11.41
N GLN F 372 8.80 26.12 -12.54
CA GLN F 372 8.19 24.80 -12.61
C GLN F 372 9.23 23.70 -12.49
N ILE F 373 10.47 23.98 -12.87
CA ILE F 373 11.54 22.98 -12.82
C ILE F 373 11.97 22.70 -11.40
N GLU F 374 11.71 23.61 -10.46
CA GLU F 374 12.04 23.39 -9.07
C GLU F 374 10.92 22.69 -8.30
N GLU F 375 9.84 22.33 -8.97
CA GLU F 375 8.77 21.62 -8.30
C GLU F 375 9.18 20.18 -8.08
N GLY F 376 9.17 19.76 -6.83
CA GLY F 376 9.59 18.43 -6.45
C GLY F 376 10.87 18.41 -5.66
N TRP F 377 11.57 19.53 -5.56
CA TRP F 377 12.83 19.54 -4.84
C TRP F 377 12.63 19.42 -3.34
N GLN F 378 11.45 19.77 -2.85
CA GLN F 378 11.19 19.64 -1.43
C GLN F 378 11.10 18.17 -1.02
N ARG F 379 10.74 17.28 -1.95
CA ARG F 379 10.72 15.87 -1.60
C ARG F 379 12.12 15.27 -1.55
N ASN F 380 13.00 15.72 -2.45
CA ASN F 380 14.41 15.39 -2.34
C ASN F 380 15.00 15.90 -1.05
N PHE F 381 14.61 17.10 -0.65
CA PHE F 381 15.13 17.68 0.58
C PHE F 381 14.65 16.89 1.79
N LEU F 382 13.37 16.50 1.80
CA LEU F 382 12.84 15.75 2.94
C LEU F 382 13.47 14.37 3.03
N ALA F 383 13.64 13.70 1.89
CA ALA F 383 14.26 12.37 1.90
C ALA F 383 15.72 12.45 2.32
N ALA F 384 16.44 13.47 1.85
CA ALA F 384 17.85 13.62 2.19
C ALA F 384 18.02 13.98 3.66
N ILE F 385 17.12 14.80 4.20
CA ILE F 385 17.20 15.18 5.60
C ILE F 385 16.90 13.97 6.49
N LEU F 386 15.89 13.19 6.13
CA LEU F 386 15.53 12.04 6.94
C LEU F 386 16.58 10.93 6.83
N ALA F 387 17.27 10.85 5.70
CA ALA F 387 18.29 9.81 5.57
C ALA F 387 19.59 10.23 6.24
N CYS F 388 19.93 11.51 6.19
CA CYS F 388 21.21 11.95 6.71
C CYS F 388 21.14 12.45 8.15
N SER F 389 20.18 12.00 8.95
CA SER F 389 20.07 12.49 10.31
C SER F 389 19.96 11.38 11.36
N GLN F 390 19.88 10.12 10.93
CA GLN F 390 19.82 8.95 11.81
C GLN F 390 18.69 9.02 12.83
N GLY F 391 17.46 8.85 12.38
CA GLY F 391 16.38 8.74 13.32
C GLY F 391 15.60 10.01 13.54
N MET F 392 15.72 10.97 12.65
CA MET F 392 14.74 12.04 12.61
C MET F 392 13.41 11.45 12.25
N ARG F 393 12.39 11.71 13.05
CA ARG F 393 11.12 11.04 12.86
C ARG F 393 10.14 11.84 12.02
N LEU F 394 10.30 13.16 11.93
CA LEU F 394 9.28 13.99 11.32
C LEU F 394 9.91 15.21 10.68
N ALA F 395 9.95 15.25 9.36
CA ALA F 395 10.43 16.43 8.66
C ALA F 395 9.28 17.03 7.88
N ILE F 396 9.11 18.34 7.99
CA ILE F 396 7.98 19.04 7.39
C ILE F 396 8.52 20.14 6.49
N ALA F 397 8.07 20.16 5.24
CA ALA F 397 8.40 21.22 4.30
C ALA F 397 7.18 22.10 4.11
N VAL F 398 7.36 23.40 4.29
CA VAL F 398 6.27 24.36 4.14
C VAL F 398 6.68 25.41 3.13
N SER F 399 5.70 26.17 2.66
CA SER F 399 5.97 27.21 1.68
C SER F 399 6.39 28.49 2.39
N GLU F 400 6.59 29.54 1.60
CA GLU F 400 7.22 30.75 2.11
C GLU F 400 6.24 31.76 2.69
N ASP F 401 4.93 31.51 2.61
CA ASP F 401 3.95 32.39 3.23
C ASP F 401 3.54 31.90 4.61
N VAL F 402 4.39 31.12 5.25
CA VAL F 402 4.12 30.52 6.54
C VAL F 402 5.09 31.11 7.55
N ASP F 403 4.60 31.33 8.76
CA ASP F 403 5.47 31.68 9.88
C ASP F 403 6.06 30.39 10.40
N ILE F 404 7.37 30.20 10.20
CA ILE F 404 8.00 28.94 10.53
C ILE F 404 8.19 28.77 12.03
N TYR F 405 8.10 29.85 12.80
CA TYR F 405 8.33 29.78 14.24
C TYR F 405 7.06 29.55 15.03
N SER F 406 5.92 29.51 14.39
CA SER F 406 4.64 29.29 15.05
C SER F 406 4.17 27.89 14.73
N MET F 407 3.94 27.08 15.76
CA MET F 407 3.49 25.72 15.53
C MET F 407 2.02 25.68 15.17
N ASP F 408 1.29 26.74 15.48
CA ASP F 408 -0.08 26.86 15.02
C ASP F 408 -0.13 27.01 13.50
N ASP F 409 0.81 27.76 12.93
CA ASP F 409 0.84 27.94 11.49
C ASP F 409 1.26 26.66 10.79
N ILE F 410 2.14 25.89 11.43
CA ILE F 410 2.52 24.59 10.90
C ILE F 410 1.35 23.62 10.95
N MET F 411 0.55 23.68 12.03
CA MET F 411 -0.62 22.81 12.12
C MET F 411 -1.67 23.22 11.10
N TRP F 412 -1.74 24.51 10.79
CA TRP F 412 -2.63 24.97 9.73
C TRP F 412 -2.20 24.45 8.37
N CYS F 413 -0.90 24.40 8.12
CA CYS F 413 -0.41 23.83 6.88
C CYS F 413 -0.62 22.32 6.83
N LEU F 414 -0.56 21.66 7.99
CA LEU F 414 -0.85 20.24 8.02
C LEU F 414 -2.32 19.96 7.76
N THR F 415 -3.20 20.86 8.19
CA THR F 415 -4.62 20.66 7.96
C THR F 415 -4.99 20.94 6.51
N THR F 416 -4.46 22.02 5.93
CA THR F 416 -5.00 22.49 4.67
C THR F 416 -4.16 22.15 3.46
N ARG F 417 -2.89 21.78 3.61
CA ARG F 417 -2.01 21.68 2.47
C ARG F 417 -1.41 20.30 2.27
N VAL F 418 -1.88 19.28 2.98
CA VAL F 418 -1.31 17.95 2.90
C VAL F 418 -2.33 17.01 2.27
N ASN F 419 -1.96 16.43 1.14
CA ASN F 419 -2.67 15.28 0.59
C ASN F 419 -2.22 14.05 1.35
N PRO F 420 -3.10 13.37 2.08
CA PRO F 420 -2.64 12.22 2.88
C PRO F 420 -2.26 11.01 2.06
N GLN F 421 -2.56 11.00 0.76
CA GLN F 421 -2.23 9.85 -0.06
C GLN F 421 -0.86 10.03 -0.72
N THR F 422 -0.48 11.27 -1.04
CA THR F 422 0.75 11.51 -1.76
C THR F 422 1.81 12.28 -0.98
N ASP F 423 1.43 13.09 0.00
CA ASP F 423 2.37 14.03 0.59
C ASP F 423 2.95 13.53 1.91
N ILE F 424 2.79 12.26 2.24
CA ILE F 424 3.43 11.67 3.41
C ILE F 424 4.51 10.73 2.92
N LEU F 425 5.75 11.04 3.22
CA LEU F 425 6.89 10.24 2.80
C LEU F 425 7.33 9.35 3.93
N ASN F 426 7.58 8.08 3.62
CA ASN F 426 8.14 7.12 4.56
C ASN F 426 9.37 6.52 3.90
N PRO F 427 10.49 7.23 3.92
CA PRO F 427 11.58 6.89 2.98
C PRO F 427 12.36 5.64 3.34
N LEU F 428 12.70 5.45 4.60
CA LEU F 428 13.66 4.43 5.01
C LEU F 428 13.12 3.53 6.12
N PRO F 429 12.12 2.70 5.84
CA PRO F 429 11.63 1.76 6.86
C PRO F 429 12.65 0.66 7.09
N GLY F 430 13.03 0.48 8.35
CA GLY F 430 14.04 -0.48 8.69
C GLY F 430 15.44 0.06 8.76
N GLY F 431 15.61 1.38 8.69
CA GLY F 431 16.91 2.00 8.84
C GLY F 431 17.32 2.13 10.29
N ARG F 432 18.26 3.02 10.53
CA ARG F 432 18.73 3.30 11.87
C ARG F 432 17.92 4.42 12.50
N GLY F 433 17.53 4.21 13.74
CA GLY F 433 16.80 5.21 14.48
C GLY F 433 17.50 5.59 15.75
N GLN F 434 16.82 6.32 16.63
CA GLN F 434 17.35 6.69 17.93
C GLN F 434 16.60 5.88 18.99
N THR F 435 17.36 5.13 19.80
CA THR F 435 16.73 4.18 20.72
C THR F 435 16.01 4.88 21.87
N PHE F 436 16.29 6.16 22.08
CA PHE F 436 15.66 6.86 23.19
C PHE F 436 14.24 7.30 22.90
N MET F 437 13.73 7.06 21.71
CA MET F 437 12.32 7.26 21.43
C MET F 437 11.56 5.99 21.79
N PRO F 438 10.55 6.07 22.66
CA PRO F 438 9.83 4.85 23.07
C PRO F 438 8.94 4.28 21.99
N ALA F 439 8.73 5.04 20.92
CA ALA F 439 8.08 4.48 19.73
C ALA F 439 8.95 3.40 19.09
N GLU F 440 10.26 3.44 19.34
CA GLU F 440 11.12 2.33 18.93
C GLU F 440 11.22 1.25 20.00
N ARG F 441 10.85 1.57 21.24
CA ARG F 441 10.62 0.51 22.22
C ARG F 441 9.42 -0.34 21.85
N MET F 442 8.42 0.27 21.22
CA MET F 442 7.26 -0.49 20.75
C MET F 442 7.64 -1.49 19.66
N THR F 443 8.75 -1.28 18.98
CA THR F 443 9.19 -2.19 17.94
C THR F 443 10.21 -3.21 18.44
N SER F 444 10.77 -3.02 19.64
CA SER F 444 11.71 -4.00 20.17
C SER F 444 10.99 -5.24 20.69
N GLY F 445 9.74 -5.07 21.12
CA GLY F 445 8.95 -6.19 21.60
C GLY F 445 9.37 -6.59 23.00
N ASP F 446 9.43 -7.89 23.25
CA ASP F 446 9.86 -8.38 24.56
C ASP F 446 11.35 -8.67 24.61
N LYS F 447 12.10 -8.27 23.58
CA LYS F 447 13.54 -8.23 23.70
C LYS F 447 13.96 -6.99 24.51
N GLN F 448 15.27 -6.83 24.65
CA GLN F 448 15.81 -5.73 25.45
C GLN F 448 15.66 -4.42 24.69
N TRP F 449 15.25 -3.35 25.39
CA TRP F 449 15.18 -2.05 24.75
C TRP F 449 16.59 -1.48 24.62
N THR F 450 17.32 -1.94 23.62
CA THR F 450 18.64 -1.42 23.28
C THR F 450 18.62 -1.03 21.81
N ALA F 451 19.73 -0.49 21.32
CA ALA F 451 19.81 -0.11 19.91
C ALA F 451 19.98 -1.32 19.01
N SER F 452 20.32 -2.47 19.59
CA SER F 452 20.48 -3.69 18.80
C SER F 452 19.15 -4.35 18.47
N ASN F 453 18.08 -3.98 19.17
CA ASN F 453 16.81 -4.67 19.01
C ASN F 453 15.70 -3.78 18.46
N THR F 454 15.88 -2.47 18.41
CA THR F 454 14.83 -1.60 17.90
C THR F 454 14.72 -1.71 16.39
N GLN F 455 13.55 -1.39 15.87
CA GLN F 455 13.29 -1.39 14.44
C GLN F 455 12.67 -0.05 14.07
N PHE F 456 13.37 0.72 13.24
CA PHE F 456 12.90 2.04 12.87
C PHE F 456 11.72 1.94 11.91
N GLU F 457 10.71 2.75 12.16
CA GLU F 457 9.51 2.75 11.33
C GLU F 457 9.68 3.53 10.05
N GLY F 458 10.72 4.34 9.94
CA GLY F 458 11.10 4.91 8.67
C GLY F 458 11.06 6.42 8.59
N GLY F 459 10.55 7.10 9.60
CA GLY F 459 10.44 8.53 9.51
C GLY F 459 9.22 8.96 8.71
N MET F 460 8.91 10.24 8.83
CA MET F 460 7.69 10.78 8.24
C MET F 460 8.02 12.12 7.60
N GLY F 461 8.10 12.13 6.28
CA GLY F 461 8.33 13.38 5.60
C GLY F 461 7.04 13.94 5.06
N ILE F 462 6.65 15.12 5.54
CA ILE F 462 5.36 15.69 5.19
C ILE F 462 5.59 16.89 4.28
N ASP F 463 5.10 16.79 3.06
CA ASP F 463 5.21 17.85 2.08
C ASP F 463 3.95 18.71 2.18
N ALA F 464 4.02 19.77 2.98
CA ALA F 464 2.91 20.69 3.12
C ALA F 464 3.10 21.94 2.29
N THR F 465 3.76 21.82 1.15
CA THR F 465 4.01 22.99 0.32
C THR F 465 2.89 23.18 -0.69
N VAL F 466 2.81 24.41 -1.19
CA VAL F 466 1.89 24.76 -2.27
C VAL F 466 2.50 24.25 -3.57
N PRO F 467 1.74 23.57 -4.42
CA PRO F 467 2.24 23.22 -5.75
C PRO F 467 2.49 24.47 -6.58
N TYR F 468 3.50 24.41 -7.44
CA TYR F 468 3.84 25.57 -8.25
C TYR F 468 2.76 25.82 -9.29
N GLY F 469 2.44 27.08 -9.49
CA GLY F 469 1.37 27.46 -10.39
C GLY F 469 0.00 27.47 -9.77
N TYR F 470 -0.11 27.10 -8.50
CA TYR F 470 -1.38 27.17 -7.76
C TYR F 470 -1.24 28.12 -6.59
N GLU F 471 -0.45 29.17 -6.75
CA GLU F 471 -0.27 30.13 -5.69
C GLU F 471 -1.47 31.05 -5.57
N SER F 472 -2.27 31.16 -6.64
CA SER F 472 -3.48 31.96 -6.57
C SER F 472 -4.57 31.24 -5.81
N ASP F 473 -4.64 29.92 -5.94
CA ASP F 473 -5.68 29.16 -5.25
C ASP F 473 -5.33 28.96 -3.79
N PHE F 474 -4.04 28.88 -3.48
CA PHE F 474 -3.56 28.72 -2.13
C PHE F 474 -3.10 30.04 -1.53
N HIS F 475 -3.71 31.14 -1.95
CA HIS F 475 -3.26 32.46 -1.53
C HIS F 475 -3.76 32.78 -0.14
N ARG F 476 -2.89 33.35 0.68
CA ARG F 476 -3.24 33.60 2.07
C ARG F 476 -3.88 34.99 2.21
N PRO F 477 -4.86 35.13 3.11
CA PRO F 477 -5.92 36.13 2.88
C PRO F 477 -5.67 37.50 3.46
N VAL F 478 -4.56 38.16 3.14
CA VAL F 478 -4.08 39.37 3.81
C VAL F 478 -5.11 40.50 3.97
N TYR F 479 -5.35 40.90 5.22
CA TYR F 479 -6.31 41.93 5.57
C TYR F 479 -5.63 43.30 5.56
N GLY F 480 -6.41 44.33 5.88
CA GLY F 480 -5.87 45.66 5.89
C GLY F 480 -5.37 46.12 7.25
N VAL F 481 -4.37 45.44 7.81
CA VAL F 481 -3.89 45.80 9.14
C VAL F 481 -2.96 47.00 9.16
N ASP F 482 -2.55 47.49 7.99
CA ASP F 482 -1.74 48.69 7.90
C ASP F 482 -2.45 49.81 7.16
N LEU F 483 -3.69 49.57 6.72
CA LEU F 483 -4.51 50.62 6.12
C LEU F 483 -5.27 51.43 7.15
N VAL F 484 -5.38 50.93 8.38
CA VAL F 484 -6.14 51.59 9.43
C VAL F 484 -5.24 51.72 10.65
N LYS F 485 -5.34 52.86 11.34
CA LYS F 485 -4.56 53.09 12.53
C LYS F 485 -5.46 53.07 13.76
N PRO F 486 -5.19 52.19 14.73
CA PRO F 486 -6.05 52.13 15.91
C PRO F 486 -5.90 53.32 16.84
N GLU F 487 -4.86 54.14 16.65
CA GLU F 487 -4.66 55.28 17.52
C GLU F 487 -5.68 56.38 17.23
N ASN F 488 -6.28 56.36 16.06
CA ASN F 488 -7.39 57.27 15.77
C ASN F 488 -8.62 56.89 16.56
N PHE F 489 -8.96 55.59 16.55
CA PHE F 489 -10.27 55.18 17.06
C PHE F 489 -10.28 55.08 18.58
N PHE F 490 -9.20 54.57 19.18
CA PHE F 490 -9.17 54.34 20.60
C PHE F 490 -8.02 55.12 21.23
N ASP F 491 -8.04 55.23 22.54
CA ASP F 491 -6.94 55.83 23.27
C ASP F 491 -5.85 54.80 23.54
N ALA F 492 -4.88 55.18 24.38
CA ALA F 492 -3.81 54.25 24.71
C ALA F 492 -4.31 53.14 25.64
N LYS F 493 -5.25 53.46 26.52
CA LYS F 493 -5.68 52.51 27.55
C LYS F 493 -6.48 51.37 26.94
N ASP F 494 -7.40 51.69 26.02
CA ASP F 494 -8.15 50.64 25.34
C ASP F 494 -7.23 49.80 24.46
N ILE F 495 -6.23 50.44 23.85
CA ILE F 495 -5.34 49.73 22.93
C ILE F 495 -4.49 48.73 23.68
N ASP F 496 -3.84 49.13 24.78
CA ASP F 496 -3.00 48.15 25.46
C ASP F 496 -3.84 47.18 26.30
N LYS F 497 -5.06 47.57 26.67
CA LYS F 497 -5.97 46.60 27.30
C LYS F 497 -6.36 45.50 26.32
N MET F 498 -6.58 45.84 25.05
CA MET F 498 -6.89 44.81 24.08
C MET F 498 -5.65 44.05 23.65
N LYS F 499 -4.49 44.70 23.69
CA LYS F 499 -3.26 44.03 23.27
C LYS F 499 -2.75 43.07 24.34
N SER F 500 -3.15 43.28 25.60
CA SER F 500 -2.66 42.41 26.65
C SER F 500 -3.35 41.05 26.64
N ARG F 501 -4.45 40.93 25.92
CA ARG F 501 -5.20 39.67 25.94
C ARG F 501 -4.80 38.76 24.81
N MET F 502 -4.08 39.28 23.83
CA MET F 502 -3.71 38.47 22.66
C MET F 502 -2.46 37.65 22.97
N ALA F 503 -2.45 36.40 22.48
CA ALA F 503 -1.34 35.49 22.72
C ALA F 503 -1.28 34.39 21.67
N GLY F 504 -0.13 34.18 21.07
CA GLY F 504 0.07 33.04 20.20
C GLY F 504 -0.15 33.28 18.73
N TRP F 505 -1.08 32.52 18.15
CA TRP F 505 -1.27 32.58 16.71
C TRP F 505 -1.95 33.88 16.31
N VAL F 506 -2.72 34.46 17.23
CA VAL F 506 -3.28 35.79 16.96
C VAL F 506 -2.20 36.84 16.95
N LEU F 507 -1.13 36.64 17.74
CA LEU F 507 0.00 37.56 17.71
C LEU F 507 0.78 37.41 16.40
N SER F 508 0.84 36.18 15.88
CA SER F 508 1.49 35.98 14.58
C SER F 508 0.63 36.54 13.46
N LEU F 509 -0.69 36.44 13.56
CA LEU F 509 -1.55 36.81 12.46
C LEU F 509 -1.83 38.30 12.43
N ALA F 510 -1.85 38.95 13.59
CA ALA F 510 -2.17 40.37 13.64
C ALA F 510 -1.04 41.23 13.02
N ARG F 511 0.55 40.70 13.11
CA ARG F 511 1.72 41.32 12.44
C ARG F 511 1.60 41.20 10.93
N THR F 512 1.25 40.01 10.46
CA THR F 512 1.23 39.73 9.03
C THR F 512 -0.08 40.10 8.36
N GLY F 513 -1.18 40.16 9.11
CA GLY F 513 -2.45 40.49 8.52
C GLY F 513 -3.18 39.36 7.84
N ARG F 514 -2.67 38.14 7.94
CA ARG F 514 -3.26 37.01 7.24
C ARG F 514 -4.03 36.08 8.17
N1A BYC G . 16.44 30.13 -13.73
O1A BYC G . 12.38 27.55 -21.40
P1A BYC G . 11.12 27.70 -20.69
C1B BYC G . 22.98 14.75 -21.34
C1D BYC G . 11.96 30.47 -16.04
S1P BYC G . 22.75 16.03 -20.10
C2A BYC G . 15.42 30.94 -13.47
O2A BYC G . 10.24 28.56 -21.45
P2A BYC G . 10.97 24.91 -21.09
C2B BYC G . 24.15 13.75 -21.06
C2D BYC G . 11.92 31.35 -16.99
O2D BYC G . 11.29 32.59 -16.48
C2P BYC G . 21.53 17.16 -20.84
N3A BYC G . 14.34 30.89 -14.17
O3A BYC G . 10.43 26.25 -20.49
C3B BYC G . 24.82 13.17 -22.12
C3D BYC G . 11.04 30.75 -18.09
O3D BYC G . 10.23 31.71 -18.59
P3D BYC G . 10.85 32.67 -19.79
C3P BYC G . 20.17 16.98 -20.11
C4A BYC G . 14.22 30.02 -15.17
O4A BYC G . 10.76 24.91 -22.59
C4B BYC G . 25.85 12.29 -21.89
C4D BYC G . 10.20 29.63 -17.41
O4D BYC G . 10.74 29.41 -16.26
N4P BYC G . 19.18 18.07 -20.47
O57 BYC G . 23.18 15.35 -22.54
O5A BYC G . 10.20 23.70 -20.43
C5B BYC G . 26.21 11.96 -20.63
C5D BYC G . 10.29 28.28 -18.25
O5D BYC G . 11.39 28.37 -19.16
C5M BYC G . 15.25 29.17 -15.47
C5P BYC G . 17.80 17.88 -19.92
O5P BYC G . 17.60 16.94 -19.25
C6A BYC G . 16.40 29.24 -14.70
N6A BYC G . 17.55 28.35 -14.98
O6A BYC G . 12.63 24.75 -20.75
C6B BYC G . 25.54 12.51 -19.57
C6P BYC G . 16.68 18.88 -20.16
N7A BYC G . 14.86 28.43 -16.50
O7A BYC G . 9.73 33.06 -20.76
C7B BYC G . 24.51 13.41 -19.80
C7P BYC G . 16.49 19.37 -21.59
C8A BYC G . 13.64 28.80 -16.83
O8A BYC G . 11.44 33.89 -19.18
N8P BYC G . 15.89 20.74 -21.56
N9A BYC G . 13.25 29.77 -16.03
O9A BYC G . 11.88 31.92 -20.51
C9P BYC G . 14.46 20.91 -21.32
O9P BYC G . 13.80 19.99 -21.19
CAP BYC G . 13.85 22.26 -21.30
OAP BYC G . 14.30 22.97 -22.40
CBP BYC G . 14.21 23.08 -20.00
CCP BYC G . 12.99 23.96 -19.61
CDP BYC G . 15.49 24.00 -20.27
CEP BYC G . 14.52 22.14 -18.80
C1 BYN H . 25.17 18.65 -19.67
N1 BYN H . 24.91 18.98 -21.02
C2 BYN H . 25.36 18.17 -22.03
C3 BYN H . 26.13 16.93 -21.73
C4 BYN H . 26.36 16.65 -20.35
N2 BYN H . 25.86 17.53 -19.36
N3 BYN H . 26.62 16.02 -22.72
C5 BYN H . 27.74 15.16 -22.42
C6 BYN H . 27.97 14.88 -20.95
N4 BYN H . 27.12 15.46 -19.86
C7 BYN H . 28.53 14.60 -23.37
C8 BYN H . 29.71 13.70 -22.88
C9 BYN H . 29.88 13.48 -21.51
C10 BYN H . 29.02 14.05 -20.57
C11 BYN H . 25.96 15.82 -23.98
C12 BYN H . 26.66 15.03 -25.03
C13 BYN H . 28.16 14.99 -24.87
O1 BYN H . 24.71 19.49 -18.64
C14 BYN H . 31.00 12.61 -20.93
C15 BYN H . 30.76 12.97 -23.73
C16 BYN H . 28.45 14.12 -26.10
C17 BYN H . 28.78 16.36 -25.16
C18 BYN H . 27.50 15.27 -18.43
O3 BYN H . 25.02 18.63 -23.30
C19 BYN H . 28.54 16.31 -17.91
C20 BYN H . 28.28 16.42 -16.43
C21 BYN H . 27.18 17.45 -16.23
C22 BYN H . 27.17 17.86 -14.76
O4 BYN H . 29.82 15.87 -18.09
O5 BYN H . 29.48 16.83 -15.86
O6 BYN H . 27.44 18.57 -16.99
O7 BYN H . 28.48 18.23 -14.44
P1 BYN H . 28.64 19.17 -13.12
O8 BYN H . 27.75 20.31 -13.19
O9 BYN H . 29.95 19.70 -12.87
O10 BYN H . 28.26 18.50 -11.90
FE FE I . 30.94 21.21 -11.95
FE FE J . 17.62 -8.31 2.08
CA CA K . 31.96 2.83 -13.92
K K L . 31.95 17.66 -13.44
N1A BYC M . 1.39 -36.85 2.36
O1A BYC M . 7.78 -35.16 8.54
P1A BYC M . 6.76 -34.45 9.28
C1B BYC M . 17.05 -29.88 -4.21
C1D BYC M . 1.83 -35.67 7.25
S1P BYC M . 15.34 -30.43 -4.20
C2A BYC M . 0.48 -36.94 3.33
O2A BYC M . 6.70 -34.95 10.63
P2A BYC M . 8.41 -32.23 8.72
C2B BYC M . 17.66 -29.55 -5.62
C2D BYC M . 2.17 -36.66 8.01
O2D BYC M . 0.96 -37.20 8.67
C2P BYC M . 15.04 -30.99 -2.50
N3A BYC M . 0.77 -36.59 4.53
O3A BYC M . 7.10 -32.87 9.31
C3B BYC M . 19.00 -29.74 -5.84
C3D BYC M . 3.10 -36.09 9.07
O3D BYC M . 2.81 -36.63 10.26
P3D BYC M . 3.51 -38.08 10.63
C3P BYC M . 14.13 -29.95 -1.78
C4A BYC M . 1.98 -36.13 4.84
O4A BYC M . 9.58 -32.59 9.61
C4B BYC M . 19.55 -29.45 -7.08
C4D BYC M . 2.85 -34.55 9.08
O4D BYC M . 2.17 -34.28 8.03
N4P BYC M . 13.61 -30.46 -0.46
O57 BYC M . 17.81 -30.84 -3.61
O5A BYC M . 8.23 -30.67 8.67
C5B BYC M . 18.77 -28.97 -8.07
C5D BYC M . 4.22 -33.75 8.99
O5D BYC M . 5.25 -34.65 8.54
C5M BYC M . 2.94 -36.04 3.87
C5P BYC M . 12.85 -29.47 0.36
O5P BYC M . 12.72 -28.38 -0.08
C6A BYC M . 2.61 -36.42 2.59
N6A BYC M . 3.60 -36.33 1.49
O6A BYC M . 8.69 -32.79 7.15
C6B BYC M . 17.43 -28.76 -7.85
C6P BYC M . 12.24 -29.81 1.71
N7A BYC M . 4.04 -35.56 4.45
O7A BYC M . 3.80 -38.16 12.13
C7B BYC M . 16.88 -29.07 -6.62
C7P BYC M . 13.13 -30.56 2.69
C8A BYC M . 3.78 -35.37 5.72
O8A BYC M . 2.59 -39.18 10.24
N8P BYC M . 12.26 -31.38 3.59
N9A BYC M . 2.52 -35.72 5.97
O9A BYC M . 4.78 -38.20 9.88
C9P BYC M . 11.57 -30.74 4.71
O9P BYC M . 11.72 -29.62 4.91
CAP BYC M . 10.71 -31.53 5.64
OAP BYC M . 11.39 -32.68 6.01
CBP BYC M . 9.34 -31.97 4.97
CCP BYC M . 8.24 -31.98 6.06
CDP BYC M . 9.49 -33.44 4.34
CEP BYC M . 8.90 -30.98 3.86
C1 BYN N . 14.41 -33.62 -5.59
N1 BYN N . 15.29 -34.17 -4.63
C2 BYN N . 16.63 -34.05 -4.76
C3 BYN N . 17.21 -33.33 -5.93
C4 BYN N . 16.29 -32.78 -6.87
N2 BYN N . 14.90 -32.94 -6.65
N3 BYN N . 18.63 -33.13 -6.16
C5 BYN N . 19.12 -32.88 -7.48
C6 BYN N . 18.11 -32.31 -8.47
N4 BYN N . 16.70 -32.02 -8.10
C7 BYN N . 20.40 -33.11 -7.86
C8 BYN N . 20.78 -32.79 -9.34
C9 BYN N . 19.81 -32.28 -10.20
C10 BYN N . 18.51 -32.02 -9.77
C11 BYN N . 19.57 -33.03 -5.06
C12 BYN N . 21.01 -33.06 -5.40
C13 BYN N . 21.34 -33.71 -6.72
O1 BYN N . 13.03 -33.75 -5.44
C14 BYN N . 20.09 -31.92 -11.67
C15 BYN N . 22.14 -32.98 -10.03
C16 BYN N . 22.86 -33.52 -6.64
C17 BYN N . 21.09 -35.22 -6.66
C18 BYN N . 15.72 -31.61 -9.14
O3 BYN N . 17.36 -34.66 -3.75
C19 BYN N . 15.08 -32.79 -9.92
C20 BYN N . 13.73 -32.30 -10.38
C21 BYN N . 12.74 -32.54 -9.25
C22 BYN N . 11.34 -32.41 -9.81
O4 BYN N . 15.82 -33.12 -11.03
O5 BYN N . 13.41 -33.05 -11.51
O6 BYN N . 12.91 -33.82 -8.75
O7 BYN N . 11.27 -33.26 -10.92
P1 BYN N . 9.76 -33.69 -11.39
O8 BYN N . 9.02 -34.21 -10.26
O9 BYN N . 9.68 -34.69 -12.42
O10 BYN N . 8.97 -32.58 -11.87
FE FE O . 8.48 -36.10 -13.20
FE FE P . 7.48 -1.17 -18.09
CA CA Q . 19.37 -22.23 -18.83
K K R . 11.73 -34.17 -14.43
N1A BYC S . -4.56 -9.30 -35.49
O1A BYC S . -10.36 -2.36 -35.49
P1A BYC S . -9.23 -1.52 -35.11
C1B BYC S . -19.93 -11.87 -25.77
C1D BYC S . -4.57 -4.27 -35.92
S1P BYC S . -18.28 -12.20 -26.41
C2A BYC S . -3.61 -8.50 -35.93
O2A BYC S . -9.13 -0.41 -36.02
P2A BYC S . -10.70 -1.20 -32.72
C2B BYC S . -20.59 -13.05 -24.97
C2D BYC S . -4.95 -3.83 -37.08
O2D BYC S . -3.76 -3.51 -37.88
C2P BYC S . -17.92 -10.79 -27.51
N3A BYC S . -3.78 -7.22 -35.99
O3A BYC S . -9.41 -0.96 -33.60
C3B BYC S . -21.96 -13.19 -24.99
C3D BYC S . -5.76 -2.57 -36.82
O3D BYC S . -5.44 -1.64 -37.74
P3D BYC S . -6.24 -1.70 -39.19
C3P BYC S . -16.87 -9.86 -26.81
C4A BYC S . -4.92 -6.68 -35.57
O4A BYC S . -11.85 -0.36 -33.28
C4B BYC S . -22.56 -14.22 -24.28
C4D BYC S . -5.37 -2.09 -35.39
O4D BYC S . -4.73 -3.06 -34.84
N4P BYC S . -16.32 -8.83 -27.76
O57 BYC S . -20.73 -11.55 -26.83
O5A BYC S . -10.39 -0.76 -31.25
C5B BYC S . -21.80 -15.07 -23.55
C5D BYC S . -6.66 -1.79 -34.53
O5D BYC S . -7.80 -2.41 -35.16
C5M BYC S . -5.93 -7.48 -35.11
C5P BYC S . -15.41 -7.81 -27.13
O5P BYC S . -15.21 -7.89 -25.97
C6A BYC S . -5.72 -8.84 -35.07
N6A BYC S . -6.77 -9.76 -34.57
O6A BYC S . -11.13 -2.82 -32.74
C6B BYC S . -20.44 -14.92 -23.51
C6P BYC S . -14.75 -6.70 -27.93
N7A BYC S . -6.94 -6.68 -34.77
O7A BYC S . -6.44 -0.27 -39.72
C7B BYC S . -19.85 -13.90 -24.24
C7P BYC S . -15.63 -5.93 -28.90
C8A BYC S . -6.58 -5.44 -35.02
O8A BYC S . -5.46 -2.50 -40.16
N8P BYC S . -14.79 -5.42 -30.01
N9A BYC S . -5.35 -5.43 -35.51
O9A BYC S . -7.55 -2.32 -38.98
C9P BYC S . -13.98 -4.21 -29.82
O9P BYC S . -14.01 -3.66 -28.82
CAP BYC S . -13.13 -3.67 -30.93
OAP BYC S . -13.89 -3.63 -32.09
CBP BYC S . -11.86 -4.57 -31.22
CCP BYC S . -10.69 -3.64 -31.64
CDP BYC S . -12.17 -5.61 -32.39
CEP BYC S . -11.40 -5.34 -29.94
C1 BYN T . -17.74 -14.59 -29.03
N1 BYN T . -18.59 -13.79 -29.82
C2 BYN T . -19.92 -13.76 -29.56
C3 BYN T . -20.51 -14.57 -28.45
C4 BYN T . -19.60 -15.37 -27.70
N2 BYN T . -18.23 -15.34 -28.01
N3 BYN T . -21.92 -14.60 -28.11
C5 BYN T . -22.47 -15.72 -27.40
C6 BYN T . -21.48 -16.56 -26.62
N4 BYN T . -20.01 -16.25 -26.57
C7 BYN T . -23.79 -16.04 -27.42
C8 BYN T . -24.24 -17.29 -26.63
C9 BYN T . -23.28 -18.04 -25.92
C10 BYN T . -21.93 -17.67 -25.90
C11 BYN T . -22.76 -13.44 -28.31
C12 BYN T . -24.23 -13.64 -28.14
C13 BYN T . -24.70 -15.07 -28.31
O1 BYN T . -16.36 -14.62 -29.30
C14 BYN T . -23.62 -19.29 -25.10
C15 BYN T . -25.65 -17.88 -26.49
C16 BYN T . -26.18 -14.79 -28.05
C17 BYN T . -24.58 -15.51 -29.76
C18 BYN T . -19.08 -17.20 -25.90
O3 BYN T . -20.64 -12.92 -30.41
C19 BYN T . -18.61 -18.36 -26.80
C20 BYN T . -17.26 -18.77 -26.29
C21 BYN T . -16.21 -17.86 -26.93
C22 BYN T . -14.84 -18.48 -26.72
O4 BYN T . -19.44 -19.46 -26.71
O5 BYN T . -17.07 -20.09 -26.64
O6 BYN T . -16.46 -17.79 -28.29
O7 BYN T . -14.92 -19.80 -27.16
P1 BYN T . -13.49 -20.52 -27.52
O8 BYN T . -12.73 -19.68 -28.42
O9 BYN T . -13.57 -21.83 -28.13
O10 BYN T . -12.64 -20.69 -26.36
FE FE U . -12.55 -23.12 -29.30
FE FE V . -8.74 -16.74 5.21
CA CA W . -22.50 -23.04 -13.68
K K X . -15.69 -23.37 -26.86
N1A BYC Y . -14.50 -1.97 33.94
O1A BYC Y . -11.19 -10.40 33.72
P1A BYC Y . -9.89 -9.79 33.54
C1B BYC Y . -22.88 -13.42 22.29
C1D BYC Y . -10.17 -4.45 34.71
S1P BYC Y . -22.46 -11.87 23.09
C2A BYC Y . -13.40 -1.56 34.55
O2A BYC Y . -8.98 -10.31 34.54
P2A BYC Y . -10.03 -11.06 31.02
C2B BYC Y . -24.12 -13.37 21.33
C2D BYC Y . -10.10 -5.07 35.84
O2D BYC Y . -9.34 -4.25 36.81
C2P BYC Y . -21.19 -12.32 24.32
N3A BYC Y . -12.37 -2.32 34.66
O3A BYC Y . -9.31 -10.11 32.06
C3B BYC Y . -24.90 -14.50 21.18
C3D BYC Y . -9.35 -6.38 35.59
O3D BYC Y . -8.51 -6.61 36.59
P3D BYC Y . -9.11 -7.39 37.92
C3P BYC Y . -19.80 -11.81 23.82
C4A BYC Y . -12.39 -3.57 34.16
O4A BYC Y . -9.90 -12.50 31.49
C4B BYC Y . -26.00 -14.47 20.33
C4D BYC Y . -8.58 -6.17 34.24
O4D BYC Y . -9.06 -5.10 33.71
N4P BYC Y . -18.76 -11.90 24.90
O57 BYC Y . -23.10 -14.35 23.26
O5A BYC Y . -9.32 -10.89 29.62
C5B BYC Y . -26.31 -13.35 19.64
C5D BYC Y . -8.84 -7.38 33.25
O5D BYC Y . -9.99 -8.12 33.69
C5M BYC Y . -13.52 -4.02 33.51
C5P BYC Y . -17.36 -11.56 24.46
O5P BYC Y . -17.20 -11.26 23.33
C6A BYC Y . -14.60 -3.18 33.41
N6A BYC Y . -15.84 -3.61 32.73
O6A BYC Y . -11.65 -10.64 30.87
C6B BYC Y . -25.52 -12.23 19.78
C6P BYC Y . -16.17 -11.57 25.41
N7A BYC Y . -13.26 -5.26 33.12
O7A BYC Y . -8.02 -8.29 38.53
C7B BYC Y . -24.43 -12.25 20.64
C7P BYC Y . -16.04 -12.79 26.31
C8A BYC Y . -12.04 -5.58 33.49
O8A BYC Y . -9.55 -6.39 38.92
N8P BYC Y . -15.32 -12.37 27.56
N9A BYC Y . -11.51 -4.54 34.13
O9A BYC Y . -10.25 -8.22 37.52
C9P BYC Y . -13.87 -12.24 27.55
O9P BYC Y . -13.28 -12.46 26.59
CAP BYC Y . -13.12 -11.84 28.79
OAP BYC Y . -13.58 -12.61 29.84
CBP BYC Y . -13.32 -10.32 29.16
CCP BYC Y . -12.01 -9.79 29.78
CDP BYC Y . -14.53 -10.17 30.20
CEP BYC Y . -13.64 -9.46 27.90
C1 BYN Z . -24.61 -10.42 25.59
N1 BYN Z . -24.40 -11.61 26.31
C2 BYN Z . -24.98 -12.78 25.90
C3 BYN Z . -25.84 -12.82 24.69
C4 BYN Z . -26.01 -11.58 23.99
N2 BYN Z . -25.37 -10.42 24.47
N3 BYN Z . -26.49 -14.00 24.17
C5 BYN Z . -27.64 -13.88 23.34
C6 BYN Z . -27.82 -12.57 22.61
N4 BYN Z . -26.84 -11.43 22.76
C7 BYN Z . -28.55 -14.88 23.17
C8 BYN Z . -29.76 -14.60 22.24
C9 BYN Z . -29.87 -13.36 21.60
C10 BYN Z . -28.91 -12.37 21.78
C11 BYN Z . -25.91 -15.31 24.35
C12 BYN Z . -26.75 -16.48 23.99
C13 BYN Z . -28.24 -16.21 24.00
O1 BYN Z . -24.01 -9.23 26.01
C14 BYN Z . -31.02 -12.99 20.67
C15 BYN Z . -30.94 -15.54 21.89
C16 BYN Z . -28.68 -17.62 23.59
C17 BYN Z . -28.74 -16.00 25.42
C18 BYN Z . -27.15 -10.10 22.14
O3 BYN Z . -24.69 -13.87 26.72
C19 BYN Z . -28.04 -9.19 23.02
C20 BYN Z . -27.69 -7.78 22.64
C21 BYN Z . -26.48 -7.36 23.46
C22 BYN Z . -26.34 -5.85 23.38
O4 BYN Z . -29.38 -9.39 22.75
O5 BYN Z . -28.80 -7.01 22.92
O6 BYN Z . -26.69 -7.71 24.79
O7 BYN Z . -27.59 -5.31 23.72
P1 BYN Z . -27.57 -3.75 24.19
O8 BYN Z . -26.59 -3.54 25.23
O9 BYN Z . -28.83 -3.22 24.69
O10 BYN Z . -27.19 -2.84 23.14
FE FE AA . -29.60 -1.79 25.87
FE FE BA . -18.13 0.91 -7.38
CA CA CA . -32.41 -9.38 9.22
K K DA . -31.02 -4.23 23.07
N1A BYC EA . -31.17 19.24 -4.78
O1A BYC EA . -25.92 24.43 -10.02
P1A BYC EA . -25.69 23.25 -10.83
C1B BYC EA . -18.42 29.05 4.09
C1D BYC EA . -29.34 19.39 -9.48
S1P BYC EA . -19.73 27.83 3.83
C2A BYC EA . -31.56 18.55 -5.85
O2A BYC EA . -26.00 23.54 -12.21
P2A BYC EA . -23.04 23.56 -9.92
C2B BYC EA . -18.03 29.32 5.57
C2D BYC EA . -29.96 20.22 -10.28
O2D BYC EA . -30.93 19.48 -11.10
C2P BYC EA . -20.15 27.95 2.06
N3A BYC EA . -30.97 18.73 -6.99
O3A BYC EA . -24.15 22.77 -10.71
C3B BYC EA . -17.58 30.56 5.95
C3D BYC EA . -28.88 20.84 -11.17
O3D BYC EA . -29.35 20.93 -12.43
P3D BYC EA . -30.25 22.27 -12.81
C3P BYC EA . -19.58 26.71 1.32
C4A BYC EA . -29.96 19.58 -7.12
O4A BYC EA . -22.69 24.83 -10.69
C4B BYC EA . -17.21 30.81 7.26
C4D BYC EA . -27.66 19.87 -11.11
O4D BYC EA . -27.88 19.06 -10.13
N4P BYC EA . -20.12 26.60 -0.09
O57 BYC EA . -18.84 30.21 3.52
O5A BYC EA . -21.76 22.65 -9.78
C5B BYC EA . -17.28 29.82 8.18
C5D BYC EA . -26.33 20.67 -10.80
O5D BYC EA . -26.66 21.98 -10.29
C5M BYC EA . -29.54 20.31 -6.03
C5P BYC EA . -19.52 25.51 -0.92
O5P BYC EA . -18.70 24.82 -0.41
C6A BYC EA . -30.18 20.11 -4.82
N6A BYC EA . -29.77 20.86 -3.62
O6A BYC EA . -23.59 23.97 -8.37
C6B BYC EA . -17.72 28.58 7.81
C6P BYC EA . -19.95 25.23 -2.34
N7A BYC EA . -28.54 21.07 -6.44
O7A BYC EA . -29.99 22.67 -14.26
C7B BYC EA . -18.09 28.34 6.50
C7P BYC EA . -20.06 26.44 -3.26
C8A BYC EA . -28.34 20.84 -7.71
O8A BYC EA . -31.69 21.98 -12.60
N8P BYC EA . -21.08 26.14 -4.32
N9A BYC EA . -29.21 19.93 -8.14
O9A BYC EA . -29.84 23.37 -11.93
C9P BYC EA . -20.72 25.32 -5.46
O9P BYC EA . -19.66 24.91 -5.56
CAP BYC EA . -21.72 25.01 -6.54
OAP BYC EA . -22.34 26.20 -6.91
CBP BYC EA . -22.82 23.99 -6.08
CCP BYC EA . -23.22 23.11 -7.29
CDP BYC EA . -24.10 24.78 -5.54
CEP BYC EA . -22.30 23.04 -4.96
C1 BYN FA . -23.11 28.47 4.86
N1 BYN FA . -23.07 29.56 3.98
C2 BYN FA . -22.33 30.67 4.29
C3 BYN FA . -21.56 30.74 5.57
C4 BYN FA . -21.64 29.60 6.42
N2 BYN FA . -22.41 28.49 6.03
N3 BYN FA . -20.75 31.86 5.98
C5 BYN FA . -20.44 32.07 7.36
C6 BYN FA . -20.56 30.85 8.26
N4 BYN FA . -20.94 29.51 7.74
C7 BYN FA . -20.09 33.28 7.88
C8 BYN FA . -19.81 33.35 9.40
C9 BYN FA . -19.93 32.19 10.18
C10 BYN FA . -20.27 30.96 9.61
C11 BYN FA . -20.08 32.71 5.01
C12 BYN FA . -19.46 33.96 5.51
C13 BYN FA . -20.04 34.47 6.81
O1 BYN FA . -23.87 27.33 4.54
C14 BYN FA . -19.67 32.16 11.69
C15 BYN FA . -19.41 34.58 10.24
C16 BYN FA . -19.14 35.71 6.93
C17 BYN FA . -21.46 34.98 6.62
C18 BYN FA . -21.17 28.38 8.69
O3 BYN FA . -22.39 31.67 3.33
C19 BYN FA . -22.59 28.34 9.30
C20 BYN FA . -22.87 26.90 9.63
C21 BYN FA . -23.40 26.23 8.37
C22 BYN FA . -24.03 24.90 8.77
O4 BYN FA . -22.66 29.07 10.48
O5 BYN FA . -23.79 26.90 10.65
O6 BYN FA . -24.39 27.02 7.81
O7 BYN FA . -24.93 25.17 9.80
P1 BYN FA . -26.08 24.03 10.06
O8 BYN FA . -26.75 23.71 8.81
O9 BYN FA . -27.11 24.37 11.00
O10 BYN FA . -25.54 22.78 10.52
FE FE GA . -29.01 23.96 11.53
FE FE HA . 0.38 5.81 18.73
CA CA IA . -12.42 26.33 19.39
K K JA . -25.92 25.77 13.27
N1A BYC KA . 32.42 -1.25 17.70
O1A BYC KA . 27.33 -4.09 24.63
P1A BYC KA . 26.95 -5.19 23.79
C1B BYC KA . 21.21 11.38 24.94
C1D BYC KA . 30.31 -5.48 19.49
S1P BYC KA . 22.38 10.63 23.79
C2A BYC KA . 32.68 -2.51 17.38
O2A BYC KA . 27.18 -6.44 24.49
P2A BYC KA . 24.39 -4.00 23.97
C2B BYC KA . 20.94 12.90 24.73
C2D BYC KA . 30.94 -6.02 20.49
O2D BYC KA . 31.79 -7.13 19.99
C2P BYC KA . 22.70 8.97 24.44
N3A BYC KA . 32.03 -3.49 17.94
O3A BYC KA . 25.39 -5.09 23.40
C3B BYC KA . 20.64 13.68 25.82
C3D BYC KA . 29.87 -6.57 21.43
O3D BYC KA . 30.27 -7.77 21.88
P3D BYC KA . 31.25 -7.79 23.22
C3P BYC KA . 21.97 7.93 23.54
C4A BYC KA . 31.10 -3.25 18.87
O4A BYC KA . 24.12 -4.29 25.44
C4B BYC KA . 20.38 15.03 25.66
C4D BYC KA . 28.58 -6.71 20.57
O4D BYC KA . 28.78 -6.06 19.48
N4P BYC KA . 22.41 6.51 23.86
O57 BYC KA . 21.70 11.17 26.19
O5A BYC KA . 23.05 -4.04 23.15
C5B BYC KA . 20.41 15.59 24.43
C5D BYC KA . 27.34 -6.04 21.31
O5D BYC KA . 27.84 -5.18 22.36
C5M BYC KA . 30.82 -1.95 19.22
C5P BYC KA . 21.66 5.44 23.14
O5P BYC KA . 20.81 5.77 22.38
C6A BYC KA . 31.51 -0.92 18.61
N6A BYC KA . 31.25 0.48 18.96
O6A BYC KA . 25.08 -2.47 23.83
C6B BYC KA . 20.71 14.82 23.34
C6P BYC KA . 21.97 3.96 23.31
N7A BYC KA . 29.86 -2.00 20.15
O7A BYC KA . 30.94 -9.01 24.08
C7B BYC KA . 20.97 13.46 23.50
C7P BYC KA . 22.13 3.46 24.74
C8A BYC KA . 29.56 -3.26 20.35
O8A BYC KA . 32.67 -7.81 22.79
N8P BYC KA . 23.04 2.28 24.73
N9A BYC KA . 30.31 -4.03 19.58
O9A BYC KA . 31.01 -6.57 24.00
C9P BYC KA . 22.54 0.97 24.35
O9P BYC KA . 21.44 0.85 24.07
CAP BYC KA . 23.43 -0.23 24.34
OAP BYC KA . 24.14 -0.26 25.53
CBP BYC KA . 24.46 -0.22 23.15
CCP BYC KA . 24.70 -1.67 22.69
CDP BYC KA . 25.85 0.42 23.65
CEP BYC KA . 23.94 0.58 21.94
C1 BYN LA . 25.86 11.51 23.83
N1 BYN LA . 25.87 11.03 25.15
C2 BYN LA . 25.25 11.73 26.14
C3 BYN LA . 24.58 13.03 25.86
C4 BYN LA . 24.61 13.47 24.50
N2 BYN LA . 25.25 12.67 23.52
N3 BYN LA . 23.90 13.84 26.83
C5 BYN LA . 23.71 15.25 26.61
C6 BYN LA . 23.77 15.69 25.16
N4 BYN LA . 23.99 14.74 24.02
C7 BYN LA . 23.50 16.14 27.60
C8 BYN LA . 23.32 17.64 27.20
C9 BYN LA . 23.38 17.99 25.84
C10 BYN LA . 23.58 17.04 24.85
C11 BYN LA . 23.26 13.25 27.99
C12 BYN LA . 22.79 14.19 29.05
C13 BYN LA . 23.48 15.52 29.07
O1 BYN LA . 26.49 10.78 22.82
C14 BYN LA . 23.22 19.43 25.34
C15 BYN LA . 23.09 18.85 28.11
C16 BYN LA . 22.71 16.10 30.26
C17 BYN LA . 24.94 15.37 29.53
C18 BYN LA . 24.18 15.28 22.64
O3 BYN LA . 25.34 11.13 27.40
C19 BYN LA . 25.63 15.70 22.32
C20 BYN LA . 25.79 15.53 20.83
C21 BYN LA . 26.18 14.07 20.57
C22 BYN LA . 26.71 13.99 19.15
O4 BYN LA . 25.83 17.03 22.62
O5 BYN LA . 26.78 16.41 20.45
O6 BYN LA . 27.20 13.71 21.44
O7 BYN LA . 27.70 14.96 19.01
P1 BYN LA . 28.75 14.74 17.78
O8 BYN LA . 29.31 13.40 17.84
O9 BYN LA . 29.87 15.65 17.73
O10 BYN LA . 28.13 14.83 16.48
FE FE MA . 31.76 15.84 17.04
FE FE NA . 1.37 19.55 -0.51
CA CA OA . 15.98 25.51 17.83
K K PA . 28.96 18.34 18.38
#